data_2JXP
#
_entry.id   2JXP
#
_entity_poly.entity_id   1
_entity_poly.type   'polypeptide(L)'
_entity_poly.pdbx_seq_one_letter_code
;MGFKLRGQVSELPFERVYITAPAGLTIGSDLERVISTHTRAKVVNKAEKSEAIIQIVHAIREKRILSLSESGRVREFELV
YRVAARLLDAHNAELASLQEIRLTRILPFLDAQELAKAAEEEMLYKDMQKDAVQQILRQVSAFTSAGLEHHHHHH
;
_entity_poly.pdbx_strand_id   A
#
# COMPACT_ATOMS: atom_id res chain seq x y z
N MET A 1 -28.47 23.08 7.03
CA MET A 1 -27.72 23.02 5.75
C MET A 1 -26.45 22.17 5.89
N GLY A 2 -25.59 22.51 6.86
CA GLY A 2 -24.34 21.78 7.03
C GLY A 2 -23.22 22.26 6.10
N PHE A 3 -22.15 22.78 6.69
CA PHE A 3 -21.02 23.31 5.91
C PHE A 3 -19.96 22.23 5.66
N LYS A 4 -19.28 22.30 4.52
CA LYS A 4 -18.28 21.29 4.15
C LYS A 4 -16.84 21.82 4.37
N LEU A 5 -16.28 21.52 5.53
CA LEU A 5 -14.90 21.93 5.87
C LEU A 5 -13.94 20.74 5.88
N ARG A 6 -12.73 20.95 6.39
CA ARG A 6 -11.74 19.89 6.49
C ARG A 6 -11.04 19.92 7.86
N GLY A 7 -11.65 19.29 8.87
CA GLY A 7 -11.02 19.17 10.17
C GLY A 7 -10.22 17.89 10.31
N GLN A 8 -10.40 16.98 9.37
CA GLN A 8 -9.71 15.68 9.37
C GLN A 8 -8.38 15.75 8.59
N VAL A 9 -7.42 14.89 8.96
CA VAL A 9 -6.13 14.82 8.27
C VAL A 9 -6.14 13.78 7.12
N SER A 10 -6.58 12.56 7.42
CA SER A 10 -6.67 11.48 6.41
C SER A 10 -7.76 10.48 6.83
N GLU A 11 -8.78 10.99 7.50
CA GLU A 11 -9.75 10.16 8.21
C GLU A 11 -10.96 9.75 7.36
N LEU A 12 -11.69 8.74 7.86
CA LEU A 12 -12.86 8.18 7.16
C LEU A 12 -14.00 7.89 8.16
N PRO A 13 -15.25 7.70 7.67
CA PRO A 13 -16.43 7.52 8.54
C PRO A 13 -16.48 6.18 9.30
N PHE A 14 -16.10 5.08 8.66
CA PHE A 14 -16.17 3.77 9.32
C PHE A 14 -15.00 3.57 10.30
N GLU A 15 -15.28 3.75 11.59
CA GLU A 15 -14.26 3.73 12.64
C GLU A 15 -13.69 2.32 12.92
N ARG A 16 -14.56 1.32 13.08
CA ARG A 16 -14.07 -0.03 13.43
C ARG A 16 -13.68 -0.81 12.16
N VAL A 17 -12.42 -1.20 12.06
CA VAL A 17 -11.94 -1.95 10.89
C VAL A 17 -11.17 -3.21 11.29
N TYR A 18 -11.36 -4.28 10.51
CA TYR A 18 -10.67 -5.56 10.74
C TYR A 18 -9.72 -5.89 9.58
N ILE A 19 -8.50 -6.30 9.91
CA ILE A 19 -7.51 -6.67 8.90
C ILE A 19 -7.31 -8.19 8.81
N THR A 20 -7.13 -8.71 7.61
CA THR A 20 -6.87 -10.15 7.42
C THR A 20 -5.77 -10.38 6.37
N ALA A 21 -4.67 -11.00 6.79
CA ALA A 21 -3.56 -11.32 5.90
C ALA A 21 -3.41 -12.84 5.72
N PRO A 22 -3.23 -13.31 4.48
CA PRO A 22 -3.17 -14.76 4.18
C PRO A 22 -1.97 -15.47 4.85
N ALA A 23 -0.80 -14.85 4.79
CA ALA A 23 0.42 -15.44 5.36
C ALA A 23 1.05 -14.57 6.46
N GLY A 24 0.32 -13.56 6.91
CA GLY A 24 0.85 -12.63 7.91
C GLY A 24 2.10 -11.87 7.44
N LEU A 25 1.90 -10.89 6.56
CA LEU A 25 3.01 -10.15 5.95
C LEU A 25 3.34 -8.87 6.74
N THR A 26 4.56 -8.35 6.55
CA THR A 26 5.00 -7.09 7.21
C THR A 26 3.98 -5.96 7.01
N ILE A 27 3.51 -5.81 5.76
CA ILE A 27 2.52 -4.79 5.41
C ILE A 27 1.32 -4.76 6.38
N GLY A 28 1.03 -5.90 7.01
CA GLY A 28 -0.03 -5.97 7.99
C GLY A 28 0.23 -5.11 9.22
N SER A 29 1.49 -5.09 9.68
CA SER A 29 1.88 -4.26 10.82
C SER A 29 1.90 -2.77 10.46
N ASP A 30 2.45 -2.46 9.29
CA ASP A 30 2.44 -1.09 8.77
C ASP A 30 1.00 -0.55 8.66
N LEU A 31 0.12 -1.35 8.06
CA LEU A 31 -1.27 -0.93 7.81
C LEU A 31 -1.98 -0.49 9.09
N GLU A 32 -1.95 -1.32 10.13
CA GLU A 32 -2.61 -1.01 11.42
C GLU A 32 -2.14 0.36 11.95
N ARG A 33 -0.83 0.58 11.95
CA ARG A 33 -0.25 1.83 12.46
C ARG A 33 -0.64 3.03 11.58
N VAL A 34 -0.51 2.87 10.27
CA VAL A 34 -0.88 3.93 9.31
C VAL A 34 -2.36 4.33 9.45
N ILE A 35 -3.22 3.33 9.59
CA ILE A 35 -4.66 3.58 9.79
C ILE A 35 -4.93 4.35 11.09
N SER A 36 -4.44 3.85 12.21
CA SER A 36 -4.70 4.45 13.53
C SER A 36 -4.19 5.89 13.64
N THR A 37 -3.07 6.18 12.97
CA THR A 37 -2.45 7.52 13.03
C THR A 37 -3.07 8.52 12.03
N HIS A 38 -3.36 8.07 10.82
CA HIS A 38 -3.89 8.94 9.77
C HIS A 38 -5.43 9.06 9.80
N THR A 39 -6.13 7.99 10.19
CA THR A 39 -7.59 7.97 10.12
C THR A 39 -8.25 7.93 11.50
N ARG A 40 -9.57 8.08 11.49
CA ARG A 40 -10.37 7.99 12.72
C ARG A 40 -10.60 6.51 13.10
N ALA A 41 -10.20 5.61 12.20
CA ALA A 41 -10.46 4.18 12.38
C ALA A 41 -9.56 3.56 13.46
N LYS A 42 -9.98 2.40 13.94
CA LYS A 42 -9.25 1.69 15.00
C LYS A 42 -9.32 0.17 14.74
N VAL A 43 -8.16 -0.44 14.48
CA VAL A 43 -8.12 -1.85 14.05
C VAL A 43 -8.44 -2.83 15.19
N VAL A 44 -9.41 -3.70 14.94
CA VAL A 44 -9.78 -4.75 15.91
C VAL A 44 -9.11 -6.09 15.56
N ASN A 45 -8.94 -6.94 16.57
CA ASN A 45 -8.29 -8.24 16.39
C ASN A 45 -9.30 -9.32 15.94
N LYS A 46 -10.60 -8.98 16.01
CA LYS A 46 -11.66 -9.92 15.62
C LYS A 46 -12.86 -9.20 14.99
N ALA A 47 -13.51 -9.86 14.03
CA ALA A 47 -14.56 -9.24 13.21
C ALA A 47 -15.93 -9.12 13.92
N GLU A 48 -15.98 -9.48 15.21
CA GLU A 48 -17.23 -9.35 15.98
C GLU A 48 -17.65 -7.88 16.11
N LYS A 49 -16.66 -6.98 16.15
CA LYS A 49 -16.90 -5.56 16.35
C LYS A 49 -16.16 -4.70 15.31
N SER A 50 -16.48 -4.94 14.04
CA SER A 50 -15.90 -4.19 12.92
C SER A 50 -16.99 -3.68 11.98
N GLU A 51 -16.79 -2.49 11.43
CA GLU A 51 -17.72 -1.92 10.45
C GLU A 51 -17.33 -2.35 9.01
N ALA A 52 -16.03 -2.60 8.80
CA ALA A 52 -15.52 -3.03 7.49
C ALA A 52 -14.29 -3.94 7.63
N ILE A 53 -13.94 -4.67 6.56
CA ILE A 53 -12.78 -5.58 6.57
C ILE A 53 -11.82 -5.30 5.40
N ILE A 54 -10.53 -5.14 5.73
CA ILE A 54 -9.49 -4.96 4.71
C ILE A 54 -8.72 -6.27 4.49
N GLN A 55 -8.79 -6.80 3.27
CA GLN A 55 -8.16 -8.10 2.94
C GLN A 55 -7.03 -7.90 1.91
N ILE A 56 -5.90 -8.56 2.13
CA ILE A 56 -4.79 -8.50 1.17
C ILE A 56 -4.55 -9.88 0.51
N VAL A 57 -4.46 -9.89 -0.82
CA VAL A 57 -4.27 -11.13 -1.57
C VAL A 57 -2.78 -11.50 -1.67
N HIS A 58 -1.96 -10.58 -2.18
CA HIS A 58 -0.51 -10.81 -2.33
C HIS A 58 0.28 -9.49 -2.27
N ALA A 59 1.53 -9.56 -1.80
CA ALA A 59 2.43 -8.41 -1.79
C ALA A 59 3.90 -8.87 -1.85
N ILE A 60 4.43 -9.00 -3.07
CA ILE A 60 5.81 -9.52 -3.27
C ILE A 60 6.72 -8.46 -3.91
N ARG A 61 7.85 -8.18 -3.26
CA ARG A 61 8.87 -7.27 -3.82
C ARG A 61 10.08 -8.07 -4.32
N GLU A 62 10.15 -8.31 -5.61
CA GLU A 62 11.33 -8.95 -6.21
C GLU A 62 12.13 -7.95 -7.04
N LYS A 63 13.24 -8.41 -7.62
CA LYS A 63 14.13 -7.53 -8.38
C LYS A 63 14.70 -8.24 -9.60
N ARG A 64 14.74 -7.54 -10.74
CA ARG A 64 15.18 -8.11 -12.01
C ARG A 64 15.89 -7.04 -12.86
N ILE A 65 16.57 -7.46 -13.93
CA ILE A 65 17.30 -6.53 -14.78
C ILE A 65 16.34 -5.61 -15.57
N LEU A 66 16.72 -4.33 -15.69
CA LEU A 66 15.93 -3.35 -16.45
C LEU A 66 16.63 -2.97 -17.78
N SER A 67 17.85 -2.49 -17.68
CA SER A 67 18.62 -2.09 -18.89
C SER A 67 20.05 -2.66 -18.85
N LEU A 68 20.66 -2.77 -20.02
CA LEU A 68 22.00 -3.36 -20.14
C LEU A 68 22.97 -2.46 -20.93
N SER A 69 24.26 -2.60 -20.63
CA SER A 69 25.33 -1.96 -21.42
C SER A 69 26.24 -3.03 -22.00
N GLU A 70 26.83 -2.76 -23.17
CA GLU A 70 27.75 -3.71 -23.82
C GLU A 70 27.06 -5.05 -24.13
N SER A 71 25.72 -5.07 -24.07
CA SER A 71 24.92 -6.29 -24.30
C SER A 71 25.17 -7.34 -23.19
N GLY A 72 25.70 -6.90 -22.05
CA GLY A 72 26.02 -7.84 -20.96
C GLY A 72 26.09 -7.18 -19.58
N ARG A 73 26.64 -5.98 -19.52
CA ARG A 73 26.78 -5.23 -18.25
C ARG A 73 25.41 -4.84 -17.66
N VAL A 74 25.22 -5.11 -16.38
CA VAL A 74 24.01 -4.72 -15.65
C VAL A 74 23.99 -3.21 -15.38
N ARG A 75 22.99 -2.52 -15.94
CA ARG A 75 22.80 -1.08 -15.70
C ARG A 75 21.88 -0.83 -14.49
N GLU A 76 20.58 -0.73 -14.76
CA GLU A 76 19.59 -0.53 -13.70
C GLU A 76 18.81 -1.82 -13.43
N PHE A 77 18.45 -2.02 -12.17
CA PHE A 77 17.70 -3.19 -11.74
C PHE A 77 16.26 -2.79 -11.36
N GLU A 78 15.28 -3.33 -12.06
CA GLU A 78 13.87 -3.00 -11.83
C GLU A 78 13.33 -3.68 -10.55
N LEU A 79 13.15 -2.89 -9.50
CA LEU A 79 12.59 -3.39 -8.24
C LEU A 79 11.05 -3.40 -8.32
N VAL A 80 10.48 -4.53 -8.72
CA VAL A 80 9.04 -4.65 -8.91
C VAL A 80 8.32 -5.17 -7.65
N TYR A 81 7.42 -4.34 -7.12
CA TYR A 81 6.61 -4.69 -5.95
C TYR A 81 5.14 -4.84 -6.34
N ARG A 82 4.68 -6.09 -6.40
CA ARG A 82 3.28 -6.39 -6.78
C ARG A 82 2.36 -6.51 -5.56
N VAL A 83 1.41 -5.56 -5.45
CA VAL A 83 0.42 -5.57 -4.38
C VAL A 83 -1.01 -5.74 -4.93
N ALA A 84 -1.74 -6.71 -4.38
CA ALA A 84 -3.13 -6.94 -4.76
C ALA A 84 -3.98 -7.21 -3.51
N ALA A 85 -5.14 -6.56 -3.42
CA ALA A 85 -5.99 -6.66 -2.23
C ALA A 85 -7.49 -6.56 -2.56
N ARG A 86 -8.33 -6.64 -1.53
CA ARG A 86 -9.79 -6.50 -1.67
C ARG A 86 -10.38 -5.72 -0.47
N LEU A 87 -11.52 -5.07 -0.69
CA LEU A 87 -12.18 -4.27 0.34
C LEU A 87 -13.59 -4.84 0.63
N LEU A 88 -13.72 -5.55 1.76
CA LEU A 88 -14.93 -6.33 2.05
C LEU A 88 -15.78 -5.74 3.19
N ASP A 89 -16.98 -6.28 3.34
CA ASP A 89 -17.89 -5.94 4.44
C ASP A 89 -17.43 -6.58 5.76
N ALA A 90 -17.99 -6.11 6.88
CA ALA A 90 -17.64 -6.61 8.22
C ALA A 90 -17.80 -8.14 8.33
N HIS A 91 -18.62 -8.75 7.49
CA HIS A 91 -18.80 -10.21 7.48
C HIS A 91 -18.15 -10.86 6.25
N ASN A 92 -17.04 -10.27 5.77
CA ASN A 92 -16.21 -10.85 4.70
C ASN A 92 -16.97 -10.95 3.35
N ALA A 93 -17.98 -10.11 3.15
CA ALA A 93 -18.69 -10.06 1.87
C ALA A 93 -17.96 -9.13 0.89
N GLU A 94 -17.57 -9.66 -0.28
CA GLU A 94 -16.81 -8.87 -1.26
C GLU A 94 -17.70 -7.89 -2.04
N LEU A 95 -17.78 -6.66 -1.54
CA LEU A 95 -18.53 -5.59 -2.23
C LEU A 95 -17.62 -4.78 -3.17
N ALA A 96 -16.33 -4.66 -2.83
CA ALA A 96 -15.39 -3.89 -3.64
C ALA A 96 -14.03 -4.61 -3.78
N SER A 97 -13.83 -5.29 -4.90
CA SER A 97 -12.51 -5.87 -5.21
C SER A 97 -11.49 -4.76 -5.49
N LEU A 98 -10.67 -4.47 -4.48
CA LEU A 98 -9.68 -3.40 -4.56
C LEU A 98 -8.68 -3.65 -5.71
N GLN A 99 -8.20 -2.56 -6.31
CA GLN A 99 -7.35 -2.63 -7.50
C GLN A 99 -5.90 -3.02 -7.17
N GLU A 100 -5.04 -2.96 -8.19
CA GLU A 100 -3.62 -3.30 -8.04
C GLU A 100 -2.77 -2.06 -7.73
N ILE A 101 -1.64 -2.27 -7.06
CA ILE A 101 -0.67 -1.20 -6.84
C ILE A 101 0.63 -1.48 -7.62
N ARG A 102 0.94 -0.59 -8.58
CA ARG A 102 2.11 -0.77 -9.44
C ARG A 102 3.31 0.05 -8.93
N LEU A 103 4.26 -0.61 -8.26
CA LEU A 103 5.44 0.08 -7.75
C LEU A 103 6.74 -0.54 -8.28
N THR A 104 7.45 0.19 -9.14
CA THR A 104 8.75 -0.25 -9.65
C THR A 104 9.83 0.81 -9.40
N ARG A 105 10.82 0.45 -8.59
CA ARG A 105 11.92 1.37 -8.25
C ARG A 105 13.16 1.08 -9.11
N ILE A 106 13.96 2.12 -9.36
CA ILE A 106 15.16 1.99 -10.20
C ILE A 106 16.42 1.78 -9.35
N LEU A 107 16.98 0.57 -9.39
CA LEU A 107 18.19 0.23 -8.64
C LEU A 107 19.46 0.43 -9.50
N PRO A 108 20.25 1.50 -9.27
CA PRO A 108 21.49 1.74 -10.02
C PRO A 108 22.62 0.76 -9.61
N PHE A 109 23.02 -0.11 -10.54
CA PHE A 109 24.05 -1.12 -10.25
C PHE A 109 25.46 -0.52 -10.30
N LEU A 110 26.11 -0.45 -9.14
CA LEU A 110 27.47 0.12 -9.02
C LEU A 110 28.38 -0.83 -8.22
N ASP A 111 29.60 -1.05 -8.70
CA ASP A 111 30.54 -1.97 -8.06
C ASP A 111 31.38 -1.28 -6.97
N ALA A 112 31.84 -0.07 -7.27
CA ALA A 112 32.71 0.68 -6.35
C ALA A 112 31.92 1.31 -5.19
N GLN A 113 30.70 1.76 -5.47
CA GLN A 113 29.89 2.46 -4.46
C GLN A 113 29.18 1.48 -3.52
N GLU A 114 29.97 0.88 -2.62
CA GLU A 114 29.42 -0.06 -1.62
C GLU A 114 28.43 0.65 -0.67
N LEU A 115 28.72 1.92 -0.35
CA LEU A 115 27.79 2.73 0.46
C LEU A 115 26.42 2.81 -0.22
N ALA A 116 26.42 3.25 -1.48
CA ALA A 116 25.19 3.32 -2.28
C ALA A 116 24.46 1.97 -2.30
N LYS A 117 25.19 0.89 -2.47
CA LYS A 117 24.60 -0.46 -2.48
C LYS A 117 23.98 -0.83 -1.13
N ALA A 118 24.51 -0.26 -0.05
CA ALA A 118 23.93 -0.43 1.28
C ALA A 118 22.85 0.64 1.56
N ALA A 119 22.61 1.52 0.58
CA ALA A 119 21.64 2.60 0.71
C ALA A 119 20.36 2.34 -0.11
N GLU A 120 20.49 2.25 -1.44
CA GLU A 120 19.34 2.08 -2.34
C GLU A 120 18.37 0.97 -1.89
N GLU A 121 18.89 -0.25 -1.68
CA GLU A 121 18.05 -1.40 -1.31
C GLU A 121 17.31 -1.21 0.03
N GLU A 122 17.62 -0.13 0.75
CA GLU A 122 16.83 0.26 1.92
C GLU A 122 15.94 1.47 1.57
N MET A 123 16.56 2.54 1.08
CA MET A 123 15.83 3.77 0.71
C MET A 123 14.68 3.50 -0.26
N LEU A 124 14.98 2.83 -1.37
CA LEU A 124 13.96 2.52 -2.39
C LEU A 124 12.92 1.52 -1.85
N TYR A 125 13.33 0.70 -0.89
CA TYR A 125 12.45 -0.32 -0.32
C TYR A 125 11.47 0.29 0.69
N LYS A 126 12.01 1.09 1.63
CA LYS A 126 11.20 1.73 2.67
C LYS A 126 10.24 2.78 2.09
N ASP A 127 10.73 3.54 1.10
CA ASP A 127 9.90 4.52 0.38
C ASP A 127 8.74 3.82 -0.35
N MET A 128 9.07 2.68 -0.98
CA MET A 128 8.10 1.90 -1.75
C MET A 128 7.06 1.21 -0.84
N GLN A 129 7.52 0.58 0.24
CA GLN A 129 6.61 -0.04 1.21
C GLN A 129 5.69 1.01 1.86
N LYS A 130 6.27 2.13 2.26
CA LYS A 130 5.51 3.23 2.85
C LYS A 130 4.48 3.78 1.84
N ASP A 131 4.90 3.95 0.59
CA ASP A 131 3.99 4.40 -0.46
C ASP A 131 2.80 3.42 -0.60
N ALA A 132 3.12 2.14 -0.82
CA ALA A 132 2.10 1.10 -0.99
C ALA A 132 1.03 1.13 0.11
N VAL A 133 1.46 1.17 1.37
CA VAL A 133 0.52 1.19 2.50
C VAL A 133 -0.27 2.51 2.57
N GLN A 134 0.37 3.62 2.20
CA GLN A 134 -0.31 4.92 2.11
C GLN A 134 -1.29 4.95 0.92
N GLN A 135 -0.99 4.17 -0.13
CA GLN A 135 -1.88 4.03 -1.29
C GLN A 135 -3.16 3.30 -0.90
N ILE A 136 -3.00 2.13 -0.27
CA ILE A 136 -4.16 1.37 0.25
C ILE A 136 -5.02 2.25 1.16
N LEU A 137 -4.35 2.96 2.09
CA LEU A 137 -5.02 3.92 2.96
C LEU A 137 -5.84 4.94 2.15
N ARG A 138 -5.19 5.50 1.13
CA ARG A 138 -5.81 6.52 0.28
C ARG A 138 -6.98 5.95 -0.54
N GLN A 139 -6.87 4.68 -0.92
CA GLN A 139 -7.93 3.99 -1.66
C GLN A 139 -9.15 3.68 -0.76
N VAL A 140 -8.88 3.15 0.44
CA VAL A 140 -9.94 2.86 1.41
C VAL A 140 -10.72 4.13 1.80
N SER A 141 -9.99 5.21 2.08
CA SER A 141 -10.60 6.49 2.41
C SER A 141 -11.30 7.13 1.20
N ALA A 142 -10.88 6.75 -0.01
CA ALA A 142 -11.53 7.21 -1.24
C ALA A 142 -12.82 6.42 -1.54
N PHE A 143 -12.80 5.13 -1.23
CA PHE A 143 -13.96 4.24 -1.51
C PHE A 143 -15.23 4.71 -0.80
N THR A 144 -15.10 5.31 0.37
CA THR A 144 -16.28 5.82 1.10
C THR A 144 -16.96 6.95 0.30
N SER A 145 -16.19 7.62 -0.55
CA SER A 145 -16.72 8.65 -1.46
C SER A 145 -17.15 8.01 -2.80
N ALA A 146 -16.23 7.29 -3.42
CA ALA A 146 -16.51 6.58 -4.68
C ALA A 146 -15.55 5.39 -4.87
N GLY A 147 -14.24 5.69 -5.01
CA GLY A 147 -13.23 4.62 -5.07
C GLY A 147 -12.97 4.09 -6.49
N LEU A 148 -14.05 3.74 -7.21
CA LEU A 148 -13.93 3.20 -8.57
C LEU A 148 -13.26 4.18 -9.55
N GLU A 149 -12.97 5.39 -9.05
CA GLU A 149 -12.40 6.47 -9.84
C GLU A 149 -11.03 6.12 -10.48
N HIS A 150 -10.24 5.28 -9.81
CA HIS A 150 -8.90 4.91 -10.33
C HIS A 150 -9.00 3.78 -11.38
N HIS A 151 -10.19 3.18 -11.48
CA HIS A 151 -10.56 2.27 -12.58
C HIS A 151 -9.75 0.94 -12.61
N HIS A 152 -8.54 0.97 -13.16
CA HIS A 152 -7.82 -0.27 -13.53
C HIS A 152 -7.56 -1.23 -12.35
N HIS A 153 -7.81 -2.52 -12.59
CA HIS A 153 -7.52 -3.58 -11.62
C HIS A 153 -6.86 -4.78 -12.33
N HIS A 154 -6.36 -5.75 -11.55
CA HIS A 154 -5.74 -6.95 -12.13
C HIS A 154 -6.71 -7.71 -13.04
N HIS A 155 -6.18 -8.34 -14.09
CA HIS A 155 -7.02 -9.09 -15.04
C HIS A 155 -6.45 -10.50 -15.30
N MET A 1 -7.84 25.14 10.62
CA MET A 1 -8.09 26.32 11.50
C MET A 1 -9.47 26.92 11.22
N GLY A 2 -9.79 28.02 11.92
CA GLY A 2 -11.11 28.64 11.78
C GLY A 2 -12.17 27.88 12.57
N PHE A 3 -12.68 26.80 11.98
CA PHE A 3 -13.66 25.92 12.65
C PHE A 3 -12.95 24.82 13.43
N LYS A 4 -13.70 23.99 14.15
CA LYS A 4 -13.13 22.87 14.90
C LYS A 4 -12.93 21.65 13.99
N LEU A 5 -12.09 21.82 12.96
CA LEU A 5 -11.74 20.73 12.03
C LEU A 5 -10.21 20.69 11.83
N ARG A 6 -9.55 19.71 12.44
CA ARG A 6 -8.09 19.58 12.35
C ARG A 6 -7.60 19.50 10.90
N GLY A 7 -8.01 18.43 10.20
CA GLY A 7 -7.61 18.23 8.82
C GLY A 7 -6.52 17.15 8.66
N GLN A 8 -6.92 15.89 8.82
CA GLN A 8 -6.01 14.76 8.62
C GLN A 8 -5.98 14.33 7.14
N VAL A 9 -4.84 13.77 6.70
CA VAL A 9 -4.67 13.38 5.29
C VAL A 9 -5.74 12.37 4.81
N SER A 10 -5.99 11.35 5.61
CA SER A 10 -6.96 10.30 5.25
C SER A 10 -8.16 10.31 6.19
N GLU A 11 -9.31 10.73 5.68
CA GLU A 11 -10.55 10.83 6.47
C GLU A 11 -11.54 9.71 6.12
N LEU A 12 -12.12 9.08 7.12
CA LEU A 12 -13.08 7.98 6.93
C LEU A 12 -14.19 8.01 8.00
N PRO A 13 -15.40 7.50 7.68
CA PRO A 13 -16.56 7.58 8.58
C PRO A 13 -16.58 6.51 9.69
N PHE A 14 -15.82 5.42 9.50
CA PHE A 14 -15.79 4.31 10.46
C PHE A 14 -14.54 4.36 11.37
N GLU A 15 -14.70 4.01 12.64
CA GLU A 15 -13.59 4.05 13.61
C GLU A 15 -13.03 2.65 13.92
N ARG A 16 -13.75 1.59 13.55
CA ARG A 16 -13.30 0.22 13.85
C ARG A 16 -13.15 -0.62 12.58
N VAL A 17 -11.92 -1.08 12.31
CA VAL A 17 -11.63 -1.88 11.10
C VAL A 17 -10.86 -3.16 11.46
N TYR A 18 -11.01 -4.18 10.62
CA TYR A 18 -10.31 -5.46 10.81
C TYR A 18 -9.44 -5.81 9.58
N ILE A 19 -8.24 -6.33 9.83
CA ILE A 19 -7.33 -6.74 8.75
C ILE A 19 -7.15 -8.27 8.74
N THR A 20 -7.10 -8.86 7.55
CA THR A 20 -6.87 -10.30 7.42
C THR A 20 -5.94 -10.63 6.26
N ALA A 21 -5.12 -11.67 6.45
CA ALA A 21 -4.13 -12.09 5.45
C ALA A 21 -4.04 -13.62 5.33
N PRO A 22 -3.73 -14.15 4.13
CA PRO A 22 -3.55 -15.61 3.94
C PRO A 22 -2.26 -16.14 4.60
N ALA A 23 -1.42 -15.22 5.07
CA ALA A 23 -0.17 -15.57 5.74
C ALA A 23 0.47 -14.33 6.39
N GLY A 24 1.60 -14.53 7.07
CA GLY A 24 2.31 -13.42 7.68
C GLY A 24 3.25 -12.71 6.71
N LEU A 25 2.70 -12.07 5.68
CA LEU A 25 3.50 -11.33 4.69
C LEU A 25 3.95 -9.97 5.25
N THR A 26 5.10 -9.47 4.78
CA THR A 26 5.58 -8.14 5.17
C THR A 26 4.72 -7.04 4.52
N ILE A 27 3.62 -6.70 5.18
CA ILE A 27 2.66 -5.71 4.65
C ILE A 27 1.58 -5.38 5.69
N GLY A 28 1.11 -6.40 6.42
CA GLY A 28 0.10 -6.20 7.44
C GLY A 28 0.57 -5.28 8.57
N SER A 29 1.75 -5.57 9.11
CA SER A 29 2.38 -4.74 10.14
C SER A 29 2.38 -3.25 9.75
N ASP A 30 2.81 -2.99 8.52
CA ASP A 30 2.87 -1.62 8.00
C ASP A 30 1.48 -0.98 7.89
N LEU A 31 0.54 -1.70 7.27
CA LEU A 31 -0.83 -1.20 7.07
C LEU A 31 -1.50 -0.83 8.40
N GLU A 32 -1.46 -1.75 9.37
CA GLU A 32 -2.07 -1.53 10.69
C GLU A 32 -1.60 -0.21 11.33
N ARG A 33 -0.29 0.05 11.26
CA ARG A 33 0.29 1.28 11.82
C ARG A 33 -0.21 2.52 11.08
N VAL A 34 -0.18 2.47 9.74
CA VAL A 34 -0.61 3.60 8.91
C VAL A 34 -2.09 3.97 9.17
N ILE A 35 -2.94 2.97 9.38
CA ILE A 35 -4.36 3.20 9.68
C ILE A 35 -4.54 4.12 10.91
N SER A 36 -4.14 3.63 12.08
CA SER A 36 -4.36 4.36 13.34
C SER A 36 -3.63 5.72 13.40
N THR A 37 -2.53 5.85 12.65
CA THR A 37 -1.72 7.09 12.67
C THR A 37 -2.25 8.15 11.69
N HIS A 38 -2.72 7.73 10.52
CA HIS A 38 -3.18 8.68 9.50
C HIS A 38 -4.70 8.94 9.57
N THR A 39 -5.48 8.00 10.09
CA THR A 39 -6.95 8.09 10.06
C THR A 39 -7.58 8.25 11.45
N ARG A 40 -8.89 8.06 11.50
CA ARG A 40 -9.67 8.07 12.76
C ARG A 40 -9.91 6.62 13.25
N ALA A 41 -9.62 5.65 12.40
CA ALA A 41 -9.94 4.23 12.68
C ALA A 41 -8.86 3.53 13.53
N LYS A 42 -9.25 2.40 14.12
CA LYS A 42 -8.34 1.57 14.92
C LYS A 42 -8.47 0.10 14.48
N VAL A 43 -7.34 -0.59 14.35
CA VAL A 43 -7.33 -1.99 13.89
C VAL A 43 -7.65 -2.97 15.04
N VAL A 44 -8.72 -3.73 14.89
CA VAL A 44 -9.11 -4.73 15.90
C VAL A 44 -8.56 -6.12 15.56
N ASN A 45 -8.28 -6.91 16.60
CA ASN A 45 -7.75 -8.27 16.44
C ASN A 45 -8.86 -9.26 16.08
N LYS A 46 -10.12 -8.88 16.32
CA LYS A 46 -11.26 -9.76 16.08
C LYS A 46 -12.41 -9.02 15.37
N ALA A 47 -12.98 -9.66 14.35
CA ALA A 47 -14.06 -9.05 13.56
C ALA A 47 -15.42 -9.14 14.27
N GLU A 48 -15.53 -8.49 15.43
CA GLU A 48 -16.81 -8.43 16.17
C GLU A 48 -17.36 -7.00 16.20
N LYS A 49 -16.44 -6.02 16.27
CA LYS A 49 -16.83 -4.60 16.28
C LYS A 49 -16.32 -3.88 15.02
N SER A 50 -15.80 -4.65 14.07
CA SER A 50 -15.22 -4.09 12.84
C SER A 50 -16.29 -3.73 11.81
N GLU A 51 -16.42 -2.43 11.53
CA GLU A 51 -17.38 -1.92 10.55
C GLU A 51 -16.93 -2.28 9.11
N ALA A 52 -15.63 -2.13 8.86
CA ALA A 52 -15.03 -2.49 7.56
C ALA A 52 -13.91 -3.52 7.73
N ILE A 53 -13.71 -4.38 6.72
CA ILE A 53 -12.70 -5.44 6.77
C ILE A 53 -11.81 -5.44 5.52
N ILE A 54 -10.49 -5.33 5.72
CA ILE A 54 -9.53 -5.32 4.60
C ILE A 54 -8.79 -6.66 4.48
N GLN A 55 -8.87 -7.27 3.30
CA GLN A 55 -8.21 -8.56 3.03
C GLN A 55 -7.09 -8.38 1.98
N ILE A 56 -5.86 -8.74 2.34
CA ILE A 56 -4.73 -8.64 1.40
C ILE A 56 -4.53 -9.96 0.64
N VAL A 57 -4.56 -9.90 -0.69
CA VAL A 57 -4.44 -11.09 -1.55
C VAL A 57 -2.98 -11.53 -1.70
N HIS A 58 -2.14 -10.67 -2.26
CA HIS A 58 -0.72 -11.01 -2.45
C HIS A 58 0.17 -9.77 -2.53
N ALA A 59 1.35 -9.85 -1.95
CA ALA A 59 2.35 -8.79 -2.03
C ALA A 59 3.66 -9.32 -2.66
N ILE A 60 3.92 -8.93 -3.90
CA ILE A 60 5.11 -9.40 -4.63
C ILE A 60 6.31 -8.47 -4.38
N ARG A 61 7.46 -9.08 -4.08
CA ARG A 61 8.69 -8.33 -3.75
C ARG A 61 9.93 -8.99 -4.39
N GLU A 62 10.27 -8.55 -5.61
CA GLU A 62 11.40 -9.17 -6.35
C GLU A 62 12.33 -8.11 -6.97
N LYS A 63 13.54 -8.53 -7.30
CA LYS A 63 14.52 -7.65 -7.98
C LYS A 63 15.17 -8.37 -9.18
N ARG A 64 15.40 -7.61 -10.26
CA ARG A 64 16.06 -8.17 -11.45
C ARG A 64 16.71 -7.06 -12.31
N ILE A 65 17.37 -7.44 -13.40
CA ILE A 65 18.02 -6.48 -14.30
C ILE A 65 16.99 -5.65 -15.10
N LEU A 66 17.23 -4.35 -15.18
CA LEU A 66 16.41 -3.45 -15.99
C LEU A 66 17.08 -3.15 -17.34
N SER A 67 18.38 -2.84 -17.31
CA SER A 67 19.13 -2.48 -18.53
C SER A 67 20.62 -2.87 -18.40
N LEU A 68 21.23 -3.25 -19.52
CA LEU A 68 22.66 -3.61 -19.56
C LEU A 68 23.47 -2.66 -20.47
N SER A 69 24.61 -2.21 -19.97
CA SER A 69 25.50 -1.33 -20.72
C SER A 69 26.50 -2.12 -21.58
N GLU A 70 26.66 -1.70 -22.84
CA GLU A 70 27.62 -2.32 -23.77
C GLU A 70 27.36 -3.83 -23.93
N SER A 71 26.14 -4.27 -23.59
CA SER A 71 25.75 -5.69 -23.61
C SER A 71 26.63 -6.54 -22.69
N GLY A 72 26.15 -6.79 -21.48
CA GLY A 72 26.89 -7.62 -20.52
C GLY A 72 27.08 -6.96 -19.16
N ARG A 73 27.26 -5.65 -19.13
CA ARG A 73 27.48 -4.92 -17.88
C ARG A 73 26.16 -4.40 -17.29
N VAL A 74 26.07 -4.36 -15.96
CA VAL A 74 24.86 -3.94 -15.26
C VAL A 74 24.69 -2.41 -15.24
N ARG A 75 23.49 -1.92 -15.59
CA ARG A 75 23.14 -0.50 -15.45
C ARG A 75 22.22 -0.28 -14.25
N GLU A 76 20.97 -0.69 -14.41
CA GLU A 76 19.93 -0.49 -13.37
C GLU A 76 19.28 -1.81 -12.97
N PHE A 77 18.91 -1.92 -11.70
CA PHE A 77 18.25 -3.11 -11.17
C PHE A 77 16.81 -2.77 -10.75
N GLU A 78 15.84 -3.37 -11.44
CA GLU A 78 14.42 -3.06 -11.20
C GLU A 78 13.85 -3.83 -10.00
N LEU A 79 13.27 -3.10 -9.06
CA LEU A 79 12.60 -3.68 -7.91
C LEU A 79 11.06 -3.68 -8.12
N VAL A 80 10.48 -4.86 -8.32
CA VAL A 80 9.04 -4.94 -8.58
C VAL A 80 8.23 -5.19 -7.29
N TYR A 81 7.16 -4.41 -7.11
CA TYR A 81 6.34 -4.49 -5.90
C TYR A 81 4.83 -4.46 -6.24
N ARG A 82 4.19 -5.63 -6.17
CA ARG A 82 2.76 -5.76 -6.56
C ARG A 82 1.87 -6.13 -5.37
N VAL A 83 1.12 -5.17 -4.85
CA VAL A 83 0.20 -5.41 -3.72
C VAL A 83 -1.27 -5.45 -4.17
N ALA A 84 -1.90 -6.62 -4.03
CA ALA A 84 -3.32 -6.79 -4.40
C ALA A 84 -4.16 -7.13 -3.17
N ALA A 85 -5.41 -6.65 -3.15
CA ALA A 85 -6.29 -6.84 -1.98
C ALA A 85 -7.78 -6.74 -2.33
N ARG A 86 -8.63 -7.25 -1.45
CA ARG A 86 -10.08 -7.09 -1.56
C ARG A 86 -10.61 -6.24 -0.39
N LEU A 87 -11.57 -5.34 -0.67
CA LEU A 87 -12.13 -4.46 0.36
C LEU A 87 -13.54 -4.93 0.75
N LEU A 88 -13.68 -5.50 1.95
CA LEU A 88 -14.93 -6.08 2.41
C LEU A 88 -15.57 -5.24 3.54
N ASP A 89 -16.84 -5.53 3.84
CA ASP A 89 -17.52 -4.91 4.98
C ASP A 89 -17.52 -5.85 6.20
N ALA A 90 -18.30 -5.50 7.23
CA ALA A 90 -18.39 -6.32 8.45
C ALA A 90 -18.96 -7.73 8.17
N HIS A 91 -19.82 -7.85 7.16
CA HIS A 91 -20.45 -9.13 6.81
C HIS A 91 -19.60 -9.96 5.83
N ASN A 92 -18.34 -9.54 5.64
CA ASN A 92 -17.37 -10.29 4.84
C ASN A 92 -17.73 -10.30 3.34
N ALA A 93 -18.51 -9.33 2.90
CA ALA A 93 -18.82 -9.16 1.48
C ALA A 93 -17.83 -8.17 0.84
N GLU A 94 -17.16 -8.61 -0.21
CA GLU A 94 -16.17 -7.75 -0.88
C GLU A 94 -16.86 -6.68 -1.74
N LEU A 95 -17.28 -5.60 -1.09
CA LEU A 95 -17.96 -4.48 -1.77
C LEU A 95 -17.09 -3.84 -2.86
N ALA A 96 -15.81 -3.61 -2.57
CA ALA A 96 -14.90 -2.96 -3.51
C ALA A 96 -13.73 -3.88 -3.91
N SER A 97 -13.56 -4.08 -5.22
CA SER A 97 -12.43 -4.88 -5.73
C SER A 97 -11.19 -4.01 -5.90
N LEU A 98 -10.36 -3.96 -4.86
CA LEU A 98 -9.17 -3.10 -4.86
C LEU A 98 -8.10 -3.63 -5.83
N GLN A 99 -8.02 -3.00 -7.01
CA GLN A 99 -7.07 -3.42 -8.06
C GLN A 99 -5.63 -3.42 -7.56
N GLU A 100 -4.83 -4.37 -8.04
CA GLU A 100 -3.44 -4.51 -7.59
C GLU A 100 -2.64 -3.21 -7.79
N ILE A 101 -2.01 -2.74 -6.71
CA ILE A 101 -1.10 -1.61 -6.79
C ILE A 101 0.27 -2.10 -7.26
N ARG A 102 0.49 -2.05 -8.57
CA ARG A 102 1.72 -2.55 -9.18
C ARG A 102 2.75 -1.43 -9.35
N LEU A 103 3.66 -1.33 -8.37
CA LEU A 103 4.70 -0.30 -8.37
C LEU A 103 6.08 -0.87 -8.73
N THR A 104 6.91 -0.07 -9.37
CA THR A 104 8.30 -0.43 -9.67
C THR A 104 9.27 0.62 -9.12
N ARG A 105 10.39 0.19 -8.55
CA ARG A 105 11.40 1.11 -8.03
C ARG A 105 12.76 0.80 -8.65
N ILE A 106 13.43 1.80 -9.21
CA ILE A 106 14.67 1.59 -9.96
C ILE A 106 15.92 1.81 -9.08
N LEU A 107 16.74 0.77 -8.97
CA LEU A 107 18.00 0.85 -8.21
C LEU A 107 19.19 0.87 -9.19
N PRO A 108 19.75 2.07 -9.49
CA PRO A 108 20.94 2.20 -10.35
C PRO A 108 22.20 1.57 -9.72
N PHE A 109 22.88 0.72 -10.48
CA PHE A 109 24.07 0.02 -9.97
C PHE A 109 25.35 0.82 -10.27
N LEU A 110 25.92 1.41 -9.22
CA LEU A 110 27.20 2.11 -9.33
C LEU A 110 28.36 1.14 -9.02
N ASP A 111 29.11 0.77 -10.05
CA ASP A 111 30.11 -0.29 -9.97
C ASP A 111 31.10 -0.12 -8.80
N ALA A 112 31.56 1.11 -8.56
CA ALA A 112 32.61 1.37 -7.57
C ALA A 112 32.05 1.78 -6.19
N GLN A 113 30.73 1.76 -6.04
CA GLN A 113 30.08 2.18 -4.79
C GLN A 113 29.55 0.97 -4.00
N GLU A 114 30.26 0.59 -2.93
CA GLU A 114 29.90 -0.59 -2.14
C GLU A 114 28.81 -0.27 -1.08
N LEU A 115 28.89 0.90 -0.44
CA LEU A 115 27.88 1.32 0.53
C LEU A 115 26.53 1.63 -0.16
N ALA A 116 26.59 2.16 -1.38
CA ALA A 116 25.39 2.48 -2.15
C ALA A 116 24.43 1.29 -2.26
N LYS A 117 24.99 0.09 -2.49
CA LYS A 117 24.19 -1.14 -2.57
C LYS A 117 23.26 -1.31 -1.35
N ALA A 118 23.76 -0.93 -0.17
CA ALA A 118 22.98 -1.03 1.07
C ALA A 118 22.06 0.19 1.26
N ALA A 119 22.67 1.37 1.33
CA ALA A 119 21.95 2.62 1.63
C ALA A 119 20.81 2.90 0.63
N GLU A 120 21.14 2.92 -0.66
CA GLU A 120 20.16 3.27 -1.71
C GLU A 120 18.94 2.34 -1.67
N GLU A 121 19.18 1.03 -1.73
CA GLU A 121 18.09 0.05 -1.77
C GLU A 121 17.28 0.06 -0.45
N GLU A 122 17.97 0.22 0.67
CA GLU A 122 17.33 0.39 1.99
C GLU A 122 16.26 1.48 1.93
N MET A 123 16.64 2.65 1.41
CA MET A 123 15.73 3.79 1.31
C MET A 123 14.60 3.51 0.30
N LEU A 124 14.89 2.73 -0.74
CA LEU A 124 13.88 2.39 -1.76
C LEU A 124 12.81 1.44 -1.22
N TYR A 125 13.19 0.53 -0.32
CA TYR A 125 12.19 -0.37 0.31
C TYR A 125 11.16 0.42 1.10
N LYS A 126 11.63 1.33 1.95
CA LYS A 126 10.73 2.18 2.76
C LYS A 126 10.11 3.30 1.91
N ASP A 127 10.42 3.31 0.61
CA ASP A 127 9.83 4.25 -0.34
C ASP A 127 8.71 3.58 -1.17
N MET A 128 8.94 2.33 -1.58
CA MET A 128 7.93 1.57 -2.34
C MET A 128 6.74 1.17 -1.44
N GLN A 129 7.03 0.64 -0.25
CA GLN A 129 5.99 0.30 0.72
C GLN A 129 5.24 1.56 1.17
N LYS A 130 6.00 2.63 1.39
CA LYS A 130 5.44 3.96 1.72
C LYS A 130 4.32 4.36 0.75
N ASP A 131 4.63 4.34 -0.54
CA ASP A 131 3.65 4.70 -1.58
C ASP A 131 2.45 3.74 -1.56
N ALA A 132 2.72 2.45 -1.73
CA ALA A 132 1.68 1.42 -1.84
C ALA A 132 0.69 1.45 -0.65
N VAL A 133 1.20 1.56 0.57
CA VAL A 133 0.33 1.53 1.75
C VAL A 133 -0.61 2.76 1.82
N GLN A 134 -0.10 3.93 1.42
CA GLN A 134 -0.92 5.15 1.40
C GLN A 134 -1.95 5.08 0.26
N GLN A 135 -1.59 4.42 -0.83
CA GLN A 135 -2.52 4.18 -1.94
C GLN A 135 -3.72 3.32 -1.49
N ILE A 136 -3.43 2.22 -0.79
CA ILE A 136 -4.49 1.40 -0.18
C ILE A 136 -5.35 2.24 0.76
N LEU A 137 -4.68 2.94 1.68
CA LEU A 137 -5.33 3.81 2.66
C LEU A 137 -6.30 4.80 1.99
N ARG A 138 -5.82 5.47 0.95
CA ARG A 138 -6.60 6.46 0.21
C ARG A 138 -7.88 5.85 -0.39
N GLN A 139 -7.75 4.66 -0.97
CA GLN A 139 -8.91 3.95 -1.55
C GLN A 139 -9.93 3.55 -0.48
N VAL A 140 -9.44 2.97 0.63
CA VAL A 140 -10.33 2.52 1.73
C VAL A 140 -11.09 3.69 2.38
N SER A 141 -10.39 4.81 2.59
CA SER A 141 -11.00 5.99 3.25
C SER A 141 -11.97 6.74 2.31
N ALA A 142 -11.50 7.07 1.11
CA ALA A 142 -12.30 7.81 0.13
C ALA A 142 -13.57 7.06 -0.31
N PHE A 143 -13.59 5.74 -0.08
CA PHE A 143 -14.72 4.87 -0.45
C PHE A 143 -16.07 5.41 0.08
N THR A 144 -16.03 6.26 1.10
CA THR A 144 -17.25 6.82 1.71
C THR A 144 -18.01 7.75 0.74
N SER A 145 -17.28 8.54 -0.04
CA SER A 145 -17.91 9.52 -0.96
C SER A 145 -16.95 9.91 -2.09
N ALA A 146 -17.50 10.14 -3.29
CA ALA A 146 -16.69 10.55 -4.44
C ALA A 146 -16.46 12.06 -4.45
N GLY A 147 -17.50 12.83 -4.15
CA GLY A 147 -17.40 14.29 -4.12
C GLY A 147 -18.75 14.98 -4.28
N LEU A 148 -19.36 14.83 -5.44
CA LEU A 148 -20.63 15.52 -5.76
C LEU A 148 -21.75 15.11 -4.80
N GLU A 149 -21.69 13.88 -4.29
CA GLU A 149 -22.68 13.37 -3.33
C GLU A 149 -22.69 14.24 -2.07
N HIS A 150 -21.50 14.49 -1.52
CA HIS A 150 -21.36 15.29 -0.31
C HIS A 150 -21.58 16.79 -0.62
N HIS A 151 -21.43 17.16 -1.89
CA HIS A 151 -21.69 18.53 -2.33
C HIS A 151 -23.20 18.84 -2.34
N HIS A 152 -23.99 17.92 -2.90
CA HIS A 152 -25.44 18.08 -2.96
C HIS A 152 -26.13 16.79 -3.44
N HIS A 153 -26.97 16.21 -2.58
CA HIS A 153 -27.73 15.00 -2.92
C HIS A 153 -28.97 14.87 -2.03
N HIS A 154 -29.68 13.75 -2.16
CA HIS A 154 -30.85 13.50 -1.31
C HIS A 154 -30.43 13.29 0.16
N HIS A 155 -31.29 13.70 1.09
CA HIS A 155 -31.00 13.56 2.53
C HIS A 155 -30.85 12.07 2.93
N MET A 1 -11.55 36.98 -1.43
CA MET A 1 -11.25 35.55 -1.12
C MET A 1 -12.19 34.61 -1.90
N GLY A 2 -11.96 33.30 -1.76
CA GLY A 2 -12.78 32.32 -2.48
C GLY A 2 -11.99 31.05 -2.80
N PHE A 3 -11.45 30.42 -1.76
CA PHE A 3 -10.62 29.22 -1.92
C PHE A 3 -11.41 27.95 -1.61
N LYS A 4 -11.19 26.90 -2.42
CA LYS A 4 -11.93 25.64 -2.30
C LYS A 4 -11.04 24.49 -1.79
N LEU A 5 -9.90 24.84 -1.18
CA LEU A 5 -8.93 23.83 -0.73
C LEU A 5 -9.53 22.78 0.24
N ARG A 6 -9.35 21.51 -0.12
CA ARG A 6 -9.75 20.39 0.74
C ARG A 6 -8.77 20.26 1.92
N GLY A 7 -9.23 20.62 3.12
CA GLY A 7 -8.35 20.63 4.30
C GLY A 7 -7.93 19.24 4.76
N GLN A 8 -8.90 18.34 4.92
CA GLN A 8 -8.61 16.97 5.36
C GLN A 8 -8.07 16.11 4.21
N VAL A 9 -6.95 15.43 4.46
CA VAL A 9 -6.31 14.58 3.44
C VAL A 9 -7.28 13.51 2.89
N SER A 10 -8.12 12.98 3.77
CA SER A 10 -9.13 11.99 3.39
C SER A 10 -10.11 11.74 4.54
N GLU A 11 -11.18 10.98 4.26
CA GLU A 11 -12.19 10.67 5.26
C GLU A 11 -12.85 9.31 4.97
N LEU A 12 -13.50 8.76 5.99
CA LEU A 12 -14.23 7.49 5.86
C LEU A 12 -15.45 7.45 6.81
N PRO A 13 -16.59 6.91 6.34
CA PRO A 13 -17.85 6.88 7.12
C PRO A 13 -17.85 5.83 8.24
N PHE A 14 -16.67 5.31 8.60
CA PHE A 14 -16.56 4.26 9.60
C PHE A 14 -15.33 4.48 10.50
N GLU A 15 -15.10 3.56 11.45
CA GLU A 15 -13.94 3.66 12.34
C GLU A 15 -13.34 2.27 12.63
N ARG A 16 -14.15 1.32 13.08
CA ARG A 16 -13.66 0.00 13.45
C ARG A 16 -13.40 -0.86 12.21
N VAL A 17 -12.13 -1.10 11.90
CA VAL A 17 -11.73 -1.92 10.75
C VAL A 17 -10.91 -3.15 11.19
N TYR A 18 -11.33 -4.33 10.74
CA TYR A 18 -10.61 -5.57 11.06
C TYR A 18 -9.65 -5.97 9.94
N ILE A 19 -8.35 -5.90 10.20
CA ILE A 19 -7.33 -6.30 9.23
C ILE A 19 -6.81 -7.72 9.50
N THR A 20 -6.54 -8.47 8.46
CA THR A 20 -6.03 -9.86 8.60
C THR A 20 -5.01 -10.22 7.52
N ALA A 21 -3.73 -10.25 7.90
CA ALA A 21 -2.67 -10.73 7.00
C ALA A 21 -2.49 -12.25 7.15
N PRO A 22 -2.89 -13.04 6.13
CA PRO A 22 -2.90 -14.52 6.21
C PRO A 22 -1.51 -15.17 6.30
N ALA A 23 -0.46 -14.35 6.43
CA ALA A 23 0.91 -14.86 6.57
C ALA A 23 1.79 -13.89 7.38
N GLY A 24 1.16 -13.03 8.18
CA GLY A 24 1.89 -12.02 8.93
C GLY A 24 2.78 -11.17 8.03
N LEU A 25 2.16 -10.38 7.17
CA LEU A 25 2.86 -9.62 6.13
C LEU A 25 3.19 -8.18 6.59
N THR A 26 4.40 -7.71 6.23
CA THR A 26 4.81 -6.33 6.52
C THR A 26 3.77 -5.32 6.02
N ILE A 27 3.42 -5.41 4.74
CA ILE A 27 2.39 -4.55 4.12
C ILE A 27 1.14 -4.40 5.02
N GLY A 28 0.80 -5.47 5.74
CA GLY A 28 -0.34 -5.43 6.65
C GLY A 28 -0.01 -4.74 7.98
N SER A 29 1.12 -5.10 8.57
CA SER A 29 1.52 -4.55 9.87
C SER A 29 1.78 -3.03 9.79
N ASP A 30 2.39 -2.59 8.69
CA ASP A 30 2.58 -1.16 8.42
C ASP A 30 1.24 -0.46 8.15
N LEU A 31 0.35 -1.14 7.42
CA LEU A 31 -1.00 -0.62 7.15
C LEU A 31 -1.76 -0.31 8.44
N GLU A 32 -1.65 -1.22 9.42
CA GLU A 32 -2.25 -1.02 10.75
C GLU A 32 -1.91 0.37 11.32
N ARG A 33 -0.64 0.78 11.14
CA ARG A 33 -0.16 2.06 11.63
C ARG A 33 -0.68 3.22 10.78
N VAL A 34 -0.52 3.09 9.46
CA VAL A 34 -0.92 4.13 8.52
C VAL A 34 -2.41 4.51 8.66
N ILE A 35 -3.28 3.50 8.75
CA ILE A 35 -4.72 3.73 8.97
C ILE A 35 -4.97 4.43 10.32
N SER A 36 -4.50 3.80 11.40
CA SER A 36 -4.77 4.27 12.77
C SER A 36 -4.24 5.70 13.02
N THR A 37 -3.20 6.09 12.30
CA THR A 37 -2.59 7.43 12.49
C THR A 37 -3.15 8.48 11.51
N HIS A 38 -3.20 8.14 10.22
CA HIS A 38 -3.56 9.12 9.18
C HIS A 38 -5.09 9.36 9.08
N THR A 39 -5.89 8.31 9.28
CA THR A 39 -7.36 8.45 9.20
C THR A 39 -8.00 8.43 10.59
N ARG A 40 -9.30 8.74 10.64
CA ARG A 40 -10.07 8.70 11.88
C ARG A 40 -10.32 7.25 12.35
N ALA A 41 -10.22 6.30 11.42
CA ALA A 41 -10.52 4.89 11.69
C ALA A 41 -9.47 4.23 12.62
N LYS A 42 -9.92 3.23 13.39
CA LYS A 42 -9.03 2.47 14.27
C LYS A 42 -9.17 0.96 14.04
N VAL A 43 -8.04 0.27 13.94
CA VAL A 43 -8.02 -1.18 13.70
C VAL A 43 -8.45 -1.98 14.94
N VAL A 44 -9.27 -3.02 14.72
CA VAL A 44 -9.65 -3.95 15.78
C VAL A 44 -9.01 -5.33 15.56
N ASN A 45 -8.63 -5.98 16.66
CA ASN A 45 -7.93 -7.28 16.60
C ASN A 45 -8.90 -8.44 16.30
N LYS A 46 -10.20 -8.19 16.38
CA LYS A 46 -11.21 -9.24 16.13
C LYS A 46 -12.49 -8.66 15.48
N ALA A 47 -13.12 -9.45 14.61
CA ALA A 47 -14.24 -8.97 13.79
C ALA A 47 -15.60 -8.98 14.54
N GLU A 48 -15.57 -9.07 15.87
CA GLU A 48 -16.81 -9.03 16.67
C GLU A 48 -17.39 -7.60 16.71
N LYS A 49 -16.56 -6.63 16.32
CA LYS A 49 -16.95 -5.21 16.35
C LYS A 49 -16.19 -4.42 15.28
N SER A 50 -16.80 -4.28 14.10
CA SER A 50 -16.13 -3.60 12.97
C SER A 50 -17.11 -3.29 11.84
N GLU A 51 -17.01 -2.07 11.29
CA GLU A 51 -17.85 -1.68 10.15
C GLU A 51 -17.31 -2.28 8.83
N ALA A 52 -15.98 -2.40 8.73
CA ALA A 52 -15.34 -2.91 7.51
C ALA A 52 -14.17 -3.85 7.84
N ILE A 53 -13.75 -4.64 6.85
CA ILE A 53 -12.66 -5.61 7.02
C ILE A 53 -11.64 -5.52 5.89
N ILE A 54 -10.35 -5.46 6.23
CA ILE A 54 -9.28 -5.38 5.25
C ILE A 54 -8.52 -6.72 5.14
N GLN A 55 -8.82 -7.48 4.08
CA GLN A 55 -8.18 -8.79 3.89
C GLN A 55 -7.07 -8.70 2.81
N ILE A 56 -5.85 -8.43 3.25
CA ILE A 56 -4.71 -8.38 2.33
C ILE A 56 -4.33 -9.81 1.91
N VAL A 57 -4.16 -10.02 0.60
CA VAL A 57 -3.90 -11.36 0.06
C VAL A 57 -2.39 -11.71 0.04
N HIS A 58 -1.64 -11.06 -0.86
CA HIS A 58 -0.19 -11.30 -0.97
C HIS A 58 0.58 -10.03 -1.37
N ALA A 59 1.88 -10.04 -1.12
CA ALA A 59 2.77 -8.93 -1.52
C ALA A 59 3.96 -9.47 -2.33
N ILE A 60 3.88 -9.36 -3.66
CA ILE A 60 4.91 -9.94 -4.55
C ILE A 60 5.94 -8.90 -5.00
N ARG A 61 7.20 -9.09 -4.60
CA ARG A 61 8.28 -8.16 -4.99
C ARG A 61 9.46 -8.91 -5.63
N GLU A 62 9.98 -8.36 -6.72
CA GLU A 62 11.09 -8.98 -7.46
C GLU A 62 12.14 -7.94 -7.86
N LYS A 63 13.37 -8.40 -8.08
CA LYS A 63 14.44 -7.53 -8.59
C LYS A 63 14.72 -7.84 -10.07
N ARG A 64 14.66 -6.80 -10.91
CA ARG A 64 14.78 -6.96 -12.37
C ARG A 64 15.71 -5.89 -12.97
N ILE A 65 15.97 -6.00 -14.27
CA ILE A 65 16.75 -4.99 -15.00
C ILE A 65 15.83 -3.98 -15.71
N LEU A 66 16.13 -2.69 -15.55
CA LEU A 66 15.38 -1.63 -16.23
C LEU A 66 16.01 -1.29 -17.58
N SER A 67 17.28 -0.88 -17.56
CA SER A 67 17.98 -0.46 -18.79
C SER A 67 19.36 -1.12 -18.91
N LEU A 68 19.78 -1.36 -20.15
CA LEU A 68 21.12 -1.89 -20.45
C LEU A 68 21.80 -1.06 -21.54
N SER A 69 23.08 -0.74 -21.35
CA SER A 69 23.83 0.02 -22.35
C SER A 69 24.25 -0.86 -23.54
N GLU A 70 23.24 -1.36 -24.26
CA GLU A 70 23.44 -2.17 -25.47
C GLU A 70 24.23 -3.47 -25.22
N SER A 71 25.55 -3.35 -25.03
CA SER A 71 26.45 -4.52 -24.87
C SER A 71 26.35 -5.16 -23.47
N GLY A 72 25.14 -5.35 -22.96
CA GLY A 72 24.92 -6.03 -21.69
C GLY A 72 25.29 -5.19 -20.45
N ARG A 73 25.95 -4.05 -20.67
CA ARG A 73 26.34 -3.16 -19.56
C ARG A 73 25.13 -2.72 -18.72
N VAL A 74 25.11 -3.13 -17.45
CA VAL A 74 23.99 -2.83 -16.54
C VAL A 74 23.91 -1.33 -16.20
N ARG A 75 22.69 -0.80 -16.20
CA ARG A 75 22.44 0.60 -15.82
C ARG A 75 21.58 0.70 -14.56
N GLU A 76 20.26 0.74 -14.74
CA GLU A 76 19.32 0.86 -13.63
C GLU A 76 18.66 -0.49 -13.32
N PHE A 77 18.60 -0.82 -12.03
CA PHE A 77 18.02 -2.09 -11.57
C PHE A 77 16.56 -1.88 -11.12
N GLU A 78 15.63 -2.53 -11.81
CA GLU A 78 14.18 -2.35 -11.59
C GLU A 78 13.67 -3.18 -10.40
N LEU A 79 13.48 -2.54 -9.25
CA LEU A 79 12.89 -3.21 -8.08
C LEU A 79 11.34 -3.08 -8.12
N VAL A 80 10.66 -4.14 -8.55
CA VAL A 80 9.20 -4.11 -8.73
C VAL A 80 8.46 -4.68 -7.50
N TYR A 81 7.36 -4.04 -7.12
CA TYR A 81 6.56 -4.47 -5.96
C TYR A 81 5.06 -4.42 -6.29
N ARG A 82 4.38 -5.54 -6.07
CA ARG A 82 2.93 -5.65 -6.32
C ARG A 82 2.19 -6.07 -5.04
N VAL A 83 1.04 -5.43 -4.79
CA VAL A 83 0.22 -5.77 -3.61
C VAL A 83 -1.22 -6.13 -4.03
N ALA A 84 -1.76 -7.19 -3.45
CA ALA A 84 -3.14 -7.60 -3.70
C ALA A 84 -3.95 -7.64 -2.40
N ALA A 85 -5.08 -6.93 -2.36
CA ALA A 85 -5.90 -6.85 -1.15
C ALA A 85 -7.40 -6.75 -1.46
N ARG A 86 -8.23 -7.37 -0.62
CA ARG A 86 -9.69 -7.29 -0.77
C ARG A 86 -10.30 -6.39 0.32
N LEU A 87 -11.14 -5.45 -0.12
CA LEU A 87 -11.82 -4.53 0.82
C LEU A 87 -13.22 -5.04 1.12
N LEU A 88 -13.41 -5.54 2.33
CA LEU A 88 -14.63 -6.24 2.73
C LEU A 88 -15.49 -5.41 3.69
N ASP A 89 -16.71 -5.89 3.94
CA ASP A 89 -17.61 -5.24 4.90
C ASP A 89 -17.75 -6.08 6.19
N ALA A 90 -18.73 -5.74 7.03
CA ALA A 90 -18.97 -6.49 8.27
C ALA A 90 -19.33 -7.96 7.98
N HIS A 91 -19.96 -8.22 6.84
CA HIS A 91 -20.33 -9.59 6.44
C HIS A 91 -19.16 -10.33 5.76
N ASN A 92 -17.97 -9.71 5.80
CA ASN A 92 -16.74 -10.31 5.25
C ASN A 92 -16.80 -10.48 3.72
N ALA A 93 -17.77 -9.82 3.07
CA ALA A 93 -17.94 -9.92 1.62
C ALA A 93 -17.21 -8.78 0.90
N GLU A 94 -16.89 -8.98 -0.38
CA GLU A 94 -16.18 -7.95 -1.17
C GLU A 94 -17.09 -6.73 -1.40
N LEU A 95 -17.17 -5.85 -0.40
CA LEU A 95 -17.97 -4.63 -0.50
C LEU A 95 -17.42 -3.72 -1.62
N ALA A 96 -16.17 -3.30 -1.47
CA ALA A 96 -15.52 -2.44 -2.47
C ALA A 96 -14.61 -3.24 -3.40
N SER A 97 -13.95 -4.28 -2.85
CA SER A 97 -12.98 -5.10 -3.60
C SER A 97 -11.84 -4.24 -4.16
N LEU A 98 -10.78 -4.09 -3.37
CA LEU A 98 -9.68 -3.18 -3.73
C LEU A 98 -8.87 -3.69 -4.94
N GLN A 99 -8.04 -2.82 -5.53
CA GLN A 99 -7.27 -3.14 -6.73
C GLN A 99 -5.92 -3.78 -6.40
N GLU A 100 -5.17 -4.14 -7.46
CA GLU A 100 -3.79 -4.57 -7.33
C GLU A 100 -2.83 -3.38 -7.51
N ILE A 101 -1.78 -3.34 -6.69
CA ILE A 101 -0.79 -2.26 -6.75
C ILE A 101 0.48 -2.72 -7.51
N ARG A 102 1.15 -1.79 -8.18
CA ARG A 102 2.40 -2.08 -8.89
C ARG A 102 3.36 -0.87 -8.85
N LEU A 103 4.53 -1.05 -8.23
CA LEU A 103 5.53 0.01 -8.09
C LEU A 103 6.90 -0.44 -8.60
N THR A 104 7.74 0.53 -8.95
CA THR A 104 9.12 0.26 -9.44
C THR A 104 10.12 1.23 -8.83
N ARG A 105 11.18 0.70 -8.20
CA ARG A 105 12.24 1.54 -7.61
C ARG A 105 13.52 1.49 -8.45
N ILE A 106 14.24 2.61 -8.50
CA ILE A 106 15.45 2.73 -9.32
C ILE A 106 16.72 2.46 -8.48
N LEU A 107 17.34 1.31 -8.69
CA LEU A 107 18.59 0.95 -8.00
C LEU A 107 19.80 1.11 -8.96
N PRO A 108 20.73 2.04 -8.66
CA PRO A 108 21.88 2.32 -9.55
C PRO A 108 22.99 1.25 -9.49
N PHE A 109 23.53 0.90 -10.66
CA PHE A 109 24.61 -0.09 -10.74
C PHE A 109 25.91 0.42 -10.08
N LEU A 110 26.14 0.00 -8.83
CA LEU A 110 27.37 0.31 -8.10
C LEU A 110 28.08 -0.99 -7.68
N ASP A 111 29.08 -1.39 -8.45
CA ASP A 111 29.76 -2.68 -8.25
C ASP A 111 30.59 -2.73 -6.96
N ALA A 112 31.77 -2.08 -7.00
CA ALA A 112 32.76 -2.18 -5.91
C ALA A 112 32.23 -1.61 -4.58
N GLN A 113 31.29 -0.69 -4.65
CA GLN A 113 30.69 -0.11 -3.45
C GLN A 113 29.87 -1.15 -2.66
N GLU A 114 30.36 -1.51 -1.47
CA GLU A 114 29.68 -2.49 -0.63
C GLU A 114 28.63 -1.82 0.28
N LEU A 115 28.93 -0.60 0.75
CA LEU A 115 27.97 0.17 1.57
C LEU A 115 26.67 0.41 0.77
N ALA A 116 26.82 0.72 -0.51
CA ALA A 116 25.66 0.96 -1.40
C ALA A 116 24.70 -0.24 -1.44
N LYS A 117 25.22 -1.44 -1.16
CA LYS A 117 24.42 -2.66 -1.21
C LYS A 117 23.33 -2.67 -0.12
N ALA A 118 23.57 -1.93 0.96
CA ALA A 118 22.57 -1.75 2.00
C ALA A 118 21.99 -0.33 1.96
N ALA A 119 22.86 0.66 1.89
CA ALA A 119 22.47 2.08 1.84
C ALA A 119 21.45 2.37 0.74
N GLU A 120 21.64 1.79 -0.44
CA GLU A 120 20.71 1.98 -1.57
C GLU A 120 19.57 0.95 -1.53
N GLU A 121 19.92 -0.33 -1.69
CA GLU A 121 18.92 -1.42 -1.76
C GLU A 121 17.91 -1.37 -0.60
N GLU A 122 18.40 -1.54 0.63
CA GLU A 122 17.53 -1.64 1.82
C GLU A 122 16.52 -0.48 1.90
N MET A 123 16.99 0.74 1.65
CA MET A 123 16.14 1.93 1.74
C MET A 123 15.10 1.97 0.60
N LEU A 124 15.51 1.57 -0.61
CA LEU A 124 14.58 1.51 -1.76
C LEU A 124 13.50 0.42 -1.55
N TYR A 125 13.88 -0.68 -0.89
CA TYR A 125 12.90 -1.74 -0.55
C TYR A 125 11.77 -1.19 0.34
N LYS A 126 12.15 -0.45 1.39
CA LYS A 126 11.17 0.13 2.31
C LYS A 126 10.49 1.38 1.72
N ASP A 127 11.10 1.98 0.70
CA ASP A 127 10.49 3.13 0.01
C ASP A 127 9.22 2.72 -0.75
N MET A 128 9.30 1.66 -1.55
CA MET A 128 8.13 1.14 -2.27
C MET A 128 7.07 0.63 -1.29
N GLN A 129 7.52 0.08 -0.16
CA GLN A 129 6.62 -0.30 0.93
C GLN A 129 5.80 0.91 1.40
N LYS A 130 6.47 2.07 1.49
CA LYS A 130 5.83 3.34 1.83
C LYS A 130 4.70 3.67 0.85
N ASP A 131 5.03 3.83 -0.43
CA ASP A 131 4.06 4.25 -1.45
C ASP A 131 2.90 3.24 -1.58
N ALA A 132 3.21 1.95 -1.52
CA ALA A 132 2.20 0.88 -1.61
C ALA A 132 1.10 1.07 -0.55
N VAL A 133 1.50 1.22 0.71
CA VAL A 133 0.54 1.38 1.80
C VAL A 133 -0.19 2.73 1.73
N GLN A 134 0.46 3.74 1.15
CA GLN A 134 -0.19 5.06 0.95
C GLN A 134 -1.32 4.96 -0.09
N GLN A 135 -1.13 4.12 -1.10
CA GLN A 135 -2.18 3.85 -2.09
C GLN A 135 -3.40 3.22 -1.41
N ILE A 136 -3.15 2.18 -0.61
CA ILE A 136 -4.20 1.50 0.16
C ILE A 136 -4.95 2.49 1.08
N LEU A 137 -4.18 3.29 1.83
CA LEU A 137 -4.74 4.29 2.74
C LEU A 137 -5.83 5.16 2.05
N ARG A 138 -5.50 5.70 0.89
CA ARG A 138 -6.38 6.62 0.19
C ARG A 138 -7.62 5.92 -0.39
N GLN A 139 -7.42 4.74 -0.99
CA GLN A 139 -8.52 4.02 -1.64
C GLN A 139 -9.47 3.34 -0.64
N VAL A 140 -8.93 2.80 0.45
CA VAL A 140 -9.75 2.13 1.47
C VAL A 140 -10.68 3.12 2.20
N SER A 141 -10.30 4.40 2.18
CA SER A 141 -11.13 5.45 2.80
C SER A 141 -12.06 6.11 1.77
N ALA A 142 -11.49 6.52 0.63
CA ALA A 142 -12.24 7.28 -0.38
C ALA A 142 -12.94 6.38 -1.42
N PHE A 143 -12.97 5.06 -1.20
CA PHE A 143 -13.63 4.14 -2.15
C PHE A 143 -15.08 4.55 -2.43
N THR A 144 -15.77 5.02 -1.37
CA THR A 144 -17.16 5.48 -1.49
C THR A 144 -17.31 6.66 -2.46
N SER A 145 -16.24 7.45 -2.60
CA SER A 145 -16.22 8.58 -3.54
C SER A 145 -15.81 8.12 -4.95
N ALA A 146 -16.35 6.98 -5.38
CA ALA A 146 -16.04 6.39 -6.70
C ALA A 146 -14.56 5.97 -6.82
N GLY A 147 -14.00 5.42 -5.74
CA GLY A 147 -12.64 4.91 -5.78
C GLY A 147 -12.54 3.53 -6.44
N LEU A 148 -13.64 2.78 -6.42
CA LEU A 148 -13.68 1.42 -6.98
C LEU A 148 -13.63 1.40 -8.52
N GLU A 149 -13.44 2.57 -9.14
CA GLU A 149 -13.30 2.68 -10.60
C GLU A 149 -12.20 1.74 -11.13
N HIS A 150 -11.17 1.53 -10.33
CA HIS A 150 -10.03 0.69 -10.71
C HIS A 150 -10.45 -0.77 -10.94
N HIS A 151 -10.18 -1.29 -12.15
CA HIS A 151 -10.60 -2.65 -12.50
C HIS A 151 -9.63 -3.72 -11.94
N HIS A 152 -9.88 -4.11 -10.70
CA HIS A 152 -9.08 -5.16 -10.03
C HIS A 152 -9.12 -6.49 -10.80
N HIS A 153 -7.95 -7.05 -11.09
CA HIS A 153 -7.84 -8.33 -11.81
C HIS A 153 -7.04 -9.38 -11.00
N HIS A 154 -7.17 -10.65 -11.42
CA HIS A 154 -6.64 -11.77 -10.62
C HIS A 154 -5.20 -12.16 -11.01
N HIS A 155 -4.58 -11.42 -11.92
CA HIS A 155 -3.19 -11.68 -12.34
C HIS A 155 -2.34 -10.40 -12.36
N MET A 1 -8.76 31.25 14.35
CA MET A 1 -8.87 29.81 14.69
C MET A 1 -10.34 29.40 14.85
N GLY A 2 -10.80 28.50 13.98
CA GLY A 2 -12.16 28.01 14.06
C GLY A 2 -12.38 26.97 15.14
N PHE A 3 -12.69 25.73 14.76
CA PHE A 3 -12.97 24.65 15.71
C PHE A 3 -12.26 23.35 15.32
N LYS A 4 -11.52 22.76 16.27
CA LYS A 4 -10.71 21.57 16.00
C LYS A 4 -11.49 20.27 16.35
N LEU A 5 -12.29 19.77 15.41
CA LEU A 5 -13.05 18.53 15.62
C LEU A 5 -12.52 17.36 14.77
N ARG A 6 -11.41 17.58 14.07
CA ARG A 6 -10.81 16.52 13.23
C ARG A 6 -9.29 16.75 13.06
N GLY A 7 -8.55 15.67 12.86
CA GLY A 7 -7.10 15.80 12.67
C GLY A 7 -6.50 14.66 11.84
N GLN A 8 -6.91 14.55 10.58
CA GLN A 8 -6.40 13.50 9.69
C GLN A 8 -6.20 13.99 8.25
N VAL A 9 -5.21 13.41 7.56
CA VAL A 9 -5.00 13.70 6.13
C VAL A 9 -5.94 12.84 5.26
N SER A 10 -6.22 11.63 5.75
CA SER A 10 -7.13 10.70 5.06
C SER A 10 -8.31 10.34 5.95
N GLU A 11 -9.52 10.70 5.53
CA GLU A 11 -10.72 10.51 6.34
C GLU A 11 -11.59 9.35 5.85
N LEU A 12 -12.38 8.78 6.77
CA LEU A 12 -13.27 7.65 6.47
C LEU A 12 -14.48 7.63 7.43
N PRO A 13 -15.67 7.23 6.93
CA PRO A 13 -16.93 7.28 7.72
C PRO A 13 -17.07 6.14 8.75
N PHE A 14 -15.96 5.69 9.32
CA PHE A 14 -15.96 4.60 10.30
C PHE A 14 -14.70 4.64 11.18
N GLU A 15 -14.73 3.91 12.31
CA GLU A 15 -13.60 3.93 13.25
C GLU A 15 -13.07 2.52 13.59
N ARG A 16 -13.84 1.48 13.26
CA ARG A 16 -13.42 0.11 13.55
C ARG A 16 -13.21 -0.72 12.28
N VAL A 17 -11.97 -1.12 12.02
CA VAL A 17 -11.63 -1.93 10.84
C VAL A 17 -10.86 -3.20 11.24
N TYR A 18 -11.28 -4.33 10.67
CA TYR A 18 -10.61 -5.61 10.93
C TYR A 18 -9.69 -5.99 9.75
N ILE A 19 -8.42 -6.24 10.03
CA ILE A 19 -7.48 -6.66 8.97
C ILE A 19 -7.06 -8.12 9.14
N THR A 20 -6.84 -8.80 8.02
CA THR A 20 -6.35 -10.19 8.04
C THR A 20 -5.30 -10.44 6.95
N ALA A 21 -4.34 -11.31 7.24
CA ALA A 21 -3.25 -11.61 6.30
C ALA A 21 -2.95 -13.12 6.24
N PRO A 22 -2.69 -13.67 5.04
CA PRO A 22 -2.45 -15.11 4.85
C PRO A 22 -1.28 -15.65 5.70
N ALA A 23 -0.06 -15.24 5.38
CA ALA A 23 1.13 -15.65 6.14
C ALA A 23 1.53 -14.59 7.17
N GLY A 24 0.66 -13.61 7.40
CA GLY A 24 0.95 -12.53 8.33
C GLY A 24 2.12 -11.64 7.87
N LEU A 25 2.04 -11.16 6.63
CA LEU A 25 3.10 -10.34 6.04
C LEU A 25 3.16 -8.95 6.70
N THR A 26 4.35 -8.34 6.71
CA THR A 26 4.53 -7.02 7.32
C THR A 26 3.56 -5.97 6.75
N ILE A 27 3.27 -6.12 5.45
CA ILE A 27 2.34 -5.22 4.74
C ILE A 27 1.05 -4.96 5.55
N GLY A 28 0.58 -5.98 6.27
CA GLY A 28 -0.61 -5.83 7.09
C GLY A 28 -0.38 -4.98 8.33
N SER A 29 0.75 -5.18 9.00
CA SER A 29 1.07 -4.45 10.23
C SER A 29 1.44 -3.00 9.93
N ASP A 30 2.11 -2.78 8.80
CA ASP A 30 2.37 -1.42 8.30
C ASP A 30 1.05 -0.66 8.09
N LEU A 31 0.05 -1.37 7.57
CA LEU A 31 -1.28 -0.78 7.34
C LEU A 31 -1.93 -0.36 8.66
N GLU A 32 -1.77 -1.18 9.72
CA GLU A 32 -2.27 -0.83 11.05
C GLU A 32 -1.76 0.56 11.48
N ARG A 33 -0.45 0.77 11.31
CA ARG A 33 0.19 2.04 11.65
C ARG A 33 -0.37 3.19 10.81
N VAL A 34 -0.33 3.02 9.48
CA VAL A 34 -0.78 4.05 8.54
C VAL A 34 -2.23 4.50 8.80
N ILE A 35 -3.13 3.53 8.99
CA ILE A 35 -4.54 3.84 9.27
C ILE A 35 -4.70 4.63 10.59
N SER A 36 -4.22 4.06 11.69
CA SER A 36 -4.40 4.67 13.02
C SER A 36 -3.77 6.07 13.11
N THR A 37 -2.70 6.31 12.35
CA THR A 37 -1.97 7.59 12.41
C THR A 37 -2.53 8.63 11.43
N HIS A 38 -3.02 8.19 10.27
CA HIS A 38 -3.50 9.12 9.23
C HIS A 38 -5.03 9.22 9.16
N THR A 39 -5.73 8.40 9.95
CA THR A 39 -7.20 8.46 10.00
C THR A 39 -7.69 8.46 11.45
N ARG A 40 -9.02 8.42 11.62
CA ARG A 40 -9.62 8.34 12.96
C ARG A 40 -9.97 6.88 13.33
N ALA A 41 -9.70 5.97 12.41
CA ALA A 41 -10.01 4.55 12.61
C ALA A 41 -8.92 3.82 13.41
N LYS A 42 -9.26 2.61 13.86
CA LYS A 42 -8.31 1.76 14.59
C LYS A 42 -8.55 0.29 14.23
N VAL A 43 -7.47 -0.45 13.97
CA VAL A 43 -7.54 -1.86 13.60
C VAL A 43 -7.89 -2.76 14.79
N VAL A 44 -8.95 -3.56 14.65
CA VAL A 44 -9.37 -4.49 15.70
C VAL A 44 -9.05 -5.94 15.34
N ASN A 45 -8.91 -6.79 16.37
CA ASN A 45 -8.57 -8.21 16.18
C ASN A 45 -9.83 -9.09 15.99
N LYS A 46 -11.01 -8.49 16.15
CA LYS A 46 -12.28 -9.24 16.03
C LYS A 46 -13.25 -8.54 15.06
N ALA A 47 -13.96 -9.34 14.25
CA ALA A 47 -14.90 -8.81 13.25
C ALA A 47 -16.31 -8.59 13.83
N GLU A 48 -16.52 -9.00 15.09
CA GLU A 48 -17.82 -8.83 15.75
C GLU A 48 -18.28 -7.36 15.76
N LYS A 49 -17.32 -6.45 15.91
CA LYS A 49 -17.60 -5.01 15.88
C LYS A 49 -16.57 -4.30 14.99
N SER A 50 -16.90 -4.17 13.72
CA SER A 50 -16.03 -3.51 12.74
C SER A 50 -16.82 -3.17 11.47
N GLU A 51 -16.79 -1.90 11.08
CA GLU A 51 -17.55 -1.43 9.91
C GLU A 51 -16.96 -1.97 8.60
N ALA A 52 -15.65 -2.13 8.55
CA ALA A 52 -14.96 -2.60 7.34
C ALA A 52 -13.91 -3.68 7.67
N ILE A 53 -13.66 -4.57 6.71
CA ILE A 53 -12.65 -5.63 6.87
C ILE A 53 -11.68 -5.62 5.68
N ILE A 54 -10.39 -5.41 5.98
CA ILE A 54 -9.35 -5.38 4.95
C ILE A 54 -8.63 -6.72 4.83
N GLN A 55 -8.85 -7.42 3.71
CA GLN A 55 -8.25 -8.73 3.49
C GLN A 55 -7.13 -8.64 2.45
N ILE A 56 -5.87 -8.69 2.90
CA ILE A 56 -4.73 -8.64 1.98
C ILE A 56 -4.45 -10.03 1.40
N VAL A 57 -4.56 -10.15 0.08
CA VAL A 57 -4.43 -11.45 -0.60
C VAL A 57 -2.97 -11.92 -0.65
N HIS A 58 -2.10 -11.13 -1.25
CA HIS A 58 -0.70 -11.51 -1.43
C HIS A 58 0.15 -10.34 -1.93
N ALA A 59 1.34 -10.17 -1.33
CA ALA A 59 2.28 -9.12 -1.75
C ALA A 59 3.50 -9.70 -2.48
N ILE A 60 3.65 -9.39 -3.76
CA ILE A 60 4.75 -9.93 -4.58
C ILE A 60 5.73 -8.83 -4.98
N ARG A 61 7.02 -9.05 -4.78
CA ARG A 61 8.04 -8.07 -5.19
C ARG A 61 9.34 -8.76 -5.65
N GLU A 62 9.80 -8.40 -6.84
CA GLU A 62 11.02 -8.98 -7.43
C GLU A 62 11.99 -7.90 -7.92
N LYS A 63 13.26 -8.06 -7.59
CA LYS A 63 14.30 -7.13 -8.07
C LYS A 63 14.89 -7.63 -9.40
N ARG A 64 14.56 -6.95 -10.49
CA ARG A 64 14.95 -7.40 -11.84
C ARG A 64 15.61 -6.28 -12.66
N ILE A 65 16.06 -6.61 -13.86
CA ILE A 65 16.71 -5.64 -14.76
C ILE A 65 15.68 -4.84 -15.57
N LEU A 66 15.97 -3.54 -15.74
CA LEU A 66 15.14 -2.66 -16.57
C LEU A 66 15.92 -2.20 -17.82
N SER A 67 17.12 -1.69 -17.61
CA SER A 67 17.95 -1.17 -18.71
C SER A 67 19.41 -1.67 -18.63
N LEU A 68 19.97 -2.05 -19.78
CA LEU A 68 21.34 -2.58 -19.84
C LEU A 68 22.23 -1.80 -20.82
N SER A 69 23.52 -2.16 -20.84
CA SER A 69 24.50 -1.60 -21.80
C SER A 69 25.57 -2.64 -22.12
N GLU A 70 26.46 -2.32 -23.07
CA GLU A 70 27.58 -3.22 -23.41
C GLU A 70 27.12 -4.66 -23.72
N SER A 71 25.84 -4.81 -24.10
CA SER A 71 25.25 -6.14 -24.40
C SER A 71 25.12 -7.00 -23.13
N GLY A 72 24.81 -6.38 -21.99
CA GLY A 72 24.61 -7.14 -20.75
C GLY A 72 24.96 -6.39 -19.47
N ARG A 73 25.79 -5.35 -19.57
CA ARG A 73 26.19 -4.55 -18.41
C ARG A 73 24.98 -3.98 -17.65
N VAL A 74 24.92 -4.26 -16.35
CA VAL A 74 23.83 -3.75 -15.50
C VAL A 74 23.87 -2.22 -15.36
N ARG A 75 22.72 -1.58 -15.54
CA ARG A 75 22.58 -0.13 -15.35
C ARG A 75 21.43 0.20 -14.39
N GLU A 76 20.20 0.09 -14.89
CA GLU A 76 19.01 0.45 -14.13
C GLU A 76 18.23 -0.80 -13.69
N PHE A 77 18.16 -1.01 -12.38
CA PHE A 77 17.51 -2.18 -11.81
C PHE A 77 16.04 -1.87 -11.43
N GLU A 78 15.10 -2.62 -11.99
CA GLU A 78 13.67 -2.41 -11.72
C GLU A 78 13.21 -3.20 -10.49
N LEU A 79 12.94 -2.50 -9.40
CA LEU A 79 12.36 -3.12 -8.21
C LEU A 79 10.82 -3.10 -8.30
N VAL A 80 10.23 -4.18 -8.81
CA VAL A 80 8.77 -4.23 -9.01
C VAL A 80 8.04 -4.77 -7.77
N TYR A 81 6.89 -4.16 -7.45
CA TYR A 81 6.10 -4.55 -6.28
C TYR A 81 4.59 -4.52 -6.60
N ARG A 82 3.90 -5.63 -6.35
CA ARG A 82 2.46 -5.73 -6.58
C ARG A 82 1.72 -6.21 -5.32
N VAL A 83 0.93 -5.34 -4.72
CA VAL A 83 0.15 -5.69 -3.52
C VAL A 83 -1.33 -5.96 -3.86
N ALA A 84 -1.76 -7.20 -3.69
CA ALA A 84 -3.14 -7.58 -3.96
C ALA A 84 -3.97 -7.68 -2.66
N ALA A 85 -5.11 -7.02 -2.62
CA ALA A 85 -5.99 -7.03 -1.43
C ALA A 85 -7.45 -6.69 -1.80
N ARG A 86 -8.38 -6.96 -0.89
CA ARG A 86 -9.80 -6.64 -1.10
C ARG A 86 -10.39 -5.86 0.09
N LEU A 87 -11.39 -5.02 -0.19
CA LEU A 87 -12.04 -4.21 0.84
C LEU A 87 -13.44 -4.77 1.17
N LEU A 88 -13.54 -5.56 2.23
CA LEU A 88 -14.80 -6.21 2.61
C LEU A 88 -15.54 -5.41 3.69
N ASP A 89 -16.77 -5.82 3.99
CA ASP A 89 -17.58 -5.16 5.01
C ASP A 89 -17.67 -6.02 6.28
N ALA A 90 -18.52 -5.58 7.22
CA ALA A 90 -18.70 -6.29 8.50
C ALA A 90 -19.13 -7.76 8.30
N HIS A 91 -19.77 -8.05 7.16
CA HIS A 91 -20.31 -9.39 6.90
C HIS A 91 -19.40 -10.21 5.97
N ASN A 92 -18.18 -9.72 5.73
CA ASN A 92 -17.20 -10.40 4.87
C ASN A 92 -17.72 -10.60 3.43
N ALA A 93 -18.77 -9.86 3.06
CA ALA A 93 -19.45 -10.04 1.78
C ALA A 93 -18.91 -9.10 0.69
N GLU A 94 -17.71 -8.55 0.92
CA GLU A 94 -17.05 -7.65 -0.04
C GLU A 94 -17.83 -6.32 -0.20
N LEU A 95 -17.18 -5.21 0.18
CA LEU A 95 -17.83 -3.90 0.16
C LEU A 95 -17.51 -3.15 -1.14
N ALA A 96 -16.24 -2.72 -1.29
CA ALA A 96 -15.83 -1.90 -2.44
C ALA A 96 -14.69 -2.54 -3.24
N SER A 97 -14.41 -1.97 -4.40
CA SER A 97 -13.39 -2.50 -5.32
C SER A 97 -11.98 -2.07 -4.93
N LEU A 98 -11.34 -2.84 -4.06
CA LEU A 98 -9.91 -2.64 -3.75
C LEU A 98 -9.05 -3.44 -4.73
N GLN A 99 -8.29 -2.75 -5.58
CA GLN A 99 -7.52 -3.41 -6.65
C GLN A 99 -6.02 -3.49 -6.31
N GLU A 100 -5.32 -4.39 -7.00
CA GLU A 100 -3.88 -4.57 -6.81
C GLU A 100 -3.09 -3.31 -7.20
N ILE A 101 -2.02 -3.03 -6.45
CA ILE A 101 -1.19 -1.85 -6.68
C ILE A 101 0.21 -2.25 -7.19
N ARG A 102 0.52 -1.86 -8.44
CA ARG A 102 1.85 -2.14 -9.01
C ARG A 102 2.76 -0.91 -8.92
N LEU A 103 3.94 -1.10 -8.35
CA LEU A 103 4.92 -0.02 -8.17
C LEU A 103 6.31 -0.48 -8.64
N THR A 104 7.12 0.45 -9.12
CA THR A 104 8.49 0.14 -9.55
C THR A 104 9.49 1.16 -8.98
N ARG A 105 10.63 0.69 -8.49
CA ARG A 105 11.66 1.57 -7.93
C ARG A 105 12.99 1.39 -8.67
N ILE A 106 13.63 2.51 -9.04
CA ILE A 106 14.89 2.46 -9.79
C ILE A 106 16.11 2.30 -8.85
N LEU A 107 16.80 1.17 -9.00
CA LEU A 107 18.05 0.92 -8.28
C LEU A 107 19.25 1.11 -9.23
N PRO A 108 20.07 2.16 -9.01
CA PRO A 108 21.24 2.44 -9.87
C PRO A 108 22.45 1.54 -9.57
N PHE A 109 23.12 1.07 -10.62
CA PHE A 109 24.29 0.19 -10.46
C PHE A 109 25.59 0.99 -10.20
N LEU A 110 25.90 1.19 -8.92
CA LEU A 110 27.19 1.80 -8.52
C LEU A 110 28.11 0.74 -7.90
N ASP A 111 28.87 0.04 -8.74
CA ASP A 111 29.76 -1.03 -8.28
C ASP A 111 30.87 -0.48 -7.34
N ALA A 112 31.42 0.68 -7.71
CA ALA A 112 32.49 1.31 -6.94
C ALA A 112 31.97 2.08 -5.71
N GLN A 113 30.66 1.99 -5.44
CA GLN A 113 30.06 2.60 -4.25
C GLN A 113 29.21 1.59 -3.48
N GLU A 114 29.88 0.60 -2.89
CA GLU A 114 29.22 -0.43 -2.08
C GLU A 114 28.44 0.18 -0.90
N LEU A 115 29.03 1.18 -0.24
CA LEU A 115 28.36 1.89 0.86
C LEU A 115 27.08 2.59 0.37
N ALA A 116 27.14 3.19 -0.82
CA ALA A 116 25.98 3.86 -1.41
C ALA A 116 24.87 2.86 -1.75
N LYS A 117 25.24 1.76 -2.41
CA LYS A 117 24.29 0.69 -2.75
C LYS A 117 23.67 0.07 -1.49
N ALA A 118 24.49 -0.14 -0.46
CA ALA A 118 24.01 -0.67 0.81
C ALA A 118 22.88 0.20 1.38
N ALA A 119 23.16 1.50 1.51
CA ALA A 119 22.16 2.45 2.01
C ALA A 119 20.95 2.56 1.06
N GLU A 120 21.22 2.58 -0.24
CA GLU A 120 20.16 2.72 -1.26
C GLU A 120 19.17 1.54 -1.20
N GLU A 121 19.69 0.31 -1.36
CA GLU A 121 18.83 -0.89 -1.37
C GLU A 121 18.09 -1.10 -0.04
N GLU A 122 18.72 -0.72 1.07
CA GLU A 122 18.07 -0.78 2.39
C GLU A 122 16.97 0.29 2.53
N MET A 123 17.23 1.48 1.98
CA MET A 123 16.20 2.53 1.91
C MET A 123 15.03 2.07 1.04
N LEU A 124 15.33 1.58 -0.16
CA LEU A 124 14.29 1.11 -1.10
C LEU A 124 13.54 -0.11 -0.53
N TYR A 125 14.25 -0.91 0.26
CA TYR A 125 13.64 -2.06 0.96
C TYR A 125 12.39 -1.62 1.75
N LYS A 126 12.54 -0.54 2.51
CA LYS A 126 11.44 0.01 3.31
C LYS A 126 10.64 1.08 2.54
N ASP A 127 11.24 1.65 1.49
CA ASP A 127 10.58 2.68 0.67
C ASP A 127 9.46 2.07 -0.18
N MET A 128 9.74 0.93 -0.81
CA MET A 128 8.72 0.17 -1.54
C MET A 128 7.59 -0.27 -0.60
N GLN A 129 7.99 -0.73 0.59
CA GLN A 129 7.06 -1.10 1.66
C GLN A 129 6.21 0.13 2.06
N LYS A 130 6.85 1.29 2.12
CA LYS A 130 6.19 2.56 2.44
C LYS A 130 5.14 2.95 1.39
N ASP A 131 5.60 3.17 0.16
CA ASP A 131 4.74 3.65 -0.92
C ASP A 131 3.53 2.73 -1.14
N ALA A 132 3.78 1.42 -1.10
CA ALA A 132 2.71 0.42 -1.28
C ALA A 132 1.57 0.62 -0.28
N VAL A 133 1.88 0.65 1.01
CA VAL A 133 0.86 0.78 2.05
C VAL A 133 0.18 2.16 2.00
N GLN A 134 0.90 3.19 1.55
CA GLN A 134 0.33 4.53 1.37
C GLN A 134 -0.76 4.50 0.28
N GLN A 135 -0.47 3.80 -0.82
CA GLN A 135 -1.42 3.66 -1.93
C GLN A 135 -2.65 2.84 -1.52
N ILE A 136 -2.46 1.87 -0.62
CA ILE A 136 -3.59 1.11 -0.06
C ILE A 136 -4.57 2.05 0.67
N LEU A 137 -4.02 2.86 1.57
CA LEU A 137 -4.81 3.86 2.30
C LEU A 137 -5.60 4.76 1.34
N ARG A 138 -4.95 5.18 0.26
CA ARG A 138 -5.57 6.04 -0.75
C ARG A 138 -6.92 5.48 -1.24
N GLN A 139 -6.95 4.19 -1.59
CA GLN A 139 -8.18 3.53 -2.05
C GLN A 139 -9.21 3.39 -0.91
N VAL A 140 -8.74 2.92 0.26
CA VAL A 140 -9.63 2.70 1.42
C VAL A 140 -10.33 3.99 1.88
N SER A 141 -9.69 5.14 1.67
CA SER A 141 -10.27 6.44 2.06
C SER A 141 -10.90 7.18 0.87
N ALA A 142 -10.99 6.53 -0.28
CA ALA A 142 -11.55 7.19 -1.48
C ALA A 142 -12.65 6.37 -2.17
N PHE A 143 -12.89 5.13 -1.72
CA PHE A 143 -13.86 4.23 -2.37
C PHE A 143 -15.26 4.89 -2.54
N THR A 144 -15.62 5.77 -1.61
CA THR A 144 -16.93 6.46 -1.66
C THR A 144 -16.90 7.70 -2.56
N SER A 145 -15.75 8.39 -2.59
CA SER A 145 -15.61 9.63 -3.36
C SER A 145 -15.33 9.34 -4.85
N ALA A 146 -16.22 9.84 -5.71
CA ALA A 146 -16.12 9.62 -7.17
C ALA A 146 -16.34 8.16 -7.57
N GLY A 147 -16.94 7.38 -6.66
CA GLY A 147 -17.20 5.96 -6.91
C GLY A 147 -18.67 5.57 -6.77
N LEU A 148 -19.35 5.40 -7.91
CA LEU A 148 -20.78 4.99 -7.94
C LEU A 148 -21.64 5.82 -6.98
N GLU A 149 -21.37 7.13 -6.93
CA GLU A 149 -22.04 8.04 -5.98
C GLU A 149 -23.56 8.13 -6.25
N HIS A 150 -23.95 8.27 -7.51
CA HIS A 150 -25.37 8.34 -7.87
C HIS A 150 -26.01 6.94 -7.92
N HIS A 151 -26.86 6.65 -6.94
CA HIS A 151 -27.53 5.36 -6.85
C HIS A 151 -28.93 5.50 -6.23
N HIS A 152 -29.93 4.90 -6.88
CA HIS A 152 -31.33 5.04 -6.48
C HIS A 152 -31.56 4.64 -5.01
N HIS A 153 -32.08 5.56 -4.21
CA HIS A 153 -32.48 5.27 -2.83
C HIS A 153 -33.84 4.53 -2.84
N HIS A 154 -34.86 5.21 -3.36
CA HIS A 154 -36.11 4.54 -3.73
C HIS A 154 -36.45 4.90 -5.20
N HIS A 155 -35.90 6.02 -5.65
CA HIS A 155 -36.02 6.48 -7.03
C HIS A 155 -34.86 7.43 -7.39
N MET A 1 -2.84 16.90 21.58
CA MET A 1 -1.45 16.82 22.15
C MET A 1 -0.43 16.45 21.07
N GLY A 2 0.84 16.75 21.33
CA GLY A 2 1.89 16.47 20.35
C GLY A 2 2.10 17.60 19.35
N PHE A 3 1.19 17.72 18.39
CA PHE A 3 1.28 18.74 17.34
C PHE A 3 0.01 19.61 17.28
N LYS A 4 0.18 20.86 16.86
CA LYS A 4 -0.92 21.84 16.80
C LYS A 4 -1.88 21.56 15.63
N LEU A 5 -1.35 20.96 14.56
CA LEU A 5 -2.12 20.71 13.33
C LEU A 5 -2.93 19.40 13.41
N ARG A 6 -3.52 19.02 12.28
CA ARG A 6 -4.36 17.82 12.20
C ARG A 6 -3.64 16.55 12.69
N GLY A 7 -4.20 15.90 13.70
CA GLY A 7 -3.68 14.62 14.16
C GLY A 7 -3.89 13.49 13.16
N GLN A 8 -4.90 13.66 12.29
CA GLN A 8 -5.20 12.70 11.21
C GLN A 8 -5.10 13.36 9.83
N VAL A 9 -4.33 12.75 8.93
CA VAL A 9 -4.11 13.29 7.59
C VAL A 9 -5.39 13.21 6.71
N SER A 10 -6.13 12.11 6.86
CA SER A 10 -7.38 11.90 6.09
C SER A 10 -8.34 11.03 6.87
N GLU A 11 -9.60 11.44 6.94
CA GLU A 11 -10.61 10.70 7.70
C GLU A 11 -11.47 9.81 6.79
N LEU A 12 -12.11 8.81 7.40
CA LEU A 12 -12.91 7.82 6.67
C LEU A 12 -14.23 7.53 7.40
N PRO A 13 -15.28 7.11 6.66
CA PRO A 13 -16.65 6.94 7.22
C PRO A 13 -16.82 5.70 8.14
N PHE A 14 -15.78 5.34 8.88
CA PHE A 14 -15.83 4.21 9.83
C PHE A 14 -14.76 4.35 10.92
N GLU A 15 -15.07 3.87 12.13
CA GLU A 15 -14.18 4.05 13.29
C GLU A 15 -13.49 2.73 13.74
N ARG A 16 -13.96 1.57 13.27
CA ARG A 16 -13.31 0.29 13.60
C ARG A 16 -12.97 -0.53 12.35
N VAL A 17 -11.70 -0.92 12.21
CA VAL A 17 -11.26 -1.75 11.08
C VAL A 17 -10.68 -3.10 11.55
N TYR A 18 -10.61 -4.05 10.62
CA TYR A 18 -10.08 -5.39 10.91
C TYR A 18 -9.34 -5.95 9.68
N ILE A 19 -8.09 -6.33 9.86
CA ILE A 19 -7.26 -6.84 8.76
C ILE A 19 -7.15 -8.37 8.78
N THR A 20 -7.02 -8.97 7.59
CA THR A 20 -6.78 -10.40 7.46
C THR A 20 -5.87 -10.71 6.25
N ALA A 21 -4.98 -11.68 6.41
CA ALA A 21 -4.01 -12.04 5.37
C ALA A 21 -3.76 -13.56 5.35
N PRO A 22 -3.82 -14.19 4.16
CA PRO A 22 -3.69 -15.66 4.02
C PRO A 22 -2.39 -16.22 4.63
N ALA A 23 -1.24 -15.69 4.21
CA ALA A 23 0.05 -16.18 4.66
C ALA A 23 0.77 -15.19 5.59
N GLY A 24 0.00 -14.33 6.27
CA GLY A 24 0.58 -13.31 7.14
C GLY A 24 1.61 -12.43 6.42
N LEU A 25 1.13 -11.66 5.45
CA LEU A 25 2.01 -10.86 4.58
C LEU A 25 2.47 -9.56 5.26
N THR A 26 3.78 -9.31 5.21
CA THR A 26 4.40 -8.13 5.84
C THR A 26 3.73 -6.80 5.46
N ILE A 27 3.10 -6.76 4.29
CA ILE A 27 2.37 -5.57 3.81
C ILE A 27 1.35 -5.07 4.86
N GLY A 28 0.74 -6.00 5.59
CA GLY A 28 -0.29 -5.66 6.56
C GLY A 28 0.26 -5.02 7.84
N SER A 29 1.55 -5.14 8.07
CA SER A 29 2.19 -4.61 9.29
C SER A 29 2.13 -3.07 9.34
N ASP A 30 2.60 -2.42 8.28
CA ASP A 30 2.59 -0.95 8.19
C ASP A 30 1.17 -0.40 8.04
N LEU A 31 0.32 -1.12 7.32
CA LEU A 31 -1.04 -0.67 7.03
C LEU A 31 -1.81 -0.26 8.30
N GLU A 32 -2.04 -1.22 9.19
CA GLU A 32 -2.78 -0.96 10.43
C GLU A 32 -2.15 0.15 11.26
N ARG A 33 -0.83 0.27 11.21
CA ARG A 33 -0.12 1.35 11.91
C ARG A 33 -0.46 2.71 11.29
N VAL A 34 -0.48 2.79 9.95
CA VAL A 34 -0.85 4.02 9.25
C VAL A 34 -2.31 4.41 9.53
N ILE A 35 -3.21 3.42 9.51
CA ILE A 35 -4.63 3.65 9.78
C ILE A 35 -4.86 4.17 11.21
N SER A 36 -4.49 3.36 12.20
CA SER A 36 -4.78 3.66 13.62
C SER A 36 -4.06 4.93 14.14
N THR A 37 -3.17 5.51 13.33
CA THR A 37 -2.45 6.72 13.72
C THR A 37 -2.87 7.95 12.90
N HIS A 38 -2.98 7.78 11.58
CA HIS A 38 -3.21 8.91 10.66
C HIS A 38 -4.69 9.08 10.25
N THR A 39 -5.59 8.27 10.82
CA THR A 39 -7.03 8.39 10.52
C THR A 39 -7.88 8.46 11.81
N ARG A 40 -9.19 8.28 11.66
CA ARG A 40 -10.12 8.29 12.79
C ARG A 40 -10.42 6.85 13.30
N ALA A 41 -9.96 5.85 12.55
CA ALA A 41 -10.30 4.45 12.82
C ALA A 41 -9.24 3.72 13.67
N LYS A 42 -9.71 2.81 14.53
CA LYS A 42 -8.83 1.98 15.36
C LYS A 42 -9.02 0.49 15.00
N VAL A 43 -7.91 -0.26 14.98
CA VAL A 43 -7.94 -1.68 14.57
C VAL A 43 -8.40 -2.63 15.68
N VAL A 44 -9.34 -3.51 15.37
CA VAL A 44 -9.77 -4.57 16.30
C VAL A 44 -9.23 -5.94 15.83
N ASN A 45 -9.05 -6.87 16.77
CA ASN A 45 -8.42 -8.17 16.44
C ASN A 45 -9.46 -9.24 16.08
N LYS A 46 -10.74 -8.89 16.04
CA LYS A 46 -11.81 -9.87 15.78
C LYS A 46 -12.92 -9.30 14.88
N ALA A 47 -13.66 -10.18 14.22
CA ALA A 47 -14.71 -9.78 13.28
C ALA A 47 -16.13 -9.96 13.85
N GLU A 48 -16.24 -10.30 15.14
CA GLU A 48 -17.55 -10.45 15.77
C GLU A 48 -18.40 -9.17 15.65
N LYS A 49 -17.74 -8.03 15.84
CA LYS A 49 -18.38 -6.73 15.70
C LYS A 49 -17.35 -5.71 15.18
N SER A 50 -16.95 -5.89 13.93
CA SER A 50 -16.05 -4.95 13.25
C SER A 50 -16.87 -3.95 12.43
N GLU A 51 -16.27 -3.35 11.40
CA GLU A 51 -16.97 -2.37 10.58
C GLU A 51 -16.42 -2.36 9.16
N ALA A 52 -15.11 -2.11 9.01
CA ALA A 52 -14.42 -2.23 7.72
C ALA A 52 -13.31 -3.29 7.79
N ILE A 53 -13.38 -4.30 6.93
CA ILE A 53 -12.41 -5.40 6.96
C ILE A 53 -11.53 -5.44 5.70
N ILE A 54 -10.21 -5.37 5.90
CA ILE A 54 -9.25 -5.38 4.79
C ILE A 54 -8.65 -6.78 4.60
N GLN A 55 -9.01 -7.44 3.50
CA GLN A 55 -8.48 -8.77 3.17
C GLN A 55 -7.43 -8.65 2.05
N ILE A 56 -6.15 -8.71 2.42
CA ILE A 56 -5.07 -8.61 1.44
C ILE A 56 -4.78 -9.98 0.81
N VAL A 57 -4.78 -10.03 -0.52
CA VAL A 57 -4.66 -11.30 -1.25
C VAL A 57 -3.20 -11.78 -1.37
N HIS A 58 -2.37 -10.97 -2.03
CA HIS A 58 -0.96 -11.33 -2.22
C HIS A 58 -0.08 -10.10 -2.50
N ALA A 59 1.21 -10.21 -2.18
CA ALA A 59 2.18 -9.14 -2.42
C ALA A 59 3.48 -9.70 -3.04
N ILE A 60 3.64 -9.48 -4.35
CA ILE A 60 4.83 -9.99 -5.08
C ILE A 60 5.95 -8.94 -5.11
N ARG A 61 7.17 -9.36 -4.79
CA ARG A 61 8.35 -8.48 -4.84
C ARG A 61 9.40 -9.01 -5.83
N GLU A 62 9.44 -8.43 -7.02
CA GLU A 62 10.37 -8.87 -8.07
C GLU A 62 11.53 -7.90 -8.27
N LYS A 63 12.73 -8.32 -7.88
CA LYS A 63 13.94 -7.55 -8.16
C LYS A 63 14.59 -8.03 -9.48
N ARG A 64 14.27 -7.35 -10.56
CA ARG A 64 14.64 -7.78 -11.92
C ARG A 64 15.74 -6.90 -12.56
N ILE A 65 16.42 -7.43 -13.56
CA ILE A 65 17.35 -6.64 -14.38
C ILE A 65 16.59 -5.89 -15.48
N LEU A 66 16.75 -4.57 -15.50
CA LEU A 66 16.11 -3.73 -16.52
C LEU A 66 17.07 -3.44 -17.68
N SER A 67 18.32 -3.12 -17.36
CA SER A 67 19.32 -2.76 -18.37
C SER A 67 20.67 -3.40 -18.09
N LEU A 68 21.41 -3.74 -19.16
CA LEU A 68 22.78 -4.23 -19.04
C LEU A 68 23.75 -3.34 -19.83
N SER A 69 24.79 -2.83 -19.17
CA SER A 69 25.79 -2.00 -19.85
C SER A 69 26.45 -2.76 -21.00
N GLU A 70 26.15 -2.33 -22.23
CA GLU A 70 26.66 -2.96 -23.45
C GLU A 70 26.24 -4.43 -23.54
N SER A 71 25.09 -4.76 -22.93
CA SER A 71 24.56 -6.13 -22.93
C SER A 71 25.50 -7.10 -22.20
N GLY A 72 26.38 -6.57 -21.35
CA GLY A 72 27.33 -7.40 -20.63
C GLY A 72 27.39 -7.10 -19.13
N ARG A 73 27.64 -5.83 -18.78
CA ARG A 73 27.72 -5.42 -17.37
C ARG A 73 26.34 -5.00 -16.84
N VAL A 74 26.24 -4.77 -15.54
CA VAL A 74 24.96 -4.39 -14.91
C VAL A 74 24.67 -2.88 -15.05
N ARG A 75 23.40 -2.51 -15.13
CA ARG A 75 22.99 -1.09 -15.15
C ARG A 75 21.82 -0.82 -14.20
N GLU A 76 20.59 -0.87 -14.71
CA GLU A 76 19.41 -0.56 -13.89
C GLU A 76 18.71 -1.85 -13.43
N PHE A 77 18.42 -1.90 -12.12
CA PHE A 77 17.67 -3.01 -11.53
C PHE A 77 16.21 -2.59 -11.29
N GLU A 78 15.28 -3.23 -12.00
CA GLU A 78 13.85 -2.91 -11.90
C GLU A 78 13.21 -3.53 -10.66
N LEU A 79 12.96 -2.71 -9.64
CA LEU A 79 12.30 -3.16 -8.42
C LEU A 79 10.78 -2.96 -8.50
N VAL A 80 10.04 -4.02 -8.83
CA VAL A 80 8.59 -3.93 -8.97
C VAL A 80 7.85 -4.67 -7.84
N TYR A 81 6.85 -4.00 -7.27
CA TYR A 81 6.07 -4.54 -6.16
C TYR A 81 4.56 -4.55 -6.50
N ARG A 82 3.91 -5.69 -6.31
CA ARG A 82 2.48 -5.85 -6.67
C ARG A 82 1.64 -6.31 -5.46
N VAL A 83 0.78 -5.44 -4.96
CA VAL A 83 -0.07 -5.75 -3.80
C VAL A 83 -1.55 -5.79 -4.19
N ALA A 84 -2.11 -7.00 -4.27
CA ALA A 84 -3.54 -7.16 -4.57
C ALA A 84 -4.35 -7.41 -3.28
N ALA A 85 -5.48 -6.73 -3.14
CA ALA A 85 -6.30 -6.85 -1.92
C ALA A 85 -7.80 -6.69 -2.21
N ARG A 86 -8.61 -6.93 -1.18
CA ARG A 86 -10.06 -6.74 -1.26
C ARG A 86 -10.58 -6.10 0.04
N LEU A 87 -11.62 -5.28 -0.05
CA LEU A 87 -12.13 -4.53 1.11
C LEU A 87 -13.59 -4.93 1.40
N LEU A 88 -13.80 -5.69 2.46
CA LEU A 88 -15.12 -6.19 2.84
C LEU A 88 -15.66 -5.42 4.07
N ASP A 89 -16.91 -5.69 4.45
CA ASP A 89 -17.51 -5.04 5.62
C ASP A 89 -17.45 -5.94 6.86
N ALA A 90 -18.08 -5.50 7.95
CA ALA A 90 -18.14 -6.26 9.20
C ALA A 90 -18.65 -7.70 8.98
N HIS A 91 -19.64 -7.86 8.10
CA HIS A 91 -20.26 -9.17 7.86
C HIS A 91 -19.52 -9.98 6.77
N ASN A 92 -18.30 -9.57 6.43
CA ASN A 92 -17.47 -10.29 5.46
C ASN A 92 -18.11 -10.36 4.06
N ALA A 93 -18.96 -9.39 3.74
CA ALA A 93 -19.57 -9.31 2.41
C ALA A 93 -18.65 -8.56 1.43
N GLU A 94 -18.62 -9.01 0.18
CA GLU A 94 -17.78 -8.41 -0.85
C GLU A 94 -18.28 -6.99 -1.20
N LEU A 95 -17.68 -5.99 -0.56
CA LEU A 95 -18.10 -4.59 -0.73
C LEU A 95 -17.26 -3.88 -1.80
N ALA A 96 -16.01 -3.57 -1.47
CA ALA A 96 -15.13 -2.83 -2.37
C ALA A 96 -13.94 -3.68 -2.84
N SER A 97 -13.60 -3.56 -4.13
CA SER A 97 -12.45 -4.26 -4.70
C SER A 97 -11.21 -3.34 -4.72
N LEU A 98 -10.18 -3.72 -3.96
CA LEU A 98 -8.96 -2.92 -3.88
C LEU A 98 -7.94 -3.39 -4.93
N GLN A 99 -7.87 -2.66 -6.04
CA GLN A 99 -7.07 -3.05 -7.20
C GLN A 99 -5.58 -3.25 -6.85
N GLU A 100 -4.93 -4.16 -7.58
CA GLU A 100 -3.53 -4.52 -7.32
C GLU A 100 -2.58 -3.32 -7.52
N ILE A 101 -2.03 -2.82 -6.42
CA ILE A 101 -1.10 -1.69 -6.43
C ILE A 101 0.26 -2.11 -7.01
N ARG A 102 0.63 -1.51 -8.13
CA ARG A 102 1.90 -1.80 -8.81
C ARG A 102 2.87 -0.61 -8.72
N LEU A 103 4.03 -0.85 -8.10
CA LEU A 103 5.05 0.20 -7.95
C LEU A 103 6.39 -0.24 -8.56
N THR A 104 7.08 0.67 -9.24
CA THR A 104 8.39 0.36 -9.85
C THR A 104 9.46 1.41 -9.49
N ARG A 105 10.50 0.96 -8.79
CA ARG A 105 11.66 1.83 -8.47
C ARG A 105 12.93 1.28 -9.13
N ILE A 106 13.87 2.17 -9.44
CA ILE A 106 15.08 1.80 -10.19
C ILE A 106 16.34 1.83 -9.31
N LEU A 107 17.04 0.70 -9.25
CA LEU A 107 18.33 0.61 -8.56
C LEU A 107 19.49 0.84 -9.58
N PRO A 108 20.24 1.95 -9.44
CA PRO A 108 21.32 2.29 -10.40
C PRO A 108 22.63 1.52 -10.17
N PHE A 109 23.41 1.36 -11.24
CA PHE A 109 24.70 0.64 -11.17
C PHE A 109 25.78 1.46 -10.44
N LEU A 110 26.33 0.88 -9.38
CA LEU A 110 27.45 1.47 -8.66
C LEU A 110 28.52 0.40 -8.37
N ASP A 111 29.77 0.82 -8.25
CA ASP A 111 30.89 -0.12 -8.00
C ASP A 111 31.74 0.33 -6.81
N ALA A 112 32.13 -0.64 -5.97
CA ALA A 112 33.01 -0.40 -4.80
C ALA A 112 32.28 0.29 -3.64
N GLN A 113 31.63 1.42 -3.91
CA GLN A 113 30.93 2.22 -2.90
C GLN A 113 29.94 1.38 -2.08
N GLU A 114 30.39 0.81 -0.96
CA GLU A 114 29.52 -0.02 -0.11
C GLU A 114 28.37 0.81 0.51
N LEU A 115 28.70 2.00 1.03
CA LEU A 115 27.66 2.88 1.62
C LEU A 115 26.57 3.21 0.59
N ALA A 116 26.99 3.64 -0.60
CA ALA A 116 26.05 3.98 -1.67
C ALA A 116 25.22 2.75 -2.12
N LYS A 117 25.91 1.69 -2.55
CA LYS A 117 25.24 0.47 -3.04
C LYS A 117 24.23 -0.08 -2.04
N ALA A 118 24.55 0.01 -0.74
CA ALA A 118 23.64 -0.42 0.31
C ALA A 118 22.48 0.57 0.51
N ALA A 119 22.82 1.86 0.64
CA ALA A 119 21.83 2.91 0.92
C ALA A 119 20.73 2.98 -0.16
N GLU A 120 21.13 2.87 -1.43
CA GLU A 120 20.17 2.90 -2.55
C GLU A 120 19.07 1.84 -2.39
N GLU A 121 19.47 0.58 -2.33
CA GLU A 121 18.53 -0.54 -2.17
C GLU A 121 17.74 -0.39 -0.86
N GLU A 122 18.46 -0.09 0.22
CA GLU A 122 17.88 0.12 1.55
C GLU A 122 16.70 1.13 1.53
N MET A 123 16.92 2.30 0.94
CA MET A 123 15.89 3.35 0.91
C MET A 123 14.74 2.98 -0.05
N LEU A 124 15.06 2.40 -1.20
CA LEU A 124 14.05 2.05 -2.21
C LEU A 124 13.07 0.98 -1.69
N TYR A 125 13.60 -0.04 -1.02
CA TYR A 125 12.76 -1.12 -0.48
C TYR A 125 11.67 -0.58 0.46
N LYS A 126 12.06 0.21 1.46
CA LYS A 126 11.10 0.75 2.42
C LYS A 126 10.27 1.91 1.84
N ASP A 127 10.84 2.66 0.88
CA ASP A 127 10.09 3.71 0.17
C ASP A 127 8.98 3.06 -0.68
N MET A 128 9.24 1.84 -1.13
CA MET A 128 8.26 1.05 -1.89
C MET A 128 7.07 0.65 -1.00
N GLN A 129 7.37 0.07 0.17
CA GLN A 129 6.34 -0.28 1.16
C GLN A 129 5.58 0.98 1.63
N LYS A 130 6.34 2.03 1.93
CA LYS A 130 5.77 3.32 2.37
C LYS A 130 4.79 3.88 1.33
N ASP A 131 5.19 3.87 0.06
CA ASP A 131 4.33 4.34 -1.02
C ASP A 131 3.06 3.46 -1.12
N ALA A 132 3.26 2.15 -1.13
CA ALA A 132 2.16 1.17 -1.27
C ALA A 132 1.07 1.37 -0.20
N VAL A 133 1.46 1.47 1.07
CA VAL A 133 0.50 1.62 2.17
C VAL A 133 -0.30 2.93 2.04
N GLN A 134 0.34 3.99 1.56
CA GLN A 134 -0.33 5.27 1.31
C GLN A 134 -1.32 5.17 0.14
N GLN A 135 -0.97 4.35 -0.85
CA GLN A 135 -1.87 4.06 -1.98
C GLN A 135 -3.14 3.34 -1.48
N ILE A 136 -2.95 2.39 -0.57
CA ILE A 136 -4.07 1.70 0.08
C ILE A 136 -4.96 2.71 0.83
N LEU A 137 -4.35 3.43 1.77
CA LEU A 137 -5.04 4.46 2.55
C LEU A 137 -5.79 5.46 1.65
N ARG A 138 -5.14 5.86 0.55
CA ARG A 138 -5.73 6.81 -0.41
C ARG A 138 -7.11 6.33 -0.88
N GLN A 139 -7.26 5.03 -1.12
CA GLN A 139 -8.53 4.46 -1.57
C GLN A 139 -9.46 4.15 -0.40
N VAL A 140 -8.93 3.54 0.66
CA VAL A 140 -9.71 3.16 1.84
C VAL A 140 -10.48 4.35 2.45
N SER A 141 -9.92 5.54 2.35
CA SER A 141 -10.55 6.75 2.93
C SER A 141 -11.36 7.53 1.88
N ALA A 142 -11.64 6.93 0.71
CA ALA A 142 -12.39 7.62 -0.34
C ALA A 142 -13.15 6.66 -1.30
N PHE A 143 -13.03 5.35 -1.10
CA PHE A 143 -13.61 4.36 -2.04
C PHE A 143 -15.12 4.57 -2.26
N THR A 144 -15.84 4.98 -1.21
CA THR A 144 -17.29 5.25 -1.32
C THR A 144 -17.58 6.54 -2.10
N SER A 145 -16.64 7.48 -2.06
CA SER A 145 -16.77 8.75 -2.78
C SER A 145 -16.06 8.68 -4.14
N ALA A 146 -16.80 8.30 -5.17
CA ALA A 146 -16.24 8.08 -6.52
C ALA A 146 -15.77 9.38 -7.18
N GLY A 147 -15.83 10.50 -6.46
CA GLY A 147 -15.26 11.75 -6.95
C GLY A 147 -13.77 11.61 -7.24
N LEU A 148 -13.09 10.84 -6.41
CA LEU A 148 -11.69 10.47 -6.65
C LEU A 148 -11.63 9.22 -7.55
N GLU A 149 -11.56 9.43 -8.86
CA GLU A 149 -11.58 8.33 -9.83
C GLU A 149 -10.13 7.87 -10.14
N HIS A 150 -9.55 8.42 -11.21
CA HIS A 150 -8.14 8.17 -11.56
C HIS A 150 -7.57 9.37 -12.33
N HIS A 151 -6.42 9.87 -11.89
CA HIS A 151 -5.75 10.98 -12.59
C HIS A 151 -5.40 10.61 -14.04
N HIS A 152 -6.29 10.92 -14.97
CA HIS A 152 -6.06 10.66 -16.38
C HIS A 152 -5.01 11.61 -16.95
N HIS A 153 -3.76 11.16 -16.96
CA HIS A 153 -2.64 12.01 -17.39
C HIS A 153 -2.05 11.51 -18.72
N HIS A 154 -1.61 12.43 -19.56
CA HIS A 154 -0.96 12.08 -20.83
C HIS A 154 0.54 11.80 -20.62
N HIS A 155 1.26 11.54 -21.71
CA HIS A 155 2.72 11.35 -21.65
C HIS A 155 3.40 11.87 -22.93
N MET A 1 -19.99 21.07 18.71
CA MET A 1 -18.90 21.71 19.51
C MET A 1 -18.55 23.09 18.95
N GLY A 2 -18.13 23.15 17.68
CA GLY A 2 -17.79 24.41 17.04
C GLY A 2 -17.49 24.27 15.56
N PHE A 3 -17.04 25.35 14.94
CA PHE A 3 -16.74 25.35 13.50
C PHE A 3 -15.44 24.59 13.21
N LYS A 4 -15.57 23.32 12.79
CA LYS A 4 -14.41 22.50 12.45
C LYS A 4 -14.02 22.66 10.97
N LEU A 5 -12.73 22.89 10.73
CA LEU A 5 -12.21 23.06 9.36
C LEU A 5 -11.43 21.80 8.92
N ARG A 6 -11.50 21.45 7.64
CA ARG A 6 -10.82 20.24 7.15
C ARG A 6 -9.33 20.49 6.94
N GLY A 7 -8.58 20.50 8.04
CA GLY A 7 -7.12 20.63 7.97
C GLY A 7 -6.41 19.29 8.11
N GLN A 8 -7.17 18.23 8.40
CA GLN A 8 -6.61 16.88 8.57
C GLN A 8 -6.19 16.27 7.23
N VAL A 9 -5.28 15.29 7.28
CA VAL A 9 -4.77 14.63 6.06
C VAL A 9 -5.91 13.94 5.28
N SER A 10 -6.73 13.15 5.97
CA SER A 10 -7.86 12.45 5.35
C SER A 10 -8.67 11.66 6.38
N GLU A 11 -9.97 11.57 6.15
CA GLU A 11 -10.84 10.71 6.95
C GLU A 11 -11.65 9.76 6.07
N LEU A 12 -12.35 8.83 6.71
CA LEU A 12 -13.15 7.82 6.02
C LEU A 12 -14.44 7.53 6.80
N PRO A 13 -15.55 7.18 6.11
CA PRO A 13 -16.87 7.01 6.75
C PRO A 13 -17.02 5.72 7.57
N PHE A 14 -15.95 5.31 8.26
CA PHE A 14 -15.98 4.15 9.15
C PHE A 14 -14.84 4.21 10.18
N GLU A 15 -15.21 4.26 11.46
CA GLU A 15 -14.24 4.45 12.56
C GLU A 15 -13.61 3.15 13.06
N ARG A 16 -13.92 2.01 12.43
CA ARG A 16 -13.39 0.71 12.87
C ARG A 16 -13.05 -0.19 11.67
N VAL A 17 -11.82 -0.72 11.65
CA VAL A 17 -11.37 -1.62 10.58
C VAL A 17 -10.69 -2.87 11.14
N TYR A 18 -10.70 -3.94 10.35
CA TYR A 18 -10.03 -5.20 10.72
C TYR A 18 -9.05 -5.64 9.63
N ILE A 19 -7.99 -6.34 10.01
CA ILE A 19 -6.96 -6.77 9.07
C ILE A 19 -6.75 -8.29 9.09
N THR A 20 -6.49 -8.88 7.92
CA THR A 20 -6.18 -10.31 7.81
C THR A 20 -5.20 -10.58 6.64
N ALA A 21 -4.17 -11.37 6.92
CA ALA A 21 -3.13 -11.70 5.92
C ALA A 21 -2.90 -13.22 5.84
N PRO A 22 -2.87 -13.79 4.63
CA PRO A 22 -2.64 -15.24 4.43
C PRO A 22 -1.19 -15.67 4.76
N ALA A 23 -0.26 -14.73 4.68
CA ALA A 23 1.16 -15.01 4.96
C ALA A 23 1.79 -13.91 5.83
N GLY A 24 3.01 -14.15 6.32
CA GLY A 24 3.68 -13.18 7.16
C GLY A 24 4.24 -11.99 6.38
N LEU A 25 3.35 -11.16 5.87
CA LEU A 25 3.72 -10.02 5.04
C LEU A 25 3.77 -8.71 5.84
N THR A 26 4.95 -8.09 5.92
CA THR A 26 5.15 -6.85 6.69
C THR A 26 4.18 -5.74 6.27
N ILE A 27 3.76 -5.78 5.00
CA ILE A 27 2.79 -4.80 4.47
C ILE A 27 1.58 -4.63 5.41
N GLY A 28 1.18 -5.74 6.05
CA GLY A 28 0.06 -5.71 6.98
C GLY A 28 0.44 -5.07 8.33
N SER A 29 1.62 -5.40 8.83
CA SER A 29 2.10 -4.85 10.11
C SER A 29 2.18 -3.32 10.07
N ASP A 30 2.63 -2.78 8.94
CA ASP A 30 2.68 -1.33 8.74
C ASP A 30 1.27 -0.77 8.43
N LEU A 31 0.46 -1.58 7.74
CA LEU A 31 -0.94 -1.22 7.43
C LEU A 31 -1.71 -0.86 8.71
N GLU A 32 -1.58 -1.70 9.74
CA GLU A 32 -2.23 -1.47 11.03
C GLU A 32 -1.93 -0.07 11.58
N ARG A 33 -0.68 0.34 11.48
CA ARG A 33 -0.21 1.59 12.08
C ARG A 33 -0.72 2.82 11.31
N VAL A 34 -0.39 2.90 10.02
CA VAL A 34 -0.71 4.07 9.18
C VAL A 34 -2.21 4.44 9.22
N ILE A 35 -3.07 3.45 9.04
CA ILE A 35 -4.53 3.69 9.06
C ILE A 35 -5.01 4.19 10.43
N SER A 36 -4.68 3.46 11.48
CA SER A 36 -5.17 3.78 12.83
C SER A 36 -4.66 5.13 13.36
N THR A 37 -3.50 5.58 12.87
CA THR A 37 -2.89 6.83 13.35
C THR A 37 -3.18 8.03 12.44
N HIS A 38 -3.21 7.82 11.13
CA HIS A 38 -3.46 8.90 10.17
C HIS A 38 -4.96 9.20 10.01
N THR A 39 -5.78 8.15 9.94
CA THR A 39 -7.24 8.32 9.75
C THR A 39 -8.03 7.92 11.02
N ARG A 40 -9.35 8.13 10.98
CA ARG A 40 -10.23 7.79 12.10
C ARG A 40 -10.25 6.29 12.38
N ALA A 41 -10.17 5.49 11.32
CA ALA A 41 -10.33 4.03 11.40
C ALA A 41 -9.45 3.37 12.47
N LYS A 42 -10.07 2.98 13.58
CA LYS A 42 -9.38 2.27 14.65
C LYS A 42 -9.34 0.76 14.35
N VAL A 43 -8.14 0.19 14.33
CA VAL A 43 -7.97 -1.24 14.03
C VAL A 43 -8.38 -2.13 15.22
N VAL A 44 -9.28 -3.07 14.96
CA VAL A 44 -9.74 -4.03 15.99
C VAL A 44 -9.00 -5.38 15.83
N ASN A 45 -8.89 -6.12 16.93
CA ASN A 45 -8.19 -7.42 16.90
C ASN A 45 -9.14 -8.58 16.52
N LYS A 46 -10.43 -8.29 16.42
CA LYS A 46 -11.43 -9.33 16.10
C LYS A 46 -12.52 -8.78 15.17
N ALA A 47 -12.93 -9.61 14.20
CA ALA A 47 -13.88 -9.17 13.15
C ALA A 47 -15.34 -9.11 13.63
N GLU A 48 -15.60 -9.59 14.85
CA GLU A 48 -16.96 -9.57 15.42
C GLU A 48 -17.53 -8.15 15.47
N LYS A 49 -16.67 -7.16 15.68
CA LYS A 49 -17.11 -5.76 15.71
C LYS A 49 -16.16 -4.86 14.92
N SER A 50 -16.46 -4.68 13.64
CA SER A 50 -15.69 -3.81 12.74
C SER A 50 -16.58 -3.28 11.62
N GLU A 51 -16.22 -2.16 11.04
CA GLU A 51 -17.02 -1.56 9.96
C GLU A 51 -16.52 -2.00 8.59
N ALA A 52 -15.21 -2.27 8.49
CA ALA A 52 -14.61 -2.74 7.24
C ALA A 52 -13.48 -3.75 7.53
N ILE A 53 -13.31 -4.71 6.62
CA ILE A 53 -12.25 -5.73 6.77
C ILE A 53 -11.33 -5.75 5.54
N ILE A 54 -10.04 -5.53 5.76
CA ILE A 54 -9.05 -5.51 4.67
C ILE A 54 -8.32 -6.86 4.57
N GLN A 55 -8.59 -7.59 3.48
CA GLN A 55 -7.92 -8.87 3.21
C GLN A 55 -6.83 -8.66 2.16
N ILE A 56 -5.57 -8.74 2.58
CA ILE A 56 -4.44 -8.56 1.66
C ILE A 56 -4.10 -9.89 0.96
N VAL A 57 -4.32 -9.94 -0.35
CA VAL A 57 -4.20 -11.17 -1.13
C VAL A 57 -2.73 -11.63 -1.27
N HIS A 58 -1.85 -10.73 -1.69
CA HIS A 58 -0.43 -11.05 -1.85
C HIS A 58 0.43 -9.79 -2.03
N ALA A 59 1.63 -9.81 -1.45
CA ALA A 59 2.60 -8.72 -1.61
C ALA A 59 3.87 -9.23 -2.33
N ILE A 60 3.88 -9.14 -3.66
CA ILE A 60 4.99 -9.66 -4.47
C ILE A 60 6.13 -8.64 -4.60
N ARG A 61 7.22 -8.87 -3.89
CA ARG A 61 8.40 -7.99 -3.94
C ARG A 61 9.56 -8.69 -4.68
N GLU A 62 9.93 -8.16 -5.85
CA GLU A 62 10.98 -8.77 -6.69
C GLU A 62 11.80 -7.71 -7.43
N LYS A 63 13.11 -7.94 -7.54
CA LYS A 63 14.02 -7.00 -8.20
C LYS A 63 14.43 -7.48 -9.61
N ARG A 64 13.87 -6.83 -10.63
CA ARG A 64 14.21 -7.10 -12.04
C ARG A 64 15.39 -6.22 -12.50
N ILE A 65 15.77 -6.37 -13.77
CA ILE A 65 16.80 -5.51 -14.38
C ILE A 65 16.15 -4.63 -15.48
N LEU A 66 16.42 -3.32 -15.43
CA LEU A 66 15.79 -2.37 -16.37
C LEU A 66 16.48 -2.34 -17.74
N SER A 67 17.77 -2.03 -17.75
CA SER A 67 18.51 -1.87 -19.02
C SER A 67 19.94 -2.39 -18.92
N LEU A 68 20.37 -3.11 -19.95
CA LEU A 68 21.76 -3.60 -20.06
C LEU A 68 22.55 -2.75 -21.07
N SER A 69 23.83 -2.52 -20.78
CA SER A 69 24.72 -1.80 -21.70
C SER A 69 25.59 -2.78 -22.50
N GLU A 70 25.80 -2.47 -23.77
CA GLU A 70 26.62 -3.32 -24.66
C GLU A 70 26.06 -4.75 -24.77
N SER A 71 24.79 -4.91 -24.42
CA SER A 71 24.14 -6.24 -24.34
C SER A 71 24.97 -7.21 -23.48
N GLY A 72 25.08 -6.88 -22.19
CA GLY A 72 25.85 -7.73 -21.28
C GLY A 72 26.14 -7.04 -19.95
N ARG A 73 26.60 -5.79 -20.01
CA ARG A 73 26.84 -5.00 -18.80
C ARG A 73 25.52 -4.49 -18.21
N VAL A 74 25.50 -4.20 -16.92
CA VAL A 74 24.29 -3.75 -16.24
C VAL A 74 24.27 -2.21 -16.06
N ARG A 75 23.15 -1.58 -16.42
CA ARG A 75 22.97 -0.13 -16.22
C ARG A 75 22.10 0.17 -14.99
N GLU A 76 20.82 -0.19 -15.10
CA GLU A 76 19.83 0.18 -14.09
C GLU A 76 18.98 -1.04 -13.68
N PHE A 77 18.76 -1.19 -12.38
CA PHE A 77 17.99 -2.31 -11.84
C PHE A 77 16.53 -1.90 -11.57
N GLU A 78 15.59 -2.74 -12.00
CA GLU A 78 14.16 -2.42 -11.91
C GLU A 78 13.50 -3.09 -10.69
N LEU A 79 13.25 -2.32 -9.64
CA LEU A 79 12.61 -2.85 -8.43
C LEU A 79 11.08 -2.70 -8.52
N VAL A 80 10.34 -3.81 -8.44
CA VAL A 80 8.88 -3.79 -8.58
C VAL A 80 8.18 -4.44 -7.37
N TYR A 81 7.06 -3.85 -6.97
CA TYR A 81 6.30 -4.32 -5.80
C TYR A 81 4.79 -4.38 -6.12
N ARG A 82 4.22 -5.59 -6.02
CA ARG A 82 2.80 -5.82 -6.32
C ARG A 82 1.99 -6.08 -5.05
N VAL A 83 1.25 -5.08 -4.58
CA VAL A 83 0.40 -5.22 -3.39
C VAL A 83 -1.08 -5.38 -3.77
N ALA A 84 -1.60 -6.61 -3.65
CA ALA A 84 -3.01 -6.88 -3.98
C ALA A 84 -3.84 -7.19 -2.73
N ALA A 85 -5.06 -6.66 -2.66
CA ALA A 85 -5.95 -6.84 -1.51
C ALA A 85 -7.43 -6.82 -1.91
N ARG A 86 -8.32 -6.90 -0.92
CA ARG A 86 -9.77 -6.77 -1.14
C ARG A 86 -10.43 -6.04 0.05
N LEU A 87 -11.50 -5.30 -0.21
CA LEU A 87 -12.22 -4.57 0.85
C LEU A 87 -13.56 -5.24 1.20
N LEU A 88 -13.62 -5.90 2.34
CA LEU A 88 -14.81 -6.63 2.78
C LEU A 88 -15.57 -5.87 3.89
N ASP A 89 -16.76 -6.35 4.24
CA ASP A 89 -17.55 -5.74 5.32
C ASP A 89 -17.31 -6.49 6.65
N ALA A 90 -18.09 -6.12 7.68
CA ALA A 90 -18.00 -6.76 8.99
C ALA A 90 -18.15 -8.30 8.91
N HIS A 91 -18.99 -8.76 7.98
CA HIS A 91 -19.29 -10.19 7.84
C HIS A 91 -18.41 -10.87 6.78
N ASN A 92 -17.29 -10.24 6.44
CA ASN A 92 -16.30 -10.80 5.49
C ASN A 92 -16.90 -11.05 4.09
N ALA A 93 -17.82 -10.18 3.68
CA ALA A 93 -18.34 -10.19 2.31
C ALA A 93 -17.73 -9.00 1.53
N GLU A 94 -17.39 -9.22 0.27
CA GLU A 94 -16.75 -8.17 -0.55
C GLU A 94 -17.62 -6.90 -0.63
N LEU A 95 -17.19 -5.85 0.07
CA LEU A 95 -17.94 -4.60 0.16
C LEU A 95 -17.65 -3.71 -1.07
N ALA A 96 -16.37 -3.47 -1.35
CA ALA A 96 -15.97 -2.61 -2.47
C ALA A 96 -14.66 -3.08 -3.11
N SER A 97 -14.34 -2.52 -4.27
CA SER A 97 -13.16 -2.95 -5.04
C SER A 97 -11.87 -2.27 -4.56
N LEU A 98 -11.11 -3.01 -3.74
CA LEU A 98 -9.75 -2.61 -3.35
C LEU A 98 -8.74 -3.37 -4.23
N GLN A 99 -8.26 -2.71 -5.28
CA GLN A 99 -7.44 -3.40 -6.30
C GLN A 99 -5.94 -3.41 -5.96
N GLU A 100 -5.17 -4.00 -6.87
CA GLU A 100 -3.72 -4.16 -6.70
C GLU A 100 -2.95 -2.84 -6.91
N ILE A 101 -1.75 -2.78 -6.34
CA ILE A 101 -0.88 -1.61 -6.46
C ILE A 101 0.43 -1.97 -7.19
N ARG A 102 0.66 -1.36 -8.35
CA ARG A 102 1.89 -1.62 -9.12
C ARG A 102 2.92 -0.49 -8.93
N LEU A 103 3.94 -0.76 -8.11
CA LEU A 103 4.99 0.23 -7.82
C LEU A 103 6.36 -0.20 -8.36
N THR A 104 7.08 0.74 -8.97
CA THR A 104 8.44 0.49 -9.47
C THR A 104 9.45 1.51 -8.91
N ARG A 105 10.73 1.13 -8.89
CA ARG A 105 11.79 2.04 -8.43
C ARG A 105 13.14 1.64 -9.08
N ILE A 106 13.90 2.62 -9.53
CA ILE A 106 15.15 2.32 -10.26
C ILE A 106 16.38 2.37 -9.35
N LEU A 107 17.03 1.23 -9.17
CA LEU A 107 18.29 1.14 -8.43
C LEU A 107 19.46 1.02 -9.42
N PRO A 108 20.28 2.09 -9.57
CA PRO A 108 21.38 2.11 -10.57
C PRO A 108 22.45 1.04 -10.31
N PHE A 109 23.28 0.77 -11.33
CA PHE A 109 24.40 -0.17 -11.16
C PHE A 109 25.45 0.41 -10.21
N LEU A 110 25.40 -0.03 -8.95
CA LEU A 110 26.30 0.46 -7.92
C LEU A 110 27.41 -0.56 -7.61
N ASP A 111 28.49 -0.52 -8.39
CA ASP A 111 29.67 -1.35 -8.14
C ASP A 111 30.65 -0.60 -7.25
N ALA A 112 31.42 -1.34 -6.43
CA ALA A 112 32.33 -0.71 -5.44
C ALA A 112 31.54 0.13 -4.43
N GLN A 113 30.25 -0.18 -4.30
CA GLN A 113 29.33 0.58 -3.43
C GLN A 113 28.52 -0.37 -2.54
N GLU A 114 29.19 -1.37 -1.97
CA GLU A 114 28.57 -2.32 -1.03
C GLU A 114 27.71 -1.61 0.03
N LEU A 115 28.19 -0.45 0.49
CA LEU A 115 27.46 0.37 1.47
C LEU A 115 26.15 0.89 0.86
N ALA A 116 26.23 1.42 -0.36
CA ALA A 116 25.08 2.00 -1.05
C ALA A 116 23.96 0.96 -1.29
N LYS A 117 24.34 -0.21 -1.78
CA LYS A 117 23.37 -1.29 -2.03
C LYS A 117 22.80 -1.88 -0.73
N ALA A 118 23.47 -1.60 0.39
CA ALA A 118 22.97 -2.00 1.70
C ALA A 118 22.03 -0.95 2.30
N ALA A 119 22.42 0.33 2.16
CA ALA A 119 21.64 1.45 2.72
C ALA A 119 20.60 1.99 1.72
N GLU A 120 21.05 2.52 0.58
CA GLU A 120 20.16 3.14 -0.40
C GLU A 120 19.10 2.17 -0.93
N GLU A 121 19.53 0.95 -1.29
CA GLU A 121 18.58 -0.07 -1.77
C GLU A 121 17.51 -0.36 -0.71
N GLU A 122 17.93 -0.47 0.56
CA GLU A 122 17.01 -0.68 1.67
C GLU A 122 16.03 0.48 1.81
N MET A 123 16.55 1.71 1.74
CA MET A 123 15.72 2.91 1.87
C MET A 123 14.69 3.01 0.74
N LEU A 124 15.10 2.68 -0.49
CA LEU A 124 14.17 2.65 -1.63
C LEU A 124 13.14 1.52 -1.49
N TYR A 125 13.62 0.35 -1.06
CA TYR A 125 12.76 -0.80 -0.79
C TYR A 125 11.59 -0.45 0.15
N LYS A 126 11.91 0.19 1.29
CA LYS A 126 10.88 0.62 2.23
C LYS A 126 10.16 1.89 1.76
N ASP A 127 10.82 2.67 0.91
CA ASP A 127 10.20 3.87 0.30
C ASP A 127 9.05 3.46 -0.63
N MET A 128 9.22 2.30 -1.29
CA MET A 128 8.16 1.73 -2.13
C MET A 128 7.00 1.21 -1.26
N GLN A 129 7.33 0.56 -0.14
CA GLN A 129 6.31 0.12 0.82
C GLN A 129 5.53 1.33 1.37
N LYS A 130 6.23 2.44 1.56
CA LYS A 130 5.60 3.71 1.98
C LYS A 130 4.49 4.10 1.00
N ASP A 131 4.83 4.21 -0.29
CA ASP A 131 3.82 4.51 -1.32
C ASP A 131 2.69 3.46 -1.32
N ALA A 132 3.06 2.19 -1.13
CA ALA A 132 2.09 1.09 -1.12
C ALA A 132 1.01 1.28 -0.04
N VAL A 133 1.43 1.38 1.22
CA VAL A 133 0.48 1.52 2.34
C VAL A 133 -0.35 2.81 2.20
N GLN A 134 0.26 3.87 1.65
CA GLN A 134 -0.45 5.13 1.38
C GLN A 134 -1.50 4.94 0.27
N GLN A 135 -1.16 4.17 -0.76
CA GLN A 135 -2.11 3.84 -1.84
C GLN A 135 -3.28 3.02 -1.31
N ILE A 136 -3.00 2.08 -0.40
CA ILE A 136 -4.04 1.30 0.27
C ILE A 136 -4.98 2.23 1.05
N LEU A 137 -4.41 3.02 1.96
CA LEU A 137 -5.18 3.98 2.76
C LEU A 137 -6.01 4.92 1.86
N ARG A 138 -5.38 5.44 0.83
CA ARG A 138 -6.04 6.31 -0.15
C ARG A 138 -7.28 5.64 -0.76
N GLN A 139 -7.13 4.41 -1.23
CA GLN A 139 -8.24 3.67 -1.86
C GLN A 139 -9.31 3.30 -0.83
N VAL A 140 -8.89 2.77 0.32
CA VAL A 140 -9.81 2.34 1.38
C VAL A 140 -10.66 3.52 1.92
N SER A 141 -10.13 4.74 1.82
CA SER A 141 -10.87 5.93 2.26
C SER A 141 -11.68 6.57 1.13
N ALA A 142 -11.05 6.76 -0.02
CA ALA A 142 -11.66 7.50 -1.14
C ALA A 142 -12.34 6.59 -2.19
N PHE A 143 -12.51 5.29 -1.89
CA PHE A 143 -13.18 4.38 -2.84
C PHE A 143 -14.62 4.81 -3.14
N THR A 144 -15.26 5.43 -2.15
CA THR A 144 -16.67 5.84 -2.26
C THR A 144 -16.83 7.23 -2.89
N SER A 145 -15.73 7.96 -3.05
CA SER A 145 -15.77 9.31 -3.61
C SER A 145 -15.16 9.36 -5.02
N ALA A 146 -15.96 8.96 -6.01
CA ALA A 146 -15.52 8.91 -7.42
C ALA A 146 -16.65 8.48 -8.35
N GLY A 147 -17.50 7.57 -7.87
CA GLY A 147 -18.62 7.06 -8.66
C GLY A 147 -18.73 5.54 -8.63
N LEU A 148 -19.62 5.02 -7.81
CA LEU A 148 -19.76 3.57 -7.63
C LEU A 148 -20.57 2.93 -8.77
N GLU A 149 -20.40 3.44 -9.99
CA GLU A 149 -21.15 2.95 -11.16
C GLU A 149 -20.67 1.57 -11.64
N HIS A 150 -19.43 1.20 -11.29
CA HIS A 150 -18.80 -0.03 -11.82
C HIS A 150 -18.69 0.06 -13.36
N HIS A 151 -18.36 1.25 -13.85
CA HIS A 151 -18.43 1.53 -15.29
C HIS A 151 -17.10 1.20 -16.02
N HIS A 152 -16.75 -0.08 -16.06
CA HIS A 152 -15.59 -0.58 -16.83
C HIS A 152 -15.40 -2.09 -16.61
N HIS A 153 -14.67 -2.74 -17.51
CA HIS A 153 -14.44 -4.19 -17.45
C HIS A 153 -13.80 -4.61 -16.12
N HIS A 154 -14.21 -5.77 -15.61
CA HIS A 154 -13.72 -6.27 -14.33
C HIS A 154 -12.29 -6.84 -14.43
N HIS A 155 -12.04 -7.62 -15.49
CA HIS A 155 -10.72 -8.22 -15.71
C HIS A 155 -10.40 -8.37 -17.21
N MET A 1 -28.66 13.28 -0.99
CA MET A 1 -29.08 13.07 0.42
C MET A 1 -27.86 12.86 1.33
N GLY A 2 -27.70 13.73 2.32
CA GLY A 2 -26.57 13.64 3.24
C GLY A 2 -25.28 14.21 2.66
N PHE A 3 -24.66 15.13 3.40
CA PHE A 3 -23.38 15.73 3.00
C PHE A 3 -22.22 15.21 3.88
N LYS A 4 -21.20 14.63 3.26
CA LYS A 4 -20.01 14.18 3.99
C LYS A 4 -18.98 15.31 4.08
N LEU A 5 -18.95 15.99 5.22
CA LEU A 5 -18.03 17.11 5.42
C LEU A 5 -16.58 16.61 5.58
N ARG A 6 -15.75 16.90 4.58
CA ARG A 6 -14.34 16.50 4.63
C ARG A 6 -13.43 17.71 4.90
N GLY A 7 -12.88 17.78 6.10
CA GLY A 7 -12.02 18.90 6.49
C GLY A 7 -10.75 18.46 7.20
N GLN A 8 -10.46 17.17 7.19
CA GLN A 8 -9.23 16.64 7.78
C GLN A 8 -8.25 16.17 6.69
N VAL A 9 -7.24 15.41 7.08
CA VAL A 9 -6.28 14.85 6.12
C VAL A 9 -6.95 13.80 5.21
N SER A 10 -7.65 12.84 5.81
CA SER A 10 -8.37 11.78 5.06
C SER A 10 -9.43 11.11 5.95
N GLU A 11 -10.70 11.20 5.55
CA GLU A 11 -11.79 10.59 6.32
C GLU A 11 -12.46 9.42 5.58
N LEU A 12 -13.27 8.67 6.32
CA LEU A 12 -14.01 7.52 5.79
C LEU A 12 -15.27 7.23 6.65
N PRO A 13 -16.30 6.58 6.10
CA PRO A 13 -17.55 6.30 6.84
C PRO A 13 -17.39 5.21 7.92
N PHE A 14 -16.62 4.18 7.62
CA PHE A 14 -16.36 3.08 8.57
C PHE A 14 -15.24 3.46 9.57
N GLU A 15 -15.64 3.81 10.79
CA GLU A 15 -14.69 4.27 11.82
C GLU A 15 -14.06 3.11 12.60
N ARG A 16 -14.66 1.92 12.54
CA ARG A 16 -14.13 0.73 13.22
C ARG A 16 -13.87 -0.41 12.21
N VAL A 17 -12.59 -0.69 11.95
CA VAL A 17 -12.20 -1.68 10.94
C VAL A 17 -11.38 -2.85 11.54
N TYR A 18 -11.13 -3.85 10.71
CA TYR A 18 -10.34 -5.02 11.12
C TYR A 18 -9.50 -5.56 9.95
N ILE A 19 -8.38 -6.19 10.25
CA ILE A 19 -7.49 -6.75 9.21
C ILE A 19 -7.38 -8.28 9.34
N THR A 20 -7.22 -8.95 8.20
CA THR A 20 -6.97 -10.40 8.18
C THR A 20 -5.97 -10.77 7.07
N ALA A 21 -4.84 -11.34 7.48
CA ALA A 21 -3.77 -11.72 6.54
C ALA A 21 -3.45 -13.22 6.64
N PRO A 22 -3.16 -13.88 5.50
CA PRO A 22 -2.87 -15.34 5.48
C PRO A 22 -1.48 -15.68 6.03
N ALA A 23 -0.60 -14.68 6.13
CA ALA A 23 0.77 -14.91 6.61
C ALA A 23 1.37 -13.64 7.20
N GLY A 24 2.49 -13.78 7.93
CA GLY A 24 3.14 -12.63 8.54
C GLY A 24 3.85 -11.74 7.52
N LEU A 25 3.08 -10.89 6.85
CA LEU A 25 3.60 -10.00 5.80
C LEU A 25 3.82 -8.58 6.33
N THR A 26 4.95 -7.97 5.96
CA THR A 26 5.30 -6.61 6.40
C THR A 26 4.19 -5.60 6.10
N ILE A 27 3.56 -5.75 4.94
CA ILE A 27 2.49 -4.85 4.48
C ILE A 27 1.44 -4.56 5.58
N GLY A 28 1.02 -5.60 6.29
CA GLY A 28 -0.03 -5.45 7.32
C GLY A 28 0.46 -4.71 8.57
N SER A 29 1.74 -4.82 8.86
CA SER A 29 2.31 -4.19 10.06
C SER A 29 2.27 -2.66 9.97
N ASP A 30 2.67 -2.11 8.83
CA ASP A 30 2.62 -0.66 8.60
C ASP A 30 1.18 -0.19 8.31
N LEU A 31 0.40 -1.07 7.70
CA LEU A 31 -0.99 -0.77 7.30
C LEU A 31 -1.84 -0.27 8.47
N GLU A 32 -2.07 -1.14 9.46
CA GLU A 32 -2.95 -0.81 10.59
C GLU A 32 -2.47 0.43 11.36
N ARG A 33 -1.21 0.80 11.19
CA ARG A 33 -0.70 2.04 11.77
C ARG A 33 -1.29 3.25 11.03
N VAL A 34 -1.00 3.32 9.73
CA VAL A 34 -1.45 4.44 8.89
C VAL A 34 -2.98 4.59 8.89
N ILE A 35 -3.71 3.46 8.86
CA ILE A 35 -5.17 3.49 8.92
C ILE A 35 -5.69 4.07 10.25
N SER A 36 -5.05 3.68 11.35
CA SER A 36 -5.49 4.13 12.69
C SER A 36 -5.00 5.54 13.01
N THR A 37 -3.95 6.00 12.34
CA THR A 37 -3.35 7.32 12.60
C THR A 37 -3.84 8.39 11.61
N HIS A 38 -3.69 8.13 10.30
CA HIS A 38 -4.05 9.10 9.27
C HIS A 38 -5.58 9.23 9.11
N THR A 39 -6.29 8.10 9.04
CA THR A 39 -7.76 8.12 8.96
C THR A 39 -8.42 7.87 10.32
N ARG A 40 -9.71 8.15 10.41
CA ARG A 40 -10.45 8.01 11.67
C ARG A 40 -10.69 6.53 12.04
N ALA A 41 -10.46 5.62 11.08
CA ALA A 41 -10.71 4.19 11.28
C ALA A 41 -9.82 3.58 12.37
N LYS A 42 -10.37 3.40 13.57
CA LYS A 42 -9.68 2.71 14.66
C LYS A 42 -9.84 1.19 14.48
N VAL A 43 -8.72 0.47 14.49
CA VAL A 43 -8.72 -0.97 14.23
C VAL A 43 -9.02 -1.79 15.50
N VAL A 44 -9.91 -2.78 15.36
CA VAL A 44 -10.26 -3.67 16.49
C VAL A 44 -9.47 -4.99 16.43
N ASN A 45 -9.61 -5.79 17.49
CA ASN A 45 -8.88 -7.06 17.63
C ASN A 45 -9.57 -8.22 16.87
N LYS A 46 -10.87 -8.08 16.62
CA LYS A 46 -11.66 -9.18 16.05
C LYS A 46 -12.74 -8.68 15.07
N ALA A 47 -13.46 -9.62 14.46
CA ALA A 47 -14.48 -9.28 13.45
C ALA A 47 -15.92 -9.54 13.96
N GLU A 48 -16.07 -9.84 15.25
CA GLU A 48 -17.39 -10.19 15.81
C GLU A 48 -18.39 -9.03 15.72
N LYS A 49 -17.89 -7.81 15.51
CA LYS A 49 -18.75 -6.64 15.31
C LYS A 49 -17.94 -5.44 14.76
N SER A 50 -17.94 -5.27 13.44
CA SER A 50 -17.18 -4.18 12.80
C SER A 50 -17.92 -3.61 11.58
N GLU A 51 -17.30 -2.62 10.93
CA GLU A 51 -17.88 -1.97 9.73
C GLU A 51 -17.20 -2.44 8.44
N ALA A 52 -15.88 -2.60 8.47
CA ALA A 52 -15.12 -3.02 7.29
C ALA A 52 -13.89 -3.87 7.67
N ILE A 53 -13.48 -4.74 6.76
CA ILE A 53 -12.33 -5.63 6.99
C ILE A 53 -11.37 -5.64 5.79
N ILE A 54 -10.11 -5.29 6.02
CA ILE A 54 -9.10 -5.32 4.96
C ILE A 54 -8.40 -6.68 4.91
N GLN A 55 -8.55 -7.39 3.79
CA GLN A 55 -7.91 -8.69 3.60
C GLN A 55 -6.83 -8.62 2.52
N ILE A 56 -5.57 -8.63 2.95
CA ILE A 56 -4.45 -8.64 2.00
C ILE A 56 -4.17 -10.09 1.53
N VAL A 57 -4.46 -10.35 0.26
CA VAL A 57 -4.40 -11.71 -0.29
C VAL A 57 -2.95 -12.22 -0.41
N HIS A 58 -2.07 -11.41 -1.02
CA HIS A 58 -0.65 -11.77 -1.15
C HIS A 58 0.20 -10.60 -1.68
N ALA A 59 1.36 -10.38 -1.06
CA ALA A 59 2.29 -9.32 -1.45
C ALA A 59 3.50 -9.90 -2.22
N ILE A 60 3.70 -9.46 -3.46
CA ILE A 60 4.78 -9.98 -4.32
C ILE A 60 5.92 -8.96 -4.47
N ARG A 61 7.17 -9.42 -4.39
CA ARG A 61 8.33 -8.55 -4.60
C ARG A 61 9.32 -9.14 -5.62
N GLU A 62 9.25 -8.68 -6.86
CA GLU A 62 10.10 -9.16 -7.94
C GLU A 62 11.19 -8.14 -8.32
N LYS A 63 12.28 -8.60 -8.92
CA LYS A 63 13.37 -7.71 -9.32
C LYS A 63 14.05 -8.20 -10.62
N ARG A 64 14.41 -7.25 -11.49
CA ARG A 64 15.07 -7.56 -12.77
C ARG A 64 15.73 -6.31 -13.38
N ILE A 65 16.50 -6.49 -14.46
CA ILE A 65 17.12 -5.37 -15.17
C ILE A 65 16.09 -4.44 -15.83
N LEU A 66 16.35 -3.13 -15.76
CA LEU A 66 15.52 -2.13 -16.44
C LEU A 66 16.11 -1.80 -17.83
N SER A 67 17.37 -1.37 -17.84
CA SER A 67 18.05 -0.98 -19.09
C SER A 67 19.55 -1.30 -19.06
N LEU A 68 20.12 -1.58 -20.23
CA LEU A 68 21.54 -1.91 -20.35
C LEU A 68 22.26 -0.98 -21.35
N SER A 69 23.53 -0.68 -21.08
CA SER A 69 24.37 0.08 -22.02
C SER A 69 25.33 -0.84 -22.76
N GLU A 70 25.94 -0.33 -23.84
CA GLU A 70 26.93 -1.09 -24.62
C GLU A 70 26.39 -2.46 -25.09
N SER A 71 25.05 -2.60 -25.08
CA SER A 71 24.37 -3.85 -25.48
C SER A 71 24.70 -5.03 -24.54
N GLY A 72 25.18 -4.72 -23.33
CA GLY A 72 25.46 -5.79 -22.36
C GLY A 72 26.07 -5.30 -21.04
N ARG A 73 25.78 -4.07 -20.66
CA ARG A 73 26.31 -3.48 -19.42
C ARG A 73 25.17 -3.03 -18.49
N VAL A 74 25.23 -3.46 -17.23
CA VAL A 74 24.19 -3.14 -16.23
C VAL A 74 24.15 -1.64 -15.88
N ARG A 75 23.00 -1.01 -16.10
CA ARG A 75 22.76 0.38 -15.68
C ARG A 75 21.78 0.46 -14.49
N GLU A 76 20.48 0.31 -14.79
CA GLU A 76 19.44 0.40 -13.76
C GLU A 76 18.77 -0.97 -13.53
N PHE A 77 18.43 -1.24 -12.28
CA PHE A 77 17.78 -2.51 -11.90
C PHE A 77 16.36 -2.25 -11.38
N GLU A 78 15.36 -2.75 -12.11
CA GLU A 78 13.95 -2.46 -11.80
C GLU A 78 13.38 -3.39 -10.72
N LEU A 79 12.89 -2.77 -9.63
CA LEU A 79 12.28 -3.50 -8.51
C LEU A 79 10.75 -3.31 -8.53
N VAL A 80 9.98 -4.39 -8.65
CA VAL A 80 8.51 -4.27 -8.67
C VAL A 80 7.87 -4.99 -7.46
N TYR A 81 7.02 -4.25 -6.74
CA TYR A 81 6.32 -4.78 -5.56
C TYR A 81 4.79 -4.67 -5.72
N ARG A 82 4.11 -5.80 -5.79
CA ARG A 82 2.66 -5.83 -6.04
C ARG A 82 1.85 -6.24 -4.80
N VAL A 83 1.09 -5.31 -4.25
CA VAL A 83 0.22 -5.59 -3.10
C VAL A 83 -1.21 -5.94 -3.56
N ALA A 84 -1.55 -7.23 -3.47
CA ALA A 84 -2.90 -7.68 -3.79
C ALA A 84 -3.78 -7.73 -2.53
N ALA A 85 -4.63 -6.72 -2.36
CA ALA A 85 -5.50 -6.63 -1.17
C ALA A 85 -6.94 -6.28 -1.56
N ARG A 86 -7.89 -6.72 -0.75
CA ARG A 86 -9.32 -6.46 -0.99
C ARG A 86 -10.00 -5.83 0.24
N LEU A 87 -10.98 -4.96 0.01
CA LEU A 87 -11.70 -4.29 1.09
C LEU A 87 -13.08 -4.94 1.28
N LEU A 88 -13.21 -5.74 2.33
CA LEU A 88 -14.37 -6.61 2.53
C LEU A 88 -15.29 -6.16 3.67
N ASP A 89 -16.39 -6.89 3.84
CA ASP A 89 -17.41 -6.58 4.85
C ASP A 89 -17.05 -7.20 6.22
N ALA A 90 -17.80 -6.83 7.27
CA ALA A 90 -17.60 -7.38 8.63
C ALA A 90 -17.65 -8.92 8.64
N HIS A 91 -18.57 -9.50 7.85
CA HIS A 91 -18.66 -10.96 7.73
C HIS A 91 -17.77 -11.48 6.57
N ASN A 92 -16.84 -10.64 6.12
CA ASN A 92 -15.93 -10.98 5.02
C ASN A 92 -16.71 -11.32 3.73
N ALA A 93 -17.60 -10.42 3.33
CA ALA A 93 -18.36 -10.57 2.07
C ALA A 93 -17.81 -9.64 0.97
N GLU A 94 -18.10 -8.35 1.08
CA GLU A 94 -17.58 -7.34 0.14
C GLU A 94 -17.90 -5.92 0.62
N LEU A 95 -17.17 -4.92 0.14
CA LEU A 95 -17.38 -3.53 0.57
C LEU A 95 -16.90 -2.55 -0.53
N ALA A 96 -15.65 -2.70 -0.95
CA ALA A 96 -15.07 -1.82 -1.96
C ALA A 96 -14.03 -2.57 -2.84
N SER A 97 -14.15 -2.42 -4.14
CA SER A 97 -13.22 -3.08 -5.08
C SER A 97 -11.82 -2.46 -5.00
N LEU A 98 -11.02 -2.93 -4.05
CA LEU A 98 -9.65 -2.44 -3.85
C LEU A 98 -8.70 -2.97 -4.94
N GLN A 99 -7.83 -2.10 -5.46
CA GLN A 99 -6.97 -2.45 -6.61
C GLN A 99 -5.63 -3.06 -6.17
N GLU A 100 -5.07 -3.92 -7.02
CA GLU A 100 -3.72 -4.46 -6.82
C GLU A 100 -2.67 -3.36 -7.00
N ILE A 101 -2.01 -2.98 -5.91
CA ILE A 101 -1.03 -1.89 -5.93
C ILE A 101 0.34 -2.38 -6.42
N ARG A 102 0.60 -2.21 -7.71
CA ARG A 102 1.87 -2.60 -8.32
C ARG A 102 2.83 -1.40 -8.46
N LEU A 103 3.82 -1.33 -7.57
CA LEU A 103 4.80 -0.25 -7.55
C LEU A 103 6.14 -0.67 -8.18
N THR A 104 6.90 0.29 -8.70
CA THR A 104 8.23 0.04 -9.27
C THR A 104 9.27 1.03 -8.73
N ARG A 105 10.49 0.55 -8.51
CA ARG A 105 11.60 1.41 -8.05
C ARG A 105 12.85 1.14 -8.90
N ILE A 106 13.68 2.16 -9.10
CA ILE A 106 14.86 2.04 -9.95
C ILE A 106 16.16 1.98 -9.12
N LEU A 107 16.87 0.85 -9.22
CA LEU A 107 18.13 0.64 -8.47
C LEU A 107 19.37 0.94 -9.37
N PRO A 108 20.12 2.03 -9.07
CA PRO A 108 21.35 2.37 -9.82
C PRO A 108 22.53 1.45 -9.47
N PHE A 109 23.21 0.92 -10.49
CA PHE A 109 24.32 -0.03 -10.28
C PHE A 109 25.70 0.67 -10.36
N LEU A 110 26.67 0.11 -9.63
CA LEU A 110 28.07 0.56 -9.67
C LEU A 110 29.00 -0.58 -9.23
N ASP A 111 30.17 -0.69 -9.85
CA ASP A 111 31.08 -1.81 -9.60
C ASP A 111 31.82 -1.68 -8.25
N ALA A 112 32.71 -0.67 -8.15
CA ALA A 112 33.57 -0.52 -6.96
C ALA A 112 32.82 0.14 -5.80
N GLN A 113 31.84 -0.58 -5.24
CA GLN A 113 31.07 -0.12 -4.07
C GLN A 113 30.38 -1.29 -3.37
N GLU A 114 30.38 -1.28 -2.03
CA GLU A 114 29.67 -2.28 -1.23
C GLU A 114 28.89 -1.62 -0.08
N LEU A 115 29.54 -0.74 0.69
CA LEU A 115 28.87 0.00 1.76
C LEU A 115 27.76 0.91 1.23
N ALA A 116 28.00 1.53 0.07
CA ALA A 116 26.99 2.37 -0.59
C ALA A 116 25.77 1.54 -1.01
N LYS A 117 26.02 0.37 -1.60
CA LYS A 117 24.94 -0.51 -2.09
C LYS A 117 24.12 -1.09 -0.91
N ALA A 118 24.80 -1.42 0.18
CA ALA A 118 24.13 -1.94 1.39
C ALA A 118 23.02 -1.01 1.88
N ALA A 119 23.23 0.30 1.71
CA ALA A 119 22.24 1.31 2.07
C ALA A 119 21.28 1.60 0.90
N GLU A 120 21.82 1.58 -0.33
CA GLU A 120 21.04 1.86 -1.54
C GLU A 120 19.82 0.93 -1.66
N GLU A 121 20.07 -0.38 -1.80
CA GLU A 121 19.01 -1.39 -1.89
C GLU A 121 18.05 -1.33 -0.69
N GLU A 122 18.58 -1.02 0.49
CA GLU A 122 17.77 -0.88 1.71
C GLU A 122 16.75 0.26 1.58
N MET A 123 17.26 1.47 1.36
CA MET A 123 16.42 2.68 1.31
C MET A 123 15.31 2.58 0.25
N LEU A 124 15.67 2.09 -0.95
CA LEU A 124 14.69 1.97 -2.04
C LEU A 124 13.60 0.94 -1.72
N TYR A 125 13.96 -0.16 -1.06
CA TYR A 125 13.00 -1.20 -0.68
C TYR A 125 11.98 -0.66 0.35
N LYS A 126 12.50 -0.10 1.45
CA LYS A 126 11.63 0.44 2.51
C LYS A 126 10.82 1.66 2.01
N ASP A 127 11.36 2.36 1.02
CA ASP A 127 10.64 3.45 0.36
C ASP A 127 9.38 2.92 -0.36
N MET A 128 9.52 1.81 -1.08
CA MET A 128 8.37 1.16 -1.73
C MET A 128 7.37 0.64 -0.69
N GLN A 129 7.90 0.05 0.39
CA GLN A 129 7.08 -0.40 1.51
C GLN A 129 6.19 0.74 2.04
N LYS A 130 6.77 1.94 2.11
CA LYS A 130 6.04 3.13 2.55
C LYS A 130 4.99 3.58 1.52
N ASP A 131 5.39 3.71 0.26
CA ASP A 131 4.45 4.08 -0.82
C ASP A 131 3.26 3.12 -0.91
N ALA A 132 3.53 1.83 -0.69
CA ALA A 132 2.50 0.78 -0.76
C ALA A 132 1.33 1.09 0.18
N VAL A 133 1.61 1.24 1.47
CA VAL A 133 0.58 1.53 2.47
C VAL A 133 -0.11 2.87 2.21
N GLN A 134 0.64 3.84 1.68
CA GLN A 134 0.08 5.15 1.33
C GLN A 134 -0.96 5.03 0.20
N GLN A 135 -0.65 4.19 -0.79
CA GLN A 135 -1.58 3.93 -1.89
C GLN A 135 -2.88 3.27 -1.38
N ILE A 136 -2.75 2.34 -0.44
CA ILE A 136 -3.91 1.72 0.20
C ILE A 136 -4.79 2.79 0.86
N LEU A 137 -4.17 3.60 1.72
CA LEU A 137 -4.86 4.71 2.38
C LEU A 137 -5.57 5.63 1.37
N ARG A 138 -4.85 6.01 0.32
CA ARG A 138 -5.34 6.90 -0.72
C ARG A 138 -6.60 6.33 -1.43
N GLN A 139 -6.69 5.01 -1.52
CA GLN A 139 -7.87 4.36 -2.14
C GLN A 139 -9.02 4.21 -1.13
N VAL A 140 -8.71 3.63 0.05
CA VAL A 140 -9.72 3.37 1.09
C VAL A 140 -10.52 4.64 1.45
N SER A 141 -9.81 5.73 1.74
CA SER A 141 -10.45 6.99 2.17
C SER A 141 -11.04 7.77 0.99
N ALA A 142 -11.08 7.16 -0.20
CA ALA A 142 -11.65 7.80 -1.39
C ALA A 142 -12.86 7.02 -1.94
N PHE A 143 -12.93 5.71 -1.64
CA PHE A 143 -14.01 4.84 -2.14
C PHE A 143 -15.41 5.43 -1.89
N THR A 144 -15.61 6.02 -0.73
CA THR A 144 -16.93 6.53 -0.35
C THR A 144 -17.34 7.79 -1.14
N SER A 145 -16.38 8.41 -1.84
CA SER A 145 -16.66 9.64 -2.62
C SER A 145 -16.84 9.33 -4.12
N ALA A 146 -16.64 8.06 -4.51
CA ALA A 146 -16.90 7.58 -5.88
C ALA A 146 -15.91 8.11 -6.94
N GLY A 147 -14.99 8.99 -6.55
CA GLY A 147 -14.03 9.56 -7.51
C GLY A 147 -12.81 8.64 -7.76
N LEU A 148 -13.05 7.35 -7.92
CA LEU A 148 -11.95 6.36 -8.06
C LEU A 148 -11.48 6.20 -9.51
N GLU A 149 -12.31 6.59 -10.46
CA GLU A 149 -11.98 6.43 -11.89
C GLU A 149 -10.90 7.43 -12.33
N HIS A 150 -9.65 7.17 -11.94
CA HIS A 150 -8.50 8.00 -12.32
C HIS A 150 -7.27 7.12 -12.60
N HIS A 151 -7.07 6.77 -13.88
CA HIS A 151 -5.94 5.93 -14.29
C HIS A 151 -5.30 6.47 -15.58
N HIS A 152 -4.03 6.16 -15.80
CA HIS A 152 -3.33 6.52 -17.04
C HIS A 152 -2.53 5.34 -17.62
N HIS A 153 -1.41 5.01 -16.97
CA HIS A 153 -0.51 3.97 -17.47
C HIS A 153 -1.00 2.56 -17.09
N HIS A 154 -1.54 1.84 -18.06
CA HIS A 154 -2.07 0.49 -17.83
C HIS A 154 -1.06 -0.58 -18.27
N HIS A 155 -1.06 -1.72 -17.57
CA HIS A 155 -0.19 -2.86 -17.93
C HIS A 155 -0.71 -4.16 -17.31
N MET A 1 -13.43 32.38 17.21
CA MET A 1 -13.88 32.02 15.84
C MET A 1 -12.82 31.17 15.11
N GLY A 2 -13.21 30.55 13.99
CA GLY A 2 -12.31 29.63 13.29
C GLY A 2 -12.32 28.23 13.89
N PHE A 3 -13.50 27.64 13.98
CA PHE A 3 -13.69 26.34 14.65
C PHE A 3 -13.05 25.18 13.86
N LYS A 4 -12.83 24.06 14.55
CA LYS A 4 -12.22 22.87 13.93
C LYS A 4 -13.27 21.93 13.31
N LEU A 5 -13.44 21.99 11.99
CA LEU A 5 -14.30 21.04 11.28
C LEU A 5 -13.51 19.76 10.97
N ARG A 6 -12.68 19.79 9.93
CA ARG A 6 -11.75 18.70 9.65
C ARG A 6 -10.47 18.86 10.49
N GLY A 7 -10.46 18.31 11.69
CA GLY A 7 -9.29 18.39 12.56
C GLY A 7 -8.12 17.56 12.05
N GLN A 8 -8.40 16.29 11.73
CA GLN A 8 -7.39 15.37 11.22
C GLN A 8 -7.10 15.62 9.73
N VAL A 9 -5.88 15.32 9.29
CA VAL A 9 -5.44 15.57 7.91
C VAL A 9 -6.39 14.95 6.86
N SER A 10 -6.76 13.69 7.06
CA SER A 10 -7.64 12.98 6.10
C SER A 10 -8.64 12.08 6.84
N GLU A 11 -9.86 11.96 6.30
CA GLU A 11 -10.93 11.22 6.98
C GLU A 11 -11.47 10.05 6.12
N LEU A 12 -12.35 9.27 6.73
CA LEU A 12 -13.06 8.17 6.06
C LEU A 12 -14.32 7.77 6.85
N PRO A 13 -15.39 7.31 6.17
CA PRO A 13 -16.70 7.03 6.81
C PRO A 13 -16.66 5.92 7.88
N PHE A 14 -15.72 4.99 7.75
CA PHE A 14 -15.57 3.88 8.71
C PHE A 14 -14.45 4.16 9.73
N GLU A 15 -14.81 4.15 11.01
CA GLU A 15 -13.84 4.43 12.10
C GLU A 15 -13.34 3.16 12.80
N ARG A 16 -13.80 2.00 12.32
CA ARG A 16 -13.38 0.70 12.89
C ARG A 16 -13.22 -0.36 11.78
N VAL A 17 -12.00 -0.86 11.62
CA VAL A 17 -11.70 -1.85 10.57
C VAL A 17 -10.89 -3.03 11.14
N TYR A 18 -11.10 -4.22 10.57
CA TYR A 18 -10.36 -5.42 10.98
C TYR A 18 -9.44 -5.92 9.87
N ILE A 19 -8.13 -5.89 10.11
CA ILE A 19 -7.14 -6.38 9.13
C ILE A 19 -6.90 -7.89 9.30
N THR A 20 -6.89 -8.61 8.17
CA THR A 20 -6.60 -10.05 8.20
C THR A 20 -5.62 -10.47 7.09
N ALA A 21 -4.38 -10.73 7.48
CA ALA A 21 -3.34 -11.20 6.55
C ALA A 21 -3.10 -12.71 6.72
N PRO A 22 -3.12 -13.50 5.63
CA PRO A 22 -2.95 -14.96 5.69
C PRO A 22 -1.62 -15.38 6.35
N ALA A 23 -0.57 -14.60 6.12
CA ALA A 23 0.76 -14.89 6.66
C ALA A 23 1.49 -13.61 7.06
N GLY A 24 2.66 -13.75 7.68
CA GLY A 24 3.45 -12.60 8.09
C GLY A 24 4.01 -11.82 6.90
N LEU A 25 3.16 -11.00 6.29
CA LEU A 25 3.54 -10.21 5.12
C LEU A 25 4.08 -8.83 5.54
N THR A 26 5.30 -8.49 5.09
CA THR A 26 5.87 -7.17 5.38
C THR A 26 5.08 -6.05 4.69
N ILE A 27 3.92 -5.75 5.27
CA ILE A 27 2.96 -4.79 4.71
C ILE A 27 1.75 -4.65 5.64
N GLY A 28 1.37 -5.77 6.27
CA GLY A 28 0.24 -5.77 7.20
C GLY A 28 0.51 -4.97 8.48
N SER A 29 1.66 -5.23 9.09
CA SER A 29 2.08 -4.49 10.31
C SER A 29 2.01 -2.97 10.08
N ASP A 30 2.52 -2.52 8.93
CA ASP A 30 2.45 -1.11 8.54
C ASP A 30 1.00 -0.69 8.27
N LEU A 31 0.27 -1.53 7.54
CA LEU A 31 -1.14 -1.27 7.21
C LEU A 31 -1.96 -1.00 8.49
N GLU A 32 -1.64 -1.72 9.56
CA GLU A 32 -2.28 -1.50 10.87
C GLU A 32 -2.07 -0.05 11.36
N ARG A 33 -0.82 0.40 11.37
CA ARG A 33 -0.48 1.74 11.88
C ARG A 33 -0.97 2.85 10.93
N VAL A 34 -0.48 2.83 9.68
CA VAL A 34 -0.74 3.90 8.71
C VAL A 34 -2.21 4.35 8.70
N ILE A 35 -3.13 3.39 8.68
CA ILE A 35 -4.56 3.70 8.71
C ILE A 35 -5.00 4.23 10.09
N SER A 36 -4.72 3.47 11.15
CA SER A 36 -5.20 3.82 12.50
C SER A 36 -4.58 5.12 13.03
N THR A 37 -3.45 5.54 12.46
CA THR A 37 -2.76 6.77 12.89
C THR A 37 -3.10 7.98 12.01
N HIS A 38 -3.04 7.80 10.69
CA HIS A 38 -3.25 8.91 9.74
C HIS A 38 -4.74 9.19 9.48
N THR A 39 -5.61 8.24 9.82
CA THR A 39 -7.06 8.42 9.64
C THR A 39 -7.84 8.09 10.93
N ARG A 40 -9.17 8.05 10.82
CA ARG A 40 -10.03 7.78 11.98
C ARG A 40 -10.35 6.27 12.12
N ALA A 41 -9.98 5.49 11.11
CA ALA A 41 -10.25 4.05 11.11
C ALA A 41 -9.28 3.28 12.01
N LYS A 42 -9.70 2.94 13.22
CA LYS A 42 -8.87 2.17 14.14
C LYS A 42 -8.96 0.67 13.86
N VAL A 43 -7.80 0.02 13.79
CA VAL A 43 -7.73 -1.43 13.57
C VAL A 43 -8.12 -2.19 14.84
N VAL A 44 -9.20 -2.97 14.75
CA VAL A 44 -9.69 -3.76 15.88
C VAL A 44 -9.13 -5.20 15.86
N ASN A 45 -9.19 -5.87 17.01
CA ASN A 45 -8.65 -7.22 17.17
C ASN A 45 -9.70 -8.30 16.79
N LYS A 46 -10.93 -7.87 16.51
CA LYS A 46 -12.00 -8.80 16.11
C LYS A 46 -13.06 -8.08 15.25
N ALA A 47 -13.58 -8.78 14.24
CA ALA A 47 -14.49 -8.17 13.25
C ALA A 47 -15.95 -8.08 13.73
N GLU A 48 -16.29 -8.79 14.80
CA GLU A 48 -17.68 -8.83 15.29
C GLU A 48 -18.20 -7.44 15.72
N LYS A 49 -17.30 -6.57 16.17
CA LYS A 49 -17.67 -5.20 16.55
C LYS A 49 -17.00 -4.17 15.62
N SER A 50 -16.61 -4.61 14.43
CA SER A 50 -15.99 -3.75 13.41
C SER A 50 -17.03 -3.23 12.41
N GLU A 51 -16.60 -2.39 11.48
CA GLU A 51 -17.50 -1.91 10.41
C GLU A 51 -17.06 -2.47 9.05
N ALA A 52 -15.74 -2.60 8.86
CA ALA A 52 -15.19 -3.15 7.61
C ALA A 52 -14.03 -4.14 7.88
N ILE A 53 -13.68 -4.91 6.86
CA ILE A 53 -12.58 -5.89 6.95
C ILE A 53 -11.57 -5.70 5.79
N ILE A 54 -10.28 -5.58 6.13
CA ILE A 54 -9.23 -5.42 5.12
C ILE A 54 -8.42 -6.72 4.99
N GLN A 55 -8.64 -7.46 3.90
CA GLN A 55 -7.98 -8.75 3.69
C GLN A 55 -6.89 -8.64 2.61
N ILE A 56 -5.65 -8.46 3.02
CA ILE A 56 -4.51 -8.40 2.08
C ILE A 56 -4.11 -9.82 1.66
N VAL A 57 -4.14 -10.10 0.36
CA VAL A 57 -3.87 -11.44 -0.16
C VAL A 57 -2.37 -11.79 -0.09
N HIS A 58 -1.55 -11.04 -0.83
CA HIS A 58 -0.10 -11.28 -0.86
C HIS A 58 0.66 -10.08 -1.46
N ALA A 59 1.83 -9.81 -0.90
CA ALA A 59 2.70 -8.75 -1.42
C ALA A 59 3.77 -9.30 -2.38
N ILE A 60 3.56 -9.10 -3.68
CA ILE A 60 4.50 -9.58 -4.71
C ILE A 60 5.61 -8.56 -4.95
N ARG A 61 6.87 -9.00 -4.84
CA ARG A 61 8.01 -8.12 -5.11
C ARG A 61 9.07 -8.82 -5.98
N GLU A 62 9.23 -8.35 -7.21
CA GLU A 62 10.20 -8.93 -8.15
C GLU A 62 11.31 -7.91 -8.45
N LYS A 63 12.56 -8.26 -8.10
CA LYS A 63 13.69 -7.36 -8.36
C LYS A 63 14.40 -7.73 -9.68
N ARG A 64 14.01 -7.04 -10.74
CA ARG A 64 14.52 -7.30 -12.10
C ARG A 64 15.56 -6.25 -12.52
N ILE A 65 16.12 -6.42 -13.73
CA ILE A 65 17.06 -5.44 -14.29
C ILE A 65 16.36 -4.62 -15.39
N LEU A 66 16.53 -3.31 -15.38
CA LEU A 66 15.83 -2.41 -16.32
C LEU A 66 16.68 -2.09 -17.56
N SER A 67 17.87 -1.52 -17.35
CA SER A 67 18.67 -0.97 -18.45
C SER A 67 20.07 -1.58 -18.54
N LEU A 68 20.40 -2.08 -19.74
CA LEU A 68 21.75 -2.62 -20.02
C LEU A 68 22.40 -1.85 -21.19
N SER A 69 23.65 -1.44 -21.02
CA SER A 69 24.38 -0.70 -22.07
C SER A 69 25.03 -1.65 -23.08
N GLU A 70 24.51 -1.60 -24.32
CA GLU A 70 25.06 -2.36 -25.47
C GLU A 70 25.36 -3.84 -25.17
N SER A 71 26.57 -4.12 -24.66
CA SER A 71 27.04 -5.51 -24.49
C SER A 71 26.62 -6.11 -23.16
N GLY A 72 26.00 -5.30 -22.30
CA GLY A 72 25.50 -5.81 -21.02
C GLY A 72 26.08 -5.08 -19.80
N ARG A 73 26.44 -3.81 -19.96
CA ARG A 73 26.88 -2.98 -18.83
C ARG A 73 25.65 -2.55 -18.00
N VAL A 74 25.52 -3.08 -16.79
CA VAL A 74 24.33 -2.82 -15.96
C VAL A 74 24.20 -1.34 -15.56
N ARG A 75 23.08 -0.73 -15.96
CA ARG A 75 22.78 0.66 -15.61
C ARG A 75 21.78 0.76 -14.44
N GLU A 76 20.51 0.51 -14.76
CA GLU A 76 19.40 0.72 -13.81
C GLU A 76 18.67 -0.59 -13.51
N PHE A 77 18.36 -0.81 -12.23
CA PHE A 77 17.70 -2.04 -11.77
C PHE A 77 16.20 -1.79 -11.55
N GLU A 78 15.37 -2.73 -12.00
CA GLU A 78 13.90 -2.55 -11.98
C GLU A 78 13.25 -3.26 -10.78
N LEU A 79 12.85 -2.48 -9.77
CA LEU A 79 12.17 -3.03 -8.59
C LEU A 79 10.65 -2.87 -8.72
N VAL A 80 9.94 -3.97 -9.00
CA VAL A 80 8.48 -3.92 -9.13
C VAL A 80 7.76 -4.53 -7.92
N TYR A 81 6.80 -3.80 -7.36
CA TYR A 81 6.06 -4.23 -6.17
C TYR A 81 4.53 -4.20 -6.42
N ARG A 82 3.92 -5.37 -6.36
CA ARG A 82 2.48 -5.52 -6.61
C ARG A 82 1.75 -6.06 -5.37
N VAL A 83 0.93 -5.23 -4.73
CA VAL A 83 0.21 -5.63 -3.52
C VAL A 83 -1.26 -5.96 -3.82
N ALA A 84 -1.62 -7.23 -3.69
CA ALA A 84 -3.01 -7.68 -3.90
C ALA A 84 -3.80 -7.69 -2.59
N ALA A 85 -4.89 -6.92 -2.53
CA ALA A 85 -5.70 -6.82 -1.31
C ALA A 85 -7.21 -6.77 -1.61
N ARG A 86 -8.02 -7.18 -0.65
CA ARG A 86 -9.49 -7.18 -0.77
C ARG A 86 -10.11 -6.17 0.21
N LEU A 87 -11.18 -5.50 -0.21
CA LEU A 87 -11.88 -4.53 0.66
C LEU A 87 -13.29 -5.07 1.01
N LEU A 88 -13.46 -5.51 2.26
CA LEU A 88 -14.67 -6.22 2.67
C LEU A 88 -15.45 -5.48 3.77
N ASP A 89 -16.65 -5.97 4.04
CA ASP A 89 -17.51 -5.47 5.13
C ASP A 89 -17.30 -6.34 6.38
N ALA A 90 -17.63 -5.79 7.56
CA ALA A 90 -17.44 -6.51 8.83
C ALA A 90 -18.13 -7.89 8.85
N HIS A 91 -19.16 -8.05 8.03
CA HIS A 91 -19.89 -9.32 7.92
C HIS A 91 -19.31 -10.21 6.81
N ASN A 92 -18.02 -10.01 6.50
CA ASN A 92 -17.28 -10.82 5.51
C ASN A 92 -17.86 -10.67 4.09
N ALA A 93 -18.58 -9.57 3.84
CA ALA A 93 -19.22 -9.33 2.54
C ALA A 93 -18.30 -8.51 1.62
N GLU A 94 -18.50 -8.64 0.31
CA GLU A 94 -17.68 -7.89 -0.66
C GLU A 94 -18.14 -6.42 -0.77
N LEU A 95 -17.47 -5.55 -0.01
CA LEU A 95 -17.82 -4.12 0.01
C LEU A 95 -17.33 -3.43 -1.28
N ALA A 96 -16.03 -3.53 -1.55
CA ALA A 96 -15.43 -2.89 -2.72
C ALA A 96 -14.30 -3.74 -3.31
N SER A 97 -14.34 -3.96 -4.63
CA SER A 97 -13.30 -4.76 -5.30
C SER A 97 -11.99 -4.00 -5.41
N LEU A 98 -11.12 -4.17 -4.43
CA LEU A 98 -9.78 -3.56 -4.46
C LEU A 98 -8.84 -4.41 -5.33
N GLN A 99 -8.20 -3.78 -6.30
CA GLN A 99 -7.33 -4.49 -7.24
C GLN A 99 -5.85 -4.40 -6.81
N GLU A 100 -5.01 -5.28 -7.35
CA GLU A 100 -3.58 -5.31 -7.04
C GLU A 100 -2.89 -3.97 -7.40
N ILE A 101 -2.35 -3.30 -6.37
CA ILE A 101 -1.66 -2.01 -6.56
C ILE A 101 -0.23 -2.22 -7.07
N ARG A 102 0.12 -1.55 -8.17
CA ARG A 102 1.42 -1.72 -8.81
C ARG A 102 2.35 -0.50 -8.57
N LEU A 103 3.60 -0.77 -8.18
CA LEU A 103 4.63 0.26 -8.01
C LEU A 103 5.95 -0.17 -8.66
N THR A 104 6.75 0.82 -9.09
CA THR A 104 8.07 0.54 -9.68
C THR A 104 9.13 1.53 -9.17
N ARG A 105 10.24 0.99 -8.69
CA ARG A 105 11.35 1.80 -8.16
C ARG A 105 12.63 1.56 -8.98
N ILE A 106 13.40 2.62 -9.22
CA ILE A 106 14.64 2.51 -9.99
C ILE A 106 15.87 2.47 -9.07
N LEU A 107 16.66 1.40 -9.20
CA LEU A 107 17.84 1.18 -8.35
C LEU A 107 19.14 1.20 -9.19
N PRO A 108 19.99 2.24 -9.03
CA PRO A 108 21.25 2.37 -9.80
C PRO A 108 22.30 1.30 -9.46
N PHE A 109 23.12 0.92 -10.44
CA PHE A 109 24.15 -0.11 -10.25
C PHE A 109 25.52 0.46 -9.88
N LEU A 110 25.96 0.18 -8.66
CA LEU A 110 27.34 0.48 -8.23
C LEU A 110 28.05 -0.81 -7.79
N ASP A 111 29.22 -1.09 -8.37
CA ASP A 111 29.97 -2.32 -8.07
C ASP A 111 30.98 -2.10 -6.92
N ALA A 112 31.22 -3.15 -6.13
CA ALA A 112 32.17 -3.09 -5.01
C ALA A 112 31.77 -2.07 -3.94
N GLN A 113 30.46 -1.89 -3.77
CA GLN A 113 29.93 -0.90 -2.82
C GLN A 113 28.90 -1.50 -1.86
N GLU A 114 29.33 -1.94 -0.68
CA GLU A 114 28.40 -2.33 0.38
C GLU A 114 27.84 -1.10 1.10
N LEU A 115 28.69 -0.07 1.24
CA LEU A 115 28.30 1.18 1.92
C LEU A 115 27.12 1.85 1.20
N ALA A 116 27.23 1.95 -0.12
CA ALA A 116 26.17 2.56 -0.93
C ALA A 116 25.01 1.58 -1.19
N LYS A 117 25.27 0.52 -1.96
CA LYS A 117 24.20 -0.37 -2.45
C LYS A 117 23.36 -1.00 -1.32
N ALA A 118 23.98 -1.40 -0.23
CA ALA A 118 23.23 -2.02 0.89
C ALA A 118 22.22 -1.03 1.47
N ALA A 119 22.61 0.24 1.58
CA ALA A 119 21.71 1.29 2.06
C ALA A 119 20.70 1.70 0.98
N GLU A 120 21.16 1.77 -0.27
CA GLU A 120 20.29 2.14 -1.39
C GLU A 120 19.15 1.13 -1.59
N GLU A 121 19.49 -0.14 -1.79
CA GLU A 121 18.49 -1.18 -2.00
C GLU A 121 17.54 -1.28 -0.79
N GLU A 122 18.07 -0.98 0.40
CA GLU A 122 17.26 -0.96 1.62
C GLU A 122 16.23 0.19 1.60
N MET A 123 16.72 1.42 1.40
CA MET A 123 15.84 2.61 1.38
C MET A 123 14.83 2.54 0.23
N LEU A 124 15.27 2.07 -0.94
CA LEU A 124 14.36 1.88 -2.08
C LEU A 124 13.28 0.83 -1.76
N TYR A 125 13.69 -0.24 -1.08
CA TYR A 125 12.75 -1.28 -0.64
C TYR A 125 11.70 -0.71 0.32
N LYS A 126 12.15 -0.08 1.41
CA LYS A 126 11.22 0.47 2.41
C LYS A 126 10.49 1.73 1.91
N ASP A 127 11.04 2.41 0.91
CA ASP A 127 10.36 3.54 0.27
C ASP A 127 9.16 3.03 -0.53
N MET A 128 9.39 2.00 -1.34
CA MET A 128 8.33 1.39 -2.15
C MET A 128 7.34 0.60 -1.28
N GLN A 129 7.86 -0.04 -0.23
CA GLN A 129 7.03 -0.78 0.73
C GLN A 129 6.13 0.19 1.51
N LYS A 130 6.71 1.30 1.96
CA LYS A 130 5.94 2.39 2.57
C LYS A 130 4.93 2.97 1.57
N ASP A 131 5.42 3.26 0.37
CA ASP A 131 4.59 3.86 -0.68
C ASP A 131 3.33 2.99 -0.93
N ALA A 132 3.54 1.67 -0.97
CA ALA A 132 2.44 0.72 -1.20
C ALA A 132 1.33 0.84 -0.14
N VAL A 133 1.71 0.82 1.15
CA VAL A 133 0.71 0.96 2.22
C VAL A 133 0.07 2.37 2.20
N GLN A 134 0.83 3.36 1.74
CA GLN A 134 0.29 4.72 1.55
C GLN A 134 -0.71 4.75 0.39
N GLN A 135 -0.48 3.91 -0.62
CA GLN A 135 -1.45 3.71 -1.70
C GLN A 135 -2.76 3.18 -1.12
N ILE A 136 -2.69 2.01 -0.47
CA ILE A 136 -3.85 1.36 0.16
C ILE A 136 -4.62 2.35 1.05
N LEU A 137 -3.88 3.11 1.85
CA LEU A 137 -4.47 4.13 2.74
C LEU A 137 -5.48 5.02 2.02
N ARG A 138 -5.06 5.63 0.91
CA ARG A 138 -5.90 6.59 0.18
C ARG A 138 -6.88 5.89 -0.77
N GLN A 139 -6.51 4.69 -1.27
CA GLN A 139 -7.41 3.91 -2.13
C GLN A 139 -8.65 3.45 -1.35
N VAL A 140 -8.43 2.85 -0.18
CA VAL A 140 -9.51 2.34 0.66
C VAL A 140 -10.45 3.46 1.14
N SER A 141 -9.86 4.59 1.56
CA SER A 141 -10.64 5.73 2.05
C SER A 141 -11.40 6.45 0.91
N ALA A 142 -10.73 6.67 -0.22
CA ALA A 142 -11.34 7.37 -1.36
C ALA A 142 -12.30 6.46 -2.15
N PHE A 143 -12.18 5.15 -1.98
CA PHE A 143 -13.01 4.18 -2.70
C PHE A 143 -14.51 4.50 -2.55
N THR A 144 -14.90 4.96 -1.36
CA THR A 144 -16.31 5.33 -1.09
C THR A 144 -16.75 6.56 -1.89
N SER A 145 -15.80 7.44 -2.20
CA SER A 145 -16.08 8.65 -3.01
C SER A 145 -16.20 8.29 -4.50
N ALA A 146 -15.33 7.39 -4.95
CA ALA A 146 -15.36 6.87 -6.33
C ALA A 146 -15.13 7.96 -7.39
N GLY A 147 -14.66 9.13 -6.96
CA GLY A 147 -14.35 10.20 -7.92
C GLY A 147 -13.07 9.95 -8.68
N LEU A 148 -11.96 10.47 -8.16
CA LEU A 148 -10.62 10.21 -8.70
C LEU A 148 -9.57 10.89 -7.79
N GLU A 149 -9.71 10.69 -6.49
CA GLU A 149 -8.84 11.32 -5.48
C GLU A 149 -7.42 10.71 -5.46
N HIS A 150 -7.02 10.06 -6.56
CA HIS A 150 -5.71 9.41 -6.67
C HIS A 150 -5.10 9.66 -8.06
N HIS A 151 -5.51 10.77 -8.70
CA HIS A 151 -5.20 11.03 -10.12
C HIS A 151 -3.70 11.27 -10.42
N HIS A 152 -2.92 10.18 -10.45
CA HIS A 152 -1.58 10.15 -11.09
C HIS A 152 -0.69 11.41 -10.84
N HIS A 153 -0.90 12.09 -9.71
CA HIS A 153 -0.25 13.40 -9.49
C HIS A 153 1.08 13.29 -8.69
N HIS A 154 1.74 12.14 -8.79
CA HIS A 154 3.06 11.95 -8.13
C HIS A 154 3.98 11.04 -8.97
N HIS A 155 5.29 11.20 -8.75
CA HIS A 155 6.29 10.37 -9.44
C HIS A 155 7.66 10.44 -8.71
N MET A 1 -1.71 29.45 16.28
CA MET A 1 -2.23 28.18 15.73
C MET A 1 -3.72 28.29 15.39
N GLY A 2 -4.22 27.38 14.56
CA GLY A 2 -5.63 27.37 14.20
C GLY A 2 -5.89 27.87 12.79
N PHE A 3 -5.57 27.06 11.79
CA PHE A 3 -5.84 27.39 10.38
C PHE A 3 -7.11 26.67 9.91
N LYS A 4 -8.04 27.44 9.33
CA LYS A 4 -9.33 26.89 8.90
C LYS A 4 -9.22 26.07 7.60
N LEU A 5 -8.57 24.92 7.71
CA LEU A 5 -8.46 23.95 6.60
C LEU A 5 -9.11 22.62 7.02
N ARG A 6 -8.78 21.53 6.32
CA ARG A 6 -9.26 20.21 6.71
C ARG A 6 -8.88 19.88 8.16
N GLY A 7 -7.62 20.13 8.52
CA GLY A 7 -7.16 19.92 9.89
C GLY A 7 -6.49 18.57 10.10
N GLN A 8 -7.18 17.49 9.75
CA GLN A 8 -6.64 16.13 9.91
C GLN A 8 -5.66 15.78 8.76
N VAL A 9 -6.12 14.99 7.79
CA VAL A 9 -5.25 14.57 6.66
C VAL A 9 -6.03 13.71 5.64
N SER A 10 -6.80 12.74 6.14
CA SER A 10 -7.59 11.83 5.29
C SER A 10 -8.63 11.09 6.14
N GLU A 11 -9.88 11.53 6.05
CA GLU A 11 -10.94 11.01 6.93
C GLU A 11 -11.75 9.90 6.25
N LEU A 12 -11.80 8.74 6.89
CA LEU A 12 -12.56 7.59 6.39
C LEU A 12 -13.91 7.45 7.16
N PRO A 13 -14.96 6.91 6.49
CA PRO A 13 -16.32 6.86 7.06
C PRO A 13 -16.50 5.85 8.21
N PHE A 14 -15.42 5.17 8.61
CA PHE A 14 -15.48 4.17 9.69
C PHE A 14 -14.39 4.42 10.75
N GLU A 15 -14.73 4.13 12.02
CA GLU A 15 -13.80 4.38 13.13
C GLU A 15 -13.18 3.07 13.68
N ARG A 16 -13.50 1.94 13.05
CA ARG A 16 -12.99 0.64 13.48
C ARG A 16 -12.99 -0.38 12.32
N VAL A 17 -11.86 -1.05 12.13
CA VAL A 17 -11.70 -2.01 11.02
C VAL A 17 -11.27 -3.40 11.53
N TYR A 18 -11.50 -4.42 10.70
CA TYR A 18 -11.05 -5.78 10.99
C TYR A 18 -10.24 -6.35 9.81
N ILE A 19 -8.98 -6.66 10.04
CA ILE A 19 -8.10 -7.19 8.99
C ILE A 19 -8.03 -8.72 9.01
N THR A 20 -7.83 -9.32 7.85
CA THR A 20 -7.64 -10.77 7.72
C THR A 20 -6.72 -11.11 6.53
N ALA A 21 -5.86 -12.10 6.73
CA ALA A 21 -4.87 -12.50 5.71
C ALA A 21 -4.84 -14.03 5.53
N PRO A 22 -4.29 -14.52 4.38
CA PRO A 22 -4.12 -15.97 4.15
C PRO A 22 -2.90 -16.55 4.91
N ALA A 23 -2.00 -15.67 5.34
CA ALA A 23 -0.79 -16.08 6.08
C ALA A 23 -0.09 -14.86 6.70
N GLY A 24 1.08 -15.09 7.29
CA GLY A 24 1.82 -14.01 7.93
C GLY A 24 2.64 -13.17 6.95
N LEU A 25 1.99 -12.21 6.29
CA LEU A 25 2.69 -11.25 5.43
C LEU A 25 2.97 -9.95 6.21
N THR A 26 4.15 -9.35 5.99
CA THR A 26 4.51 -8.10 6.69
C THR A 26 3.43 -7.02 6.49
N ILE A 27 2.85 -7.01 5.30
CA ILE A 27 1.80 -6.05 4.93
C ILE A 27 0.64 -6.04 5.94
N GLY A 28 0.37 -7.20 6.55
CA GLY A 28 -0.71 -7.32 7.51
C GLY A 28 -0.46 -6.56 8.82
N SER A 29 0.81 -6.19 9.05
CA SER A 29 1.18 -5.39 10.23
C SER A 29 1.52 -3.95 9.81
N ASP A 30 2.17 -3.80 8.64
CA ASP A 30 2.49 -2.47 8.10
C ASP A 30 1.23 -1.60 7.96
N LEU A 31 0.17 -2.18 7.40
CA LEU A 31 -1.08 -1.44 7.15
C LEU A 31 -1.72 -0.93 8.44
N GLU A 32 -1.95 -1.84 9.40
CA GLU A 32 -2.60 -1.49 10.67
C GLU A 32 -1.91 -0.32 11.37
N ARG A 33 -0.58 -0.27 11.29
CA ARG A 33 0.19 0.84 11.84
C ARG A 33 -0.21 2.17 11.18
N VAL A 34 -0.36 2.14 9.86
CA VAL A 34 -0.75 3.34 9.10
C VAL A 34 -2.16 3.79 9.45
N ILE A 35 -3.09 2.85 9.53
CA ILE A 35 -4.49 3.15 9.87
C ILE A 35 -4.60 3.81 11.26
N SER A 36 -4.10 3.13 12.28
CA SER A 36 -4.22 3.59 13.68
C SER A 36 -3.54 4.93 13.93
N THR A 37 -2.47 5.22 13.21
CA THR A 37 -1.70 6.46 13.43
C THR A 37 -2.18 7.63 12.55
N HIS A 38 -2.20 7.43 11.24
CA HIS A 38 -2.52 8.50 10.29
C HIS A 38 -3.99 8.93 10.36
N THR A 39 -4.91 7.97 10.44
CA THR A 39 -6.36 8.28 10.43
C THR A 39 -6.98 8.19 11.82
N ARG A 40 -8.30 8.27 11.89
CA ARG A 40 -9.03 8.24 13.16
C ARG A 40 -9.51 6.81 13.49
N ALA A 41 -9.32 5.87 12.57
CA ALA A 41 -9.83 4.51 12.71
C ALA A 41 -8.92 3.62 13.57
N LYS A 42 -9.53 2.77 14.39
CA LYS A 42 -8.80 1.80 15.22
C LYS A 42 -9.00 0.36 14.71
N VAL A 43 -8.08 -0.53 15.08
CA VAL A 43 -8.13 -1.93 14.62
C VAL A 43 -8.66 -2.87 15.71
N VAL A 44 -9.61 -3.73 15.34
CA VAL A 44 -10.17 -4.73 16.26
C VAL A 44 -9.91 -6.15 15.76
N ASN A 45 -9.86 -7.12 16.69
CA ASN A 45 -9.55 -8.52 16.33
C ASN A 45 -10.84 -9.36 16.19
N LYS A 46 -11.94 -8.70 15.84
CA LYS A 46 -13.21 -9.40 15.59
C LYS A 46 -14.19 -8.52 14.77
N ALA A 47 -14.84 -9.13 13.79
CA ALA A 47 -15.66 -8.40 12.81
C ALA A 47 -16.95 -7.81 13.42
N GLU A 48 -17.44 -8.44 14.50
CA GLU A 48 -18.69 -8.02 15.18
C GLU A 48 -18.79 -6.48 15.33
N LYS A 49 -17.68 -5.85 15.67
CA LYS A 49 -17.66 -4.40 15.91
C LYS A 49 -16.65 -3.71 14.97
N SER A 50 -16.97 -3.73 13.68
CA SER A 50 -16.16 -3.05 12.65
C SER A 50 -17.02 -2.71 11.44
N GLU A 51 -16.81 -1.51 10.87
CA GLU A 51 -17.60 -1.07 9.71
C GLU A 51 -16.86 -1.33 8.38
N ALA A 52 -15.70 -1.99 8.45
CA ALA A 52 -14.91 -2.29 7.26
C ALA A 52 -14.04 -3.55 7.46
N ILE A 53 -14.19 -4.52 6.56
CA ILE A 53 -13.43 -5.77 6.62
C ILE A 53 -12.32 -5.79 5.55
N ILE A 54 -11.07 -5.72 5.99
CA ILE A 54 -9.92 -5.68 5.07
C ILE A 54 -9.30 -7.08 4.87
N GLN A 55 -9.48 -7.66 3.69
CA GLN A 55 -8.90 -8.98 3.37
C GLN A 55 -7.73 -8.81 2.38
N ILE A 56 -6.49 -8.93 2.88
CA ILE A 56 -5.32 -8.83 2.01
C ILE A 56 -5.02 -10.19 1.35
N VAL A 57 -4.85 -10.19 0.03
CA VAL A 57 -4.70 -11.43 -0.73
C VAL A 57 -3.23 -11.87 -0.88
N HIS A 58 -2.41 -11.01 -1.50
CA HIS A 58 -0.98 -11.34 -1.74
C HIS A 58 -0.13 -10.08 -1.95
N ALA A 59 1.11 -10.12 -1.47
CA ALA A 59 2.05 -8.99 -1.58
C ALA A 59 3.47 -9.48 -1.91
N ILE A 60 3.87 -9.37 -3.18
CA ILE A 60 5.15 -9.93 -3.64
C ILE A 60 6.21 -8.83 -3.86
N ARG A 61 7.39 -9.01 -3.29
CA ARG A 61 8.51 -8.09 -3.48
C ARG A 61 9.69 -8.77 -4.19
N GLU A 62 10.04 -8.28 -5.37
CA GLU A 62 11.12 -8.88 -6.18
C GLU A 62 12.10 -7.84 -6.71
N LYS A 63 13.22 -8.31 -7.24
CA LYS A 63 14.25 -7.44 -7.79
C LYS A 63 14.97 -8.09 -8.98
N ARG A 64 14.80 -7.52 -10.17
CA ARG A 64 15.42 -8.05 -11.40
C ARG A 64 16.31 -6.98 -12.07
N ILE A 65 16.87 -7.29 -13.23
CA ILE A 65 17.70 -6.34 -13.98
C ILE A 65 16.86 -5.57 -15.02
N LEU A 66 17.12 -4.29 -15.18
CA LEU A 66 16.37 -3.47 -16.16
C LEU A 66 17.28 -2.95 -17.28
N SER A 67 18.28 -2.16 -16.93
CA SER A 67 19.17 -1.54 -17.94
C SER A 67 20.60 -2.09 -17.84
N LEU A 68 21.16 -2.45 -19.00
CA LEU A 68 22.51 -3.03 -19.06
C LEU A 68 23.53 -2.05 -19.67
N SER A 69 24.81 -2.36 -19.49
CA SER A 69 25.91 -1.61 -20.14
C SER A 69 26.59 -2.48 -21.20
N GLU A 70 26.65 -1.97 -22.43
CA GLU A 70 27.35 -2.66 -23.53
C GLU A 70 26.71 -4.04 -23.80
N SER A 71 25.43 -4.18 -23.44
CA SER A 71 24.68 -5.44 -23.58
C SER A 71 25.28 -6.57 -22.73
N GLY A 72 25.97 -6.22 -21.64
CA GLY A 72 26.59 -7.23 -20.79
C GLY A 72 26.65 -6.84 -19.32
N ARG A 73 27.17 -5.64 -19.04
CA ARG A 73 27.31 -5.15 -17.65
C ARG A 73 25.96 -4.64 -17.10
N VAL A 74 25.95 -4.20 -15.84
CA VAL A 74 24.71 -3.80 -15.16
C VAL A 74 24.63 -2.27 -14.93
N ARG A 75 23.42 -1.70 -15.11
CA ARG A 75 23.17 -0.28 -14.79
C ARG A 75 22.02 -0.13 -13.78
N GLU A 76 20.79 -0.14 -14.30
CA GLU A 76 19.61 0.10 -13.47
C GLU A 76 18.92 -1.21 -13.09
N PHE A 77 18.76 -1.43 -11.78
CA PHE A 77 18.13 -2.65 -11.27
C PHE A 77 16.64 -2.39 -10.96
N GLU A 78 15.76 -3.31 -11.37
CA GLU A 78 14.31 -3.14 -11.22
C GLU A 78 13.80 -3.73 -9.89
N LEU A 79 13.43 -2.85 -8.97
CA LEU A 79 12.81 -3.27 -7.70
C LEU A 79 11.28 -3.20 -7.79
N VAL A 80 10.64 -4.35 -7.99
CA VAL A 80 9.18 -4.40 -8.20
C VAL A 80 8.42 -4.96 -6.97
N TYR A 81 7.42 -4.20 -6.51
CA TYR A 81 6.59 -4.61 -5.37
C TYR A 81 5.09 -4.60 -5.73
N ARG A 82 4.41 -5.69 -5.42
CA ARG A 82 2.97 -5.84 -5.72
C ARG A 82 2.15 -6.01 -4.42
N VAL A 83 1.01 -5.32 -4.33
CA VAL A 83 0.11 -5.45 -3.17
C VAL A 83 -1.36 -5.54 -3.61
N ALA A 84 -1.98 -6.70 -3.40
CA ALA A 84 -3.39 -6.89 -3.76
C ALA A 84 -4.24 -7.27 -2.54
N ALA A 85 -5.37 -6.58 -2.37
CA ALA A 85 -6.26 -6.81 -1.24
C ALA A 85 -7.74 -6.73 -1.66
N ARG A 86 -8.64 -6.86 -0.70
CA ARG A 86 -10.08 -6.75 -0.93
C ARG A 86 -10.76 -5.94 0.19
N LEU A 87 -11.67 -5.07 -0.17
CA LEU A 87 -12.38 -4.23 0.81
C LEU A 87 -13.85 -4.70 0.94
N LEU A 88 -14.17 -5.35 2.06
CA LEU A 88 -15.49 -5.94 2.26
C LEU A 88 -16.33 -5.13 3.26
N ASP A 89 -17.65 -5.34 3.19
CA ASP A 89 -18.60 -4.69 4.09
C ASP A 89 -18.55 -5.30 5.50
N ALA A 90 -19.17 -4.62 6.47
CA ALA A 90 -19.18 -5.06 7.88
C ALA A 90 -19.73 -6.49 8.06
N HIS A 91 -20.43 -7.01 7.05
CA HIS A 91 -20.96 -8.38 7.09
C HIS A 91 -20.00 -9.39 6.43
N ASN A 92 -18.76 -8.99 6.19
CA ASN A 92 -17.72 -9.85 5.57
C ASN A 92 -18.13 -10.36 4.17
N ALA A 93 -19.15 -9.75 3.58
CA ALA A 93 -19.63 -10.16 2.25
C ALA A 93 -18.74 -9.56 1.14
N GLU A 94 -18.92 -8.28 0.87
CA GLU A 94 -18.15 -7.55 -0.15
C GLU A 94 -18.52 -6.06 -0.17
N LEU A 95 -17.70 -5.24 -0.82
CA LEU A 95 -17.99 -3.81 -0.95
C LEU A 95 -17.27 -3.19 -2.16
N ALA A 96 -15.96 -2.98 -2.05
CA ALA A 96 -15.20 -2.28 -3.08
C ALA A 96 -14.13 -3.17 -3.74
N SER A 97 -14.03 -3.10 -5.06
CA SER A 97 -13.02 -3.85 -5.81
C SER A 97 -11.63 -3.22 -5.65
N LEU A 98 -10.99 -3.46 -4.52
CA LEU A 98 -9.66 -2.91 -4.24
C LEU A 98 -8.61 -3.51 -5.18
N GLN A 99 -8.02 -2.68 -6.03
CA GLN A 99 -7.10 -3.15 -7.08
C GLN A 99 -5.71 -3.51 -6.54
N GLU A 100 -4.86 -4.04 -7.42
CA GLU A 100 -3.51 -4.45 -7.04
C GLU A 100 -2.47 -3.34 -7.30
N ILE A 101 -1.82 -2.88 -6.24
CA ILE A 101 -0.82 -1.83 -6.31
C ILE A 101 0.49 -2.35 -6.92
N ARG A 102 1.14 -1.51 -7.73
CA ARG A 102 2.36 -1.91 -8.46
C ARG A 102 3.42 -0.79 -8.44
N LEU A 103 4.50 -1.01 -7.71
CA LEU A 103 5.59 -0.02 -7.60
C LEU A 103 6.90 -0.57 -8.17
N THR A 104 7.56 0.19 -9.04
CA THR A 104 8.84 -0.20 -9.61
C THR A 104 9.92 0.86 -9.38
N ARG A 105 10.82 0.61 -8.43
CA ARG A 105 11.89 1.56 -8.09
C ARG A 105 13.17 1.28 -8.89
N ILE A 106 13.86 2.35 -9.27
CA ILE A 106 15.07 2.25 -10.09
C ILE A 106 16.34 2.34 -9.22
N LEU A 107 17.11 1.26 -9.16
CA LEU A 107 18.39 1.23 -8.45
C LEU A 107 19.55 1.52 -9.42
N PRO A 108 20.21 2.68 -9.29
CA PRO A 108 21.35 3.04 -10.16
C PRO A 108 22.65 2.32 -9.77
N PHE A 109 23.32 1.73 -10.76
CA PHE A 109 24.59 1.03 -10.52
C PHE A 109 25.61 1.27 -11.65
N LEU A 110 26.87 1.43 -11.25
CA LEU A 110 27.98 1.54 -12.19
C LEU A 110 29.14 0.67 -11.70
N ASP A 111 29.94 0.13 -12.62
CA ASP A 111 31.09 -0.71 -12.24
C ASP A 111 32.04 0.02 -11.26
N ALA A 112 32.11 1.35 -11.37
CA ALA A 112 32.93 2.16 -10.46
C ALA A 112 32.17 2.50 -9.15
N GLN A 113 30.84 2.38 -9.17
CA GLN A 113 30.01 2.74 -8.01
C GLN A 113 29.66 1.52 -7.14
N GLU A 114 30.31 1.42 -6.00
CA GLU A 114 29.95 0.41 -4.99
C GLU A 114 29.19 1.05 -3.82
N LEU A 115 29.29 2.38 -3.70
CA LEU A 115 28.64 3.12 -2.60
C LEU A 115 27.12 3.16 -2.77
N ALA A 116 26.67 3.54 -3.97
CA ALA A 116 25.23 3.67 -4.28
C ALA A 116 24.40 2.42 -3.87
N LYS A 117 25.06 1.26 -3.85
CA LYS A 117 24.38 -0.01 -3.56
C LYS A 117 23.91 -0.12 -2.09
N ALA A 118 24.44 0.72 -1.21
CA ALA A 118 24.10 0.68 0.22
C ALA A 118 22.87 1.53 0.55
N ALA A 119 23.02 2.85 0.46
CA ALA A 119 21.95 3.79 0.83
C ALA A 119 20.74 3.69 -0.11
N GLU A 120 20.99 3.82 -1.43
CA GLU A 120 19.90 3.84 -2.41
C GLU A 120 19.02 2.58 -2.33
N GLU A 121 19.62 1.41 -2.45
CA GLU A 121 18.87 0.14 -2.44
C GLU A 121 18.06 -0.01 -1.14
N GLU A 122 18.69 0.29 0.00
CA GLU A 122 18.00 0.26 1.30
C GLU A 122 16.78 1.20 1.31
N MET A 123 17.01 2.46 0.93
CA MET A 123 15.95 3.47 0.92
C MET A 123 14.80 3.08 -0.02
N LEU A 124 15.15 2.44 -1.14
CA LEU A 124 14.14 2.01 -2.12
C LEU A 124 13.25 0.87 -1.58
N TYR A 125 13.84 -0.05 -0.82
CA TYR A 125 13.07 -1.14 -0.19
C TYR A 125 11.96 -0.57 0.71
N LYS A 126 12.35 0.19 1.73
CA LYS A 126 11.38 0.80 2.64
C LYS A 126 10.55 1.90 1.94
N ASP A 127 11.02 2.39 0.80
CA ASP A 127 10.23 3.31 -0.03
C ASP A 127 9.02 2.58 -0.63
N MET A 128 9.24 1.34 -1.11
CA MET A 128 8.16 0.51 -1.63
C MET A 128 7.13 0.20 -0.53
N GLN A 129 7.62 -0.21 0.65
CA GLN A 129 6.74 -0.43 1.80
C GLN A 129 5.94 0.84 2.13
N LYS A 130 6.66 1.94 2.36
CA LYS A 130 6.06 3.22 2.72
C LYS A 130 4.99 3.68 1.73
N ASP A 131 5.36 3.79 0.46
CA ASP A 131 4.42 4.30 -0.55
C ASP A 131 3.25 3.33 -0.78
N ALA A 132 3.54 2.02 -0.91
CA ALA A 132 2.50 1.01 -1.14
C ALA A 132 1.47 0.97 -0.02
N VAL A 133 1.94 0.93 1.23
CA VAL A 133 1.04 0.88 2.38
C VAL A 133 0.16 2.15 2.48
N GLN A 134 0.71 3.29 2.00
CA GLN A 134 -0.09 4.52 1.90
C GLN A 134 -1.13 4.41 0.78
N GLN A 135 -0.73 3.80 -0.35
CA GLN A 135 -1.64 3.57 -1.49
C GLN A 135 -2.91 2.83 -1.02
N ILE A 136 -2.71 1.79 -0.22
CA ILE A 136 -3.83 0.99 0.33
C ILE A 136 -4.83 1.89 1.06
N LEU A 137 -4.36 2.55 2.11
CA LEU A 137 -5.20 3.47 2.90
C LEU A 137 -5.87 4.54 2.02
N ARG A 138 -5.11 5.05 1.05
CA ARG A 138 -5.60 6.07 0.11
C ARG A 138 -6.87 5.58 -0.62
N GLN A 139 -6.88 4.29 -0.99
CA GLN A 139 -8.05 3.69 -1.65
C GLN A 139 -9.12 3.25 -0.63
N VAL A 140 -8.68 2.70 0.50
CA VAL A 140 -9.58 2.22 1.56
C VAL A 140 -10.38 3.37 2.18
N SER A 141 -9.93 4.61 1.98
CA SER A 141 -10.66 5.80 2.43
C SER A 141 -11.49 6.41 1.30
N ALA A 142 -10.89 6.55 0.12
CA ALA A 142 -11.54 7.23 -1.01
C ALA A 142 -12.43 6.31 -1.86
N PHE A 143 -12.56 5.03 -1.48
CA PHE A 143 -13.39 4.07 -2.23
C PHE A 143 -14.87 4.52 -2.30
N THR A 144 -15.33 5.20 -1.25
CA THR A 144 -16.74 5.59 -1.12
C THR A 144 -17.06 6.87 -1.92
N SER A 145 -16.03 7.56 -2.39
CA SER A 145 -16.23 8.78 -3.19
C SER A 145 -16.41 8.45 -4.67
N ALA A 146 -17.66 8.17 -5.07
CA ALA A 146 -17.97 7.77 -6.44
C ALA A 146 -18.32 8.97 -7.34
N GLY A 147 -19.43 9.65 -7.02
CA GLY A 147 -19.91 10.75 -7.84
C GLY A 147 -21.08 10.35 -8.75
N LEU A 148 -22.23 10.08 -8.13
CA LEU A 148 -23.42 9.59 -8.87
C LEU A 148 -24.08 10.67 -9.74
N GLU A 149 -23.44 11.84 -9.86
CA GLU A 149 -23.96 12.94 -10.67
C GLU A 149 -23.67 12.74 -12.17
N HIS A 150 -22.70 11.89 -12.49
CA HIS A 150 -22.24 11.72 -13.86
C HIS A 150 -23.30 11.05 -14.76
N HIS A 151 -23.97 11.86 -15.58
CA HIS A 151 -25.01 11.38 -16.48
C HIS A 151 -24.41 10.68 -17.72
N HIS A 152 -23.98 9.43 -17.53
CA HIS A 152 -23.45 8.60 -18.63
C HIS A 152 -23.60 7.10 -18.29
N HIS A 153 -24.68 6.74 -17.61
CA HIS A 153 -24.98 5.34 -17.31
C HIS A 153 -26.24 4.90 -18.07
N HIS A 154 -26.25 3.66 -18.57
CA HIS A 154 -27.38 3.14 -19.35
C HIS A 154 -28.59 2.84 -18.45
N HIS A 155 -28.32 2.49 -17.20
CA HIS A 155 -29.39 2.13 -16.24
C HIS A 155 -29.43 3.12 -15.05
N MET A 1 -11.14 29.60 21.40
CA MET A 1 -10.40 28.88 22.47
C MET A 1 -9.42 27.84 21.90
N GLY A 2 -8.14 28.19 21.84
CA GLY A 2 -7.11 27.27 21.33
C GLY A 2 -7.38 26.77 19.92
N PHE A 3 -6.95 27.52 18.91
CA PHE A 3 -7.19 27.15 17.51
C PHE A 3 -6.26 26.02 17.04
N LYS A 4 -6.78 24.79 17.00
CA LYS A 4 -6.01 23.65 16.50
C LYS A 4 -6.82 22.82 15.49
N LEU A 5 -6.12 22.06 14.65
CA LEU A 5 -6.76 21.24 13.61
C LEU A 5 -6.89 19.78 14.06
N ARG A 6 -7.50 18.96 13.22
CA ARG A 6 -7.72 17.54 13.54
C ARG A 6 -6.49 16.68 13.20
N GLY A 7 -5.80 17.02 12.12
CA GLY A 7 -4.62 16.26 11.69
C GLY A 7 -4.95 15.01 10.89
N GLN A 8 -5.94 15.11 10.00
CA GLN A 8 -6.34 13.98 9.14
C GLN A 8 -5.93 14.22 7.68
N VAL A 9 -4.97 13.44 7.19
CA VAL A 9 -4.57 13.50 5.79
C VAL A 9 -5.56 12.72 4.90
N SER A 10 -6.22 11.72 5.50
CA SER A 10 -7.21 10.90 4.80
C SER A 10 -8.42 10.64 5.70
N GLU A 11 -9.57 10.35 5.10
CA GLU A 11 -10.80 10.13 5.86
C GLU A 11 -11.75 9.17 5.14
N LEU A 12 -12.55 8.44 5.92
CA LEU A 12 -13.42 7.40 5.38
C LEU A 12 -14.72 7.26 6.20
N PRO A 13 -15.82 6.82 5.55
CA PRO A 13 -17.16 6.80 6.17
C PRO A 13 -17.39 5.63 7.16
N PHE A 14 -16.35 5.27 7.91
CA PHE A 14 -16.47 4.23 8.95
C PHE A 14 -15.44 4.43 10.08
N GLU A 15 -15.88 4.23 11.34
CA GLU A 15 -15.06 4.52 12.51
C GLU A 15 -14.27 3.30 13.04
N ARG A 16 -14.60 2.10 12.58
CA ARG A 16 -14.00 0.88 13.11
C ARG A 16 -13.87 -0.22 12.04
N VAL A 17 -12.70 -0.86 11.98
CA VAL A 17 -12.42 -1.88 10.96
C VAL A 17 -11.70 -3.10 11.55
N TYR A 18 -11.66 -4.18 10.78
CA TYR A 18 -10.95 -5.40 11.16
C TYR A 18 -9.90 -5.76 10.09
N ILE A 19 -8.71 -6.18 10.53
CA ILE A 19 -7.63 -6.56 9.61
C ILE A 19 -7.35 -8.07 9.64
N THR A 20 -6.93 -8.62 8.50
CA THR A 20 -6.58 -10.05 8.43
C THR A 20 -5.53 -10.33 7.33
N ALA A 21 -4.67 -11.31 7.59
CA ALA A 21 -3.60 -11.68 6.66
C ALA A 21 -3.39 -13.20 6.61
N PRO A 22 -3.19 -13.79 5.41
CA PRO A 22 -3.08 -15.25 5.24
C PRO A 22 -1.82 -15.85 5.90
N ALA A 23 -0.66 -15.21 5.66
CA ALA A 23 0.62 -15.72 6.18
C ALA A 23 1.27 -14.75 7.17
N GLY A 24 0.51 -13.75 7.64
CA GLY A 24 1.06 -12.75 8.56
C GLY A 24 2.25 -11.98 7.97
N LEU A 25 1.96 -11.05 7.06
CA LEU A 25 3.01 -10.31 6.35
C LEU A 25 3.29 -8.95 7.01
N THR A 26 4.50 -8.42 6.80
CA THR A 26 4.89 -7.10 7.32
C THR A 26 3.86 -6.02 6.95
N ILE A 27 3.44 -6.03 5.68
CA ILE A 27 2.45 -5.08 5.17
C ILE A 27 1.24 -4.92 6.12
N GLY A 28 0.85 -6.00 6.80
CA GLY A 28 -0.25 -5.95 7.75
C GLY A 28 0.10 -5.20 9.03
N SER A 29 1.33 -5.38 9.50
CA SER A 29 1.80 -4.70 10.71
C SER A 29 1.77 -3.17 10.54
N ASP A 30 2.39 -2.69 9.47
CA ASP A 30 2.36 -1.27 9.13
C ASP A 30 0.93 -0.79 8.87
N LEU A 31 0.14 -1.62 8.19
CA LEU A 31 -1.25 -1.30 7.83
C LEU A 31 -2.09 -0.86 9.05
N GLU A 32 -2.08 -1.69 10.11
CA GLU A 32 -2.83 -1.38 11.34
C GLU A 32 -2.55 0.05 11.83
N ARG A 33 -1.27 0.42 11.81
CA ARG A 33 -0.84 1.70 12.37
C ARG A 33 -1.16 2.86 11.42
N VAL A 34 -0.79 2.71 10.14
CA VAL A 34 -1.02 3.76 9.13
C VAL A 34 -2.51 4.14 9.04
N ILE A 35 -3.39 3.14 8.99
CA ILE A 35 -4.83 3.40 8.96
C ILE A 35 -5.29 4.15 10.22
N SER A 36 -5.06 3.55 11.38
CA SER A 36 -5.50 4.12 12.67
C SER A 36 -4.98 5.54 12.91
N THR A 37 -3.73 5.81 12.52
CA THR A 37 -3.08 7.10 12.80
C THR A 37 -3.54 8.22 11.84
N HIS A 38 -3.77 7.88 10.57
CA HIS A 38 -4.04 8.90 9.54
C HIS A 38 -5.54 9.04 9.20
N THR A 39 -6.34 8.00 9.43
CA THR A 39 -7.78 8.05 9.09
C THR A 39 -8.64 8.35 10.32
N ARG A 40 -9.96 8.12 10.19
CA ARG A 40 -10.89 8.30 11.30
C ARG A 40 -11.29 6.93 11.89
N ALA A 41 -10.71 5.86 11.35
CA ALA A 41 -11.07 4.49 11.74
C ALA A 41 -10.13 3.92 12.82
N LYS A 42 -10.67 3.02 13.64
CA LYS A 42 -9.90 2.32 14.67
C LYS A 42 -9.95 0.80 14.42
N VAL A 43 -8.79 0.16 14.40
CA VAL A 43 -8.71 -1.29 14.16
C VAL A 43 -9.10 -2.09 15.41
N VAL A 44 -10.11 -2.95 15.29
CA VAL A 44 -10.58 -3.77 16.40
C VAL A 44 -10.14 -5.25 16.23
N ASN A 45 -10.17 -6.00 17.33
CA ASN A 45 -9.66 -7.38 17.33
C ASN A 45 -10.78 -8.42 17.09
N LYS A 46 -11.89 -7.97 16.48
CA LYS A 46 -12.97 -8.89 16.11
C LYS A 46 -13.82 -8.31 14.97
N ALA A 47 -14.22 -9.17 14.03
CA ALA A 47 -15.00 -8.76 12.86
C ALA A 47 -16.50 -8.60 13.21
N GLU A 48 -16.97 -9.37 14.18
CA GLU A 48 -18.40 -9.43 14.53
C GLU A 48 -18.96 -8.08 15.03
N LYS A 49 -18.07 -7.11 15.30
CA LYS A 49 -18.50 -5.76 15.66
C LYS A 49 -17.57 -4.71 15.01
N SER A 50 -17.74 -4.53 13.71
CA SER A 50 -16.94 -3.57 12.92
C SER A 50 -17.74 -3.06 11.72
N GLU A 51 -17.18 -2.13 10.96
CA GLU A 51 -17.87 -1.58 9.78
C GLU A 51 -17.34 -2.17 8.47
N ALA A 52 -16.08 -2.59 8.45
CA ALA A 52 -15.44 -3.15 7.25
C ALA A 52 -14.20 -3.99 7.58
N ILE A 53 -13.81 -4.87 6.66
CA ILE A 53 -12.63 -5.73 6.85
C ILE A 53 -11.60 -5.54 5.72
N ILE A 54 -10.35 -5.27 6.11
CA ILE A 54 -9.26 -5.16 5.14
C ILE A 54 -8.46 -6.47 5.10
N GLN A 55 -8.60 -7.21 4.00
CA GLN A 55 -7.91 -8.50 3.83
C GLN A 55 -6.81 -8.40 2.77
N ILE A 56 -5.56 -8.49 3.20
CA ILE A 56 -4.42 -8.45 2.29
C ILE A 56 -4.13 -9.86 1.74
N VAL A 57 -4.10 -9.98 0.41
CA VAL A 57 -3.91 -11.28 -0.24
C VAL A 57 -2.42 -11.65 -0.33
N HIS A 58 -1.64 -10.89 -1.10
CA HIS A 58 -0.20 -11.14 -1.25
C HIS A 58 0.59 -9.85 -1.55
N ALA A 59 1.80 -9.78 -1.02
CA ALA A 59 2.74 -8.69 -1.30
C ALA A 59 3.97 -9.21 -2.05
N ILE A 60 4.08 -8.88 -3.33
CA ILE A 60 5.15 -9.44 -4.19
C ILE A 60 6.14 -8.35 -4.64
N ARG A 61 7.43 -8.59 -4.44
CA ARG A 61 8.47 -7.69 -4.96
C ARG A 61 9.39 -8.41 -5.97
N GLU A 62 9.39 -7.93 -7.21
CA GLU A 62 10.22 -8.49 -8.28
C GLU A 62 11.48 -7.65 -8.50
N LYS A 63 12.63 -8.31 -8.59
CA LYS A 63 13.90 -7.63 -8.85
C LYS A 63 14.37 -7.87 -10.29
N ARG A 64 14.18 -6.88 -11.16
CA ARG A 64 14.48 -7.00 -12.59
C ARG A 64 15.58 -6.02 -13.05
N ILE A 65 16.06 -6.20 -14.27
CA ILE A 65 16.89 -5.21 -14.94
C ILE A 65 16.01 -4.23 -15.74
N LEU A 66 16.30 -2.94 -15.65
CA LEU A 66 15.56 -1.91 -16.40
C LEU A 66 16.22 -1.61 -17.74
N SER A 67 17.56 -1.58 -17.76
CA SER A 67 18.31 -1.28 -18.98
C SER A 67 19.74 -1.86 -18.94
N LEU A 68 20.17 -2.42 -20.07
CA LEU A 68 21.56 -2.92 -20.23
C LEU A 68 22.28 -2.18 -21.36
N SER A 69 23.58 -1.95 -21.18
CA SER A 69 24.42 -1.35 -22.23
C SER A 69 25.18 -2.44 -22.99
N GLU A 70 26.01 -2.03 -23.95
CA GLU A 70 26.76 -2.99 -24.79
C GLU A 70 27.49 -4.04 -23.96
N SER A 71 27.44 -5.30 -24.43
CA SER A 71 28.06 -6.45 -23.73
C SER A 71 27.32 -6.79 -22.43
N GLY A 72 26.05 -6.41 -22.34
CA GLY A 72 25.21 -6.77 -21.20
C GLY A 72 25.61 -6.09 -19.88
N ARG A 73 26.25 -4.93 -19.97
CA ARG A 73 26.67 -4.19 -18.78
C ARG A 73 25.47 -3.56 -18.05
N VAL A 74 25.35 -3.85 -16.76
CA VAL A 74 24.23 -3.36 -15.94
C VAL A 74 24.19 -1.83 -15.86
N ARG A 75 22.98 -1.27 -15.90
CA ARG A 75 22.77 0.18 -15.81
C ARG A 75 21.79 0.52 -14.69
N GLU A 76 20.50 0.36 -14.99
CA GLU A 76 19.43 0.63 -14.03
C GLU A 76 18.69 -0.68 -13.68
N PHE A 77 18.40 -0.87 -12.39
CA PHE A 77 17.76 -2.09 -11.90
C PHE A 77 16.32 -1.78 -11.43
N GLU A 78 15.32 -2.49 -11.97
CA GLU A 78 13.91 -2.20 -11.67
C GLU A 78 13.40 -2.99 -10.46
N LEU A 79 13.06 -2.27 -9.40
CA LEU A 79 12.45 -2.87 -8.21
C LEU A 79 10.93 -2.60 -8.18
N VAL A 80 10.15 -3.56 -8.65
CA VAL A 80 8.69 -3.41 -8.71
C VAL A 80 7.98 -4.17 -7.58
N TYR A 81 7.29 -3.42 -6.72
CA TYR A 81 6.56 -3.99 -5.58
C TYR A 81 5.04 -3.88 -5.79
N ARG A 82 4.36 -5.03 -5.78
CA ARG A 82 2.91 -5.08 -5.97
C ARG A 82 2.19 -5.44 -4.67
N VAL A 83 1.06 -4.79 -4.42
CA VAL A 83 0.21 -5.11 -3.27
C VAL A 83 -1.19 -5.54 -3.71
N ALA A 84 -1.51 -6.82 -3.51
CA ALA A 84 -2.83 -7.37 -3.86
C ALA A 84 -3.67 -7.61 -2.60
N ALA A 85 -4.86 -7.01 -2.54
CA ALA A 85 -5.73 -7.14 -1.36
C ALA A 85 -7.21 -7.08 -1.74
N ARG A 86 -8.08 -7.15 -0.73
CA ARG A 86 -9.54 -7.06 -0.91
C ARG A 86 -10.17 -6.28 0.25
N LEU A 87 -11.27 -5.58 -0.03
CA LEU A 87 -11.98 -4.80 1.00
C LEU A 87 -13.37 -5.42 1.26
N LEU A 88 -13.48 -6.20 2.33
CA LEU A 88 -14.72 -6.95 2.61
C LEU A 88 -15.60 -6.26 3.66
N ASP A 89 -16.79 -6.82 3.85
CA ASP A 89 -17.73 -6.37 4.88
C ASP A 89 -17.32 -6.90 6.27
N ALA A 90 -17.87 -6.30 7.32
CA ALA A 90 -17.58 -6.71 8.71
C ALA A 90 -17.75 -8.22 8.94
N HIS A 91 -18.56 -8.87 8.10
CA HIS A 91 -18.85 -10.31 8.25
C HIS A 91 -18.08 -11.15 7.22
N ASN A 92 -16.98 -10.58 6.68
CA ASN A 92 -16.12 -11.26 5.69
C ASN A 92 -16.85 -11.49 4.35
N ALA A 93 -17.91 -10.73 4.11
CA ALA A 93 -18.64 -10.79 2.83
C ALA A 93 -17.96 -9.89 1.79
N GLU A 94 -17.81 -10.39 0.56
CA GLU A 94 -17.20 -9.61 -0.52
C GLU A 94 -17.94 -8.28 -0.75
N LEU A 95 -17.20 -7.17 -0.74
CA LEU A 95 -17.79 -5.84 -0.87
C LEU A 95 -17.09 -5.03 -1.98
N ALA A 96 -15.91 -4.50 -1.69
CA ALA A 96 -15.15 -3.68 -2.65
C ALA A 96 -13.82 -4.34 -3.01
N SER A 97 -13.60 -4.56 -4.30
CA SER A 97 -12.32 -5.12 -4.76
C SER A 97 -11.19 -4.09 -4.61
N LEU A 98 -10.49 -4.13 -3.46
CA LEU A 98 -9.34 -3.25 -3.23
C LEU A 98 -8.25 -3.55 -4.28
N GLN A 99 -8.28 -2.81 -5.39
CA GLN A 99 -7.45 -3.12 -6.56
C GLN A 99 -5.95 -3.09 -6.25
N GLU A 100 -5.21 -3.94 -6.96
CA GLU A 100 -3.78 -4.13 -6.74
C GLU A 100 -2.96 -2.88 -7.12
N ILE A 101 -1.92 -2.62 -6.34
CA ILE A 101 -1.05 -1.44 -6.54
C ILE A 101 0.34 -1.86 -7.02
N ARG A 102 0.86 -1.17 -8.04
CA ARG A 102 2.19 -1.46 -8.60
C ARG A 102 3.13 -0.25 -8.49
N LEU A 103 4.15 -0.35 -7.63
CA LEU A 103 5.15 0.71 -7.48
C LEU A 103 6.52 0.26 -8.00
N THR A 104 7.26 1.16 -8.65
CA THR A 104 8.59 0.81 -9.19
C THR A 104 9.69 1.79 -8.74
N ARG A 105 10.69 1.27 -8.05
CA ARG A 105 11.88 2.05 -7.65
C ARG A 105 13.09 1.66 -8.52
N ILE A 106 14.02 2.60 -8.72
CA ILE A 106 15.17 2.36 -9.61
C ILE A 106 16.50 2.27 -8.85
N LEU A 107 17.17 1.12 -8.97
CA LEU A 107 18.47 0.87 -8.34
C LEU A 107 19.62 1.14 -9.34
N PRO A 108 20.45 2.18 -9.10
CA PRO A 108 21.59 2.51 -9.99
C PRO A 108 22.79 1.56 -9.83
N PHE A 109 23.45 1.23 -10.94
CA PHE A 109 24.59 0.30 -10.91
C PHE A 109 25.92 1.00 -10.56
N LEU A 110 26.41 0.76 -9.35
CA LEU A 110 27.78 1.15 -8.96
C LEU A 110 28.59 -0.10 -8.62
N ASP A 111 29.64 -0.37 -9.38
CA ASP A 111 30.43 -1.60 -9.25
C ASP A 111 31.22 -1.68 -7.93
N ALA A 112 32.28 -0.90 -7.82
CA ALA A 112 33.24 -1.00 -6.71
C ALA A 112 32.76 -0.32 -5.41
N GLN A 113 31.45 -0.33 -5.16
CA GLN A 113 30.89 0.27 -3.93
C GLN A 113 29.74 -0.59 -3.37
N GLU A 114 30.06 -1.41 -2.36
CA GLU A 114 29.05 -2.27 -1.71
C GLU A 114 27.97 -1.45 -0.98
N LEU A 115 28.37 -0.32 -0.40
CA LEU A 115 27.41 0.58 0.27
C LEU A 115 26.36 1.08 -0.73
N ALA A 116 26.82 1.43 -1.93
CA ALA A 116 25.93 1.87 -3.01
C ALA A 116 25.15 0.69 -3.63
N LYS A 117 25.22 -0.48 -2.99
CA LYS A 117 24.41 -1.65 -3.37
C LYS A 117 23.39 -1.97 -2.27
N ALA A 118 23.90 -2.40 -1.11
CA ALA A 118 23.05 -2.78 0.03
C ALA A 118 22.28 -1.58 0.60
N ALA A 119 22.99 -0.56 1.06
CA ALA A 119 22.36 0.63 1.65
C ALA A 119 21.44 1.34 0.64
N GLU A 120 21.88 1.39 -0.62
CA GLU A 120 21.10 1.99 -1.71
C GLU A 120 19.76 1.24 -1.88
N GLU A 121 19.82 -0.07 -2.08
CA GLU A 121 18.62 -0.91 -2.24
C GLU A 121 17.73 -0.84 -0.99
N GLU A 122 18.38 -0.83 0.19
CA GLU A 122 17.67 -0.72 1.47
C GLU A 122 16.76 0.51 1.50
N MET A 123 17.28 1.66 1.07
CA MET A 123 16.49 2.90 0.99
C MET A 123 15.23 2.70 0.12
N LEU A 124 15.44 2.13 -1.07
CA LEU A 124 14.34 1.89 -2.02
C LEU A 124 13.32 0.88 -1.46
N TYR A 125 13.82 -0.16 -0.79
CA TYR A 125 12.95 -1.18 -0.18
C TYR A 125 11.99 -0.56 0.84
N LYS A 126 12.54 0.18 1.80
CA LYS A 126 11.74 0.81 2.85
C LYS A 126 10.90 1.97 2.29
N ASP A 127 11.39 2.61 1.23
CA ASP A 127 10.66 3.69 0.58
C ASP A 127 9.37 3.17 -0.08
N MET A 128 9.50 2.12 -0.89
CA MET A 128 8.33 1.52 -1.55
C MET A 128 7.41 0.82 -0.54
N GLN A 129 8.00 0.24 0.52
CA GLN A 129 7.22 -0.34 1.62
C GLN A 129 6.36 0.75 2.30
N LYS A 130 6.98 1.93 2.50
CA LYS A 130 6.29 3.09 3.06
C LYS A 130 5.18 3.60 2.10
N ASP A 131 5.58 3.96 0.89
CA ASP A 131 4.67 4.48 -0.12
C ASP A 131 3.48 3.52 -0.35
N ALA A 132 3.77 2.23 -0.46
CA ALA A 132 2.74 1.21 -0.71
C ALA A 132 1.59 1.28 0.31
N VAL A 133 1.91 1.26 1.60
CA VAL A 133 0.88 1.30 2.65
C VAL A 133 0.14 2.66 2.64
N GLN A 134 0.81 3.71 2.19
CA GLN A 134 0.17 5.03 2.02
C GLN A 134 -0.76 5.01 0.79
N GLN A 135 -0.37 4.25 -0.24
CA GLN A 135 -1.21 4.06 -1.43
C GLN A 135 -2.48 3.26 -1.06
N ILE A 136 -2.31 2.23 -0.22
CA ILE A 136 -3.43 1.48 0.33
C ILE A 136 -4.34 2.42 1.14
N LEU A 137 -3.73 3.15 2.07
CA LEU A 137 -4.42 4.17 2.87
C LEU A 137 -5.32 5.06 1.98
N ARG A 138 -4.71 5.64 0.96
CA ARG A 138 -5.41 6.52 0.03
C ARG A 138 -6.57 5.82 -0.70
N GLN A 139 -6.33 4.60 -1.19
CA GLN A 139 -7.37 3.86 -1.93
C GLN A 139 -8.55 3.47 -1.01
N VAL A 140 -8.25 2.96 0.18
CA VAL A 140 -9.29 2.61 1.15
C VAL A 140 -10.07 3.87 1.60
N SER A 141 -9.37 4.99 1.66
CA SER A 141 -9.99 6.28 2.03
C SER A 141 -10.83 6.86 0.88
N ALA A 142 -10.69 6.31 -0.33
CA ALA A 142 -11.37 6.87 -1.51
C ALA A 142 -12.02 5.81 -2.41
N PHE A 143 -12.18 4.58 -1.93
CA PHE A 143 -12.81 3.51 -2.75
C PHE A 143 -14.22 3.90 -3.21
N THR A 144 -14.91 4.70 -2.38
CA THR A 144 -16.27 5.17 -2.71
C THR A 144 -16.27 6.10 -3.93
N SER A 145 -15.14 6.76 -4.18
CA SER A 145 -14.97 7.63 -5.34
C SER A 145 -14.09 6.96 -6.40
N ALA A 146 -14.73 6.38 -7.41
CA ALA A 146 -14.02 5.61 -8.45
C ALA A 146 -13.05 6.48 -9.27
N GLY A 147 -13.54 7.59 -9.79
CA GLY A 147 -12.74 8.41 -10.70
C GLY A 147 -12.58 7.75 -12.06
N LEU A 148 -13.70 7.42 -12.70
CA LEU A 148 -13.71 6.68 -13.96
C LEU A 148 -13.86 7.62 -15.17
N GLU A 149 -13.61 8.91 -14.94
CA GLU A 149 -13.69 9.92 -16.02
C GLU A 149 -12.71 9.60 -17.14
N HIS A 150 -11.44 9.49 -16.79
CA HIS A 150 -10.36 9.19 -17.75
C HIS A 150 -10.14 7.68 -17.85
N HIS A 151 -11.22 6.95 -18.11
CA HIS A 151 -11.17 5.48 -18.19
C HIS A 151 -10.32 4.98 -19.37
N HIS A 152 -9.01 4.81 -19.12
CA HIS A 152 -8.08 4.28 -20.13
C HIS A 152 -6.90 3.55 -19.44
N HIS A 153 -7.19 2.97 -18.28
CA HIS A 153 -6.17 2.27 -17.48
C HIS A 153 -5.44 1.18 -18.30
N HIS A 154 -4.13 1.38 -18.49
CA HIS A 154 -3.31 0.39 -19.21
C HIS A 154 -2.85 -0.73 -18.26
N HIS A 155 -3.17 -1.97 -18.63
CA HIS A 155 -2.76 -3.15 -17.85
C HIS A 155 -1.36 -3.65 -18.26
N MET A 1 -14.30 15.24 -11.38
CA MET A 1 -13.82 16.65 -11.33
C MET A 1 -13.83 17.22 -9.89
N GLY A 2 -14.49 16.51 -8.97
CA GLY A 2 -14.64 17.01 -7.61
C GLY A 2 -13.54 16.54 -6.66
N PHE A 3 -12.46 17.31 -6.59
CA PHE A 3 -11.35 17.00 -5.68
C PHE A 3 -11.79 17.14 -4.21
N LYS A 4 -11.61 16.08 -3.43
CA LYS A 4 -12.14 16.03 -2.06
C LYS A 4 -11.08 16.40 -0.99
N LEU A 5 -10.18 17.32 -1.33
CA LEU A 5 -9.14 17.76 -0.39
C LEU A 5 -9.72 18.54 0.80
N ARG A 6 -10.09 17.82 1.86
CA ARG A 6 -10.56 18.44 3.10
C ARG A 6 -9.40 18.61 4.09
N GLY A 7 -9.57 19.49 5.09
CA GLY A 7 -8.50 19.80 6.04
C GLY A 7 -7.97 18.62 6.84
N GLN A 8 -8.59 17.45 6.70
CA GLN A 8 -8.10 16.22 7.34
C GLN A 8 -6.87 15.65 6.60
N VAL A 9 -6.19 14.67 7.22
CA VAL A 9 -5.03 14.04 6.59
C VAL A 9 -5.45 12.97 5.56
N SER A 10 -6.28 12.02 5.98
CA SER A 10 -6.77 10.95 5.08
C SER A 10 -7.78 10.06 5.82
N GLU A 11 -8.90 10.63 6.24
CA GLU A 11 -9.88 9.91 7.07
C GLU A 11 -11.06 9.38 6.25
N LEU A 12 -11.69 8.32 6.79
CA LEU A 12 -12.79 7.63 6.11
C LEU A 12 -14.04 7.52 7.02
N PRO A 13 -15.24 7.32 6.44
CA PRO A 13 -16.51 7.39 7.19
C PRO A 13 -16.70 6.26 8.23
N PHE A 14 -16.16 5.07 7.95
CA PHE A 14 -16.32 3.93 8.86
C PHE A 14 -15.28 3.98 10.00
N GLU A 15 -15.76 4.26 11.21
CA GLU A 15 -14.90 4.51 12.39
C GLU A 15 -14.17 3.27 12.92
N ARG A 16 -14.49 2.09 12.41
CA ARG A 16 -13.92 0.85 12.96
C ARG A 16 -13.58 -0.13 11.83
N VAL A 17 -12.34 -0.60 11.79
CA VAL A 17 -11.90 -1.52 10.74
C VAL A 17 -11.23 -2.78 11.31
N TYR A 18 -11.33 -3.88 10.57
CA TYR A 18 -10.66 -5.13 10.93
C TYR A 18 -9.67 -5.54 9.83
N ILE A 19 -8.47 -5.92 10.23
CA ILE A 19 -7.43 -6.35 9.27
C ILE A 19 -7.24 -7.87 9.33
N THR A 20 -7.09 -8.49 8.16
CA THR A 20 -6.85 -9.94 8.09
C THR A 20 -5.85 -10.29 6.98
N ALA A 21 -4.87 -11.13 7.32
CA ALA A 21 -3.82 -11.54 6.38
C ALA A 21 -3.51 -13.04 6.49
N PRO A 22 -3.43 -13.76 5.35
CA PRO A 22 -3.19 -15.22 5.34
C PRO A 22 -1.85 -15.63 5.95
N ALA A 23 -0.96 -14.65 6.16
CA ALA A 23 0.37 -14.92 6.71
C ALA A 23 0.94 -13.67 7.41
N GLY A 24 2.12 -13.81 8.00
CA GLY A 24 2.79 -12.67 8.63
C GLY A 24 3.34 -11.67 7.61
N LEU A 25 2.43 -10.91 7.00
CA LEU A 25 2.78 -9.98 5.94
C LEU A 25 3.10 -8.58 6.47
N THR A 26 4.30 -8.09 6.17
CA THR A 26 4.75 -6.75 6.59
C THR A 26 3.73 -5.67 6.18
N ILE A 27 3.24 -5.76 4.95
CA ILE A 27 2.21 -4.85 4.43
C ILE A 27 1.02 -4.71 5.42
N GLY A 28 0.72 -5.80 6.13
CA GLY A 28 -0.34 -5.76 7.13
C GLY A 28 0.12 -5.14 8.45
N SER A 29 1.33 -5.50 8.89
CA SER A 29 1.91 -4.98 10.14
C SER A 29 1.93 -3.45 10.14
N ASP A 30 2.35 -2.87 9.02
CA ASP A 30 2.32 -1.41 8.85
C ASP A 30 0.87 -0.89 8.76
N LEU A 31 0.04 -1.60 7.99
CA LEU A 31 -1.37 -1.20 7.78
C LEU A 31 -2.11 -0.92 9.09
N GLU A 32 -1.97 -1.83 10.06
CA GLU A 32 -2.61 -1.67 11.38
C GLU A 32 -2.34 -0.28 11.98
N ARG A 33 -1.11 0.19 11.81
CA ARG A 33 -0.65 1.45 12.40
C ARG A 33 -1.00 2.66 11.52
N VAL A 34 -0.78 2.51 10.21
CA VAL A 34 -1.06 3.58 9.25
C VAL A 34 -2.52 4.05 9.34
N ILE A 35 -3.45 3.10 9.42
CA ILE A 35 -4.87 3.43 9.57
C ILE A 35 -5.16 4.06 10.94
N SER A 36 -4.81 3.34 12.01
CA SER A 36 -5.14 3.75 13.38
C SER A 36 -4.57 5.14 13.74
N THR A 37 -3.52 5.57 13.04
CA THR A 37 -2.91 6.88 13.28
C THR A 37 -3.44 7.97 12.32
N HIS A 38 -3.37 7.70 11.02
CA HIS A 38 -3.72 8.70 10.00
C HIS A 38 -5.24 8.79 9.76
N THR A 39 -6.02 7.92 10.38
CA THR A 39 -7.48 8.01 10.33
C THR A 39 -8.08 7.91 11.74
N ARG A 40 -9.30 8.40 11.93
CA ARG A 40 -9.97 8.28 13.22
C ARG A 40 -10.49 6.83 13.44
N ALA A 41 -10.42 6.01 12.40
CA ALA A 41 -10.84 4.62 12.47
C ALA A 41 -9.86 3.77 13.28
N LYS A 42 -10.36 3.00 14.23
CA LYS A 42 -9.51 2.16 15.08
C LYS A 42 -9.58 0.70 14.65
N VAL A 43 -8.42 0.03 14.60
CA VAL A 43 -8.34 -1.37 14.20
C VAL A 43 -8.61 -2.32 15.38
N VAL A 44 -9.69 -3.09 15.29
CA VAL A 44 -10.04 -4.07 16.33
C VAL A 44 -9.49 -5.46 15.99
N ASN A 45 -9.48 -6.36 16.99
CA ASN A 45 -8.93 -7.71 16.79
C ASN A 45 -9.99 -8.69 16.28
N LYS A 46 -11.26 -8.26 16.22
CA LYS A 46 -12.34 -9.11 15.71
C LYS A 46 -13.38 -8.30 14.91
N ALA A 47 -13.72 -8.83 13.73
CA ALA A 47 -14.63 -8.16 12.79
C ALA A 47 -16.03 -7.91 13.36
N GLU A 48 -16.47 -8.80 14.25
CA GLU A 48 -17.81 -8.69 14.88
C GLU A 48 -18.02 -7.32 15.56
N LYS A 49 -16.92 -6.63 15.88
CA LYS A 49 -16.98 -5.31 16.52
C LYS A 49 -16.40 -4.21 15.61
N SER A 50 -16.45 -4.42 14.30
CA SER A 50 -15.92 -3.44 13.33
C SER A 50 -16.98 -3.02 12.31
N GLU A 51 -16.64 -2.05 11.47
CA GLU A 51 -17.53 -1.55 10.41
C GLU A 51 -17.18 -2.20 9.05
N ALA A 52 -15.88 -2.25 8.74
CA ALA A 52 -15.40 -2.80 7.47
C ALA A 52 -14.13 -3.65 7.66
N ILE A 53 -13.84 -4.52 6.68
CA ILE A 53 -12.66 -5.40 6.73
C ILE A 53 -11.71 -5.18 5.54
N ILE A 54 -10.41 -5.05 5.84
CA ILE A 54 -9.39 -4.98 4.80
C ILE A 54 -8.63 -6.31 4.70
N GLN A 55 -8.87 -7.05 3.61
CA GLN A 55 -8.25 -8.37 3.42
C GLN A 55 -7.13 -8.29 2.38
N ILE A 56 -5.88 -8.39 2.84
CA ILE A 56 -4.73 -8.33 1.93
C ILE A 56 -4.40 -9.75 1.41
N VAL A 57 -4.29 -9.88 0.09
CA VAL A 57 -4.07 -11.18 -0.54
C VAL A 57 -2.59 -11.60 -0.49
N HIS A 58 -1.75 -10.90 -1.27
CA HIS A 58 -0.31 -11.20 -1.32
C HIS A 58 0.50 -9.96 -1.72
N ALA A 59 1.74 -9.90 -1.24
CA ALA A 59 2.69 -8.84 -1.62
C ALA A 59 3.88 -9.43 -2.39
N ILE A 60 3.80 -9.42 -3.73
CA ILE A 60 4.80 -10.08 -4.57
C ILE A 60 6.03 -9.20 -4.81
N ARG A 61 7.22 -9.77 -4.54
CA ARG A 61 8.49 -9.08 -4.78
C ARG A 61 9.22 -9.71 -5.97
N GLU A 62 9.90 -8.89 -6.77
CA GLU A 62 10.73 -9.41 -7.87
C GLU A 62 11.74 -8.36 -8.37
N LYS A 63 12.93 -8.83 -8.74
CA LYS A 63 14.00 -7.95 -9.20
C LYS A 63 14.75 -8.56 -10.40
N ARG A 64 14.81 -7.82 -11.51
CA ARG A 64 15.50 -8.30 -12.72
C ARG A 64 16.24 -7.14 -13.42
N ILE A 65 17.15 -7.49 -14.32
CA ILE A 65 17.93 -6.48 -15.04
C ILE A 65 17.05 -5.72 -16.05
N LEU A 66 17.11 -4.38 -16.02
CA LEU A 66 16.24 -3.54 -16.86
C LEU A 66 17.02 -2.86 -18.01
N SER A 67 18.26 -2.47 -17.75
CA SER A 67 19.09 -1.80 -18.77
C SER A 67 20.58 -2.14 -18.58
N LEU A 68 21.29 -2.40 -19.67
CA LEU A 68 22.70 -2.80 -19.62
C LEU A 68 23.65 -1.66 -20.05
N SER A 69 24.81 -1.60 -19.39
CA SER A 69 25.89 -0.65 -19.76
C SER A 69 26.99 -1.39 -20.53
N GLU A 70 27.63 -0.71 -21.49
CA GLU A 70 28.68 -1.32 -22.32
C GLU A 70 28.16 -2.56 -23.09
N SER A 71 26.84 -2.73 -23.11
CA SER A 71 26.20 -3.94 -23.70
C SER A 71 26.62 -5.21 -22.95
N GLY A 72 27.11 -5.06 -21.72
CA GLY A 72 27.55 -6.20 -20.93
C GLY A 72 27.39 -5.98 -19.41
N ARG A 73 27.71 -4.77 -18.96
CA ARG A 73 27.54 -4.41 -17.55
C ARG A 73 26.08 -3.99 -17.25
N VAL A 74 25.78 -3.69 -15.99
CA VAL A 74 24.42 -3.32 -15.58
C VAL A 74 24.23 -1.80 -15.38
N ARG A 75 23.15 -1.25 -15.95
CA ARG A 75 22.75 0.15 -15.73
C ARG A 75 21.67 0.27 -14.65
N GLU A 76 20.53 -0.38 -14.90
CA GLU A 76 19.33 -0.22 -14.04
C GLU A 76 18.66 -1.56 -13.74
N PHE A 77 18.03 -1.65 -12.58
CA PHE A 77 17.29 -2.87 -12.17
C PHE A 77 15.81 -2.57 -11.95
N GLU A 78 14.94 -3.47 -12.41
CA GLU A 78 13.50 -3.30 -12.23
C GLU A 78 13.02 -4.00 -10.94
N LEU A 79 12.76 -3.20 -9.91
CA LEU A 79 12.22 -3.71 -8.64
C LEU A 79 10.68 -3.64 -8.66
N VAL A 80 10.03 -4.74 -9.02
CA VAL A 80 8.57 -4.76 -9.12
C VAL A 80 7.90 -5.37 -7.87
N TYR A 81 7.31 -4.50 -7.05
CA TYR A 81 6.59 -4.91 -5.85
C TYR A 81 5.08 -4.74 -6.04
N ARG A 82 4.35 -5.86 -6.15
CA ARG A 82 2.91 -5.83 -6.44
C ARG A 82 2.08 -6.31 -5.24
N VAL A 83 1.39 -5.38 -4.59
CA VAL A 83 0.51 -5.71 -3.47
C VAL A 83 -0.97 -5.80 -3.91
N ALA A 84 -1.56 -6.98 -3.73
CA ALA A 84 -2.97 -7.20 -4.09
C ALA A 84 -3.85 -7.31 -2.83
N ALA A 85 -4.93 -6.52 -2.77
CA ALA A 85 -5.82 -6.52 -1.61
C ALA A 85 -7.30 -6.43 -2.03
N ARG A 86 -8.19 -6.76 -1.09
CA ARG A 86 -9.64 -6.68 -1.31
C ARG A 86 -10.33 -5.96 -0.14
N LEU A 87 -11.44 -5.29 -0.41
CA LEU A 87 -12.14 -4.50 0.61
C LEU A 87 -13.55 -5.07 0.89
N LEU A 88 -13.73 -5.63 2.10
CA LEU A 88 -14.97 -6.34 2.45
C LEU A 88 -15.73 -5.65 3.60
N ASP A 89 -16.92 -6.18 3.90
CA ASP A 89 -17.75 -5.72 5.02
C ASP A 89 -17.33 -6.41 6.33
N ALA A 90 -17.78 -5.87 7.47
CA ALA A 90 -17.45 -6.43 8.80
C ALA A 90 -17.77 -7.93 8.92
N HIS A 91 -18.65 -8.43 8.05
CA HIS A 91 -19.01 -9.86 8.05
C HIS A 91 -18.29 -10.63 6.93
N ASN A 92 -17.14 -10.11 6.49
CA ASN A 92 -16.33 -10.77 5.44
C ASN A 92 -17.07 -10.90 4.10
N ALA A 93 -18.08 -10.04 3.90
CA ALA A 93 -18.82 -9.99 2.63
C ALA A 93 -18.12 -9.06 1.64
N GLU A 94 -17.72 -9.58 0.48
CA GLU A 94 -17.06 -8.76 -0.55
C GLU A 94 -18.02 -7.73 -1.17
N LEU A 95 -17.67 -6.45 -1.07
CA LEU A 95 -18.45 -5.37 -1.68
C LEU A 95 -17.60 -4.53 -2.66
N ALA A 96 -16.43 -4.08 -2.20
CA ALA A 96 -15.58 -3.19 -2.99
C ALA A 96 -14.37 -3.93 -3.59
N SER A 97 -14.22 -3.84 -4.91
CA SER A 97 -13.05 -4.42 -5.60
C SER A 97 -11.89 -3.41 -5.63
N LEU A 98 -10.83 -3.72 -4.89
CA LEU A 98 -9.66 -2.83 -4.80
C LEU A 98 -8.60 -3.20 -5.85
N GLN A 99 -7.77 -2.23 -6.23
CA GLN A 99 -6.78 -2.42 -7.31
C GLN A 99 -5.49 -3.11 -6.82
N GLU A 100 -4.65 -3.51 -7.78
CA GLU A 100 -3.36 -4.13 -7.47
C GLU A 100 -2.23 -3.09 -7.50
N ILE A 101 -1.64 -2.82 -6.34
CA ILE A 101 -0.59 -1.82 -6.22
C ILE A 101 0.74 -2.32 -6.80
N ARG A 102 0.92 -2.10 -8.12
CA ARG A 102 2.14 -2.49 -8.81
C ARG A 102 3.19 -1.37 -8.80
N LEU A 103 4.09 -1.40 -7.82
CA LEU A 103 5.14 -0.38 -7.68
C LEU A 103 6.47 -0.85 -8.27
N THR A 104 6.88 -0.25 -9.39
CA THR A 104 8.17 -0.56 -10.02
C THR A 104 9.22 0.52 -9.71
N ARG A 105 10.18 0.17 -8.86
CA ARG A 105 11.29 1.07 -8.53
C ARG A 105 12.52 0.74 -9.39
N ILE A 106 13.00 1.71 -10.15
CA ILE A 106 14.20 1.53 -10.97
C ILE A 106 15.47 1.76 -10.13
N LEU A 107 16.16 0.67 -9.82
CA LEU A 107 17.38 0.71 -9.00
C LEU A 107 18.58 1.20 -9.83
N PRO A 108 19.14 2.40 -9.49
CA PRO A 108 20.35 2.91 -10.15
C PRO A 108 21.62 2.24 -9.62
N PHE A 109 22.65 2.13 -10.47
CA PHE A 109 23.88 1.43 -10.09
C PHE A 109 25.11 2.33 -10.08
N LEU A 110 25.51 2.77 -8.88
CA LEU A 110 26.84 3.37 -8.70
C LEU A 110 27.91 2.28 -8.65
N ASP A 111 29.17 2.65 -8.87
CA ASP A 111 30.28 1.70 -8.81
C ASP A 111 30.41 1.10 -7.39
N ALA A 112 31.30 0.11 -7.22
CA ALA A 112 31.47 -0.59 -5.93
C ALA A 112 31.57 0.38 -4.73
N GLN A 113 30.44 0.67 -4.11
CA GLN A 113 30.37 1.49 -2.90
C GLN A 113 29.71 0.69 -1.77
N GLU A 114 30.53 0.25 -0.81
CA GLU A 114 30.08 -0.70 0.22
C GLU A 114 29.10 -0.07 1.23
N LEU A 115 29.00 1.26 1.27
CA LEU A 115 28.00 1.94 2.10
C LEU A 115 26.82 2.43 1.23
N ALA A 116 27.14 3.08 0.13
CA ALA A 116 26.13 3.71 -0.73
C ALA A 116 25.22 2.69 -1.46
N LYS A 117 25.82 1.66 -2.07
CA LYS A 117 25.05 0.70 -2.86
C LYS A 117 23.98 -0.03 -2.03
N ALA A 118 24.33 -0.40 -0.79
CA ALA A 118 23.37 -0.97 0.15
C ALA A 118 22.19 0.00 0.36
N ALA A 119 22.51 1.28 0.48
CA ALA A 119 21.50 2.32 0.68
C ALA A 119 20.61 2.49 -0.57
N GLU A 120 21.22 2.39 -1.76
CA GLU A 120 20.47 2.54 -3.03
C GLU A 120 19.27 1.58 -3.08
N GLU A 121 19.52 0.30 -2.82
CA GLU A 121 18.45 -0.71 -2.84
C GLU A 121 17.53 -0.59 -1.61
N GLU A 122 18.13 -0.41 -0.43
CA GLU A 122 17.36 -0.27 0.81
C GLU A 122 16.32 0.84 0.73
N MET A 123 16.75 2.05 0.33
CA MET A 123 15.85 3.21 0.26
C MET A 123 14.66 2.98 -0.68
N LEU A 124 14.83 2.12 -1.68
CA LEU A 124 13.73 1.80 -2.61
C LEU A 124 12.84 0.66 -2.07
N TYR A 125 13.46 -0.32 -1.41
CA TYR A 125 12.70 -1.43 -0.81
C TYR A 125 11.75 -0.94 0.30
N LYS A 126 12.30 -0.24 1.29
CA LYS A 126 11.48 0.30 2.37
C LYS A 126 10.52 1.39 1.87
N ASP A 127 10.79 1.93 0.68
CA ASP A 127 9.88 2.88 0.04
C ASP A 127 8.68 2.14 -0.58
N MET A 128 8.94 1.19 -1.47
CA MET A 128 7.86 0.48 -2.15
C MET A 128 6.94 -0.24 -1.16
N GLN A 129 7.49 -0.66 -0.01
CA GLN A 129 6.69 -1.27 1.05
C GLN A 129 5.84 -0.19 1.77
N LYS A 130 6.52 0.87 2.21
CA LYS A 130 5.85 2.01 2.87
C LYS A 130 4.79 2.65 1.95
N ASP A 131 5.25 3.13 0.79
CA ASP A 131 4.39 3.71 -0.24
C ASP A 131 3.14 2.84 -0.46
N ALA A 132 3.34 1.53 -0.66
CA ALA A 132 2.24 0.59 -0.90
C ALA A 132 1.12 0.71 0.15
N VAL A 133 1.46 0.59 1.44
CA VAL A 133 0.45 0.68 2.50
C VAL A 133 -0.18 2.08 2.55
N GLN A 134 0.60 3.10 2.18
CA GLN A 134 0.08 4.48 2.12
C GLN A 134 -0.88 4.64 0.92
N GLN A 135 -0.65 3.85 -0.14
CA GLN A 135 -1.56 3.80 -1.29
C GLN A 135 -2.89 3.16 -0.87
N ILE A 136 -2.81 2.03 -0.17
CA ILE A 136 -3.99 1.37 0.40
C ILE A 136 -4.82 2.37 1.22
N LEU A 137 -4.15 3.03 2.17
CA LEU A 137 -4.79 4.08 2.99
C LEU A 137 -5.49 5.13 2.12
N ARG A 138 -4.80 5.59 1.08
CA ARG A 138 -5.29 6.71 0.26
C ARG A 138 -6.45 6.28 -0.66
N GLN A 139 -6.56 5.00 -0.98
CA GLN A 139 -7.67 4.49 -1.80
C GLN A 139 -8.87 4.06 -0.95
N VAL A 140 -8.60 3.30 0.13
CA VAL A 140 -9.66 2.86 1.05
C VAL A 140 -10.48 4.05 1.58
N SER A 141 -9.79 5.14 1.92
CA SER A 141 -10.46 6.37 2.37
C SER A 141 -11.21 7.04 1.21
N ALA A 142 -10.60 7.05 0.02
CA ALA A 142 -11.19 7.69 -1.17
C ALA A 142 -12.52 7.05 -1.59
N PHE A 143 -12.78 5.82 -1.12
CA PHE A 143 -14.04 5.12 -1.43
C PHE A 143 -15.29 5.88 -0.97
N THR A 144 -15.11 6.88 -0.10
CA THR A 144 -16.23 7.69 0.38
C THR A 144 -16.57 8.82 -0.62
N SER A 145 -15.92 8.81 -1.78
CA SER A 145 -16.10 9.88 -2.78
C SER A 145 -16.31 9.31 -4.19
N ALA A 146 -17.35 9.77 -4.87
CA ALA A 146 -17.63 9.37 -6.26
C ALA A 146 -17.98 7.88 -6.38
N GLY A 147 -18.39 7.26 -5.27
CA GLY A 147 -18.72 5.84 -5.27
C GLY A 147 -20.12 5.54 -5.82
N LEU A 148 -20.40 6.00 -7.03
CA LEU A 148 -21.71 5.79 -7.65
C LEU A 148 -21.81 4.39 -8.30
N GLU A 149 -22.64 3.54 -7.72
CA GLU A 149 -22.83 2.16 -8.19
C GLU A 149 -23.65 2.10 -9.50
N HIS A 150 -24.22 3.22 -9.91
CA HIS A 150 -25.19 3.24 -11.02
C HIS A 150 -24.55 3.00 -12.41
N HIS A 151 -23.27 2.67 -12.47
CA HIS A 151 -22.59 2.40 -13.75
C HIS A 151 -21.48 1.35 -13.65
N HIS A 152 -21.58 0.41 -12.69
CA HIS A 152 -20.53 -0.61 -12.52
C HIS A 152 -20.68 -1.74 -13.55
N HIS A 153 -19.67 -1.89 -14.41
CA HIS A 153 -19.65 -2.99 -15.39
C HIS A 153 -19.46 -4.35 -14.69
N HIS A 154 -18.79 -4.33 -13.53
CA HIS A 154 -18.67 -5.52 -12.68
C HIS A 154 -19.62 -5.41 -11.47
N HIS A 155 -20.53 -6.36 -11.34
CA HIS A 155 -21.52 -6.33 -10.25
C HIS A 155 -21.03 -7.13 -9.01
N MET A 1 -7.96 10.76 28.85
CA MET A 1 -7.24 11.38 27.71
C MET A 1 -7.82 12.77 27.38
N GLY A 2 -7.04 13.82 27.64
CA GLY A 2 -7.52 15.19 27.38
C GLY A 2 -6.53 16.05 26.59
N PHE A 3 -5.27 15.61 26.51
CA PHE A 3 -4.24 16.36 25.80
C PHE A 3 -4.30 16.10 24.28
N LYS A 4 -3.45 16.81 23.53
CA LYS A 4 -3.49 16.77 22.06
C LYS A 4 -2.75 15.55 21.47
N LEU A 5 -2.93 14.38 22.10
CA LEU A 5 -2.34 13.13 21.57
C LEU A 5 -3.18 12.58 20.40
N ARG A 6 -3.38 13.41 19.39
CA ARG A 6 -4.17 13.05 18.19
C ARG A 6 -3.65 13.82 16.96
N GLY A 7 -3.53 13.14 15.84
CA GLY A 7 -3.04 13.78 14.62
C GLY A 7 -3.28 12.95 13.37
N GLN A 8 -4.52 12.55 13.14
CA GLN A 8 -4.87 11.68 12.02
C GLN A 8 -4.93 12.47 10.70
N VAL A 9 -3.93 12.27 9.84
CA VAL A 9 -3.82 13.03 8.57
C VAL A 9 -5.06 12.87 7.67
N SER A 10 -5.63 11.67 7.63
CA SER A 10 -6.79 11.37 6.77
C SER A 10 -8.00 10.95 7.60
N GLU A 11 -9.20 11.14 7.03
CA GLU A 11 -10.45 10.78 7.73
C GLU A 11 -11.27 9.75 6.94
N LEU A 12 -12.14 9.04 7.64
CA LEU A 12 -13.01 8.02 7.04
C LEU A 12 -14.27 7.79 7.89
N PRO A 13 -15.42 7.47 7.25
CA PRO A 13 -16.72 7.34 7.94
C PRO A 13 -16.80 6.13 8.90
N PHE A 14 -15.88 5.18 8.75
CA PHE A 14 -15.87 3.97 9.60
C PHE A 14 -14.73 4.00 10.64
N GLU A 15 -15.10 3.98 11.92
CA GLU A 15 -14.12 4.10 13.02
C GLU A 15 -13.53 2.73 13.43
N ARG A 16 -13.97 1.65 12.80
CA ARG A 16 -13.50 0.30 13.15
C ARG A 16 -13.21 -0.55 11.89
N VAL A 17 -12.04 -1.16 11.81
CA VAL A 17 -11.69 -2.01 10.67
C VAL A 17 -11.05 -3.33 11.11
N TYR A 18 -11.40 -4.41 10.42
CA TYR A 18 -10.83 -5.74 10.68
C TYR A 18 -9.90 -6.18 9.53
N ILE A 19 -8.68 -6.57 9.85
CA ILE A 19 -7.70 -6.99 8.84
C ILE A 19 -7.46 -8.50 8.88
N THR A 20 -7.25 -9.10 7.71
CA THR A 20 -6.94 -10.54 7.62
C THR A 20 -5.95 -10.82 6.48
N ALA A 21 -5.14 -11.86 6.65
CA ALA A 21 -4.12 -12.22 5.66
C ALA A 21 -3.93 -13.75 5.58
N PRO A 22 -3.83 -14.31 4.36
CA PRO A 22 -3.74 -15.78 4.15
C PRO A 22 -2.34 -16.37 4.45
N ALA A 23 -1.66 -15.83 5.48
CA ALA A 23 -0.29 -16.25 5.84
C ALA A 23 0.29 -15.38 6.96
N GLY A 24 -0.18 -14.13 7.04
CA GLY A 24 0.39 -13.17 7.98
C GLY A 24 1.55 -12.39 7.36
N LEU A 25 1.23 -11.64 6.31
CA LEU A 25 2.23 -10.96 5.50
C LEU A 25 2.69 -9.63 6.12
N THR A 26 3.94 -9.24 5.83
CA THR A 26 4.54 -8.00 6.37
C THR A 26 3.66 -6.77 6.14
N ILE A 27 3.12 -6.64 4.92
CA ILE A 27 2.23 -5.52 4.57
C ILE A 27 1.12 -5.31 5.60
N GLY A 28 0.68 -6.41 6.23
CA GLY A 28 -0.33 -6.32 7.28
C GLY A 28 0.15 -5.53 8.50
N SER A 29 1.41 -5.78 8.89
CA SER A 29 2.02 -5.07 10.03
C SER A 29 2.10 -3.56 9.74
N ASP A 30 2.73 -3.20 8.62
CA ASP A 30 2.81 -1.80 8.16
C ASP A 30 1.41 -1.16 8.08
N LEU A 31 0.45 -1.89 7.49
CA LEU A 31 -0.91 -1.39 7.29
C LEU A 31 -1.59 -1.02 8.63
N GLU A 32 -1.61 -1.96 9.57
CA GLU A 32 -2.23 -1.71 10.88
C GLU A 32 -1.69 -0.44 11.54
N ARG A 33 -0.38 -0.24 11.44
CA ARG A 33 0.28 0.96 11.98
C ARG A 33 -0.27 2.22 11.31
N VAL A 34 -0.16 2.28 9.99
CA VAL A 34 -0.57 3.44 9.21
C VAL A 34 -2.05 3.80 9.45
N ILE A 35 -2.93 2.82 9.40
CA ILE A 35 -4.37 3.05 9.65
C ILE A 35 -4.59 3.71 11.02
N SER A 36 -4.13 3.06 12.09
CA SER A 36 -4.35 3.56 13.46
C SER A 36 -3.64 4.90 13.73
N THR A 37 -2.56 5.18 12.99
CA THR A 37 -1.78 6.41 13.21
C THR A 37 -2.08 7.52 12.20
N HIS A 38 -2.81 7.20 11.13
CA HIS A 38 -3.15 8.20 10.10
C HIS A 38 -4.67 8.42 9.97
N THR A 39 -5.48 7.51 10.52
CA THR A 39 -6.95 7.65 10.47
C THR A 39 -7.61 7.25 11.79
N ARG A 40 -8.90 7.55 11.91
CA ARG A 40 -9.69 7.20 13.10
C ARG A 40 -9.99 5.69 13.19
N ALA A 41 -9.86 4.99 12.05
CA ALA A 41 -10.18 3.56 11.99
C ALA A 41 -9.30 2.71 12.93
N LYS A 42 -9.90 2.18 13.99
CA LYS A 42 -9.19 1.30 14.91
C LYS A 42 -9.19 -0.16 14.38
N VAL A 43 -8.01 -0.72 14.22
CA VAL A 43 -7.87 -2.10 13.74
C VAL A 43 -8.17 -3.12 14.84
N VAL A 44 -9.15 -3.99 14.60
CA VAL A 44 -9.54 -5.02 15.56
C VAL A 44 -9.11 -6.43 15.10
N ASN A 45 -9.05 -7.37 16.05
CA ASN A 45 -8.64 -8.75 15.75
C ASN A 45 -9.86 -9.65 15.45
N LYS A 46 -11.07 -9.08 15.53
CA LYS A 46 -12.30 -9.84 15.25
C LYS A 46 -13.42 -8.94 14.71
N ALA A 47 -14.29 -9.51 13.88
CA ALA A 47 -15.29 -8.74 13.13
C ALA A 47 -16.51 -8.31 13.97
N GLU A 48 -16.54 -8.70 15.24
CA GLU A 48 -17.65 -8.32 16.14
C GLU A 48 -17.71 -6.79 16.33
N LYS A 49 -16.55 -6.15 16.31
CA LYS A 49 -16.44 -4.71 16.58
C LYS A 49 -15.74 -3.99 15.42
N SER A 50 -16.09 -4.37 14.19
CA SER A 50 -15.53 -3.74 13.00
C SER A 50 -16.63 -3.22 12.07
N GLU A 51 -16.41 -2.02 11.51
CA GLU A 51 -17.34 -1.44 10.53
C GLU A 51 -17.03 -1.94 9.12
N ALA A 52 -15.74 -2.14 8.84
CA ALA A 52 -15.28 -2.66 7.55
C ALA A 52 -14.22 -3.76 7.71
N ILE A 53 -13.89 -4.44 6.62
CA ILE A 53 -12.90 -5.53 6.64
C ILE A 53 -11.91 -5.40 5.45
N ILE A 54 -10.62 -5.29 5.77
CA ILE A 54 -9.58 -5.23 4.74
C ILE A 54 -8.91 -6.60 4.56
N GLN A 55 -9.23 -7.25 3.44
CA GLN A 55 -8.69 -8.58 3.13
C GLN A 55 -7.49 -8.48 2.18
N ILE A 56 -6.27 -8.54 2.73
CA ILE A 56 -5.07 -8.48 1.91
C ILE A 56 -4.74 -9.87 1.36
N VAL A 57 -4.63 -9.98 0.04
CA VAL A 57 -4.46 -11.27 -0.63
C VAL A 57 -2.98 -11.67 -0.79
N HIS A 58 -2.16 -10.78 -1.36
CA HIS A 58 -0.75 -11.09 -1.63
C HIS A 58 0.18 -9.90 -1.36
N ALA A 59 1.42 -10.21 -0.97
CA ALA A 59 2.47 -9.21 -0.80
C ALA A 59 3.78 -9.68 -1.48
N ILE A 60 4.03 -9.18 -2.68
CA ILE A 60 5.17 -9.62 -3.49
C ILE A 60 6.28 -8.55 -3.55
N ARG A 61 7.54 -8.99 -3.45
CA ARG A 61 8.69 -8.07 -3.55
C ARG A 61 9.83 -8.69 -4.38
N GLU A 62 9.87 -8.35 -5.67
CA GLU A 62 10.85 -8.93 -6.60
C GLU A 62 11.90 -7.92 -7.06
N LYS A 63 13.09 -8.42 -7.41
CA LYS A 63 14.20 -7.57 -7.87
C LYS A 63 14.80 -8.17 -9.16
N ARG A 64 14.85 -7.40 -10.25
CA ARG A 64 15.23 -7.93 -11.56
C ARG A 64 15.98 -6.92 -12.45
N ILE A 65 16.72 -7.42 -13.44
CA ILE A 65 17.48 -6.58 -14.38
C ILE A 65 16.57 -5.98 -15.47
N LEU A 66 16.73 -4.68 -15.73
CA LEU A 66 15.98 -3.99 -16.78
C LEU A 66 16.78 -3.94 -18.09
N SER A 67 18.10 -3.74 -17.98
CA SER A 67 18.98 -3.67 -19.16
C SER A 67 20.45 -3.95 -18.79
N LEU A 68 21.27 -4.21 -19.81
CA LEU A 68 22.70 -4.52 -19.62
C LEU A 68 23.60 -3.53 -20.37
N SER A 69 24.58 -2.96 -19.67
CA SER A 69 25.50 -1.99 -20.27
C SER A 69 26.60 -2.67 -21.11
N GLU A 70 26.80 -2.19 -22.33
CA GLU A 70 27.84 -2.71 -23.23
C GLU A 70 27.74 -4.24 -23.41
N SER A 71 26.50 -4.76 -23.35
CA SER A 71 26.22 -6.20 -23.52
C SER A 71 26.97 -7.07 -22.50
N GLY A 72 27.33 -6.49 -21.35
CA GLY A 72 28.06 -7.25 -20.33
C GLY A 72 27.86 -6.73 -18.90
N ARG A 73 27.94 -5.41 -18.73
CA ARG A 73 27.76 -4.78 -17.41
C ARG A 73 26.26 -4.59 -17.07
N VAL A 74 25.98 -4.20 -15.84
CA VAL A 74 24.59 -3.92 -15.41
C VAL A 74 24.21 -2.45 -15.70
N ARG A 75 22.92 -2.22 -16.00
CA ARG A 75 22.40 -0.86 -16.16
C ARG A 75 21.35 -0.51 -15.08
N GLU A 76 20.07 -0.65 -15.43
CA GLU A 76 18.97 -0.37 -14.50
C GLU A 76 18.46 -1.66 -13.84
N PHE A 77 18.15 -1.58 -12.56
CA PHE A 77 17.65 -2.72 -11.80
C PHE A 77 16.21 -2.44 -11.30
N GLU A 78 15.22 -3.14 -11.85
CA GLU A 78 13.82 -2.89 -11.51
C GLU A 78 13.45 -3.47 -10.14
N LEU A 79 13.24 -2.59 -9.17
CA LEU A 79 12.69 -2.98 -7.86
C LEU A 79 11.16 -2.92 -7.90
N VAL A 80 10.51 -4.09 -7.97
CA VAL A 80 9.06 -4.15 -8.16
C VAL A 80 8.33 -4.77 -6.94
N TYR A 81 7.52 -3.94 -6.27
CA TYR A 81 6.70 -4.38 -5.13
C TYR A 81 5.22 -4.46 -5.53
N ARG A 82 4.60 -5.62 -5.35
CA ARG A 82 3.23 -5.85 -5.79
C ARG A 82 2.28 -6.12 -4.62
N VAL A 83 1.30 -5.25 -4.42
CA VAL A 83 0.29 -5.44 -3.38
C VAL A 83 -1.06 -5.86 -3.98
N ALA A 84 -1.75 -6.80 -3.31
CA ALA A 84 -3.07 -7.25 -3.74
C ALA A 84 -4.03 -7.39 -2.55
N ALA A 85 -5.25 -6.86 -2.68
CA ALA A 85 -6.22 -6.87 -1.57
C ALA A 85 -7.65 -6.57 -2.06
N ARG A 86 -8.64 -6.83 -1.20
CA ARG A 86 -10.05 -6.49 -1.47
C ARG A 86 -10.69 -5.83 -0.25
N LEU A 87 -11.77 -5.07 -0.47
CA LEU A 87 -12.40 -4.27 0.60
C LEU A 87 -13.86 -4.71 0.83
N LEU A 88 -14.13 -5.29 2.00
CA LEU A 88 -15.47 -5.78 2.35
C LEU A 88 -15.97 -5.11 3.64
N ASP A 89 -17.20 -5.41 4.06
CA ASP A 89 -17.71 -4.93 5.36
C ASP A 89 -17.69 -6.05 6.42
N ALA A 90 -18.23 -5.76 7.60
CA ALA A 90 -18.22 -6.72 8.73
C ALA A 90 -18.88 -8.06 8.39
N HIS A 91 -19.86 -8.05 7.48
CA HIS A 91 -20.55 -9.27 7.04
C HIS A 91 -19.91 -9.87 5.78
N ASN A 92 -18.69 -9.44 5.47
CA ASN A 92 -17.90 -10.01 4.36
C ASN A 92 -18.56 -9.83 2.99
N ALA A 93 -19.39 -8.81 2.84
CA ALA A 93 -19.97 -8.48 1.53
C ALA A 93 -19.04 -7.53 0.76
N GLU A 94 -18.96 -7.73 -0.56
CA GLU A 94 -18.01 -6.95 -1.39
C GLU A 94 -18.41 -5.47 -1.52
N LEU A 95 -17.89 -4.64 -0.61
CA LEU A 95 -18.06 -3.19 -0.69
C LEU A 95 -17.36 -2.62 -1.93
N ALA A 96 -16.12 -3.06 -2.16
CA ALA A 96 -15.33 -2.61 -3.30
C ALA A 96 -14.17 -3.57 -3.61
N SER A 97 -14.11 -4.06 -4.85
CA SER A 97 -13.00 -4.90 -5.28
C SER A 97 -11.74 -4.04 -5.51
N LEU A 98 -10.88 -3.98 -4.49
CA LEU A 98 -9.68 -3.15 -4.54
C LEU A 98 -8.66 -3.71 -5.55
N GLN A 99 -8.01 -2.80 -6.28
CA GLN A 99 -7.08 -3.19 -7.36
C GLN A 99 -5.71 -3.64 -6.83
N GLU A 100 -4.89 -4.18 -7.74
CA GLU A 100 -3.50 -4.52 -7.42
C GLU A 100 -2.58 -3.32 -7.64
N ILE A 101 -1.51 -3.22 -6.85
CA ILE A 101 -0.58 -2.10 -6.93
C ILE A 101 0.84 -2.57 -7.31
N ARG A 102 1.26 -2.29 -8.55
CA ARG A 102 2.61 -2.63 -8.99
C ARG A 102 3.53 -1.40 -8.93
N LEU A 103 4.31 -1.29 -7.84
CA LEU A 103 5.27 -0.19 -7.69
C LEU A 103 6.65 -0.58 -8.22
N THR A 104 7.34 0.37 -8.85
CA THR A 104 8.66 0.11 -9.44
C THR A 104 9.64 1.25 -9.14
N ARG A 105 10.87 0.89 -8.81
CA ARG A 105 11.92 1.89 -8.58
C ARG A 105 13.21 1.48 -9.30
N ILE A 106 13.77 2.38 -10.10
CA ILE A 106 14.98 2.09 -10.88
C ILE A 106 16.25 2.22 -10.02
N LEU A 107 16.88 1.08 -9.74
CA LEU A 107 18.16 1.05 -9.03
C LEU A 107 19.32 1.06 -10.06
N PRO A 108 20.05 2.19 -10.18
CA PRO A 108 21.16 2.30 -11.15
C PRO A 108 22.47 1.63 -10.67
N PHE A 109 23.20 1.03 -11.60
CA PHE A 109 24.46 0.35 -11.29
C PHE A 109 25.61 1.33 -10.99
N LEU A 110 26.21 1.21 -9.82
CA LEU A 110 27.41 1.98 -9.45
C LEU A 110 28.57 1.05 -9.06
N ASP A 111 29.67 1.16 -9.78
CA ASP A 111 30.82 0.26 -9.62
C ASP A 111 31.47 0.39 -8.23
N ALA A 112 32.09 1.54 -7.98
CA ALA A 112 32.91 1.75 -6.77
C ALA A 112 32.06 2.03 -5.52
N GLN A 113 31.07 2.91 -5.66
CA GLN A 113 30.24 3.35 -4.53
C GLN A 113 29.63 2.17 -3.74
N GLU A 114 30.21 1.86 -2.58
CA GLU A 114 29.72 0.78 -1.72
C GLU A 114 28.45 1.19 -0.94
N LEU A 115 28.50 2.31 -0.21
CA LEU A 115 27.36 2.74 0.61
C LEU A 115 26.16 3.14 -0.26
N ALA A 116 26.43 3.62 -1.46
CA ALA A 116 25.36 3.97 -2.40
C ALA A 116 24.45 2.77 -2.70
N LYS A 117 25.05 1.65 -3.12
CA LYS A 117 24.27 0.46 -3.51
C LYS A 117 23.65 -0.24 -2.29
N ALA A 118 24.21 -0.02 -1.10
CA ALA A 118 23.63 -0.54 0.13
C ALA A 118 22.47 0.35 0.61
N ALA A 119 22.71 1.65 0.65
CA ALA A 119 21.72 2.63 1.14
C ALA A 119 20.55 2.80 0.16
N GLU A 120 20.84 2.98 -1.13
CA GLU A 120 19.79 3.10 -2.16
C GLU A 120 18.81 1.92 -2.09
N GLU A 121 19.34 0.71 -2.16
CA GLU A 121 18.53 -0.52 -2.11
C GLU A 121 17.59 -0.51 -0.89
N GLU A 122 18.13 -0.10 0.26
CA GLU A 122 17.35 -0.06 1.51
C GLU A 122 16.31 1.09 1.50
N MET A 123 16.76 2.31 1.22
CA MET A 123 15.88 3.49 1.27
C MET A 123 14.72 3.37 0.27
N LEU A 124 15.01 2.84 -0.91
CA LEU A 124 13.97 2.67 -1.94
C LEU A 124 12.95 1.60 -1.52
N TYR A 125 13.42 0.55 -0.83
CA TYR A 125 12.53 -0.49 -0.33
C TYR A 125 11.62 0.03 0.80
N LYS A 126 12.23 0.65 1.81
CA LYS A 126 11.46 1.18 2.95
C LYS A 126 10.48 2.28 2.49
N ASP A 127 10.91 3.10 1.53
CA ASP A 127 10.06 4.17 1.00
C ASP A 127 8.94 3.57 0.12
N MET A 128 9.23 2.45 -0.54
CA MET A 128 8.24 1.74 -1.34
C MET A 128 7.16 1.10 -0.43
N GLN A 129 7.59 0.54 0.70
CA GLN A 129 6.65 0.09 1.74
C GLN A 129 5.72 1.22 2.16
N LYS A 130 6.32 2.38 2.45
CA LYS A 130 5.57 3.60 2.78
C LYS A 130 4.55 3.96 1.68
N ASP A 131 5.05 4.11 0.45
CA ASP A 131 4.19 4.50 -0.68
C ASP A 131 3.04 3.51 -0.88
N ALA A 132 3.38 2.22 -0.89
CA ALA A 132 2.38 1.15 -1.08
C ALA A 132 1.24 1.24 -0.07
N VAL A 133 1.58 1.30 1.22
CA VAL A 133 0.57 1.38 2.28
C VAL A 133 -0.19 2.72 2.23
N GLN A 134 0.46 3.79 1.77
CA GLN A 134 -0.20 5.08 1.58
C GLN A 134 -1.21 5.01 0.43
N GLN A 135 -0.86 4.27 -0.63
CA GLN A 135 -1.78 4.05 -1.76
C GLN A 135 -3.05 3.34 -1.29
N ILE A 136 -2.87 2.26 -0.53
CA ILE A 136 -3.99 1.54 0.08
C ILE A 136 -4.86 2.49 0.93
N LEU A 137 -4.21 3.18 1.87
CA LEU A 137 -4.87 4.15 2.74
C LEU A 137 -5.68 5.19 1.95
N ARG A 138 -5.09 5.66 0.85
CA ARG A 138 -5.75 6.63 -0.03
C ARG A 138 -7.05 6.06 -0.62
N GLN A 139 -6.91 4.93 -1.33
CA GLN A 139 -8.04 4.32 -2.03
C GLN A 139 -9.18 3.92 -1.09
N VAL A 140 -8.83 3.30 0.04
CA VAL A 140 -9.82 2.85 1.04
C VAL A 140 -10.71 4.01 1.53
N SER A 141 -10.09 5.10 1.96
CA SER A 141 -10.81 6.25 2.50
C SER A 141 -11.56 7.03 1.40
N ALA A 142 -10.98 7.07 0.20
CA ALA A 142 -11.56 7.82 -0.91
C ALA A 142 -12.71 7.06 -1.61
N PHE A 143 -13.05 5.87 -1.14
CA PHE A 143 -14.15 5.09 -1.72
C PHE A 143 -15.53 5.69 -1.41
N THR A 144 -15.55 6.86 -0.78
CA THR A 144 -16.80 7.58 -0.52
C THR A 144 -17.23 8.45 -1.71
N SER A 145 -16.37 8.53 -2.74
CA SER A 145 -16.64 9.37 -3.91
C SER A 145 -16.18 8.70 -5.23
N ALA A 146 -16.32 9.43 -6.35
CA ALA A 146 -15.85 8.97 -7.66
C ALA A 146 -16.60 7.72 -8.17
N GLY A 147 -17.82 7.52 -7.70
CA GLY A 147 -18.63 6.39 -8.14
C GLY A 147 -19.18 6.56 -9.56
N LEU A 148 -19.49 7.80 -9.94
CA LEU A 148 -20.11 8.10 -11.24
C LEU A 148 -19.08 8.35 -12.36
N GLU A 149 -17.91 7.74 -12.25
CA GLU A 149 -16.83 7.95 -13.24
C GLU A 149 -17.04 7.19 -14.56
N HIS A 150 -18.22 6.61 -14.75
CA HIS A 150 -18.57 5.93 -16.01
C HIS A 150 -19.37 6.86 -16.93
N HIS A 151 -18.98 8.14 -16.96
CA HIS A 151 -19.72 9.18 -17.70
C HIS A 151 -19.97 8.82 -19.17
N HIS A 152 -21.07 9.33 -19.72
CA HIS A 152 -21.45 9.09 -21.11
C HIS A 152 -22.46 10.14 -21.60
N HIS A 153 -22.23 10.71 -22.78
CA HIS A 153 -23.17 11.68 -23.37
C HIS A 153 -23.40 11.39 -24.86
N HIS A 154 -24.66 11.48 -25.29
CA HIS A 154 -25.05 11.24 -26.69
C HIS A 154 -24.75 9.79 -27.14
N HIS A 155 -25.74 8.92 -27.03
CA HIS A 155 -25.61 7.52 -27.47
C HIS A 155 -26.95 6.96 -27.98
N MET A 1 -0.54 23.51 -6.06
CA MET A 1 -1.69 23.31 -6.98
C MET A 1 -3.03 23.40 -6.22
N GLY A 2 -3.98 24.16 -6.76
CA GLY A 2 -5.25 24.36 -6.09
C GLY A 2 -5.18 25.42 -5.00
N PHE A 3 -6.13 25.39 -4.07
CA PHE A 3 -6.16 26.36 -2.97
C PHE A 3 -5.96 25.69 -1.61
N LYS A 4 -5.38 26.44 -0.67
CA LYS A 4 -4.96 25.88 0.62
C LYS A 4 -6.10 25.87 1.65
N LEU A 5 -7.07 24.96 1.46
CA LEU A 5 -8.19 24.80 2.39
C LEU A 5 -8.01 23.55 3.28
N ARG A 6 -8.03 22.37 2.66
CA ARG A 6 -7.94 21.11 3.38
C ARG A 6 -6.54 20.90 4.03
N GLY A 7 -6.44 21.21 5.32
CA GLY A 7 -5.19 21.00 6.06
C GLY A 7 -5.16 19.67 6.80
N GLN A 8 -6.10 18.78 6.49
CA GLN A 8 -6.16 17.45 7.10
C GLN A 8 -5.86 16.35 6.05
N VAL A 9 -5.48 15.17 6.54
CA VAL A 9 -4.90 14.13 5.68
C VAL A 9 -5.96 13.30 4.90
N SER A 10 -6.75 12.48 5.59
CA SER A 10 -7.65 11.52 4.91
C SER A 10 -8.72 11.02 5.87
N GLU A 11 -9.97 11.46 5.65
CA GLU A 11 -11.09 11.09 6.51
C GLU A 11 -12.06 10.14 5.80
N LEU A 12 -12.24 8.96 6.37
CA LEU A 12 -13.17 7.95 5.84
C LEU A 12 -14.41 7.79 6.74
N PRO A 13 -15.57 7.40 6.15
CA PRO A 13 -16.83 7.23 6.92
C PRO A 13 -16.72 6.15 8.02
N PHE A 14 -16.02 5.07 7.71
CA PHE A 14 -15.84 3.97 8.66
C PHE A 14 -14.49 4.07 9.38
N GLU A 15 -14.53 4.31 10.68
CA GLU A 15 -13.29 4.52 11.47
C GLU A 15 -12.92 3.31 12.34
N ARG A 16 -13.64 2.20 12.18
CA ARG A 16 -13.32 0.95 12.88
C ARG A 16 -13.26 -0.22 11.89
N VAL A 17 -12.06 -0.66 11.54
CA VAL A 17 -11.87 -1.69 10.53
C VAL A 17 -11.15 -2.94 11.07
N TYR A 18 -11.42 -4.08 10.45
CA TYR A 18 -10.73 -5.33 10.76
C TYR A 18 -9.80 -5.73 9.62
N ILE A 19 -8.60 -6.18 9.95
CA ILE A 19 -7.61 -6.56 8.92
C ILE A 19 -7.23 -8.04 9.02
N THR A 20 -7.11 -8.70 7.87
CA THR A 20 -6.76 -10.13 7.83
C THR A 20 -5.80 -10.46 6.68
N ALA A 21 -5.17 -11.63 6.76
CA ALA A 21 -4.18 -12.08 5.78
C ALA A 21 -4.11 -13.62 5.70
N PRO A 22 -3.88 -14.18 4.49
CA PRO A 22 -3.81 -15.65 4.30
C PRO A 22 -2.48 -16.25 4.77
N ALA A 23 -1.49 -15.39 5.03
CA ALA A 23 -0.15 -15.83 5.43
C ALA A 23 0.59 -14.74 6.21
N GLY A 24 1.82 -15.03 6.62
CA GLY A 24 2.62 -14.06 7.36
C GLY A 24 3.34 -13.05 6.45
N LEU A 25 2.57 -12.21 5.77
CA LEU A 25 3.15 -11.17 4.90
C LEU A 25 3.49 -9.91 5.70
N THR A 26 4.70 -9.39 5.55
CA THR A 26 5.12 -8.16 6.23
C THR A 26 4.45 -6.92 5.58
N ILE A 27 3.16 -6.78 5.82
CA ILE A 27 2.38 -5.65 5.26
C ILE A 27 1.24 -5.25 6.21
N GLY A 28 0.52 -6.24 6.74
CA GLY A 28 -0.59 -5.99 7.64
C GLY A 28 -0.18 -5.36 8.96
N SER A 29 0.93 -5.84 9.53
CA SER A 29 1.44 -5.35 10.81
C SER A 29 1.58 -3.82 10.84
N ASP A 30 2.23 -3.27 9.81
CA ASP A 30 2.41 -1.82 9.71
C ASP A 30 1.10 -1.12 9.35
N LEU A 31 0.29 -1.75 8.49
CA LEU A 31 -1.01 -1.19 8.09
C LEU A 31 -1.91 -0.92 9.31
N GLU A 32 -1.90 -1.85 10.28
CA GLU A 32 -2.64 -1.67 11.54
C GLU A 32 -2.27 -0.35 12.21
N ARG A 33 -0.98 -0.02 12.23
CA ARG A 33 -0.49 1.22 12.82
C ARG A 33 -0.89 2.43 11.96
N VAL A 34 -0.67 2.32 10.65
CA VAL A 34 -0.94 3.41 9.70
C VAL A 34 -2.40 3.88 9.75
N ILE A 35 -3.34 2.94 9.78
CA ILE A 35 -4.77 3.27 9.85
C ILE A 35 -5.12 3.98 11.18
N SER A 36 -4.40 3.64 12.24
CA SER A 36 -4.65 4.23 13.56
C SER A 36 -3.90 5.57 13.74
N THR A 37 -2.83 5.78 12.97
CA THR A 37 -2.01 7.00 13.07
C THR A 37 -2.34 8.00 11.96
N HIS A 38 -2.12 7.61 10.70
CA HIS A 38 -2.32 8.50 9.56
C HIS A 38 -3.78 8.95 9.42
N THR A 39 -4.71 8.00 9.49
CA THR A 39 -6.14 8.33 9.41
C THR A 39 -6.79 8.39 10.79
N ARG A 40 -7.94 9.06 10.85
CA ARG A 40 -8.69 9.23 12.11
C ARG A 40 -9.50 7.95 12.44
N ALA A 41 -8.86 6.79 12.28
CA ALA A 41 -9.55 5.49 12.43
C ALA A 41 -8.86 4.58 13.47
N LYS A 42 -9.35 3.35 13.58
CA LYS A 42 -8.81 2.37 14.52
C LYS A 42 -8.97 0.93 13.99
N VAL A 43 -7.94 0.10 14.19
CA VAL A 43 -7.98 -1.31 13.74
C VAL A 43 -8.26 -2.26 14.91
N VAL A 44 -9.15 -3.23 14.68
CA VAL A 44 -9.50 -4.24 15.68
C VAL A 44 -8.93 -5.63 15.32
N ASN A 45 -8.82 -6.50 16.32
CA ASN A 45 -8.23 -7.84 16.13
C ASN A 45 -9.32 -8.91 15.91
N LYS A 46 -10.56 -8.49 15.78
CA LYS A 46 -11.68 -9.41 15.53
C LYS A 46 -12.82 -8.72 14.76
N ALA A 47 -13.56 -9.49 13.96
CA ALA A 47 -14.59 -8.93 13.07
C ALA A 47 -15.99 -8.90 13.71
N GLU A 48 -16.08 -9.29 14.99
CA GLU A 48 -17.36 -9.27 15.72
C GLU A 48 -17.98 -7.86 15.73
N LYS A 49 -17.13 -6.83 15.74
CA LYS A 49 -17.59 -5.44 15.84
C LYS A 49 -16.67 -4.51 15.04
N SER A 50 -17.07 -4.22 13.80
CA SER A 50 -16.31 -3.32 12.91
C SER A 50 -17.16 -2.96 11.68
N GLU A 51 -16.90 -1.80 11.08
CA GLU A 51 -17.65 -1.36 9.90
C GLU A 51 -17.26 -2.14 8.64
N ALA A 52 -15.97 -2.38 8.45
CA ALA A 52 -15.48 -3.06 7.23
C ALA A 52 -14.30 -4.00 7.51
N ILE A 53 -13.94 -4.79 6.50
CA ILE A 53 -12.81 -5.72 6.60
C ILE A 53 -11.81 -5.55 5.43
N ILE A 54 -10.56 -5.31 5.76
CA ILE A 54 -9.49 -5.22 4.75
C ILE A 54 -8.71 -6.55 4.66
N GLN A 55 -8.72 -7.16 3.47
CA GLN A 55 -8.08 -8.46 3.26
C GLN A 55 -6.94 -8.35 2.23
N ILE A 56 -5.71 -8.57 2.67
CA ILE A 56 -4.55 -8.50 1.79
C ILE A 56 -4.24 -9.89 1.19
N VAL A 57 -4.31 -9.98 -0.14
CA VAL A 57 -4.12 -11.26 -0.84
C VAL A 57 -2.63 -11.66 -0.95
N HIS A 58 -1.82 -10.80 -1.59
CA HIS A 58 -0.39 -11.08 -1.74
C HIS A 58 0.43 -9.80 -1.97
N ALA A 59 1.63 -9.75 -1.39
CA ALA A 59 2.55 -8.63 -1.58
C ALA A 59 3.90 -9.13 -2.11
N ILE A 60 4.10 -9.03 -3.42
CA ILE A 60 5.29 -9.62 -4.07
C ILE A 60 6.27 -8.53 -4.55
N ARG A 61 7.47 -8.51 -4.00
CA ARG A 61 8.53 -7.59 -4.44
C ARG A 61 9.63 -8.33 -5.23
N GLU A 62 10.00 -7.78 -6.39
CA GLU A 62 10.96 -8.44 -7.29
C GLU A 62 11.89 -7.42 -7.97
N LYS A 63 13.20 -7.68 -7.92
CA LYS A 63 14.20 -6.78 -8.52
C LYS A 63 14.76 -7.35 -9.83
N ARG A 64 14.09 -7.07 -10.96
CA ARG A 64 14.56 -7.55 -12.26
C ARG A 64 15.31 -6.48 -13.04
N ILE A 65 15.98 -6.87 -14.12
CA ILE A 65 16.78 -5.94 -14.93
C ILE A 65 15.91 -5.07 -15.86
N LEU A 66 16.14 -3.77 -15.76
CA LEU A 66 15.48 -2.79 -16.62
C LEU A 66 16.31 -2.51 -17.88
N SER A 67 17.58 -2.15 -17.69
CA SER A 67 18.47 -1.78 -18.79
C SER A 67 19.89 -2.35 -18.61
N LEU A 68 20.48 -2.82 -19.71
CA LEU A 68 21.86 -3.30 -19.73
C LEU A 68 22.78 -2.31 -20.46
N SER A 69 24.06 -2.29 -20.09
CA SER A 69 25.05 -1.46 -20.78
C SER A 69 25.77 -2.26 -21.86
N GLU A 70 25.98 -1.64 -23.02
CA GLU A 70 26.71 -2.27 -24.14
C GLU A 70 26.03 -3.58 -24.60
N SER A 71 24.73 -3.70 -24.29
CA SER A 71 23.93 -4.89 -24.64
C SER A 71 24.51 -6.16 -24.00
N GLY A 72 25.20 -6.04 -22.87
CA GLY A 72 25.81 -7.20 -22.23
C GLY A 72 25.99 -7.10 -20.72
N ARG A 73 26.41 -5.93 -20.22
CA ARG A 73 26.68 -5.74 -18.79
C ARG A 73 25.44 -5.26 -18.02
N VAL A 74 25.39 -5.59 -16.72
CA VAL A 74 24.23 -5.28 -15.87
C VAL A 74 24.21 -3.80 -15.43
N ARG A 75 23.01 -3.22 -15.38
CA ARG A 75 22.83 -1.85 -14.87
C ARG A 75 21.57 -1.69 -14.00
N GLU A 76 20.53 -1.08 -14.57
CA GLU A 76 19.40 -0.58 -13.77
C GLU A 76 18.44 -1.71 -13.34
N PHE A 77 18.07 -1.71 -12.06
CA PHE A 77 17.06 -2.63 -11.54
C PHE A 77 15.66 -1.99 -11.52
N GLU A 78 14.66 -2.70 -12.02
CA GLU A 78 13.26 -2.27 -11.87
C GLU A 78 12.65 -2.90 -10.61
N LEU A 79 12.61 -2.14 -9.53
CA LEU A 79 12.05 -2.64 -8.27
C LEU A 79 10.51 -2.62 -8.32
N VAL A 80 9.92 -3.77 -8.63
CA VAL A 80 8.47 -3.89 -8.71
C VAL A 80 7.88 -4.52 -7.44
N TYR A 81 6.85 -3.88 -6.89
CA TYR A 81 6.19 -4.38 -5.67
C TYR A 81 4.66 -4.46 -5.89
N ARG A 82 4.18 -5.68 -6.13
CA ARG A 82 2.75 -5.90 -6.38
C ARG A 82 1.98 -6.10 -5.07
N VAL A 83 1.29 -5.06 -4.63
CA VAL A 83 0.48 -5.13 -3.41
C VAL A 83 -1.00 -5.39 -3.73
N ALA A 84 -1.40 -6.66 -3.68
CA ALA A 84 -2.78 -7.05 -3.98
C ALA A 84 -3.63 -7.17 -2.72
N ALA A 85 -4.46 -6.16 -2.47
CA ALA A 85 -5.36 -6.16 -1.31
C ALA A 85 -6.82 -5.88 -1.75
N ARG A 86 -7.77 -6.26 -0.90
CA ARG A 86 -9.19 -6.08 -1.22
C ARG A 86 -9.97 -5.46 -0.05
N LEU A 87 -11.19 -5.02 -0.33
CA LEU A 87 -11.99 -4.22 0.61
C LEU A 87 -13.42 -4.80 0.71
N LEU A 88 -13.74 -5.44 1.85
CA LEU A 88 -15.02 -6.15 2.00
C LEU A 88 -15.82 -5.69 3.24
N ASP A 89 -16.97 -6.33 3.44
CA ASP A 89 -17.87 -6.07 4.56
C ASP A 89 -17.52 -6.96 5.78
N ALA A 90 -18.07 -6.62 6.95
CA ALA A 90 -17.82 -7.36 8.20
C ALA A 90 -18.24 -8.84 8.10
N HIS A 91 -19.21 -9.13 7.22
CA HIS A 91 -19.66 -10.51 7.00
C HIS A 91 -18.79 -11.24 5.96
N ASN A 92 -17.68 -10.60 5.55
CA ASN A 92 -16.77 -11.13 4.52
C ASN A 92 -17.48 -11.29 3.16
N ALA A 93 -18.64 -10.64 3.02
CA ALA A 93 -19.43 -10.75 1.79
C ALA A 93 -18.81 -9.97 0.63
N GLU A 94 -18.92 -8.64 0.69
CA GLU A 94 -18.38 -7.75 -0.35
C GLU A 94 -18.52 -6.28 0.06
N LEU A 95 -18.07 -5.37 -0.80
CA LEU A 95 -18.16 -3.93 -0.53
C LEU A 95 -17.65 -3.13 -1.74
N ALA A 96 -16.35 -3.24 -2.02
CA ALA A 96 -15.72 -2.53 -3.13
C ALA A 96 -14.80 -3.45 -3.95
N SER A 97 -14.03 -4.30 -3.24
CA SER A 97 -13.05 -5.20 -3.87
C SER A 97 -11.95 -4.40 -4.58
N LEU A 98 -10.81 -4.26 -3.91
CA LEU A 98 -9.71 -3.44 -4.40
C LEU A 98 -8.79 -4.24 -5.35
N GLN A 99 -8.04 -3.53 -6.20
CA GLN A 99 -7.20 -4.16 -7.24
C GLN A 99 -5.70 -4.13 -6.89
N GLU A 100 -4.93 -5.05 -7.48
CA GLU A 100 -3.48 -5.13 -7.24
C GLU A 100 -2.76 -3.82 -7.59
N ILE A 101 -2.12 -3.22 -6.59
CA ILE A 101 -1.35 -1.99 -6.78
C ILE A 101 0.11 -2.30 -7.16
N ARG A 102 0.48 -2.01 -8.40
CA ARG A 102 1.87 -2.25 -8.86
C ARG A 102 2.76 -1.03 -8.61
N LEU A 103 3.68 -1.14 -7.66
CA LEU A 103 4.69 -0.11 -7.43
C LEU A 103 5.96 -0.41 -8.24
N THR A 104 6.59 0.62 -8.79
CA THR A 104 7.83 0.46 -9.56
C THR A 104 8.80 1.63 -9.33
N ARG A 105 10.02 1.33 -8.91
CA ARG A 105 11.07 2.34 -8.74
C ARG A 105 12.42 1.86 -9.31
N ILE A 106 13.24 2.81 -9.77
CA ILE A 106 14.50 2.48 -10.45
C ILE A 106 15.68 2.46 -9.47
N LEU A 107 16.40 1.34 -9.46
CA LEU A 107 17.61 1.20 -8.62
C LEU A 107 18.87 1.41 -9.48
N PRO A 108 19.58 2.54 -9.30
CA PRO A 108 20.82 2.82 -10.03
C PRO A 108 22.00 1.95 -9.55
N PHE A 109 22.32 0.92 -10.32
CA PHE A 109 23.36 -0.06 -9.92
C PHE A 109 24.76 0.38 -10.38
N LEU A 110 25.62 0.70 -9.41
CA LEU A 110 27.04 1.00 -9.68
C LEU A 110 27.94 0.32 -8.65
N ASP A 111 28.79 -0.61 -9.12
CA ASP A 111 29.72 -1.33 -8.23
C ASP A 111 30.65 -0.36 -7.50
N ALA A 112 31.00 0.73 -8.19
CA ALA A 112 31.88 1.76 -7.66
C ALA A 112 31.37 2.34 -6.32
N GLN A 113 30.08 2.62 -6.25
CA GLN A 113 29.49 3.23 -5.05
C GLN A 113 29.11 2.16 -4.02
N GLU A 114 30.13 1.65 -3.32
CA GLU A 114 29.94 0.57 -2.33
C GLU A 114 28.96 0.98 -1.22
N LEU A 115 29.13 2.17 -0.64
CA LEU A 115 28.21 2.66 0.41
C LEU A 115 26.78 2.84 -0.13
N ALA A 116 26.66 3.33 -1.36
CA ALA A 116 25.35 3.54 -1.99
C ALA A 116 24.65 2.20 -2.28
N LYS A 117 25.44 1.17 -2.61
CA LYS A 117 24.90 -0.19 -2.84
C LYS A 117 24.02 -0.64 -1.66
N ALA A 118 24.47 -0.35 -0.44
CA ALA A 118 23.71 -0.67 0.75
C ALA A 118 22.58 0.35 0.98
N ALA A 119 22.96 1.63 1.10
CA ALA A 119 22.02 2.71 1.43
C ALA A 119 20.80 2.77 0.49
N GLU A 120 21.07 2.90 -0.81
CA GLU A 120 20.00 3.07 -1.82
C GLU A 120 18.96 1.93 -1.77
N GLU A 121 19.43 0.68 -1.77
CA GLU A 121 18.52 -0.46 -1.74
C GLU A 121 17.76 -0.56 -0.40
N GLU A 122 18.48 -0.32 0.71
CA GLU A 122 17.87 -0.31 2.05
C GLU A 122 16.70 0.69 2.13
N MET A 123 16.97 1.96 1.78
CA MET A 123 15.94 3.00 1.83
C MET A 123 14.77 2.66 0.90
N LEU A 124 15.07 2.23 -0.33
CA LEU A 124 14.02 1.95 -1.31
C LEU A 124 13.12 0.77 -0.89
N TYR A 125 13.69 -0.24 -0.22
CA TYR A 125 12.89 -1.35 0.31
C TYR A 125 11.80 -0.84 1.27
N LYS A 126 12.20 -0.10 2.30
CA LYS A 126 11.26 0.45 3.27
C LYS A 126 10.42 1.59 2.67
N ASP A 127 10.99 2.28 1.67
CA ASP A 127 10.28 3.38 1.00
C ASP A 127 9.10 2.84 0.17
N MET A 128 9.33 1.73 -0.54
CA MET A 128 8.26 1.07 -1.29
C MET A 128 7.19 0.52 -0.34
N GLN A 129 7.60 0.01 0.82
CA GLN A 129 6.65 -0.41 1.85
C GLN A 129 5.78 0.78 2.29
N LYS A 130 6.43 1.93 2.49
CA LYS A 130 5.73 3.19 2.79
C LYS A 130 4.62 3.47 1.76
N ASP A 131 5.01 3.62 0.50
CA ASP A 131 4.03 3.88 -0.58
C ASP A 131 2.96 2.78 -0.64
N ALA A 132 3.37 1.53 -0.44
CA ALA A 132 2.44 0.40 -0.44
C ALA A 132 1.32 0.58 0.59
N VAL A 133 1.71 0.80 1.85
CA VAL A 133 0.75 0.93 2.94
C VAL A 133 -0.07 2.24 2.83
N GLN A 134 0.54 3.28 2.25
CA GLN A 134 -0.16 4.56 2.03
C GLN A 134 -1.19 4.44 0.88
N GLN A 135 -0.80 3.80 -0.21
CA GLN A 135 -1.69 3.57 -1.36
C GLN A 135 -2.98 2.86 -0.92
N ILE A 136 -2.82 1.79 -0.14
CA ILE A 136 -3.95 1.03 0.39
C ILE A 136 -4.90 1.94 1.18
N LEU A 137 -4.41 2.49 2.29
CA LEU A 137 -5.23 3.34 3.18
C LEU A 137 -5.85 4.53 2.43
N ARG A 138 -5.04 5.19 1.59
CA ARG A 138 -5.51 6.34 0.81
C ARG A 138 -6.67 5.95 -0.11
N GLN A 139 -6.55 4.81 -0.79
CA GLN A 139 -7.61 4.36 -1.69
C GLN A 139 -8.83 3.83 -0.91
N VAL A 140 -8.58 3.24 0.27
CA VAL A 140 -9.66 2.76 1.15
C VAL A 140 -10.53 3.94 1.64
N SER A 141 -9.95 5.13 1.71
CA SER A 141 -10.69 6.33 2.08
C SER A 141 -11.17 7.11 0.83
N ALA A 142 -10.37 7.06 -0.24
CA ALA A 142 -10.67 7.80 -1.47
C ALA A 142 -11.71 7.11 -2.37
N PHE A 143 -11.86 5.79 -2.25
CA PHE A 143 -12.77 5.04 -3.14
C PHE A 143 -14.21 5.57 -3.04
N THR A 144 -14.57 6.08 -1.85
CA THR A 144 -15.91 6.65 -1.62
C THR A 144 -15.88 8.18 -1.65
N SER A 145 -14.68 8.75 -1.78
CA SER A 145 -14.52 10.21 -1.83
C SER A 145 -14.46 10.70 -3.29
N ALA A 146 -15.60 10.75 -3.96
CA ALA A 146 -15.69 11.12 -5.38
C ALA A 146 -15.11 12.52 -5.66
N GLY A 147 -14.99 13.34 -4.61
CA GLY A 147 -14.39 14.67 -4.75
C GLY A 147 -12.90 14.63 -5.03
N LEU A 148 -12.23 13.58 -4.52
CA LEU A 148 -10.79 13.41 -4.72
C LEU A 148 -10.43 11.91 -4.68
N GLU A 149 -10.36 11.29 -5.85
CA GLU A 149 -10.10 9.84 -5.96
C GLU A 149 -8.65 9.55 -6.39
N HIS A 150 -8.14 10.37 -7.32
CA HIS A 150 -6.88 10.06 -8.03
C HIS A 150 -7.04 8.75 -8.82
N HIS A 151 -8.14 8.65 -9.55
CA HIS A 151 -8.47 7.46 -10.36
C HIS A 151 -7.59 7.38 -11.63
N HIS A 152 -6.85 8.45 -11.90
CA HIS A 152 -5.97 8.52 -13.07
C HIS A 152 -4.82 7.48 -12.99
N HIS A 153 -5.07 6.30 -13.56
CA HIS A 153 -4.10 5.21 -13.51
C HIS A 153 -2.92 5.41 -14.48
N HIS A 154 -2.00 6.30 -14.11
CA HIS A 154 -0.79 6.53 -14.90
C HIS A 154 0.48 6.49 -14.04
N HIS A 155 0.37 6.97 -12.79
CA HIS A 155 1.53 7.16 -11.90
C HIS A 155 2.40 8.37 -12.34
N MET A 1 -8.50 30.97 16.42
CA MET A 1 -7.48 31.22 15.36
C MET A 1 -7.30 29.99 14.46
N GLY A 2 -7.09 28.82 15.07
CA GLY A 2 -7.00 27.59 14.30
C GLY A 2 -5.94 26.61 14.81
N PHE A 3 -6.25 25.92 15.90
CA PHE A 3 -5.36 24.87 16.42
C PHE A 3 -5.57 23.54 15.67
N LYS A 4 -4.53 22.69 15.68
CA LYS A 4 -4.56 21.42 14.96
C LYS A 4 -4.72 20.23 15.92
N LEU A 5 -5.95 19.78 16.11
CA LEU A 5 -6.25 18.65 17.03
C LEU A 5 -6.53 17.34 16.26
N ARG A 6 -6.93 17.45 14.99
CA ARG A 6 -7.32 16.27 14.22
C ARG A 6 -6.11 15.41 13.81
N GLY A 7 -5.12 16.03 13.17
CA GLY A 7 -3.94 15.30 12.72
C GLY A 7 -4.18 14.49 11.44
N GLN A 8 -5.40 14.00 11.26
CA GLN A 8 -5.79 13.25 10.06
C GLN A 8 -5.65 14.10 8.79
N VAL A 9 -4.90 13.58 7.82
CA VAL A 9 -4.81 14.22 6.48
C VAL A 9 -6.05 13.87 5.64
N SER A 10 -6.58 12.67 5.84
CA SER A 10 -7.81 12.20 5.18
C SER A 10 -8.72 11.51 6.20
N GLU A 11 -9.92 11.11 5.78
CA GLU A 11 -10.85 10.42 6.68
C GLU A 11 -11.80 9.47 5.92
N LEU A 12 -12.63 8.75 6.69
CA LEU A 12 -13.54 7.74 6.14
C LEU A 12 -14.75 7.52 7.06
N PRO A 13 -15.90 7.07 6.50
CA PRO A 13 -17.17 6.95 7.26
C PRO A 13 -17.24 5.74 8.22
N PHE A 14 -16.11 5.35 8.80
CA PHE A 14 -16.07 4.25 9.76
C PHE A 14 -14.85 4.36 10.70
N GLU A 15 -15.05 4.11 12.00
CA GLU A 15 -13.97 4.26 12.98
C GLU A 15 -13.41 2.92 13.48
N ARG A 16 -13.92 1.80 12.99
CA ARG A 16 -13.44 0.48 13.43
C ARG A 16 -13.13 -0.43 12.23
N VAL A 17 -11.92 -0.98 12.17
CA VAL A 17 -11.53 -1.87 11.07
C VAL A 17 -10.84 -3.14 11.60
N TYR A 18 -10.79 -4.16 10.75
CA TYR A 18 -10.16 -5.44 11.09
C TYR A 18 -9.41 -6.02 9.88
N ILE A 19 -8.10 -6.22 10.01
CA ILE A 19 -7.30 -6.80 8.94
C ILE A 19 -7.13 -8.33 9.09
N THR A 20 -6.97 -9.02 7.97
CA THR A 20 -6.69 -10.45 7.98
C THR A 20 -5.68 -10.84 6.88
N ALA A 21 -4.40 -10.88 7.24
CA ALA A 21 -3.33 -11.26 6.31
C ALA A 21 -2.99 -12.75 6.43
N PRO A 22 -2.96 -13.49 5.29
CA PRO A 22 -2.66 -14.93 5.31
C PRO A 22 -1.22 -15.27 5.73
N ALA A 23 -0.37 -14.24 5.79
CA ALA A 23 1.03 -14.41 6.17
C ALA A 23 1.54 -13.22 7.00
N GLY A 24 2.69 -13.38 7.64
CA GLY A 24 3.28 -12.29 8.43
C GLY A 24 3.87 -11.18 7.56
N LEU A 25 3.00 -10.45 6.88
CA LEU A 25 3.42 -9.42 5.94
C LEU A 25 3.48 -8.04 6.62
N THR A 26 4.67 -7.41 6.59
CA THR A 26 4.88 -6.09 7.20
C THR A 26 3.92 -5.04 6.63
N ILE A 27 3.56 -5.21 5.35
CA ILE A 27 2.61 -4.31 4.68
C ILE A 27 1.30 -4.15 5.51
N GLY A 28 0.86 -5.26 6.12
CA GLY A 28 -0.36 -5.23 6.92
C GLY A 28 -0.16 -4.57 8.27
N SER A 29 0.89 -4.97 8.99
CA SER A 29 1.17 -4.41 10.32
C SER A 29 1.41 -2.89 10.27
N ASP A 30 2.08 -2.43 9.22
CA ASP A 30 2.27 -0.99 8.99
C ASP A 30 0.97 -0.32 8.50
N LEU A 31 0.15 -1.05 7.75
CA LEU A 31 -1.15 -0.54 7.32
C LEU A 31 -1.98 -0.08 8.52
N GLU A 32 -2.11 -0.97 9.50
CA GLU A 32 -2.86 -0.69 10.74
C GLU A 32 -2.35 0.59 11.44
N ARG A 33 -1.04 0.79 11.38
CA ARG A 33 -0.43 2.03 11.89
C ARG A 33 -0.94 3.23 11.11
N VAL A 34 -0.78 3.18 9.78
CA VAL A 34 -1.18 4.27 8.89
C VAL A 34 -2.68 4.61 9.01
N ILE A 35 -3.51 3.58 9.10
CA ILE A 35 -4.96 3.77 9.25
C ILE A 35 -5.28 4.62 10.50
N SER A 36 -4.91 4.12 11.68
CA SER A 36 -5.27 4.78 12.95
C SER A 36 -4.58 6.14 13.14
N THR A 37 -3.43 6.34 12.50
CA THR A 37 -2.67 7.59 12.65
C THR A 37 -2.97 8.63 11.56
N HIS A 38 -3.48 8.19 10.41
CA HIS A 38 -3.77 9.12 9.30
C HIS A 38 -5.28 9.30 9.05
N THR A 39 -6.10 8.36 9.54
CA THR A 39 -7.57 8.46 9.39
C THR A 39 -8.30 8.31 10.73
N ARG A 40 -9.61 8.09 10.68
CA ARG A 40 -10.44 7.99 11.89
C ARG A 40 -10.53 6.55 12.42
N ALA A 41 -10.18 5.57 11.58
CA ALA A 41 -10.41 4.16 11.90
C ALA A 41 -9.35 3.58 12.86
N LYS A 42 -9.81 3.16 14.04
CA LYS A 42 -8.98 2.43 14.99
C LYS A 42 -9.16 0.91 14.79
N VAL A 43 -8.05 0.16 14.76
CA VAL A 43 -8.11 -1.27 14.46
C VAL A 43 -8.47 -2.11 15.70
N VAL A 44 -9.37 -3.08 15.50
CA VAL A 44 -9.76 -4.04 16.55
C VAL A 44 -9.14 -5.42 16.29
N ASN A 45 -9.01 -6.23 17.34
CA ASN A 45 -8.40 -7.56 17.22
C ASN A 45 -9.45 -8.65 16.91
N LYS A 46 -10.71 -8.26 16.76
CA LYS A 46 -11.80 -9.20 16.49
C LYS A 46 -12.86 -8.60 15.54
N ALA A 47 -13.25 -9.39 14.54
CA ALA A 47 -14.17 -8.93 13.49
C ALA A 47 -15.58 -8.61 14.01
N GLU A 48 -16.00 -9.29 15.08
CA GLU A 48 -17.35 -9.11 15.64
C GLU A 48 -17.68 -7.63 15.92
N LYS A 49 -16.65 -6.81 16.15
CA LYS A 49 -16.85 -5.37 16.34
C LYS A 49 -15.96 -4.58 15.38
N SER A 50 -16.27 -4.67 14.09
CA SER A 50 -15.57 -3.90 13.06
C SER A 50 -16.58 -3.30 12.07
N GLU A 51 -16.15 -2.32 11.29
CA GLU A 51 -17.02 -1.72 10.27
C GLU A 51 -16.60 -2.22 8.87
N ALA A 52 -15.29 -2.40 8.68
CA ALA A 52 -14.75 -2.92 7.41
C ALA A 52 -13.58 -3.89 7.66
N ILE A 53 -13.54 -4.99 6.92
CA ILE A 53 -12.47 -5.99 7.03
C ILE A 53 -11.55 -5.97 5.80
N ILE A 54 -10.27 -5.72 6.04
CA ILE A 54 -9.28 -5.65 4.96
C ILE A 54 -8.51 -6.97 4.81
N GLN A 55 -8.58 -7.58 3.63
CA GLN A 55 -7.86 -8.83 3.37
C GLN A 55 -6.80 -8.63 2.28
N ILE A 56 -5.53 -8.59 2.68
CA ILE A 56 -4.42 -8.47 1.74
C ILE A 56 -3.99 -9.86 1.24
N VAL A 57 -4.07 -10.09 -0.07
CA VAL A 57 -3.81 -11.40 -0.65
C VAL A 57 -2.34 -11.83 -0.48
N HIS A 58 -1.44 -11.17 -1.21
CA HIS A 58 0.01 -11.34 -1.02
C HIS A 58 0.80 -10.30 -1.82
N ALA A 59 1.99 -9.94 -1.34
CA ALA A 59 2.81 -8.90 -1.96
C ALA A 59 3.82 -9.49 -2.97
N ILE A 60 3.57 -9.29 -4.25
CA ILE A 60 4.45 -9.82 -5.30
C ILE A 60 5.64 -8.87 -5.55
N ARG A 61 6.73 -9.08 -4.81
CA ARG A 61 7.91 -8.21 -4.89
C ARG A 61 8.97 -8.75 -5.88
N GLU A 62 8.85 -8.36 -7.14
CA GLU A 62 9.76 -8.86 -8.18
C GLU A 62 10.85 -7.83 -8.53
N LYS A 63 12.00 -8.32 -8.99
CA LYS A 63 13.10 -7.44 -9.41
C LYS A 63 13.68 -7.90 -10.74
N ARG A 64 14.24 -6.97 -11.52
CA ARG A 64 14.75 -7.26 -12.86
C ARG A 64 15.66 -6.13 -13.38
N ILE A 65 16.08 -6.22 -14.65
CA ILE A 65 16.95 -5.20 -15.25
C ILE A 65 16.13 -4.12 -15.99
N LEU A 66 16.61 -2.87 -15.91
CA LEU A 66 16.04 -1.75 -16.67
C LEU A 66 16.89 -1.47 -17.92
N SER A 67 18.20 -1.34 -17.73
CA SER A 67 19.12 -0.98 -18.82
C SER A 67 20.46 -1.73 -18.71
N LEU A 68 21.02 -2.08 -19.87
CA LEU A 68 22.35 -2.67 -19.96
C LEU A 68 23.24 -1.82 -20.88
N SER A 69 24.45 -1.49 -20.43
CA SER A 69 25.39 -0.71 -21.24
C SER A 69 25.94 -1.51 -22.44
N GLU A 70 26.86 -0.91 -23.17
CA GLU A 70 27.40 -1.51 -24.40
C GLU A 70 28.04 -2.88 -24.16
N SER A 71 27.30 -3.93 -24.52
CA SER A 71 27.79 -5.33 -24.45
C SER A 71 28.01 -5.82 -23.01
N GLY A 72 26.98 -6.46 -22.44
CA GLY A 72 27.10 -7.13 -21.15
C GLY A 72 27.64 -6.26 -20.02
N ARG A 73 26.87 -5.25 -19.60
CA ARG A 73 27.28 -4.37 -18.51
C ARG A 73 26.04 -3.84 -17.75
N VAL A 74 25.84 -4.30 -16.52
CA VAL A 74 24.67 -3.92 -15.73
C VAL A 74 24.66 -2.42 -15.36
N ARG A 75 23.57 -1.74 -15.69
CA ARG A 75 23.40 -0.31 -15.37
C ARG A 75 22.32 -0.09 -14.31
N GLU A 76 21.08 0.11 -14.74
CA GLU A 76 19.97 0.37 -13.82
C GLU A 76 19.13 -0.90 -13.58
N PHE A 77 18.82 -1.14 -12.32
CA PHE A 77 18.05 -2.33 -11.92
C PHE A 77 16.61 -1.94 -11.55
N GLU A 78 15.64 -2.62 -12.15
CA GLU A 78 14.21 -2.29 -11.98
C GLU A 78 13.57 -3.12 -10.84
N LEU A 79 13.04 -2.41 -9.84
CA LEU A 79 12.35 -3.07 -8.71
C LEU A 79 10.83 -2.89 -8.83
N VAL A 80 10.10 -3.98 -9.13
CA VAL A 80 8.65 -3.90 -9.32
C VAL A 80 7.87 -4.58 -8.17
N TYR A 81 7.22 -3.76 -7.34
CA TYR A 81 6.45 -4.25 -6.18
C TYR A 81 4.94 -4.26 -6.51
N ARG A 82 4.34 -5.45 -6.50
CA ARG A 82 2.93 -5.61 -6.86
C ARG A 82 2.05 -5.95 -5.63
N VAL A 83 1.08 -5.10 -5.34
CA VAL A 83 0.17 -5.28 -4.19
C VAL A 83 -1.25 -5.66 -4.63
N ALA A 84 -1.92 -6.52 -3.86
CA ALA A 84 -3.30 -6.93 -4.14
C ALA A 84 -4.09 -7.21 -2.84
N ALA A 85 -5.36 -6.76 -2.80
CA ALA A 85 -6.18 -6.92 -1.59
C ALA A 85 -7.70 -6.86 -1.88
N ARG A 86 -8.50 -7.14 -0.86
CA ARG A 86 -9.97 -7.05 -0.92
C ARG A 86 -10.53 -6.24 0.25
N LEU A 87 -11.75 -5.73 0.09
CA LEU A 87 -12.39 -4.90 1.13
C LEU A 87 -13.78 -5.45 1.49
N LEU A 88 -13.86 -6.16 2.61
CA LEU A 88 -15.13 -6.75 3.10
C LEU A 88 -15.70 -5.93 4.27
N ASP A 89 -16.82 -6.39 4.83
CA ASP A 89 -17.41 -5.75 6.02
C ASP A 89 -17.38 -6.70 7.22
N ALA A 90 -17.97 -6.29 8.34
CA ALA A 90 -18.02 -7.11 9.57
C ALA A 90 -18.77 -8.45 9.36
N HIS A 91 -19.45 -8.57 8.23
CA HIS A 91 -20.20 -9.80 7.91
C HIS A 91 -19.41 -10.69 6.93
N ASN A 92 -18.14 -10.33 6.71
CA ASN A 92 -17.23 -11.08 5.82
C ASN A 92 -17.74 -11.10 4.36
N ALA A 93 -18.55 -10.10 4.01
CA ALA A 93 -19.03 -9.94 2.63
C ALA A 93 -18.27 -8.81 1.94
N GLU A 94 -17.72 -9.08 0.75
CA GLU A 94 -16.96 -8.07 0.01
C GLU A 94 -17.82 -6.83 -0.30
N LEU A 95 -17.60 -5.77 0.49
CA LEU A 95 -18.37 -4.53 0.39
C LEU A 95 -18.03 -3.78 -0.91
N ALA A 96 -16.74 -3.73 -1.22
CA ALA A 96 -16.24 -3.05 -2.42
C ALA A 96 -15.00 -3.76 -2.99
N SER A 97 -14.91 -3.81 -4.32
CA SER A 97 -13.77 -4.44 -4.99
C SER A 97 -12.54 -3.53 -4.97
N LEU A 98 -11.44 -4.03 -4.42
CA LEU A 98 -10.19 -3.27 -4.33
C LEU A 98 -9.18 -3.76 -5.37
N GLN A 99 -8.60 -2.83 -6.13
CA GLN A 99 -7.70 -3.18 -7.23
C GLN A 99 -6.29 -3.56 -6.74
N GLU A 100 -5.41 -3.88 -7.68
CA GLU A 100 -4.00 -4.11 -7.38
C GLU A 100 -3.19 -2.82 -7.61
N ILE A 101 -2.08 -2.69 -6.88
CA ILE A 101 -1.22 -1.50 -6.99
C ILE A 101 0.20 -1.91 -7.41
N ARG A 102 0.60 -1.51 -8.62
CA ARG A 102 1.87 -1.95 -9.20
C ARG A 102 2.90 -0.79 -9.23
N LEU A 103 3.95 -0.92 -8.42
CA LEU A 103 4.98 0.14 -8.31
C LEU A 103 6.33 -0.33 -8.90
N THR A 104 7.04 0.58 -9.57
CA THR A 104 8.39 0.29 -10.10
C THR A 104 9.39 1.39 -9.73
N ARG A 105 10.49 1.00 -9.10
CA ARG A 105 11.54 1.98 -8.72
C ARG A 105 12.90 1.58 -9.31
N ILE A 106 13.76 2.57 -9.57
CA ILE A 106 15.05 2.31 -10.25
C ILE A 106 16.25 2.35 -9.28
N LEU A 107 17.00 1.25 -9.27
CA LEU A 107 18.18 1.09 -8.41
C LEU A 107 19.47 1.24 -9.27
N PRO A 108 20.33 2.24 -8.98
CA PRO A 108 21.63 2.39 -9.68
C PRO A 108 22.67 1.36 -9.21
N PHE A 109 23.19 0.56 -10.14
CA PHE A 109 24.11 -0.53 -9.80
C PHE A 109 25.58 -0.07 -9.80
N LEU A 110 26.16 0.07 -8.61
CA LEU A 110 27.59 0.35 -8.46
C LEU A 110 28.33 -0.94 -8.06
N ASP A 111 29.57 -1.09 -8.53
CA ASP A 111 30.38 -2.27 -8.22
C ASP A 111 31.47 -1.97 -7.18
N ALA A 112 32.20 -0.87 -7.37
CA ALA A 112 33.31 -0.50 -6.48
C ALA A 112 32.82 -0.07 -5.09
N GLN A 113 31.78 0.76 -5.05
CA GLN A 113 31.24 1.27 -3.79
C GLN A 113 30.29 0.27 -3.12
N GLU A 114 30.81 -0.45 -2.11
CA GLU A 114 30.02 -1.46 -1.40
C GLU A 114 29.12 -0.83 -0.33
N LEU A 115 29.60 0.23 0.34
CA LEU A 115 28.81 0.93 1.36
C LEU A 115 27.48 1.46 0.76
N ALA A 116 27.57 2.03 -0.45
CA ALA A 116 26.38 2.46 -1.18
C ALA A 116 25.41 1.29 -1.43
N LYS A 117 25.97 0.15 -1.85
CA LYS A 117 25.15 -1.05 -2.13
C LYS A 117 24.71 -1.77 -0.86
N ALA A 118 25.13 -1.26 0.29
CA ALA A 118 24.68 -1.78 1.58
C ALA A 118 23.51 -0.95 2.14
N ALA A 119 23.31 0.25 1.59
CA ALA A 119 22.27 1.17 2.06
C ALA A 119 21.15 1.39 1.02
N GLU A 120 21.53 1.90 -0.16
CA GLU A 120 20.57 2.31 -1.20
C GLU A 120 19.44 1.31 -1.41
N GLU A 121 19.79 0.04 -1.57
CA GLU A 121 18.83 -1.04 -1.80
C GLU A 121 17.78 -1.10 -0.67
N GLU A 122 18.25 -1.32 0.55
CA GLU A 122 17.38 -1.44 1.72
C GLU A 122 16.54 -0.17 1.93
N MET A 123 17.12 0.99 1.63
CA MET A 123 16.41 2.26 1.71
C MET A 123 15.21 2.28 0.74
N LEU A 124 15.40 1.76 -0.46
CA LEU A 124 14.33 1.72 -1.46
C LEU A 124 13.24 0.71 -1.08
N TYR A 125 13.63 -0.41 -0.46
CA TYR A 125 12.66 -1.42 -0.01
C TYR A 125 11.64 -0.83 0.98
N LYS A 126 12.11 -0.20 2.05
CA LYS A 126 11.21 0.42 3.03
C LYS A 126 10.41 1.58 2.40
N ASP A 127 10.99 2.22 1.38
CA ASP A 127 10.32 3.31 0.67
C ASP A 127 9.15 2.77 -0.17
N MET A 128 9.41 1.68 -0.91
CA MET A 128 8.37 0.99 -1.71
C MET A 128 7.21 0.56 -0.81
N GLN A 129 7.56 -0.03 0.34
CA GLN A 129 6.57 -0.44 1.34
C GLN A 129 5.72 0.76 1.80
N LYS A 130 6.39 1.90 2.04
CA LYS A 130 5.69 3.09 2.53
C LYS A 130 4.73 3.68 1.47
N ASP A 131 5.19 3.81 0.22
CA ASP A 131 4.31 4.32 -0.84
C ASP A 131 3.10 3.41 -1.04
N ALA A 132 3.36 2.10 -1.10
CA ALA A 132 2.29 1.09 -1.30
C ALA A 132 1.18 1.22 -0.24
N VAL A 133 1.56 1.32 1.04
CA VAL A 133 0.57 1.44 2.12
C VAL A 133 -0.20 2.76 2.04
N GLN A 134 0.44 3.81 1.52
CA GLN A 134 -0.24 5.10 1.31
C GLN A 134 -1.26 5.00 0.16
N GLN A 135 -0.87 4.28 -0.90
CA GLN A 135 -1.77 4.02 -2.03
C GLN A 135 -3.06 3.33 -1.57
N ILE A 136 -2.91 2.25 -0.79
CA ILE A 136 -4.04 1.53 -0.22
C ILE A 136 -4.90 2.45 0.64
N LEU A 137 -4.24 3.20 1.53
CA LEU A 137 -4.92 4.15 2.44
C LEU A 137 -5.93 5.03 1.70
N ARG A 138 -5.47 5.71 0.65
CA ARG A 138 -6.31 6.63 -0.10
C ARG A 138 -7.55 5.93 -0.68
N GLN A 139 -7.34 4.78 -1.32
CA GLN A 139 -8.44 4.01 -1.93
C GLN A 139 -9.47 3.57 -0.88
N VAL A 140 -8.99 3.11 0.28
CA VAL A 140 -9.88 2.72 1.38
C VAL A 140 -10.71 3.90 1.90
N SER A 141 -10.15 5.11 1.79
CA SER A 141 -10.88 6.33 2.19
C SER A 141 -11.58 6.99 0.99
N ALA A 142 -11.57 6.33 -0.16
CA ALA A 142 -12.15 6.89 -1.39
C ALA A 142 -13.27 6.01 -1.99
N PHE A 143 -13.30 4.72 -1.64
CA PHE A 143 -14.28 3.79 -2.23
C PHE A 143 -15.74 4.20 -1.91
N THR A 144 -15.91 5.11 -0.96
CA THR A 144 -17.25 5.59 -0.57
C THR A 144 -17.88 6.49 -1.65
N SER A 145 -17.12 6.77 -2.71
CA SER A 145 -17.62 7.58 -3.83
C SER A 145 -17.22 6.98 -5.19
N ALA A 146 -17.71 7.59 -6.27
CA ALA A 146 -17.43 7.10 -7.62
C ALA A 146 -17.10 8.26 -8.58
N GLY A 147 -18.09 9.14 -8.80
CA GLY A 147 -17.87 10.30 -9.66
C GLY A 147 -19.00 11.32 -9.57
N LEU A 148 -18.67 12.53 -9.12
CA LEU A 148 -19.69 13.58 -8.92
C LEU A 148 -19.10 15.00 -9.07
N GLU A 149 -17.89 15.11 -9.59
CA GLU A 149 -17.18 16.40 -9.69
C GLU A 149 -17.70 17.31 -10.82
N HIS A 150 -18.89 17.01 -11.36
CA HIS A 150 -19.49 17.80 -12.44
C HIS A 150 -20.96 17.43 -12.68
N HIS A 151 -21.81 18.45 -12.81
CA HIS A 151 -23.24 18.25 -13.07
C HIS A 151 -23.79 19.33 -14.01
N HIS A 152 -24.21 18.93 -15.22
CA HIS A 152 -24.80 19.86 -16.20
C HIS A 152 -26.17 20.36 -15.74
N HIS A 153 -26.43 21.66 -15.90
CA HIS A 153 -27.70 22.26 -15.46
C HIS A 153 -28.30 23.19 -16.53
N HIS A 154 -29.63 23.21 -16.61
CA HIS A 154 -30.37 24.12 -17.47
C HIS A 154 -31.82 24.29 -16.98
N HIS A 155 -32.36 25.50 -17.13
CA HIS A 155 -33.75 25.79 -16.73
C HIS A 155 -34.73 25.66 -17.91
N MET A 1 -20.96 29.77 10.01
CA MET A 1 -20.28 28.72 9.20
C MET A 1 -19.78 27.55 10.07
N GLY A 2 -19.33 27.87 11.29
CA GLY A 2 -18.80 26.85 12.19
C GLY A 2 -17.30 26.61 12.01
N PHE A 3 -16.81 25.49 12.53
CA PHE A 3 -15.39 25.13 12.43
C PHE A 3 -15.23 23.72 11.83
N LYS A 4 -14.49 23.63 10.72
CA LYS A 4 -14.28 22.34 10.04
C LYS A 4 -13.74 21.26 10.99
N LEU A 5 -14.26 20.04 10.86
CA LEU A 5 -13.90 18.94 11.77
C LEU A 5 -12.66 18.17 11.27
N ARG A 6 -12.66 17.84 9.99
CA ARG A 6 -11.57 17.05 9.39
C ARG A 6 -10.24 17.83 9.41
N GLY A 7 -9.37 17.49 10.36
CA GLY A 7 -8.04 18.07 10.41
C GLY A 7 -6.95 17.11 9.95
N GLN A 8 -7.31 15.85 9.71
CA GLN A 8 -6.36 14.81 9.32
C GLN A 8 -5.99 14.88 7.82
N VAL A 9 -5.04 14.05 7.40
CA VAL A 9 -4.66 13.94 5.99
C VAL A 9 -5.82 13.35 5.15
N SER A 10 -6.66 12.53 5.77
CA SER A 10 -7.83 11.95 5.12
C SER A 10 -8.99 11.84 6.11
N GLU A 11 -10.10 11.25 5.66
CA GLU A 11 -11.28 11.07 6.52
C GLU A 11 -12.08 9.84 6.10
N LEU A 12 -12.75 9.21 7.07
CA LEU A 12 -13.58 8.03 6.80
C LEU A 12 -14.77 7.95 7.79
N PRO A 13 -15.96 7.56 7.29
CA PRO A 13 -17.17 7.43 8.13
C PRO A 13 -17.03 6.35 9.22
N PHE A 14 -16.38 5.24 8.87
CA PHE A 14 -16.19 4.12 9.79
C PHE A 14 -14.94 4.31 10.68
N GLU A 15 -15.15 4.41 11.99
CA GLU A 15 -14.05 4.57 12.94
C GLU A 15 -13.62 3.22 13.57
N ARG A 16 -13.97 2.12 12.90
CA ARG A 16 -13.70 0.77 13.43
C ARG A 16 -13.69 -0.27 12.29
N VAL A 17 -12.50 -0.83 12.02
CA VAL A 17 -12.32 -1.79 10.92
C VAL A 17 -11.51 -3.02 11.35
N TYR A 18 -11.70 -4.13 10.63
CA TYR A 18 -10.96 -5.38 10.90
C TYR A 18 -9.97 -5.68 9.76
N ILE A 19 -8.78 -6.14 10.12
CA ILE A 19 -7.75 -6.43 9.11
C ILE A 19 -7.20 -7.86 9.28
N THR A 20 -6.90 -8.51 8.16
CA THR A 20 -6.37 -9.88 8.19
C THR A 20 -5.32 -10.11 7.08
N ALA A 21 -4.50 -11.14 7.26
CA ALA A 21 -3.44 -11.47 6.32
C ALA A 21 -3.13 -12.98 6.36
N PRO A 22 -3.05 -13.65 5.19
CA PRO A 22 -2.89 -15.12 5.10
C PRO A 22 -1.81 -15.70 6.03
N ALA A 23 -0.70 -14.99 6.17
CA ALA A 23 0.40 -15.43 7.04
C ALA A 23 0.84 -14.32 8.01
N GLY A 24 -0.05 -13.34 8.24
CA GLY A 24 0.30 -12.18 9.07
C GLY A 24 1.55 -11.46 8.56
N LEU A 25 1.48 -10.93 7.35
CA LEU A 25 2.64 -10.31 6.69
C LEU A 25 3.01 -8.96 7.33
N THR A 26 4.29 -8.60 7.24
CA THR A 26 4.79 -7.30 7.73
C THR A 26 3.98 -6.14 7.15
N ILE A 27 3.60 -6.26 5.87
CA ILE A 27 2.77 -5.25 5.19
C ILE A 27 1.44 -5.01 5.92
N GLY A 28 0.85 -6.09 6.44
CA GLY A 28 -0.41 -5.98 7.17
C GLY A 28 -0.27 -5.24 8.49
N SER A 29 0.71 -5.65 9.29
CA SER A 29 0.98 -5.01 10.59
C SER A 29 1.39 -3.53 10.40
N ASP A 30 2.09 -3.26 9.29
CA ASP A 30 2.46 -1.88 8.93
C ASP A 30 1.20 -1.05 8.67
N LEU A 31 0.28 -1.60 7.89
CA LEU A 31 -0.99 -0.95 7.57
C LEU A 31 -1.78 -0.59 8.86
N GLU A 32 -1.83 -1.54 9.81
CA GLU A 32 -2.50 -1.29 11.11
C GLU A 32 -1.97 -0.02 11.77
N ARG A 33 -0.65 0.09 11.83
CA ARG A 33 0.01 1.24 12.45
C ARG A 33 -0.30 2.54 11.70
N VAL A 34 -0.22 2.50 10.37
CA VAL A 34 -0.51 3.67 9.54
C VAL A 34 -1.97 4.16 9.69
N ILE A 35 -2.92 3.22 9.67
CA ILE A 35 -4.33 3.55 9.88
C ILE A 35 -4.56 4.18 11.26
N SER A 36 -4.11 3.48 12.31
CA SER A 36 -4.34 3.90 13.70
C SER A 36 -3.66 5.25 14.03
N THR A 37 -2.64 5.64 13.26
CA THR A 37 -1.90 6.88 13.53
C THR A 37 -2.33 8.06 12.63
N HIS A 38 -2.81 7.76 11.43
CA HIS A 38 -3.20 8.82 10.47
C HIS A 38 -4.71 9.07 10.43
N THR A 39 -5.51 8.02 10.65
CA THR A 39 -6.99 8.15 10.60
C THR A 39 -7.64 7.83 11.94
N ARG A 40 -8.97 7.97 12.00
CA ARG A 40 -9.73 7.68 13.22
C ARG A 40 -10.28 6.23 13.21
N ALA A 41 -9.91 5.47 12.17
CA ALA A 41 -10.36 4.08 12.04
C ALA A 41 -9.62 3.17 13.04
N LYS A 42 -10.28 2.87 14.16
CA LYS A 42 -9.71 2.00 15.19
C LYS A 42 -9.59 0.56 14.68
N VAL A 43 -8.36 0.07 14.55
CA VAL A 43 -8.11 -1.30 14.07
C VAL A 43 -8.47 -2.34 15.16
N VAL A 44 -9.58 -3.03 14.96
CA VAL A 44 -10.01 -4.08 15.89
C VAL A 44 -9.49 -5.47 15.44
N ASN A 45 -9.20 -6.33 16.41
CA ASN A 45 -8.65 -7.66 16.11
C ASN A 45 -9.78 -8.71 15.97
N LYS A 46 -11.03 -8.24 15.93
CA LYS A 46 -12.19 -9.12 15.70
C LYS A 46 -13.33 -8.36 14.98
N ALA A 47 -13.91 -9.00 13.97
CA ALA A 47 -14.89 -8.35 13.08
C ALA A 47 -16.30 -8.20 13.70
N GLU A 48 -16.39 -8.28 15.02
CA GLU A 48 -17.70 -8.18 15.70
C GLU A 48 -18.28 -6.76 15.63
N LYS A 49 -17.42 -5.77 15.42
CA LYS A 49 -17.85 -4.35 15.36
C LYS A 49 -17.27 -3.62 14.14
N SER A 50 -16.74 -4.36 13.18
CA SER A 50 -16.06 -3.76 12.03
C SER A 50 -17.02 -3.43 10.88
N GLU A 51 -17.06 -2.16 10.48
CA GLU A 51 -17.88 -1.73 9.34
C GLU A 51 -17.28 -2.24 8.01
N ALA A 52 -16.02 -2.64 8.03
CA ALA A 52 -15.34 -3.15 6.84
C ALA A 52 -14.14 -4.04 7.22
N ILE A 53 -13.81 -4.97 6.31
CA ILE A 53 -12.67 -5.87 6.51
C ILE A 53 -11.61 -5.68 5.41
N ILE A 54 -10.39 -5.35 5.81
CA ILE A 54 -9.27 -5.21 4.87
C ILE A 54 -8.48 -6.52 4.77
N GLN A 55 -8.56 -7.18 3.61
CA GLN A 55 -7.88 -8.46 3.41
C GLN A 55 -6.77 -8.31 2.35
N ILE A 56 -5.52 -8.34 2.81
CA ILE A 56 -4.38 -8.26 1.90
C ILE A 56 -4.02 -9.66 1.37
N VAL A 57 -4.14 -9.86 0.06
CA VAL A 57 -3.93 -11.17 -0.56
C VAL A 57 -2.45 -11.57 -0.56
N HIS A 58 -1.62 -10.82 -1.30
CA HIS A 58 -0.21 -11.16 -1.44
C HIS A 58 0.61 -9.95 -1.92
N ALA A 59 1.79 -9.77 -1.35
CA ALA A 59 2.71 -8.69 -1.75
C ALA A 59 3.87 -9.24 -2.59
N ILE A 60 3.87 -8.93 -3.90
CA ILE A 60 4.92 -9.40 -4.81
C ILE A 60 6.09 -8.41 -4.83
N ARG A 61 7.25 -8.83 -4.31
CA ARG A 61 8.43 -7.96 -4.19
C ARG A 61 9.70 -8.67 -4.69
N GLU A 62 10.15 -8.33 -5.90
CA GLU A 62 11.36 -8.95 -6.48
C GLU A 62 12.20 -7.95 -7.29
N LYS A 63 13.37 -8.40 -7.76
CA LYS A 63 14.28 -7.56 -8.56
C LYS A 63 14.51 -8.18 -9.96
N ARG A 64 14.89 -7.34 -10.93
CA ARG A 64 15.21 -7.81 -12.28
C ARG A 64 16.00 -6.77 -13.10
N ILE A 65 16.66 -7.23 -14.17
CA ILE A 65 17.40 -6.33 -15.06
C ILE A 65 16.48 -5.58 -16.03
N LEU A 66 16.63 -4.26 -16.09
CA LEU A 66 15.90 -3.42 -17.04
C LEU A 66 16.76 -3.14 -18.28
N SER A 67 18.06 -2.92 -18.06
CA SER A 67 19.00 -2.60 -19.14
C SER A 67 20.45 -2.98 -18.77
N LEU A 68 21.31 -3.07 -19.78
CA LEU A 68 22.72 -3.43 -19.57
C LEU A 68 23.67 -2.28 -20.01
N SER A 69 24.72 -2.07 -19.23
CA SER A 69 25.76 -1.08 -19.58
C SER A 69 26.89 -1.75 -20.36
N GLU A 70 27.48 -1.02 -21.31
CA GLU A 70 28.57 -1.56 -22.13
C GLU A 70 28.12 -2.81 -22.93
N SER A 71 26.80 -3.02 -22.99
CA SER A 71 26.21 -4.21 -23.62
C SER A 71 26.69 -5.51 -22.94
N GLY A 72 27.01 -5.40 -21.66
CA GLY A 72 27.48 -6.55 -20.88
C GLY A 72 27.29 -6.36 -19.38
N ARG A 73 27.73 -5.22 -18.86
CA ARG A 73 27.57 -4.89 -17.43
C ARG A 73 26.11 -4.65 -17.06
N VAL A 74 25.82 -4.70 -15.77
CA VAL A 74 24.51 -4.31 -15.23
C VAL A 74 24.32 -2.79 -15.28
N ARG A 75 23.09 -2.32 -15.51
CA ARG A 75 22.83 -0.88 -15.55
C ARG A 75 21.67 -0.48 -14.62
N GLU A 76 20.45 -0.75 -15.06
CA GLU A 76 19.25 -0.43 -14.30
C GLU A 76 18.63 -1.71 -13.71
N PHE A 77 18.66 -1.82 -12.37
CA PHE A 77 18.06 -2.96 -11.67
C PHE A 77 16.63 -2.59 -11.24
N GLU A 78 15.64 -3.02 -12.02
CA GLU A 78 14.24 -2.62 -11.76
C GLU A 78 13.64 -3.39 -10.56
N LEU A 79 13.17 -2.63 -9.58
CA LEU A 79 12.51 -3.20 -8.40
C LEU A 79 11.00 -3.34 -8.63
N VAL A 80 10.55 -4.55 -8.93
CA VAL A 80 9.13 -4.80 -9.23
C VAL A 80 8.35 -5.18 -7.95
N TYR A 81 7.36 -4.36 -7.60
CA TYR A 81 6.56 -4.58 -6.39
C TYR A 81 5.07 -4.31 -6.64
N ARG A 82 4.25 -5.36 -6.63
CA ARG A 82 2.80 -5.22 -6.82
C ARG A 82 2.03 -5.68 -5.58
N VAL A 83 1.08 -4.86 -5.12
CA VAL A 83 0.33 -5.13 -3.89
C VAL A 83 -1.09 -5.61 -4.19
N ALA A 84 -1.39 -6.86 -3.81
CA ALA A 84 -2.74 -7.42 -3.96
C ALA A 84 -3.53 -7.32 -2.64
N ALA A 85 -4.48 -6.39 -2.58
CA ALA A 85 -5.30 -6.18 -1.39
C ALA A 85 -6.75 -5.84 -1.77
N ARG A 86 -7.72 -6.32 -0.98
CA ARG A 86 -9.14 -6.14 -1.30
C ARG A 86 -9.93 -5.55 -0.12
N LEU A 87 -11.05 -4.90 -0.44
CA LEU A 87 -11.87 -4.19 0.56
C LEU A 87 -13.25 -4.87 0.72
N LEU A 88 -13.46 -5.56 1.85
CA LEU A 88 -14.66 -6.36 2.05
C LEU A 88 -15.54 -5.84 3.20
N ASP A 89 -16.69 -6.47 3.38
CA ASP A 89 -17.62 -6.20 4.48
C ASP A 89 -17.31 -7.10 5.69
N ALA A 90 -17.92 -6.80 6.84
CA ALA A 90 -17.75 -7.60 8.06
C ALA A 90 -18.04 -9.10 7.82
N HIS A 91 -18.89 -9.38 6.83
CA HIS A 91 -19.26 -10.76 6.49
C HIS A 91 -18.42 -11.33 5.32
N ASN A 92 -17.24 -10.73 5.08
CA ASN A 92 -16.33 -11.20 4.03
C ASN A 92 -16.91 -11.03 2.60
N ALA A 93 -17.92 -10.16 2.48
CA ALA A 93 -18.49 -9.84 1.17
C ALA A 93 -17.81 -8.59 0.58
N GLU A 94 -17.18 -8.73 -0.58
CA GLU A 94 -16.42 -7.62 -1.18
C GLU A 94 -17.32 -6.42 -1.54
N LEU A 95 -17.31 -5.42 -0.65
CA LEU A 95 -18.02 -4.16 -0.90
C LEU A 95 -17.33 -3.35 -2.02
N ALA A 96 -16.00 -3.39 -2.02
CA ALA A 96 -15.20 -2.72 -3.05
C ALA A 96 -14.05 -3.61 -3.51
N SER A 97 -14.15 -4.14 -4.73
CA SER A 97 -13.08 -4.97 -5.30
C SER A 97 -11.84 -4.10 -5.58
N LEU A 98 -11.04 -3.87 -4.54
CA LEU A 98 -9.85 -3.02 -4.65
C LEU A 98 -8.81 -3.65 -5.59
N GLN A 99 -8.30 -2.84 -6.51
CA GLN A 99 -7.45 -3.33 -7.58
C GLN A 99 -5.97 -3.40 -7.18
N GLU A 100 -5.29 -4.46 -7.63
CA GLU A 100 -3.87 -4.68 -7.33
C GLU A 100 -2.98 -3.50 -7.78
N ILE A 101 -2.16 -3.01 -6.86
CA ILE A 101 -1.35 -1.81 -7.08
C ILE A 101 -0.03 -2.12 -7.82
N ARG A 102 0.20 -1.43 -8.94
CA ARG A 102 1.46 -1.57 -9.69
C ARG A 102 2.50 -0.54 -9.22
N LEU A 103 3.61 -1.01 -8.65
CA LEU A 103 4.71 -0.13 -8.23
C LEU A 103 6.07 -0.66 -8.72
N THR A 104 6.87 0.20 -9.36
CA THR A 104 8.21 -0.19 -9.85
C THR A 104 9.20 0.98 -9.73
N ARG A 105 10.41 0.71 -9.25
CA ARG A 105 11.47 1.72 -9.15
C ARG A 105 12.76 1.26 -9.85
N ILE A 106 13.70 2.19 -10.03
CA ILE A 106 14.97 1.90 -10.72
C ILE A 106 16.16 1.95 -9.75
N LEU A 107 16.79 0.80 -9.52
CA LEU A 107 17.99 0.72 -8.68
C LEU A 107 19.26 0.72 -9.56
N PRO A 108 20.02 1.82 -9.57
CA PRO A 108 21.22 1.95 -10.43
C PRO A 108 22.41 1.08 -9.97
N PHE A 109 23.18 0.58 -10.93
CA PHE A 109 24.36 -0.23 -10.61
C PHE A 109 25.64 0.62 -10.58
N LEU A 110 26.00 1.07 -9.39
CA LEU A 110 27.29 1.74 -9.18
C LEU A 110 28.30 0.74 -8.59
N ASP A 111 29.24 0.30 -9.42
CA ASP A 111 30.16 -0.80 -9.09
C ASP A 111 30.93 -0.57 -7.78
N ALA A 112 31.75 0.49 -7.74
CA ALA A 112 32.62 0.73 -6.59
C ALA A 112 31.90 1.46 -5.43
N GLN A 113 30.59 1.66 -5.56
CA GLN A 113 29.82 2.35 -4.51
C GLN A 113 29.12 1.35 -3.58
N GLU A 114 29.81 1.01 -2.49
CA GLU A 114 29.29 0.09 -1.48
C GLU A 114 27.98 0.59 -0.86
N LEU A 115 27.88 1.91 -0.61
CA LEU A 115 26.63 2.49 -0.07
C LEU A 115 25.49 2.41 -1.08
N ALA A 116 25.78 2.73 -2.35
CA ALA A 116 24.76 2.70 -3.41
C ALA A 116 24.20 1.29 -3.65
N LYS A 117 24.87 0.29 -3.08
CA LYS A 117 24.39 -1.09 -3.13
C LYS A 117 23.78 -1.52 -1.79
N ALA A 118 24.61 -1.54 -0.75
CA ALA A 118 24.20 -2.02 0.58
C ALA A 118 23.08 -1.17 1.21
N ALA A 119 23.17 0.15 1.07
CA ALA A 119 22.23 1.08 1.72
C ALA A 119 21.08 1.51 0.79
N GLU A 120 21.43 2.01 -0.40
CA GLU A 120 20.44 2.55 -1.35
C GLU A 120 19.29 1.55 -1.65
N GLU A 121 19.60 0.26 -1.74
CA GLU A 121 18.55 -0.76 -1.97
C GLU A 121 17.52 -0.75 -0.83
N GLU A 122 17.98 -0.54 0.40
CA GLU A 122 17.07 -0.44 1.54
C GLU A 122 16.33 0.92 1.53
N MET A 123 17.05 1.98 1.16
CA MET A 123 16.45 3.32 1.05
C MET A 123 15.22 3.31 0.14
N LEU A 124 15.33 2.64 -1.01
CA LEU A 124 14.20 2.48 -1.92
C LEU A 124 13.15 1.52 -1.33
N TYR A 125 13.60 0.43 -0.72
CA TYR A 125 12.70 -0.55 -0.09
C TYR A 125 11.74 0.10 0.92
N LYS A 126 12.29 0.81 1.90
CA LYS A 126 11.49 1.43 2.96
C LYS A 126 10.54 2.51 2.41
N ASP A 127 11.00 3.27 1.43
CA ASP A 127 10.18 4.30 0.79
C ASP A 127 9.15 3.67 -0.17
N MET A 128 9.45 2.46 -0.63
CA MET A 128 8.55 1.68 -1.48
C MET A 128 7.34 1.19 -0.67
N GLN A 129 7.63 0.67 0.53
CA GLN A 129 6.58 0.26 1.48
C GLN A 129 5.64 1.44 1.76
N LYS A 130 6.22 2.64 1.89
CA LYS A 130 5.45 3.87 2.12
C LYS A 130 4.33 4.03 1.07
N ASP A 131 4.71 4.12 -0.21
CA ASP A 131 3.75 4.27 -1.30
C ASP A 131 2.61 3.25 -1.19
N ALA A 132 2.98 1.97 -1.06
CA ALA A 132 2.00 0.88 -0.98
C ALA A 132 0.96 1.09 0.13
N VAL A 133 1.43 1.35 1.34
CA VAL A 133 0.54 1.46 2.51
C VAL A 133 -0.28 2.76 2.47
N GLN A 134 0.33 3.86 2.01
CA GLN A 134 -0.38 5.14 1.88
C GLN A 134 -1.48 5.07 0.81
N GLN A 135 -1.20 4.33 -0.27
CA GLN A 135 -2.21 4.06 -1.31
C GLN A 135 -3.43 3.36 -0.71
N ILE A 136 -3.20 2.23 -0.05
CA ILE A 136 -4.29 1.47 0.59
C ILE A 136 -5.09 2.35 1.57
N LEU A 137 -4.37 3.10 2.40
CA LEU A 137 -4.99 4.03 3.36
C LEU A 137 -5.96 5.01 2.65
N ARG A 138 -5.49 5.61 1.55
CA ARG A 138 -6.30 6.53 0.76
C ARG A 138 -7.53 5.82 0.15
N GLN A 139 -7.31 4.66 -0.47
CA GLN A 139 -8.39 3.93 -1.14
C GLN A 139 -9.51 3.52 -0.18
N VAL A 140 -9.13 2.87 0.93
CA VAL A 140 -10.11 2.37 1.91
C VAL A 140 -10.97 3.51 2.51
N SER A 141 -10.38 4.68 2.67
CA SER A 141 -11.11 5.82 3.25
C SER A 141 -11.88 6.64 2.20
N ALA A 142 -11.34 6.72 0.99
CA ALA A 142 -11.91 7.60 -0.05
C ALA A 142 -12.91 6.90 -0.99
N PHE A 143 -12.95 5.57 -1.00
CA PHE A 143 -13.83 4.83 -1.93
C PHE A 143 -15.31 5.22 -1.74
N THR A 144 -15.66 5.64 -0.52
CA THR A 144 -17.03 6.02 -0.18
C THR A 144 -17.38 7.46 -0.63
N SER A 145 -16.42 8.13 -1.27
CA SER A 145 -16.62 9.50 -1.75
C SER A 145 -16.24 9.64 -3.24
N ALA A 146 -17.11 10.28 -4.02
CA ALA A 146 -16.85 10.47 -5.45
C ALA A 146 -15.85 11.62 -5.71
N GLY A 147 -16.15 12.79 -5.17
CA GLY A 147 -15.27 13.95 -5.33
C GLY A 147 -15.12 14.42 -6.78
N LEU A 148 -16.13 14.15 -7.60
CA LEU A 148 -16.10 14.55 -9.02
C LEU A 148 -16.34 16.07 -9.19
N GLU A 149 -15.31 16.86 -8.90
CA GLU A 149 -15.39 18.32 -9.01
C GLU A 149 -15.44 18.78 -10.47
N HIS A 150 -14.28 18.76 -11.15
CA HIS A 150 -14.18 19.18 -12.55
C HIS A 150 -13.55 18.08 -13.41
N HIS A 151 -14.39 17.32 -14.12
CA HIS A 151 -13.90 16.20 -14.95
C HIS A 151 -13.61 16.66 -16.39
N HIS A 152 -12.33 16.64 -16.76
CA HIS A 152 -11.89 16.99 -18.12
C HIS A 152 -10.90 15.94 -18.65
N HIS A 153 -10.05 15.44 -17.76
CA HIS A 153 -9.11 14.37 -18.11
C HIS A 153 -9.82 13.02 -18.23
N HIS A 154 -9.56 12.30 -19.32
CA HIS A 154 -10.14 10.97 -19.53
C HIS A 154 -9.40 9.93 -18.67
N HIS A 155 -9.96 9.59 -17.51
CA HIS A 155 -9.32 8.66 -16.57
C HIS A 155 -10.04 7.30 -16.55
N MET A 1 -16.24 25.88 7.43
CA MET A 1 -15.20 24.98 8.01
C MET A 1 -15.69 24.34 9.32
N GLY A 2 -16.22 25.16 10.22
CA GLY A 2 -16.70 24.67 11.51
C GLY A 2 -15.61 24.62 12.57
N PHE A 3 -15.45 23.46 13.22
CA PHE A 3 -14.45 23.29 14.29
C PHE A 3 -13.25 22.48 13.80
N LYS A 4 -12.13 22.58 14.52
CA LYS A 4 -10.91 21.86 14.17
C LYS A 4 -10.86 20.46 14.80
N LEU A 5 -11.39 19.47 14.10
CA LEU A 5 -11.27 18.06 14.52
C LEU A 5 -10.19 17.35 13.68
N ARG A 6 -8.94 17.46 14.11
CA ARG A 6 -7.81 16.95 13.33
C ARG A 6 -7.68 15.42 13.42
N GLY A 7 -8.19 14.72 12.42
CA GLY A 7 -7.97 13.28 12.32
C GLY A 7 -6.58 12.95 11.79
N GLN A 8 -5.56 13.43 12.50
CA GLN A 8 -4.15 13.29 12.09
C GLN A 8 -3.88 13.99 10.75
N VAL A 9 -4.22 13.33 9.65
CA VAL A 9 -4.02 13.92 8.32
C VAL A 9 -5.30 13.90 7.47
N SER A 10 -6.14 12.88 7.65
CA SER A 10 -7.36 12.71 6.85
C SER A 10 -8.43 11.91 7.60
N GLU A 11 -9.64 11.90 7.07
CA GLU A 11 -10.76 11.21 7.72
C GLU A 11 -11.60 10.39 6.72
N LEU A 12 -12.16 9.30 7.22
CA LEU A 12 -13.02 8.41 6.43
C LEU A 12 -14.34 8.13 7.20
N PRO A 13 -15.42 7.73 6.49
CA PRO A 13 -16.77 7.58 7.09
C PRO A 13 -16.93 6.39 8.09
N PHE A 14 -15.82 5.92 8.67
CA PHE A 14 -15.85 4.81 9.64
C PHE A 14 -14.64 4.86 10.58
N GLU A 15 -14.86 4.61 11.87
CA GLU A 15 -13.77 4.68 12.86
C GLU A 15 -13.46 3.32 13.50
N ARG A 16 -13.92 2.23 12.90
CA ARG A 16 -13.63 0.88 13.38
C ARG A 16 -13.41 -0.10 12.22
N VAL A 17 -12.22 -0.71 12.15
CA VAL A 17 -11.87 -1.62 11.05
C VAL A 17 -11.11 -2.87 11.54
N TYR A 18 -11.10 -3.90 10.70
CA TYR A 18 -10.33 -5.13 10.94
C TYR A 18 -9.56 -5.52 9.67
N ILE A 19 -8.49 -6.27 9.82
CA ILE A 19 -7.69 -6.70 8.67
C ILE A 19 -7.30 -8.20 8.76
N THR A 20 -7.26 -8.87 7.62
CA THR A 20 -6.93 -10.30 7.57
C THR A 20 -6.04 -10.64 6.37
N ALA A 21 -5.23 -11.69 6.53
CA ALA A 21 -4.33 -12.15 5.48
C ALA A 21 -4.23 -13.68 5.46
N PRO A 22 -4.26 -14.32 4.28
CA PRO A 22 -4.23 -15.80 4.14
C PRO A 22 -3.08 -16.43 4.94
N ALA A 23 -1.86 -15.96 4.70
CA ALA A 23 -0.67 -16.48 5.37
C ALA A 23 -0.22 -15.57 6.54
N GLY A 24 -1.05 -14.60 6.90
CA GLY A 24 -0.68 -13.62 7.91
C GLY A 24 0.56 -12.83 7.55
N LEU A 25 0.49 -12.08 6.45
CA LEU A 25 1.66 -11.35 5.93
C LEU A 25 1.94 -10.07 6.74
N THR A 26 3.23 -9.72 6.86
CA THR A 26 3.65 -8.51 7.60
C THR A 26 3.02 -7.23 7.02
N ILE A 27 2.81 -7.24 5.70
CA ILE A 27 2.15 -6.11 5.03
C ILE A 27 0.81 -5.75 5.71
N GLY A 28 0.13 -6.76 6.23
CA GLY A 28 -1.12 -6.53 6.93
C GLY A 28 -0.93 -5.79 8.26
N SER A 29 0.00 -6.24 9.08
CA SER A 29 0.24 -5.62 10.39
C SER A 29 0.83 -4.21 10.24
N ASP A 30 1.50 -3.96 9.11
CA ASP A 30 2.01 -2.62 8.82
C ASP A 30 0.86 -1.67 8.47
N LEU A 31 -0.11 -2.17 7.71
CA LEU A 31 -1.31 -1.40 7.36
C LEU A 31 -2.08 -0.98 8.61
N GLU A 32 -2.09 -1.84 9.64
CA GLU A 32 -2.67 -1.49 10.94
C GLU A 32 -2.09 -0.15 11.45
N ARG A 33 -0.77 -0.06 11.43
CA ARG A 33 -0.05 1.14 11.86
C ARG A 33 -0.52 2.36 11.05
N VAL A 34 -0.51 2.23 9.74
CA VAL A 34 -0.87 3.32 8.83
C VAL A 34 -2.29 3.85 9.08
N ILE A 35 -3.29 2.96 9.07
CA ILE A 35 -4.68 3.35 9.31
C ILE A 35 -4.83 4.03 10.69
N SER A 36 -4.30 3.39 11.73
CA SER A 36 -4.42 3.89 13.10
C SER A 36 -3.73 5.25 13.30
N THR A 37 -2.58 5.45 12.65
CA THR A 37 -1.76 6.66 12.85
C THR A 37 -2.10 7.80 11.88
N HIS A 38 -2.64 7.46 10.70
CA HIS A 38 -2.94 8.48 9.69
C HIS A 38 -4.42 8.88 9.65
N THR A 39 -5.32 7.96 10.03
CA THR A 39 -6.77 8.24 10.01
C THR A 39 -7.43 8.00 11.37
N ARG A 40 -8.76 8.07 11.39
CA ARG A 40 -9.53 7.88 12.63
C ARG A 40 -9.95 6.41 12.84
N ALA A 41 -9.83 5.59 11.79
CA ALA A 41 -10.27 4.20 11.85
C ALA A 41 -9.37 3.35 12.77
N LYS A 42 -9.91 2.98 13.93
CA LYS A 42 -9.18 2.15 14.91
C LYS A 42 -9.26 0.66 14.51
N VAL A 43 -8.10 0.03 14.37
CA VAL A 43 -8.03 -1.38 13.98
C VAL A 43 -8.25 -2.32 15.19
N VAL A 44 -9.24 -3.20 15.07
CA VAL A 44 -9.54 -4.19 16.12
C VAL A 44 -8.92 -5.55 15.81
N ASN A 45 -8.81 -6.42 16.81
CA ASN A 45 -8.23 -7.76 16.63
C ASN A 45 -9.34 -8.82 16.51
N LYS A 46 -10.60 -8.37 16.41
CA LYS A 46 -11.74 -9.27 16.20
C LYS A 46 -12.89 -8.54 15.47
N ALA A 47 -13.50 -9.22 14.51
CA ALA A 47 -14.46 -8.60 13.58
C ALA A 47 -15.73 -8.05 14.26
N GLU A 48 -16.05 -8.55 15.45
CA GLU A 48 -17.27 -8.12 16.18
C GLU A 48 -17.30 -6.61 16.43
N LYS A 49 -16.13 -6.01 16.62
CA LYS A 49 -16.03 -4.59 16.99
C LYS A 49 -15.66 -3.72 15.77
N SER A 50 -15.81 -4.28 14.57
CA SER A 50 -15.40 -3.60 13.34
C SER A 50 -16.59 -3.20 12.45
N GLU A 51 -16.33 -2.34 11.47
CA GLU A 51 -17.33 -1.95 10.47
C GLU A 51 -16.95 -2.52 9.10
N ALA A 52 -15.65 -2.53 8.80
CA ALA A 52 -15.12 -3.04 7.53
C ALA A 52 -13.88 -3.92 7.73
N ILE A 53 -13.60 -4.80 6.77
CA ILE A 53 -12.44 -5.70 6.85
C ILE A 53 -11.57 -5.62 5.58
N ILE A 54 -10.30 -5.28 5.77
CA ILE A 54 -9.34 -5.25 4.67
C ILE A 54 -8.69 -6.64 4.50
N GLN A 55 -8.85 -7.24 3.32
CA GLN A 55 -8.31 -8.57 3.06
C GLN A 55 -7.16 -8.50 2.04
N ILE A 56 -5.91 -8.62 2.51
CA ILE A 56 -4.75 -8.56 1.63
C ILE A 56 -4.43 -9.95 1.07
N VAL A 57 -4.45 -10.07 -0.26
CA VAL A 57 -4.26 -11.35 -0.94
C VAL A 57 -2.79 -11.80 -0.94
N HIS A 58 -1.91 -10.96 -1.52
CA HIS A 58 -0.48 -11.29 -1.58
C HIS A 58 0.37 -10.05 -1.94
N ALA A 59 1.63 -10.05 -1.49
CA ALA A 59 2.55 -8.94 -1.75
C ALA A 59 3.92 -9.45 -2.25
N ILE A 60 4.14 -9.36 -3.56
CA ILE A 60 5.36 -9.90 -4.18
C ILE A 60 6.38 -8.80 -4.49
N ARG A 61 7.56 -8.89 -3.88
CA ARG A 61 8.69 -8.00 -4.20
C ARG A 61 9.75 -8.75 -5.04
N GLU A 62 10.46 -8.02 -5.90
CA GLU A 62 11.50 -8.63 -6.74
C GLU A 62 12.44 -7.55 -7.34
N LYS A 63 13.71 -7.90 -7.51
CA LYS A 63 14.69 -6.99 -8.12
C LYS A 63 15.02 -7.41 -9.57
N ARG A 64 14.40 -6.72 -10.53
CA ARG A 64 14.57 -7.04 -11.95
C ARG A 64 15.67 -6.18 -12.60
N ILE A 65 15.85 -6.35 -13.91
CA ILE A 65 16.74 -5.48 -14.70
C ILE A 65 15.96 -4.45 -15.51
N LEU A 66 16.29 -3.18 -15.33
CA LEU A 66 15.70 -2.09 -16.09
C LEU A 66 16.30 -2.02 -17.50
N SER A 67 17.63 -1.94 -17.57
CA SER A 67 18.33 -1.78 -18.84
C SER A 67 19.69 -2.50 -18.86
N LEU A 68 20.08 -2.97 -20.04
CA LEU A 68 21.39 -3.57 -20.26
C LEU A 68 22.13 -2.82 -21.37
N SER A 69 23.33 -2.34 -21.07
CA SER A 69 24.13 -1.58 -22.05
C SER A 69 25.24 -2.44 -22.64
N GLU A 70 25.83 -1.97 -23.75
CA GLU A 70 26.89 -2.70 -24.45
C GLU A 70 26.47 -4.14 -24.80
N SER A 71 25.15 -4.36 -24.86
CA SER A 71 24.57 -5.67 -25.17
C SER A 71 24.90 -6.73 -24.09
N GLY A 72 25.09 -6.29 -22.85
CA GLY A 72 25.38 -7.23 -21.77
C GLY A 72 25.54 -6.60 -20.39
N ARG A 73 26.22 -5.45 -20.32
CA ARG A 73 26.52 -4.82 -19.03
C ARG A 73 25.26 -4.37 -18.27
N VAL A 74 25.16 -4.79 -17.01
CA VAL A 74 24.04 -4.39 -16.13
C VAL A 74 24.07 -2.88 -15.82
N ARG A 75 22.96 -2.21 -16.08
CA ARG A 75 22.84 -0.78 -15.79
C ARG A 75 22.13 -0.50 -14.46
N GLU A 76 20.84 -0.81 -14.40
CA GLU A 76 20.00 -0.41 -13.27
C GLU A 76 18.99 -1.51 -12.89
N PHE A 77 18.82 -1.72 -11.59
CA PHE A 77 17.82 -2.67 -11.07
C PHE A 77 16.42 -2.05 -11.03
N GLU A 78 15.42 -2.84 -11.35
CA GLU A 78 14.02 -2.43 -11.21
C GLU A 78 13.37 -3.15 -10.01
N LEU A 79 13.30 -2.46 -8.87
CA LEU A 79 12.70 -3.03 -7.67
C LEU A 79 11.16 -2.97 -7.77
N VAL A 80 10.54 -4.10 -8.12
CA VAL A 80 9.09 -4.16 -8.28
C VAL A 80 8.40 -4.69 -7.00
N TYR A 81 7.28 -4.07 -6.64
CA TYR A 81 6.52 -4.47 -5.45
C TYR A 81 5.01 -4.49 -5.76
N ARG A 82 4.48 -5.68 -6.04
CA ARG A 82 3.06 -5.85 -6.39
C ARG A 82 2.23 -6.25 -5.17
N VAL A 83 1.39 -5.33 -4.68
CA VAL A 83 0.52 -5.61 -3.54
C VAL A 83 -0.95 -5.75 -3.99
N ALA A 84 -1.51 -6.95 -3.83
CA ALA A 84 -2.91 -7.21 -4.20
C ALA A 84 -3.78 -7.41 -2.96
N ALA A 85 -4.87 -6.64 -2.87
CA ALA A 85 -5.78 -6.72 -1.72
C ALA A 85 -7.23 -6.41 -2.11
N ARG A 86 -8.16 -6.65 -1.20
CA ARG A 86 -9.59 -6.39 -1.44
C ARG A 86 -10.22 -5.64 -0.26
N LEU A 87 -11.43 -5.11 -0.48
CA LEU A 87 -12.11 -4.30 0.54
C LEU A 87 -13.48 -4.90 0.92
N LEU A 88 -13.53 -5.57 2.06
CA LEU A 88 -14.76 -6.23 2.55
C LEU A 88 -15.34 -5.48 3.76
N ASP A 89 -16.50 -5.92 4.25
CA ASP A 89 -17.10 -5.32 5.45
C ASP A 89 -16.84 -6.20 6.69
N ALA A 90 -17.34 -5.77 7.85
CA ALA A 90 -17.14 -6.51 9.11
C ALA A 90 -17.60 -7.98 9.02
N HIS A 91 -18.57 -8.26 8.15
CA HIS A 91 -19.11 -9.62 8.00
C HIS A 91 -18.42 -10.40 6.86
N ASN A 92 -17.26 -9.89 6.41
CA ASN A 92 -16.46 -10.55 5.36
C ASN A 92 -17.20 -10.65 4.02
N ALA A 93 -18.08 -9.69 3.73
CA ALA A 93 -18.69 -9.58 2.40
C ALA A 93 -18.02 -8.46 1.61
N GLU A 94 -17.77 -8.70 0.32
CA GLU A 94 -17.06 -7.73 -0.53
C GLU A 94 -17.80 -6.38 -0.58
N LEU A 95 -17.15 -5.34 -0.05
CA LEU A 95 -17.75 -4.00 0.02
C LEU A 95 -17.45 -3.19 -1.25
N ALA A 96 -16.17 -3.12 -1.62
CA ALA A 96 -15.75 -2.37 -2.81
C ALA A 96 -14.47 -2.95 -3.43
N SER A 97 -14.18 -2.55 -4.66
CA SER A 97 -12.99 -3.02 -5.38
C SER A 97 -11.73 -2.23 -4.98
N LEU A 98 -10.77 -2.90 -4.36
CA LEU A 98 -9.50 -2.27 -3.96
C LEU A 98 -8.43 -2.45 -5.06
N GLN A 99 -7.94 -1.32 -5.58
CA GLN A 99 -6.96 -1.32 -6.70
C GLN A 99 -5.60 -1.87 -6.25
N GLU A 100 -5.13 -2.95 -6.90
CA GLU A 100 -3.82 -3.53 -6.59
C GLU A 100 -2.67 -2.63 -7.09
N ILE A 101 -1.54 -2.67 -6.41
CA ILE A 101 -0.43 -1.75 -6.64
C ILE A 101 0.66 -2.37 -7.55
N ARG A 102 1.37 -1.51 -8.29
CA ARG A 102 2.36 -1.95 -9.28
C ARG A 102 3.64 -1.09 -9.25
N LEU A 103 4.18 -0.88 -8.05
CA LEU A 103 5.36 -0.02 -7.87
C LEU A 103 6.64 -0.61 -8.46
N THR A 104 7.41 0.23 -9.14
CA THR A 104 8.73 -0.15 -9.67
C THR A 104 9.74 0.98 -9.47
N ARG A 105 10.70 0.78 -8.57
CA ARG A 105 11.69 1.82 -8.23
C ARG A 105 13.11 1.36 -8.54
N ILE A 106 13.93 2.27 -9.08
CA ILE A 106 15.19 1.90 -9.74
C ILE A 106 16.42 1.99 -8.80
N LEU A 107 17.36 1.08 -9.00
CA LEU A 107 18.61 1.05 -8.22
C LEU A 107 19.81 1.02 -9.19
N PRO A 108 20.59 2.13 -9.28
CA PRO A 108 21.73 2.23 -10.23
C PRO A 108 22.94 1.36 -9.84
N PHE A 109 23.56 0.72 -10.84
CA PHE A 109 24.76 -0.09 -10.59
C PHE A 109 25.99 0.80 -10.31
N LEU A 110 26.20 1.11 -9.04
CA LEU A 110 27.37 1.88 -8.60
C LEU A 110 28.56 0.95 -8.35
N ASP A 111 29.52 0.96 -9.26
CA ASP A 111 30.68 0.07 -9.20
C ASP A 111 31.52 0.26 -7.93
N ALA A 112 32.08 1.46 -7.77
CA ALA A 112 33.00 1.76 -6.66
C ALA A 112 32.31 2.45 -5.49
N GLN A 113 31.01 2.20 -5.31
CA GLN A 113 30.25 2.82 -4.19
C GLN A 113 29.36 1.78 -3.49
N GLU A 114 29.94 1.03 -2.57
CA GLU A 114 29.22 -0.05 -1.88
C GLU A 114 28.25 0.49 -0.79
N LEU A 115 28.65 1.58 -0.11
CA LEU A 115 27.79 2.19 0.91
C LEU A 115 26.43 2.62 0.31
N ALA A 116 26.48 3.28 -0.84
CA ALA A 116 25.27 3.72 -1.53
C ALA A 116 24.40 2.53 -1.97
N LYS A 117 25.03 1.49 -2.53
CA LYS A 117 24.33 0.27 -2.95
C LYS A 117 23.46 -0.31 -1.82
N ALA A 118 24.08 -0.54 -0.66
CA ALA A 118 23.37 -1.14 0.48
C ALA A 118 22.27 -0.22 1.02
N ALA A 119 22.62 1.03 1.30
CA ALA A 119 21.69 2.01 1.88
C ALA A 119 20.50 2.31 0.97
N GLU A 120 20.79 2.76 -0.25
CA GLU A 120 19.73 3.12 -1.22
C GLU A 120 18.74 1.97 -1.44
N GLU A 121 19.25 0.77 -1.73
CA GLU A 121 18.39 -0.38 -2.02
C GLU A 121 17.40 -0.66 -0.88
N GLU A 122 17.92 -0.81 0.34
CA GLU A 122 17.07 -1.10 1.50
C GLU A 122 16.07 0.04 1.75
N MET A 123 16.53 1.28 1.60
CA MET A 123 15.66 2.44 1.76
C MET A 123 14.57 2.49 0.66
N LEU A 124 14.90 1.98 -0.52
CA LEU A 124 13.91 1.87 -1.60
C LEU A 124 12.89 0.76 -1.31
N TYR A 125 13.33 -0.31 -0.66
CA TYR A 125 12.41 -1.35 -0.17
C TYR A 125 11.34 -0.75 0.76
N LYS A 126 11.79 -0.03 1.79
CA LYS A 126 10.87 0.62 2.72
C LYS A 126 10.20 1.84 2.08
N ASP A 127 10.77 2.36 1.00
CA ASP A 127 10.14 3.42 0.20
C ASP A 127 8.93 2.85 -0.56
N MET A 128 9.09 1.63 -1.10
CA MET A 128 7.98 0.92 -1.74
C MET A 128 6.93 0.50 -0.72
N GLN A 129 7.40 -0.04 0.42
CA GLN A 129 6.51 -0.38 1.53
C GLN A 129 5.71 0.85 1.99
N LYS A 130 6.42 1.93 2.31
CA LYS A 130 5.81 3.21 2.70
C LYS A 130 4.77 3.68 1.69
N ASP A 131 5.18 3.81 0.44
CA ASP A 131 4.29 4.30 -0.63
C ASP A 131 3.09 3.37 -0.81
N ALA A 132 3.35 2.08 -1.07
CA ALA A 132 2.30 1.09 -1.31
C ALA A 132 1.24 1.08 -0.20
N VAL A 133 1.68 1.05 1.05
CA VAL A 133 0.75 0.98 2.18
C VAL A 133 -0.08 2.27 2.30
N GLN A 134 0.43 3.39 1.77
CA GLN A 134 -0.35 4.63 1.68
C GLN A 134 -1.38 4.53 0.54
N GLN A 135 -0.95 3.95 -0.58
CA GLN A 135 -1.81 3.76 -1.77
C GLN A 135 -3.08 2.97 -1.41
N ILE A 136 -2.91 1.90 -0.63
CA ILE A 136 -4.04 1.10 -0.13
C ILE A 136 -5.04 2.00 0.62
N LEU A 137 -4.57 2.66 1.67
CA LEU A 137 -5.40 3.55 2.48
C LEU A 137 -6.07 4.64 1.62
N ARG A 138 -5.34 5.16 0.65
CA ARG A 138 -5.84 6.20 -0.24
C ARG A 138 -7.12 5.74 -0.98
N GLN A 139 -7.09 4.52 -1.50
CA GLN A 139 -8.26 3.95 -2.19
C GLN A 139 -9.34 3.53 -1.17
N VAL A 140 -8.92 3.07 0.01
CA VAL A 140 -9.86 2.71 1.09
C VAL A 140 -10.69 3.93 1.56
N SER A 141 -10.14 5.13 1.36
CA SER A 141 -10.86 6.37 1.69
C SER A 141 -11.50 6.99 0.43
N ALA A 142 -11.36 6.31 -0.72
CA ALA A 142 -11.88 6.84 -1.99
C ALA A 142 -12.78 5.83 -2.74
N PHE A 143 -13.04 4.68 -2.13
CA PHE A 143 -13.85 3.63 -2.78
C PHE A 143 -15.26 4.14 -3.17
N THR A 144 -15.71 5.20 -2.52
CA THR A 144 -17.07 5.74 -2.75
C THR A 144 -17.12 6.66 -3.98
N SER A 145 -15.96 6.99 -4.54
CA SER A 145 -15.89 7.88 -5.72
C SER A 145 -14.62 7.62 -6.54
N ALA A 146 -14.76 6.91 -7.66
CA ALA A 146 -13.62 6.56 -8.52
C ALA A 146 -13.20 7.70 -9.46
N GLY A 147 -13.72 8.91 -9.21
CA GLY A 147 -13.38 10.06 -10.04
C GLY A 147 -14.06 10.03 -11.41
N LEU A 148 -15.25 9.45 -11.47
CA LEU A 148 -16.02 9.34 -12.73
C LEU A 148 -16.34 10.74 -13.31
N GLU A 149 -16.42 11.74 -12.45
CA GLU A 149 -16.70 13.12 -12.88
C GLU A 149 -15.54 13.69 -13.73
N HIS A 150 -14.31 13.52 -13.25
CA HIS A 150 -13.13 14.04 -13.97
C HIS A 150 -12.76 13.14 -15.15
N HIS A 151 -12.66 11.83 -14.90
CA HIS A 151 -12.38 10.86 -15.95
C HIS A 151 -13.64 10.01 -16.24
N HIS A 152 -14.54 10.56 -17.05
CA HIS A 152 -15.81 9.90 -17.35
C HIS A 152 -15.63 8.74 -18.34
N HIS A 153 -15.23 7.58 -17.83
CA HIS A 153 -15.03 6.40 -18.68
C HIS A 153 -16.37 5.82 -19.17
N HIS A 154 -16.43 5.45 -20.44
CA HIS A 154 -17.61 4.80 -21.01
C HIS A 154 -17.68 3.31 -20.61
N HIS A 155 -16.51 2.71 -20.44
CA HIS A 155 -16.39 1.30 -20.06
C HIS A 155 -16.21 1.13 -18.53
N MET A 1 -19.61 21.76 13.35
CA MET A 1 -20.89 21.08 13.02
C MET A 1 -21.30 21.30 11.56
N GLY A 2 -21.06 22.50 11.04
CA GLY A 2 -21.48 22.83 9.66
C GLY A 2 -20.81 21.97 8.59
N PHE A 3 -19.48 21.85 8.66
CA PHE A 3 -18.70 21.07 7.69
C PHE A 3 -18.10 19.82 8.32
N LYS A 4 -17.68 18.88 7.48
CA LYS A 4 -17.10 17.60 7.96
C LYS A 4 -15.57 17.55 7.78
N LEU A 5 -14.96 18.72 7.61
CA LEU A 5 -13.50 18.82 7.48
C LEU A 5 -12.80 18.69 8.85
N ARG A 6 -11.57 18.20 8.86
CA ARG A 6 -10.85 17.95 10.13
C ARG A 6 -9.43 18.53 10.10
N GLY A 7 -8.83 18.68 11.27
CA GLY A 7 -7.44 19.14 11.36
C GLY A 7 -6.42 17.99 11.37
N GLN A 8 -6.90 16.77 11.15
CA GLN A 8 -6.03 15.59 11.10
C GLN A 8 -5.35 15.46 9.72
N VAL A 9 -4.33 14.60 9.64
CA VAL A 9 -3.62 14.37 8.38
C VAL A 9 -4.47 13.54 7.39
N SER A 10 -5.36 12.69 7.94
CA SER A 10 -6.28 11.88 7.12
C SER A 10 -7.35 11.21 7.98
N GLU A 11 -8.55 11.04 7.42
CA GLU A 11 -9.64 10.34 8.13
C GLU A 11 -10.47 9.48 7.17
N LEU A 12 -11.42 8.75 7.75
CA LEU A 12 -12.39 7.93 7.01
C LEU A 12 -13.65 7.72 7.88
N PRO A 13 -14.84 7.64 7.26
CA PRO A 13 -16.12 7.55 8.00
C PRO A 13 -16.26 6.27 8.85
N PHE A 14 -15.46 5.26 8.53
CA PHE A 14 -15.44 4.01 9.27
C PHE A 14 -14.16 3.86 10.10
N GLU A 15 -14.23 4.20 11.39
CA GLU A 15 -13.07 4.15 12.27
C GLU A 15 -12.77 2.71 12.74
N ARG A 16 -13.82 1.96 13.07
CA ARG A 16 -13.65 0.56 13.47
C ARG A 16 -13.48 -0.36 12.25
N VAL A 17 -12.21 -0.71 11.95
CA VAL A 17 -11.89 -1.53 10.78
C VAL A 17 -11.20 -2.85 11.18
N TYR A 18 -11.40 -3.88 10.37
CA TYR A 18 -10.78 -5.19 10.60
C TYR A 18 -9.80 -5.54 9.47
N ILE A 19 -8.71 -6.23 9.82
CA ILE A 19 -7.68 -6.62 8.85
C ILE A 19 -7.58 -8.16 8.75
N THR A 20 -7.29 -8.66 7.55
CA THR A 20 -7.07 -10.10 7.33
C THR A 20 -5.96 -10.37 6.33
N ALA A 21 -4.92 -11.09 6.76
CA ALA A 21 -3.78 -11.43 5.91
C ALA A 21 -3.50 -12.94 5.97
N PRO A 22 -3.09 -13.56 4.83
CA PRO A 22 -2.86 -15.02 4.76
C PRO A 22 -1.81 -15.55 5.75
N ALA A 23 -0.98 -14.64 6.28
CA ALA A 23 0.07 -15.03 7.23
C ALA A 23 0.61 -13.82 8.03
N GLY A 24 -0.19 -12.74 8.09
CA GLY A 24 0.27 -11.53 8.77
C GLY A 24 1.62 -11.00 8.27
N LEU A 25 1.71 -10.74 6.97
CA LEU A 25 2.96 -10.30 6.34
C LEU A 25 3.30 -8.85 6.69
N THR A 26 4.47 -8.39 6.24
CA THR A 26 4.90 -6.99 6.44
C THR A 26 3.82 -6.00 5.99
N ILE A 27 3.27 -6.24 4.80
CA ILE A 27 2.19 -5.41 4.25
C ILE A 27 1.04 -5.23 5.25
N GLY A 28 0.78 -6.25 6.08
CA GLY A 28 -0.25 -6.17 7.10
C GLY A 28 0.20 -5.41 8.34
N SER A 29 1.44 -5.68 8.78
CA SER A 29 2.02 -4.99 9.94
C SER A 29 2.03 -3.48 9.74
N ASP A 30 2.62 -3.02 8.63
CA ASP A 30 2.64 -1.61 8.28
C ASP A 30 1.22 -1.05 8.07
N LEU A 31 0.32 -1.88 7.56
CA LEU A 31 -1.08 -1.46 7.35
C LEU A 31 -1.72 -1.00 8.67
N GLU A 32 -1.66 -1.86 9.68
CA GLU A 32 -2.20 -1.53 11.01
C GLU A 32 -1.58 -0.24 11.58
N ARG A 33 -0.26 -0.10 11.41
CA ARG A 33 0.48 1.03 11.95
C ARG A 33 0.13 2.35 11.22
N VAL A 34 0.17 2.33 9.89
CA VAL A 34 -0.18 3.51 9.08
C VAL A 34 -1.62 3.97 9.37
N ILE A 35 -2.55 3.02 9.43
CA ILE A 35 -3.95 3.34 9.75
C ILE A 35 -4.09 3.96 11.16
N SER A 36 -3.60 3.26 12.18
CA SER A 36 -3.76 3.69 13.58
C SER A 36 -3.07 5.04 13.88
N THR A 37 -2.01 5.35 13.14
CA THR A 37 -1.25 6.60 13.36
C THR A 37 -1.73 7.75 12.46
N HIS A 38 -2.03 7.45 11.19
CA HIS A 38 -2.34 8.49 10.20
C HIS A 38 -3.85 8.81 10.09
N THR A 39 -4.72 8.03 10.73
CA THR A 39 -6.18 8.27 10.61
C THR A 39 -6.91 8.24 11.95
N ARG A 40 -8.23 8.41 11.86
CA ARG A 40 -9.13 8.37 13.03
C ARG A 40 -9.48 6.92 13.43
N ALA A 41 -9.02 5.97 12.64
CA ALA A 41 -9.44 4.57 12.78
C ALA A 41 -8.82 3.85 13.99
N LYS A 42 -9.31 2.64 14.24
CA LYS A 42 -8.84 1.79 15.33
C LYS A 42 -8.92 0.32 14.92
N VAL A 43 -7.77 -0.30 14.67
CA VAL A 43 -7.70 -1.68 14.18
C VAL A 43 -8.21 -2.69 15.24
N VAL A 44 -9.25 -3.44 14.89
CA VAL A 44 -9.84 -4.43 15.81
C VAL A 44 -9.47 -5.88 15.44
N ASN A 45 -9.37 -6.74 16.46
CA ASN A 45 -9.05 -8.16 16.29
C ASN A 45 -10.28 -8.98 15.88
N LYS A 46 -11.46 -8.36 15.94
CA LYS A 46 -12.72 -9.07 15.65
C LYS A 46 -13.62 -8.24 14.71
N ALA A 47 -14.15 -8.90 13.68
CA ALA A 47 -14.94 -8.24 12.64
C ALA A 47 -16.33 -7.83 13.16
N GLU A 48 -16.82 -8.54 14.18
CA GLU A 48 -18.12 -8.25 14.78
C GLU A 48 -18.26 -6.76 15.18
N LYS A 49 -17.16 -6.18 15.65
CA LYS A 49 -17.16 -4.79 16.13
C LYS A 49 -16.70 -3.80 15.04
N SER A 50 -16.42 -4.30 13.84
CA SER A 50 -15.93 -3.46 12.74
C SER A 50 -17.04 -3.10 11.74
N GLU A 51 -16.72 -2.22 10.80
CA GLU A 51 -17.64 -1.86 9.70
C GLU A 51 -17.06 -2.31 8.35
N ALA A 52 -15.82 -1.89 8.06
CA ALA A 52 -15.13 -2.26 6.83
C ALA A 52 -13.97 -3.23 7.09
N ILE A 53 -13.75 -4.15 6.15
CA ILE A 53 -12.66 -5.13 6.27
C ILE A 53 -11.64 -4.97 5.13
N ILE A 54 -10.38 -4.73 5.49
CA ILE A 54 -9.30 -4.64 4.51
C ILE A 54 -8.64 -6.01 4.31
N GLN A 55 -8.94 -6.64 3.17
CA GLN A 55 -8.45 -8.00 2.90
C GLN A 55 -7.28 -8.00 1.91
N ILE A 56 -6.06 -8.17 2.43
CA ILE A 56 -4.88 -8.30 1.58
C ILE A 56 -4.69 -9.78 1.19
N VAL A 57 -4.84 -10.09 -0.09
CA VAL A 57 -4.80 -11.47 -0.57
C VAL A 57 -3.35 -11.99 -0.69
N HIS A 58 -2.49 -11.22 -1.34
CA HIS A 58 -1.07 -11.60 -1.51
C HIS A 58 -0.24 -10.43 -2.08
N ALA A 59 1.04 -10.40 -1.72
CA ALA A 59 1.96 -9.34 -2.17
C ALA A 59 3.24 -9.92 -2.78
N ILE A 60 3.40 -9.76 -4.09
CA ILE A 60 4.57 -10.30 -4.81
C ILE A 60 5.70 -9.26 -4.86
N ARG A 61 6.89 -9.66 -4.43
CA ARG A 61 8.07 -8.78 -4.45
C ARG A 61 9.20 -9.39 -5.29
N GLU A 62 9.49 -8.77 -6.42
CA GLU A 62 10.48 -9.32 -7.37
C GLU A 62 11.62 -8.32 -7.64
N LYS A 63 12.86 -8.81 -7.57
CA LYS A 63 14.04 -8.00 -7.89
C LYS A 63 14.65 -8.45 -9.24
N ARG A 64 14.47 -7.63 -10.27
CA ARG A 64 14.89 -7.99 -11.63
C ARG A 64 15.67 -6.86 -12.33
N ILE A 65 16.38 -7.22 -13.40
CA ILE A 65 17.13 -6.25 -14.20
C ILE A 65 16.24 -5.52 -15.22
N LEU A 66 16.50 -4.23 -15.40
CA LEU A 66 15.83 -3.43 -16.44
C LEU A 66 16.74 -3.27 -17.66
N SER A 67 17.96 -2.78 -17.42
CA SER A 67 18.96 -2.58 -18.48
C SER A 67 20.34 -3.08 -18.04
N LEU A 68 21.17 -3.50 -19.00
CA LEU A 68 22.48 -4.07 -18.70
C LEU A 68 23.63 -3.23 -19.28
N SER A 69 24.81 -3.34 -18.67
CA SER A 69 26.03 -2.71 -19.18
C SER A 69 26.97 -3.77 -19.77
N GLU A 70 27.51 -3.50 -20.96
CA GLU A 70 28.39 -4.45 -21.65
C GLU A 70 27.71 -5.81 -21.90
N SER A 71 26.37 -5.81 -21.87
CA SER A 71 25.58 -7.05 -22.03
C SER A 71 25.93 -8.08 -20.92
N GLY A 72 26.23 -7.58 -19.73
CA GLY A 72 26.58 -8.46 -18.61
C GLY A 72 26.48 -7.77 -17.25
N ARG A 73 27.11 -6.59 -17.14
CA ARG A 73 27.09 -5.82 -15.90
C ARG A 73 25.69 -5.20 -15.65
N VAL A 74 25.46 -4.74 -14.43
CA VAL A 74 24.18 -4.09 -14.09
C VAL A 74 24.18 -2.62 -14.51
N ARG A 75 23.03 -2.13 -14.97
CA ARG A 75 22.87 -0.71 -15.31
C ARG A 75 21.72 -0.10 -14.51
N GLU A 76 20.48 -0.44 -14.88
CA GLU A 76 19.29 -0.07 -14.10
C GLU A 76 18.60 -1.32 -13.57
N PHE A 77 18.36 -1.36 -12.27
CA PHE A 77 17.73 -2.52 -11.62
C PHE A 77 16.25 -2.22 -11.30
N GLU A 78 15.35 -3.05 -11.82
CA GLU A 78 13.91 -2.81 -11.68
C GLU A 78 13.34 -3.49 -10.42
N LEU A 79 12.94 -2.68 -9.44
CA LEU A 79 12.31 -3.18 -8.22
C LEU A 79 10.78 -3.13 -8.35
N VAL A 80 10.16 -4.28 -8.59
CA VAL A 80 8.70 -4.34 -8.81
C VAL A 80 7.97 -5.02 -7.62
N TYR A 81 6.87 -4.41 -7.21
CA TYR A 81 6.08 -4.90 -6.06
C TYR A 81 4.58 -4.90 -6.41
N ARG A 82 3.98 -6.09 -6.44
CA ARG A 82 2.57 -6.26 -6.84
C ARG A 82 1.69 -6.62 -5.63
N VAL A 83 0.82 -5.69 -5.22
CA VAL A 83 -0.11 -5.93 -4.11
C VAL A 83 -1.53 -6.24 -4.60
N ALA A 84 -2.07 -7.39 -4.19
CA ALA A 84 -3.45 -7.77 -4.55
C ALA A 84 -4.35 -7.83 -3.30
N ALA A 85 -5.46 -7.08 -3.32
CA ALA A 85 -6.35 -6.98 -2.16
C ALA A 85 -7.81 -6.73 -2.56
N ARG A 86 -8.69 -6.72 -1.54
CA ARG A 86 -10.11 -6.42 -1.72
C ARG A 86 -10.66 -5.66 -0.50
N LEU A 87 -11.77 -4.93 -0.67
CA LEU A 87 -12.37 -4.18 0.42
C LEU A 87 -13.78 -4.71 0.73
N LEU A 88 -13.93 -5.41 1.85
CA LEU A 88 -15.19 -6.08 2.19
C LEU A 88 -15.93 -5.40 3.34
N ASP A 89 -17.15 -5.86 3.58
CA ASP A 89 -17.95 -5.46 4.74
C ASP A 89 -17.60 -6.34 5.95
N ALA A 90 -17.95 -5.87 7.15
CA ALA A 90 -17.70 -6.62 8.40
C ALA A 90 -18.19 -8.09 8.32
N HIS A 91 -19.15 -8.36 7.44
CA HIS A 91 -19.70 -9.71 7.26
C HIS A 91 -19.09 -10.42 6.03
N ASN A 92 -17.87 -10.01 5.65
CA ASN A 92 -17.11 -10.64 4.57
C ASN A 92 -17.78 -10.48 3.19
N ALA A 93 -18.64 -9.47 3.05
CA ALA A 93 -19.26 -9.16 1.76
C ALA A 93 -18.37 -8.21 0.95
N GLU A 94 -17.79 -8.72 -0.13
CA GLU A 94 -16.88 -7.91 -0.97
C GLU A 94 -17.64 -6.85 -1.79
N LEU A 95 -17.78 -5.65 -1.20
CA LEU A 95 -18.45 -4.53 -1.85
C LEU A 95 -17.55 -3.82 -2.87
N ALA A 96 -16.35 -3.43 -2.43
CA ALA A 96 -15.44 -2.65 -3.27
C ALA A 96 -14.15 -3.42 -3.60
N SER A 97 -13.88 -3.63 -4.88
CA SER A 97 -12.65 -4.28 -5.31
C SER A 97 -11.45 -3.33 -5.16
N LEU A 98 -10.71 -3.49 -4.06
CA LEU A 98 -9.49 -2.71 -3.85
C LEU A 98 -8.44 -3.07 -4.91
N GLN A 99 -8.36 -2.24 -5.96
CA GLN A 99 -7.52 -2.53 -7.13
C GLN A 99 -6.07 -2.86 -6.76
N GLU A 100 -5.47 -3.78 -7.51
CA GLU A 100 -4.08 -4.20 -7.31
C GLU A 100 -3.10 -3.02 -7.46
N ILE A 101 -2.13 -2.96 -6.56
CA ILE A 101 -1.12 -1.89 -6.57
C ILE A 101 0.19 -2.36 -7.21
N ARG A 102 0.51 -1.82 -8.38
CA ARG A 102 1.75 -2.17 -9.09
C ARG A 102 2.81 -1.05 -8.97
N LEU A 103 3.83 -1.29 -8.15
CA LEU A 103 4.90 -0.30 -7.94
C LEU A 103 6.22 -0.75 -8.61
N THR A 104 6.91 0.19 -9.24
CA THR A 104 8.22 -0.06 -9.86
C THR A 104 9.21 1.05 -9.50
N ARG A 105 10.37 0.67 -8.96
CA ARG A 105 11.41 1.63 -8.55
C ARG A 105 12.75 1.29 -9.21
N ILE A 106 13.34 2.25 -9.92
CA ILE A 106 14.62 2.01 -10.61
C ILE A 106 15.82 2.25 -9.68
N LEU A 107 16.54 1.18 -9.38
CA LEU A 107 17.79 1.23 -8.61
C LEU A 107 18.97 1.52 -9.56
N PRO A 108 19.62 2.70 -9.45
CA PRO A 108 20.74 3.08 -10.33
C PRO A 108 22.07 2.43 -9.93
N PHE A 109 22.66 1.65 -10.85
CA PHE A 109 23.99 1.07 -10.63
C PHE A 109 25.08 2.04 -11.08
N LEU A 110 25.79 2.62 -10.12
CA LEU A 110 26.88 3.56 -10.41
C LEU A 110 28.25 2.88 -10.18
N ASP A 111 29.00 2.67 -11.26
CA ASP A 111 30.32 2.05 -11.19
C ASP A 111 31.28 2.82 -10.26
N ALA A 112 31.03 4.12 -10.10
CA ALA A 112 31.89 4.97 -9.26
C ALA A 112 31.49 4.93 -7.76
N GLN A 113 30.48 4.12 -7.42
CA GLN A 113 29.97 4.04 -6.05
C GLN A 113 30.04 2.61 -5.48
N GLU A 114 30.22 2.50 -4.16
CA GLU A 114 30.27 1.20 -3.47
C GLU A 114 29.25 1.10 -2.32
N LEU A 115 29.31 2.04 -1.38
CA LEU A 115 28.37 2.06 -0.24
C LEU A 115 27.05 2.76 -0.61
N ALA A 116 27.08 3.61 -1.64
CA ALA A 116 25.86 4.25 -2.14
C ALA A 116 24.77 3.21 -2.45
N LYS A 117 25.20 2.09 -3.02
CA LYS A 117 24.29 0.96 -3.28
C LYS A 117 23.58 0.50 -2.01
N ALA A 118 24.34 0.40 -0.92
CA ALA A 118 23.78 -0.05 0.37
C ALA A 118 22.74 0.95 0.91
N ALA A 119 23.11 2.22 0.98
CA ALA A 119 22.23 3.26 1.49
C ALA A 119 20.97 3.44 0.62
N GLU A 120 21.18 3.66 -0.68
CA GLU A 120 20.07 3.88 -1.62
C GLU A 120 19.07 2.71 -1.60
N GLU A 121 19.56 1.50 -1.81
CA GLU A 121 18.70 0.32 -1.91
C GLU A 121 18.01 0.02 -0.56
N GLU A 122 18.69 0.36 0.54
CA GLU A 122 18.11 0.25 1.89
C GLU A 122 16.86 1.13 1.99
N MET A 123 17.00 2.40 1.61
CA MET A 123 15.88 3.35 1.64
C MET A 123 14.73 2.88 0.74
N LEU A 124 15.07 2.40 -0.46
CA LEU A 124 14.05 1.95 -1.42
C LEU A 124 13.17 0.82 -0.85
N TYR A 125 13.74 -0.01 0.03
CA TYR A 125 12.96 -1.07 0.70
C TYR A 125 11.78 -0.47 1.48
N LYS A 126 12.09 0.37 2.47
CA LYS A 126 11.06 1.01 3.30
C LYS A 126 10.15 1.93 2.47
N ASP A 127 10.73 2.64 1.50
CA ASP A 127 9.96 3.55 0.65
C ASP A 127 8.90 2.82 -0.18
N MET A 128 9.32 1.80 -0.94
CA MET A 128 8.38 1.03 -1.77
C MET A 128 7.35 0.30 -0.91
N GLN A 129 7.79 -0.31 0.19
CA GLN A 129 6.89 -1.01 1.11
C GLN A 129 5.85 -0.04 1.69
N LYS A 130 6.30 1.15 2.05
CA LYS A 130 5.44 2.18 2.65
C LYS A 130 4.48 2.78 1.61
N ASP A 131 5.02 3.18 0.46
CA ASP A 131 4.20 3.71 -0.64
C ASP A 131 3.02 2.78 -0.95
N ALA A 132 3.26 1.47 -0.88
CA ALA A 132 2.21 0.47 -1.11
C ALA A 132 1.05 0.61 -0.10
N VAL A 133 1.38 0.56 1.20
CA VAL A 133 0.35 0.68 2.24
C VAL A 133 -0.32 2.06 2.23
N GLN A 134 0.44 3.11 1.90
CA GLN A 134 -0.11 4.46 1.75
C GLN A 134 -1.15 4.49 0.62
N GLN A 135 -0.87 3.78 -0.47
CA GLN A 135 -1.81 3.62 -1.58
C GLN A 135 -3.08 2.87 -1.13
N ILE A 136 -2.88 1.79 -0.36
CA ILE A 136 -4.01 1.03 0.21
C ILE A 136 -4.92 1.95 1.02
N LEU A 137 -4.34 2.65 2.00
CA LEU A 137 -5.08 3.57 2.85
C LEU A 137 -5.84 4.62 2.03
N ARG A 138 -5.15 5.25 1.08
CA ARG A 138 -5.77 6.27 0.22
C ARG A 138 -7.02 5.72 -0.50
N GLN A 139 -6.84 4.62 -1.21
CA GLN A 139 -7.94 4.02 -1.98
C GLN A 139 -9.09 3.56 -1.07
N VAL A 140 -8.76 2.92 0.06
CA VAL A 140 -9.78 2.46 1.02
C VAL A 140 -10.62 3.64 1.56
N SER A 141 -9.93 4.68 2.04
CA SER A 141 -10.61 5.86 2.60
C SER A 141 -11.41 6.63 1.52
N ALA A 142 -11.04 6.42 0.25
CA ALA A 142 -11.72 7.07 -0.87
C ALA A 142 -13.02 6.34 -1.26
N PHE A 143 -13.12 5.05 -0.92
CA PHE A 143 -14.28 4.23 -1.30
C PHE A 143 -15.57 4.59 -0.54
N THR A 144 -15.63 5.81 0.00
CA THR A 144 -16.83 6.29 0.68
C THR A 144 -17.73 7.10 -0.26
N SER A 145 -17.19 7.45 -1.43
CA SER A 145 -17.93 8.25 -2.43
C SER A 145 -17.23 8.19 -3.80
N ALA A 146 -17.68 9.01 -4.75
CA ALA A 146 -17.07 9.11 -6.09
C ALA A 146 -17.25 7.83 -6.92
N GLY A 147 -18.13 6.94 -6.48
CA GLY A 147 -18.40 5.70 -7.22
C GLY A 147 -19.25 5.94 -8.47
N LEU A 148 -18.63 6.44 -9.53
CA LEU A 148 -19.35 6.75 -10.77
C LEU A 148 -18.70 6.03 -11.97
N GLU A 149 -19.39 5.02 -12.49
CA GLU A 149 -18.91 4.27 -13.66
C GLU A 149 -19.17 5.08 -14.94
N HIS A 150 -20.44 5.36 -15.21
CA HIS A 150 -20.85 6.19 -16.35
C HIS A 150 -21.92 7.19 -15.90
N HIS A 151 -22.15 8.27 -16.66
CA HIS A 151 -23.04 9.36 -16.20
C HIS A 151 -24.54 8.98 -16.20
N HIS A 152 -24.85 7.68 -16.07
CA HIS A 152 -26.23 7.24 -15.83
C HIS A 152 -26.59 7.41 -14.35
N HIS A 153 -26.92 8.64 -13.96
CA HIS A 153 -27.35 8.94 -12.59
C HIS A 153 -28.56 8.07 -12.19
N HIS A 154 -28.43 7.33 -11.09
CA HIS A 154 -29.43 6.34 -10.69
C HIS A 154 -29.52 6.20 -9.16
N HIS A 155 -30.33 5.23 -8.72
CA HIS A 155 -30.41 4.87 -7.29
C HIS A 155 -29.23 3.95 -6.90
N MET A 1 -14.40 26.73 13.09
CA MET A 1 -14.14 25.76 14.19
C MET A 1 -15.44 25.38 14.91
N GLY A 2 -15.42 24.27 15.64
CA GLY A 2 -16.59 23.85 16.42
C GLY A 2 -17.68 23.18 15.59
N PHE A 3 -17.29 22.40 14.59
CA PHE A 3 -18.25 21.70 13.73
C PHE A 3 -17.57 20.58 12.92
N LYS A 4 -18.37 19.68 12.34
CA LYS A 4 -17.83 18.55 11.57
C LYS A 4 -17.25 18.98 10.20
N LEU A 5 -15.98 19.40 10.22
CA LEU A 5 -15.24 19.68 8.99
C LEU A 5 -14.16 18.62 8.75
N ARG A 6 -13.56 18.62 7.56
CA ARG A 6 -12.50 17.67 7.22
C ARG A 6 -11.21 17.96 7.99
N GLY A 7 -11.14 17.49 9.24
CA GLY A 7 -9.93 17.66 10.04
C GLY A 7 -9.11 16.37 10.15
N GLN A 8 -9.35 15.45 9.22
CA GLN A 8 -8.64 14.16 9.19
C GLN A 8 -7.75 14.08 7.93
N VAL A 9 -6.51 13.62 8.08
CA VAL A 9 -5.61 13.47 6.92
C VAL A 9 -6.18 12.49 5.88
N SER A 10 -6.93 11.50 6.36
CA SER A 10 -7.68 10.59 5.49
C SER A 10 -9.03 10.23 6.14
N GLU A 11 -10.08 10.97 5.76
CA GLU A 11 -11.41 10.79 6.35
C GLU A 11 -12.10 9.51 5.86
N LEU A 12 -12.85 8.88 6.77
CA LEU A 12 -13.64 7.68 6.44
C LEU A 12 -14.89 7.60 7.34
N PRO A 13 -16.04 7.11 6.81
CA PRO A 13 -17.29 7.00 7.59
C PRO A 13 -17.21 5.96 8.71
N PHE A 14 -16.69 4.78 8.40
CA PHE A 14 -16.58 3.69 9.38
C PHE A 14 -15.53 3.97 10.46
N GLU A 15 -15.90 3.74 11.72
CA GLU A 15 -15.01 4.05 12.86
C GLU A 15 -14.30 2.80 13.41
N ARG A 16 -14.63 1.63 12.87
CA ARG A 16 -14.05 0.38 13.37
C ARG A 16 -13.86 -0.66 12.25
N VAL A 17 -12.61 -1.07 12.04
CA VAL A 17 -12.26 -1.97 10.94
C VAL A 17 -11.59 -3.26 11.43
N TYR A 18 -11.85 -4.36 10.73
CA TYR A 18 -11.19 -5.64 10.99
C TYR A 18 -10.27 -6.00 9.82
N ILE A 19 -9.08 -6.50 10.13
CA ILE A 19 -8.09 -6.85 9.10
C ILE A 19 -7.74 -8.34 9.13
N THR A 20 -7.30 -8.87 7.99
CA THR A 20 -6.85 -10.26 7.92
C THR A 20 -5.85 -10.48 6.78
N ALA A 21 -4.92 -11.42 6.98
CA ALA A 21 -3.89 -11.73 6.00
C ALA A 21 -3.72 -13.25 5.84
N PRO A 22 -3.86 -13.78 4.60
CA PRO A 22 -3.88 -15.24 4.34
C PRO A 22 -2.63 -15.98 4.86
N ALA A 23 -1.46 -15.38 4.67
CA ALA A 23 -0.19 -16.00 5.10
C ALA A 23 0.55 -15.14 6.13
N GLY A 24 -0.15 -14.20 6.75
CA GLY A 24 0.48 -13.29 7.71
C GLY A 24 1.67 -12.53 7.12
N LEU A 25 1.38 -11.51 6.32
CA LEU A 25 2.42 -10.74 5.63
C LEU A 25 2.81 -9.47 6.42
N THR A 26 4.03 -8.98 6.20
CA THR A 26 4.51 -7.75 6.86
C THR A 26 3.60 -6.55 6.54
N ILE A 27 3.24 -6.43 5.26
CA ILE A 27 2.35 -5.36 4.78
C ILE A 27 1.11 -5.18 5.69
N GLY A 28 0.61 -6.28 6.26
CA GLY A 28 -0.53 -6.22 7.16
C GLY A 28 -0.22 -5.53 8.49
N SER A 29 0.95 -5.85 9.05
CA SER A 29 1.41 -5.22 10.31
C SER A 29 1.48 -3.70 10.17
N ASP A 30 2.11 -3.23 9.10
CA ASP A 30 2.16 -1.80 8.79
C ASP A 30 0.74 -1.24 8.56
N LEU A 31 -0.07 -1.97 7.80
CA LEU A 31 -1.43 -1.53 7.47
C LEU A 31 -2.26 -1.21 8.73
N GLU A 32 -2.25 -2.12 9.71
CA GLU A 32 -2.95 -1.90 10.98
C GLU A 32 -2.52 -0.56 11.62
N ARG A 33 -1.21 -0.32 11.64
CA ARG A 33 -0.66 0.89 12.25
C ARG A 33 -1.00 2.15 11.43
N VAL A 34 -0.96 2.03 10.10
CA VAL A 34 -1.29 3.15 9.21
C VAL A 34 -2.71 3.67 9.48
N ILE A 35 -3.69 2.78 9.44
CA ILE A 35 -5.09 3.16 9.72
C ILE A 35 -5.24 3.67 11.17
N SER A 36 -4.76 2.88 12.12
CA SER A 36 -4.89 3.20 13.56
C SER A 36 -4.33 4.58 13.93
N THR A 37 -3.31 5.04 13.20
CA THR A 37 -2.66 6.33 13.50
C THR A 37 -3.16 7.47 12.60
N HIS A 38 -3.37 7.19 11.32
CA HIS A 38 -3.70 8.25 10.35
C HIS A 38 -5.22 8.46 10.15
N THR A 39 -6.05 7.60 10.74
CA THR A 39 -7.52 7.76 10.63
C THR A 39 -8.23 7.62 11.98
N ARG A 40 -9.56 7.72 11.94
CA ARG A 40 -10.38 7.62 13.14
C ARG A 40 -10.86 6.16 13.36
N ALA A 41 -10.51 5.28 12.43
CA ALA A 41 -10.97 3.89 12.46
C ALA A 41 -10.09 3.01 13.36
N LYS A 42 -10.70 2.41 14.37
CA LYS A 42 -10.01 1.50 15.29
C LYS A 42 -9.89 0.09 14.67
N VAL A 43 -8.67 -0.43 14.60
CA VAL A 43 -8.43 -1.79 14.10
C VAL A 43 -8.77 -2.82 15.18
N VAL A 44 -9.92 -3.47 15.05
CA VAL A 44 -10.37 -4.46 16.02
C VAL A 44 -9.87 -5.87 15.67
N ASN A 45 -9.46 -6.62 16.70
CA ASN A 45 -8.93 -7.99 16.50
C ASN A 45 -10.08 -9.01 16.42
N LYS A 46 -11.32 -8.54 16.44
CA LYS A 46 -12.50 -9.40 16.39
C LYS A 46 -13.59 -8.79 15.48
N ALA A 47 -14.45 -9.63 14.91
CA ALA A 47 -15.43 -9.17 13.92
C ALA A 47 -16.87 -9.14 14.46
N GLU A 48 -17.03 -9.32 15.77
CA GLU A 48 -18.37 -9.30 16.38
C GLU A 48 -19.02 -7.89 16.35
N LYS A 49 -18.22 -6.84 16.51
CA LYS A 49 -18.71 -5.45 16.42
C LYS A 49 -18.11 -4.72 15.20
N SER A 50 -17.56 -5.47 14.26
CA SER A 50 -16.89 -4.89 13.08
C SER A 50 -17.84 -4.02 12.24
N GLU A 51 -17.27 -3.17 11.39
CA GLU A 51 -18.05 -2.30 10.50
C GLU A 51 -17.51 -2.36 9.06
N ALA A 52 -16.19 -2.33 8.92
CA ALA A 52 -15.53 -2.55 7.63
C ALA A 52 -14.37 -3.55 7.77
N ILE A 53 -14.06 -4.28 6.71
CA ILE A 53 -12.97 -5.28 6.74
C ILE A 53 -12.00 -5.12 5.56
N ILE A 54 -10.71 -5.07 5.85
CA ILE A 54 -9.67 -4.98 4.82
C ILE A 54 -8.86 -6.29 4.76
N GLN A 55 -8.87 -6.95 3.60
CA GLN A 55 -8.14 -8.21 3.41
C GLN A 55 -7.06 -8.07 2.33
N ILE A 56 -5.80 -8.14 2.73
CA ILE A 56 -4.69 -8.09 1.78
C ILE A 56 -4.46 -9.47 1.13
N VAL A 57 -4.40 -9.50 -0.21
CA VAL A 57 -4.26 -10.76 -0.95
C VAL A 57 -2.81 -11.30 -0.89
N HIS A 58 -1.87 -10.58 -1.50
CA HIS A 58 -0.46 -10.97 -1.49
C HIS A 58 0.46 -9.79 -1.88
N ALA A 59 1.67 -9.78 -1.31
CA ALA A 59 2.67 -8.75 -1.62
C ALA A 59 3.89 -9.36 -2.32
N ILE A 60 4.18 -8.88 -3.53
CA ILE A 60 5.31 -9.40 -4.32
C ILE A 60 6.49 -8.42 -4.31
N ARG A 61 7.62 -8.86 -3.77
CA ARG A 61 8.86 -8.07 -3.78
C ARG A 61 9.95 -8.80 -4.59
N GLU A 62 10.41 -8.18 -5.68
CA GLU A 62 11.36 -8.83 -6.60
C GLU A 62 12.46 -7.87 -7.10
N LYS A 63 13.64 -8.44 -7.34
CA LYS A 63 14.77 -7.68 -7.90
C LYS A 63 15.16 -8.25 -9.29
N ARG A 64 15.13 -7.39 -10.32
CA ARG A 64 15.38 -7.81 -11.71
C ARG A 64 16.14 -6.73 -12.52
N ILE A 65 16.20 -6.89 -13.85
CA ILE A 65 16.98 -5.98 -14.72
C ILE A 65 16.08 -5.13 -15.65
N LEU A 66 16.44 -3.85 -15.79
CA LEU A 66 15.76 -2.93 -16.72
C LEU A 66 16.46 -2.90 -18.09
N SER A 67 17.78 -2.75 -18.08
CA SER A 67 18.57 -2.62 -19.33
C SER A 67 19.98 -3.22 -19.18
N LEU A 68 20.55 -3.71 -20.28
CA LEU A 68 21.87 -4.35 -20.26
C LEU A 68 22.83 -3.70 -21.28
N SER A 69 24.08 -3.49 -20.87
CA SER A 69 25.13 -2.99 -21.76
C SER A 69 25.80 -4.17 -22.51
N GLU A 70 26.03 -3.97 -23.80
CA GLU A 70 26.61 -5.01 -24.67
C GLU A 70 25.77 -6.31 -24.62
N SER A 71 24.48 -6.15 -24.28
CA SER A 71 23.54 -7.28 -24.19
C SER A 71 23.88 -8.27 -23.06
N GLY A 72 24.70 -7.84 -22.11
CA GLY A 72 25.09 -8.73 -21.01
C GLY A 72 25.30 -8.01 -19.68
N ARG A 73 26.22 -7.05 -19.64
CA ARG A 73 26.55 -6.32 -18.41
C ARG A 73 25.36 -5.46 -17.91
N VAL A 74 25.27 -5.26 -16.61
CA VAL A 74 24.17 -4.48 -16.01
C VAL A 74 24.27 -2.97 -16.31
N ARG A 75 23.15 -2.37 -16.75
CA ARG A 75 23.03 -0.91 -16.86
C ARG A 75 22.17 -0.36 -15.71
N GLU A 76 20.89 -0.70 -15.76
CA GLU A 76 19.92 -0.24 -14.77
C GLU A 76 19.20 -1.43 -14.13
N PHE A 77 19.26 -1.52 -12.80
CA PHE A 77 18.63 -2.62 -12.07
C PHE A 77 17.18 -2.26 -11.72
N GLU A 78 16.24 -3.14 -12.07
CA GLU A 78 14.80 -2.87 -11.91
C GLU A 78 14.24 -3.52 -10.63
N LEU A 79 13.82 -2.69 -9.68
CA LEU A 79 13.18 -3.15 -8.45
C LEU A 79 11.65 -3.06 -8.59
N VAL A 80 10.93 -4.12 -8.21
CA VAL A 80 9.47 -4.12 -8.35
C VAL A 80 8.77 -4.64 -7.08
N TYR A 81 7.75 -3.90 -6.64
CA TYR A 81 6.93 -4.28 -5.49
C TYR A 81 5.43 -4.11 -5.81
N ARG A 82 4.69 -5.22 -5.80
CA ARG A 82 3.25 -5.20 -6.16
C ARG A 82 2.37 -5.73 -5.02
N VAL A 83 1.31 -5.01 -4.70
CA VAL A 83 0.38 -5.42 -3.64
C VAL A 83 -1.07 -5.51 -4.15
N ALA A 84 -1.74 -6.62 -3.86
CA ALA A 84 -3.16 -6.78 -4.16
C ALA A 84 -4.00 -6.83 -2.86
N ALA A 85 -5.17 -6.20 -2.86
CA ALA A 85 -6.00 -6.13 -1.64
C ALA A 85 -7.50 -6.22 -1.95
N ARG A 86 -8.29 -6.44 -0.91
CA ARG A 86 -9.76 -6.54 -1.02
C ARG A 86 -10.45 -5.66 0.04
N LEU A 87 -11.56 -5.05 -0.32
CA LEU A 87 -12.29 -4.16 0.59
C LEU A 87 -13.70 -4.71 0.85
N LEU A 88 -13.93 -5.23 2.05
CA LEU A 88 -15.21 -5.87 2.40
C LEU A 88 -15.94 -5.13 3.54
N ASP A 89 -17.18 -5.53 3.82
CA ASP A 89 -17.98 -4.91 4.87
C ASP A 89 -17.77 -5.61 6.23
N ALA A 90 -18.59 -5.25 7.22
CA ALA A 90 -18.54 -5.82 8.57
C ALA A 90 -18.57 -7.37 8.56
N HIS A 91 -19.43 -7.95 7.73
CA HIS A 91 -19.62 -9.40 7.71
C HIS A 91 -18.74 -10.08 6.64
N ASN A 92 -17.82 -9.30 6.07
CA ASN A 92 -16.84 -9.80 5.08
C ASN A 92 -17.51 -10.32 3.79
N ALA A 93 -17.93 -9.38 2.95
CA ALA A 93 -18.38 -9.69 1.59
C ALA A 93 -17.73 -8.73 0.58
N GLU A 94 -17.42 -9.22 -0.61
CA GLU A 94 -16.69 -8.44 -1.61
C GLU A 94 -17.58 -7.39 -2.32
N LEU A 95 -18.03 -6.39 -1.56
CA LEU A 95 -18.78 -5.27 -2.14
C LEU A 95 -17.85 -4.32 -2.91
N ALA A 96 -16.57 -4.34 -2.56
CA ALA A 96 -15.58 -3.48 -3.20
C ALA A 96 -14.31 -4.26 -3.59
N SER A 97 -14.17 -4.56 -4.88
CA SER A 97 -12.95 -5.22 -5.38
C SER A 97 -11.83 -4.18 -5.51
N LEU A 98 -11.00 -4.10 -4.46
CA LEU A 98 -9.93 -3.09 -4.40
C LEU A 98 -8.83 -3.38 -5.43
N GLN A 99 -8.30 -2.32 -6.03
CA GLN A 99 -7.33 -2.46 -7.12
C GLN A 99 -5.89 -2.64 -6.62
N GLU A 100 -5.02 -3.10 -7.52
CA GLU A 100 -3.64 -3.44 -7.18
C GLU A 100 -2.72 -2.21 -7.19
N ILE A 101 -1.57 -2.35 -6.53
CA ILE A 101 -0.53 -1.32 -6.50
C ILE A 101 0.78 -1.88 -7.05
N ARG A 102 1.40 -1.18 -7.99
CA ARG A 102 2.65 -1.64 -8.61
C ARG A 102 3.73 -0.53 -8.63
N LEU A 103 4.74 -0.67 -7.78
CA LEU A 103 5.81 0.31 -7.67
C LEU A 103 7.13 -0.23 -8.26
N THR A 104 7.65 0.45 -9.28
CA THR A 104 8.94 0.07 -9.90
C THR A 104 10.00 1.15 -9.65
N ARG A 105 11.10 0.76 -9.00
CA ARG A 105 12.20 1.68 -8.70
C ARG A 105 13.48 1.25 -9.44
N ILE A 106 14.13 2.20 -10.13
CA ILE A 106 15.31 1.88 -10.92
C ILE A 106 16.62 2.24 -10.19
N LEU A 107 17.45 1.23 -9.92
CA LEU A 107 18.75 1.43 -9.29
C LEU A 107 19.86 1.35 -10.37
N PRO A 108 20.49 2.49 -10.72
CA PRO A 108 21.54 2.54 -11.77
C PRO A 108 22.80 1.71 -11.41
N PHE A 109 23.63 1.43 -12.42
CA PHE A 109 24.85 0.64 -12.24
C PHE A 109 25.88 1.36 -11.35
N LEU A 110 25.81 1.11 -10.05
CA LEU A 110 26.82 1.57 -9.09
C LEU A 110 27.74 0.41 -8.69
N ASP A 111 28.91 0.33 -9.31
CA ASP A 111 29.82 -0.80 -9.11
C ASP A 111 30.53 -0.74 -7.73
N ALA A 112 31.60 0.07 -7.65
CA ALA A 112 32.43 0.13 -6.43
C ALA A 112 31.91 1.15 -5.40
N GLN A 113 30.61 1.43 -5.43
CA GLN A 113 30.01 2.37 -4.48
C GLN A 113 29.48 1.64 -3.22
N GLU A 114 30.37 1.41 -2.27
CA GLU A 114 30.08 0.63 -1.07
C GLU A 114 28.93 1.22 -0.22
N LEU A 115 29.02 2.50 0.15
CA LEU A 115 27.98 3.16 0.95
C LEU A 115 26.69 3.36 0.16
N ALA A 116 26.82 3.70 -1.12
CA ALA A 116 25.66 3.93 -1.98
C ALA A 116 24.78 2.67 -2.11
N LYS A 117 25.40 1.54 -2.42
CA LYS A 117 24.67 0.27 -2.55
C LYS A 117 24.00 -0.12 -1.21
N ALA A 118 24.73 0.01 -0.11
CA ALA A 118 24.21 -0.32 1.22
C ALA A 118 23.01 0.57 1.60
N ALA A 119 23.15 1.88 1.38
CA ALA A 119 22.12 2.85 1.76
C ALA A 119 20.97 2.91 0.73
N GLU A 120 21.29 3.27 -0.52
CA GLU A 120 20.27 3.54 -1.54
C GLU A 120 19.32 2.35 -1.79
N GLU A 121 19.85 1.13 -1.90
CA GLU A 121 18.99 -0.04 -2.07
C GLU A 121 17.95 -0.13 -0.94
N GLU A 122 18.40 0.04 0.31
CA GLU A 122 17.49 0.07 1.47
C GLU A 122 16.48 1.23 1.33
N MET A 123 16.96 2.39 0.88
CA MET A 123 16.09 3.56 0.69
C MET A 123 14.91 3.25 -0.23
N LEU A 124 15.16 2.51 -1.32
CA LEU A 124 14.10 2.12 -2.24
C LEU A 124 13.27 0.94 -1.70
N TYR A 125 13.90 0.06 -0.92
CA TYR A 125 13.18 -1.06 -0.29
C TYR A 125 12.08 -0.55 0.65
N LYS A 126 12.48 0.28 1.61
CA LYS A 126 11.53 0.90 2.56
C LYS A 126 10.50 1.77 1.81
N ASP A 127 10.96 2.44 0.75
CA ASP A 127 10.11 3.34 -0.03
C ASP A 127 8.95 2.57 -0.68
N MET A 128 9.26 1.51 -1.40
CA MET A 128 8.23 0.70 -2.07
C MET A 128 7.21 0.13 -1.07
N GLN A 129 7.71 -0.36 0.07
CA GLN A 129 6.86 -0.94 1.12
C GLN A 129 5.92 0.13 1.72
N LYS A 130 6.50 1.23 2.18
CA LYS A 130 5.71 2.31 2.80
C LYS A 130 4.78 2.99 1.79
N ASP A 131 5.31 3.38 0.65
CA ASP A 131 4.53 4.06 -0.38
C ASP A 131 3.31 3.22 -0.78
N ALA A 132 3.50 1.90 -0.88
CA ALA A 132 2.41 0.97 -1.19
C ALA A 132 1.29 1.02 -0.13
N VAL A 133 1.66 0.83 1.14
CA VAL A 133 0.66 0.81 2.23
C VAL A 133 -0.03 2.20 2.39
N GLN A 134 0.73 3.27 2.14
CA GLN A 134 0.16 4.63 2.15
C GLN A 134 -0.88 4.80 1.03
N GLN A 135 -0.65 4.13 -0.10
CA GLN A 135 -1.61 4.12 -1.20
C GLN A 135 -2.85 3.27 -0.86
N ILE A 136 -2.64 2.14 -0.16
CA ILE A 136 -3.76 1.32 0.33
C ILE A 136 -4.73 2.16 1.18
N LEU A 137 -4.16 2.92 2.12
CA LEU A 137 -4.94 3.86 2.93
C LEU A 137 -5.69 4.86 2.02
N ARG A 138 -5.00 5.35 1.01
CA ARG A 138 -5.59 6.30 0.05
C ARG A 138 -6.75 5.66 -0.73
N GLN A 139 -6.63 4.36 -0.98
CA GLN A 139 -7.69 3.60 -1.66
C GLN A 139 -8.91 3.40 -0.75
N VAL A 140 -8.69 2.79 0.42
CA VAL A 140 -9.77 2.44 1.36
C VAL A 140 -10.57 3.67 1.82
N SER A 141 -9.91 4.60 2.50
CA SER A 141 -10.60 5.78 3.08
C SER A 141 -11.33 6.60 1.99
N ALA A 142 -10.67 6.78 0.85
CA ALA A 142 -11.23 7.60 -0.23
C ALA A 142 -12.02 6.76 -1.25
N PHE A 143 -12.28 5.49 -0.94
CA PHE A 143 -13.05 4.62 -1.85
C PHE A 143 -14.43 5.23 -2.15
N THR A 144 -14.99 5.92 -1.16
CA THR A 144 -16.27 6.61 -1.33
C THR A 144 -16.20 7.68 -2.44
N SER A 145 -15.00 8.18 -2.69
CA SER A 145 -14.76 9.15 -3.77
C SER A 145 -14.32 8.46 -5.07
N ALA A 146 -13.27 7.63 -4.97
CA ALA A 146 -12.71 6.92 -6.13
C ALA A 146 -12.13 7.90 -7.18
N GLY A 147 -11.93 9.16 -6.78
CA GLY A 147 -11.40 10.17 -7.70
C GLY A 147 -12.46 11.10 -8.26
N LEU A 148 -13.73 10.86 -7.94
CA LEU A 148 -14.83 11.69 -8.45
C LEU A 148 -14.75 13.14 -7.93
N GLU A 149 -13.86 13.39 -6.95
CA GLU A 149 -13.57 14.76 -6.52
C GLU A 149 -12.99 15.61 -7.67
N HIS A 150 -12.33 14.94 -8.62
CA HIS A 150 -11.84 15.59 -9.85
C HIS A 150 -12.00 14.64 -11.06
N HIS A 151 -13.19 14.66 -11.66
CA HIS A 151 -13.48 13.82 -12.83
C HIS A 151 -13.40 14.67 -14.12
N HIS A 152 -13.50 14.02 -15.29
CA HIS A 152 -13.44 14.72 -16.59
C HIS A 152 -12.01 15.22 -16.89
N HIS A 153 -11.00 14.54 -16.33
CA HIS A 153 -9.60 14.92 -16.56
C HIS A 153 -8.94 14.03 -17.63
N HIS A 154 -8.54 14.63 -18.74
CA HIS A 154 -7.82 13.91 -19.80
C HIS A 154 -6.42 13.46 -19.33
N HIS A 155 -6.18 12.16 -19.36
CA HIS A 155 -4.89 11.59 -18.93
C HIS A 155 -4.30 10.67 -20.01
N MET A 1 -23.55 22.65 19.76
CA MET A 1 -22.18 23.03 20.22
C MET A 1 -21.11 22.42 19.30
N GLY A 2 -19.95 23.07 19.23
CA GLY A 2 -18.84 22.55 18.42
C GLY A 2 -19.05 22.74 16.92
N PHE A 3 -18.50 23.82 16.38
CA PHE A 3 -18.64 24.11 14.95
C PHE A 3 -17.81 23.15 14.09
N LYS A 4 -18.11 23.08 12.80
CA LYS A 4 -17.52 22.07 11.92
C LYS A 4 -16.08 22.42 11.49
N LEU A 5 -15.12 22.02 12.33
CA LEU A 5 -13.70 22.03 11.97
C LEU A 5 -13.22 20.59 11.75
N ARG A 6 -11.95 20.41 11.40
CA ARG A 6 -11.41 19.06 11.16
C ARG A 6 -9.88 19.07 11.01
N GLY A 7 -9.20 18.26 11.80
CA GLY A 7 -7.74 18.18 11.73
C GLY A 7 -7.23 16.79 11.30
N GLN A 8 -7.79 16.25 10.22
CA GLN A 8 -7.41 14.92 9.74
C GLN A 8 -7.09 14.94 8.23
N VAL A 9 -5.96 14.34 7.85
CA VAL A 9 -5.51 14.30 6.45
C VAL A 9 -6.14 13.13 5.68
N SER A 10 -5.92 11.90 6.16
CA SER A 10 -6.48 10.69 5.53
C SER A 10 -7.41 9.99 6.52
N GLU A 11 -8.69 9.88 6.17
CA GLU A 11 -9.68 9.43 7.15
C GLU A 11 -10.80 8.59 6.50
N LEU A 12 -11.58 7.94 7.36
CA LEU A 12 -12.67 7.05 6.93
C LEU A 12 -13.80 7.04 7.99
N PRO A 13 -15.06 6.79 7.58
CA PRO A 13 -16.23 6.93 8.48
C PRO A 13 -16.31 5.91 9.63
N PHE A 14 -15.47 4.87 9.60
CA PHE A 14 -15.51 3.82 10.64
C PHE A 14 -14.31 3.91 11.60
N GLU A 15 -14.58 3.74 12.90
CA GLU A 15 -13.55 3.87 13.94
C GLU A 15 -12.92 2.52 14.34
N ARG A 16 -13.57 1.41 13.98
CA ARG A 16 -13.02 0.08 14.26
C ARG A 16 -13.18 -0.87 13.06
N VAL A 17 -12.06 -1.41 12.59
CA VAL A 17 -12.05 -2.30 11.43
C VAL A 17 -11.19 -3.55 11.65
N TYR A 18 -11.47 -4.60 10.89
CA TYR A 18 -10.72 -5.86 10.97
C TYR A 18 -9.85 -6.06 9.72
N ILE A 19 -8.55 -6.28 9.91
CA ILE A 19 -7.64 -6.56 8.79
C ILE A 19 -7.27 -8.05 8.77
N THR A 20 -7.38 -8.67 7.60
CA THR A 20 -7.10 -10.11 7.46
C THR A 20 -5.93 -10.35 6.49
N ALA A 21 -4.88 -11.00 7.01
CA ALA A 21 -3.70 -11.34 6.20
C ALA A 21 -3.47 -12.86 6.21
N PRO A 22 -3.82 -13.55 5.09
CA PRO A 22 -3.77 -15.03 4.99
C PRO A 22 -2.42 -15.64 5.39
N ALA A 23 -1.33 -14.90 5.14
CA ALA A 23 0.02 -15.36 5.47
C ALA A 23 0.73 -14.42 6.46
N GLY A 24 -0.04 -13.59 7.17
CA GLY A 24 0.54 -12.61 8.09
C GLY A 24 1.61 -11.75 7.43
N LEU A 25 1.24 -11.07 6.36
CA LEU A 25 2.22 -10.33 5.54
C LEU A 25 2.62 -8.99 6.21
N THR A 26 3.90 -8.63 6.05
CA THR A 26 4.43 -7.38 6.63
C THR A 26 3.60 -6.16 6.22
N ILE A 27 3.24 -6.11 4.93
CA ILE A 27 2.39 -5.04 4.38
C ILE A 27 1.18 -4.74 5.29
N GLY A 28 0.64 -5.78 5.92
CA GLY A 28 -0.51 -5.62 6.81
C GLY A 28 -0.15 -4.91 8.12
N SER A 29 0.95 -5.32 8.75
CA SER A 29 1.38 -4.72 10.02
C SER A 29 1.61 -3.21 9.88
N ASP A 30 2.31 -2.82 8.82
CA ASP A 30 2.54 -1.39 8.53
C ASP A 30 1.19 -0.67 8.29
N LEU A 31 0.28 -1.33 7.59
CA LEU A 31 -1.06 -0.76 7.34
C LEU A 31 -1.79 -0.50 8.67
N GLU A 32 -1.78 -1.50 9.56
CA GLU A 32 -2.36 -1.37 10.90
C GLU A 32 -1.88 -0.09 11.60
N ARG A 33 -0.57 0.15 11.54
CA ARG A 33 0.06 1.30 12.18
C ARG A 33 -0.32 2.62 11.47
N VAL A 34 -0.24 2.63 10.13
CA VAL A 34 -0.60 3.81 9.35
C VAL A 34 -2.06 4.22 9.59
N ILE A 35 -2.96 3.25 9.65
CA ILE A 35 -4.38 3.51 9.93
C ILE A 35 -4.55 4.20 11.30
N SER A 36 -3.99 3.59 12.34
CA SER A 36 -4.10 4.13 13.71
C SER A 36 -3.47 5.52 13.85
N THR A 37 -2.36 5.74 13.16
CA THR A 37 -1.61 7.01 13.25
C THR A 37 -2.13 8.09 12.28
N HIS A 38 -2.81 7.69 11.20
CA HIS A 38 -3.33 8.65 10.22
C HIS A 38 -4.84 8.93 10.41
N THR A 39 -5.63 7.86 10.47
CA THR A 39 -7.10 7.99 10.52
C THR A 39 -7.63 8.00 11.96
N ARG A 40 -8.94 7.86 12.09
CA ARG A 40 -9.59 7.79 13.40
C ARG A 40 -9.99 6.34 13.74
N ALA A 41 -9.54 5.40 12.90
CA ALA A 41 -9.89 3.99 13.05
C ALA A 41 -8.91 3.23 13.96
N LYS A 42 -9.32 2.03 14.38
CA LYS A 42 -8.51 1.15 15.21
C LYS A 42 -8.72 -0.33 14.79
N VAL A 43 -7.65 -1.10 14.78
CA VAL A 43 -7.69 -2.49 14.29
C VAL A 43 -8.16 -3.48 15.37
N VAL A 44 -9.31 -4.13 15.13
CA VAL A 44 -9.82 -5.18 16.02
C VAL A 44 -9.34 -6.57 15.57
N ASN A 45 -9.25 -7.51 16.52
CA ASN A 45 -8.75 -8.86 16.22
C ASN A 45 -9.89 -9.86 15.90
N LYS A 46 -11.08 -9.33 15.58
CA LYS A 46 -12.22 -10.19 15.23
C LYS A 46 -13.28 -9.42 14.42
N ALA A 47 -13.90 -10.08 13.45
CA ALA A 47 -14.88 -9.45 12.55
C ALA A 47 -16.25 -9.28 13.21
N GLU A 48 -16.56 -10.13 14.19
CA GLU A 48 -17.83 -10.07 14.93
C GLU A 48 -18.11 -8.65 15.46
N LYS A 49 -17.06 -7.95 15.84
CA LYS A 49 -17.17 -6.58 16.36
C LYS A 49 -16.32 -5.64 15.51
N SER A 50 -16.89 -5.17 14.41
CA SER A 50 -16.19 -4.28 13.47
C SER A 50 -17.18 -3.52 12.59
N GLU A 51 -16.67 -2.57 11.81
CA GLU A 51 -17.50 -1.82 10.86
C GLU A 51 -17.06 -2.11 9.41
N ALA A 52 -15.90 -2.73 9.24
CA ALA A 52 -15.36 -3.04 7.90
C ALA A 52 -14.23 -4.09 7.97
N ILE A 53 -13.89 -4.68 6.83
CA ILE A 53 -12.82 -5.68 6.76
C ILE A 53 -11.87 -5.42 5.57
N ILE A 54 -10.59 -5.24 5.87
CA ILE A 54 -9.56 -5.04 4.84
C ILE A 54 -8.82 -6.36 4.56
N GLN A 55 -8.98 -6.89 3.36
CA GLN A 55 -8.37 -8.18 2.98
C GLN A 55 -7.14 -7.98 2.09
N ILE A 56 -5.96 -8.19 2.65
CA ILE A 56 -4.74 -8.16 1.85
C ILE A 56 -4.44 -9.56 1.29
N VAL A 57 -4.68 -9.74 -0.01
CA VAL A 57 -4.59 -11.05 -0.64
C VAL A 57 -3.14 -11.58 -0.70
N HIS A 58 -2.25 -10.82 -1.33
CA HIS A 58 -0.85 -11.25 -1.50
C HIS A 58 0.05 -10.09 -1.96
N ALA A 59 1.24 -9.98 -1.36
CA ALA A 59 2.22 -8.96 -1.74
C ALA A 59 3.38 -9.57 -2.53
N ILE A 60 3.48 -9.22 -3.82
CA ILE A 60 4.52 -9.76 -4.70
C ILE A 60 5.69 -8.78 -4.86
N ARG A 61 6.87 -9.15 -4.37
CA ARG A 61 8.07 -8.32 -4.55
C ARG A 61 9.12 -9.08 -5.41
N GLU A 62 9.60 -8.43 -6.47
CA GLU A 62 10.59 -9.05 -7.36
C GLU A 62 11.66 -8.04 -7.80
N LYS A 63 12.88 -8.53 -8.03
CA LYS A 63 13.99 -7.68 -8.50
C LYS A 63 14.47 -8.13 -9.89
N ARG A 64 14.41 -7.20 -10.84
CA ARG A 64 14.68 -7.51 -12.26
C ARG A 64 15.79 -6.62 -12.85
N ILE A 65 16.14 -6.86 -14.11
CA ILE A 65 17.11 -6.04 -14.84
C ILE A 65 16.41 -5.12 -15.86
N LEU A 66 16.84 -3.86 -15.88
CA LEU A 66 16.32 -2.88 -16.84
C LEU A 66 17.31 -2.66 -18.00
N SER A 67 18.61 -2.66 -17.69
CA SER A 67 19.65 -2.43 -18.69
C SER A 67 20.96 -3.15 -18.35
N LEU A 68 21.64 -3.66 -19.38
CA LEU A 68 22.95 -4.30 -19.23
C LEU A 68 23.98 -3.67 -20.19
N SER A 69 25.25 -3.69 -19.80
CA SER A 69 26.33 -3.17 -20.66
C SER A 69 27.49 -4.15 -20.76
N GLU A 70 28.15 -4.16 -21.92
CA GLU A 70 29.33 -4.99 -22.18
C GLU A 70 29.16 -6.45 -21.73
N SER A 71 28.49 -7.25 -22.57
CA SER A 71 28.36 -8.71 -22.37
C SER A 71 27.36 -9.09 -21.26
N GLY A 72 27.51 -8.50 -20.07
CA GLY A 72 26.60 -8.83 -18.96
C GLY A 72 26.88 -8.06 -17.67
N ARG A 73 27.21 -6.78 -17.79
CA ARG A 73 27.42 -5.93 -16.61
C ARG A 73 26.10 -5.23 -16.23
N VAL A 74 25.74 -5.30 -14.95
CA VAL A 74 24.49 -4.72 -14.44
C VAL A 74 24.53 -3.19 -14.44
N ARG A 75 23.47 -2.56 -14.95
CA ARG A 75 23.32 -1.10 -14.89
C ARG A 75 22.16 -0.69 -13.96
N GLU A 76 20.93 -0.93 -14.40
CA GLU A 76 19.74 -0.51 -13.65
C GLU A 76 18.89 -1.73 -13.25
N PHE A 77 18.49 -1.76 -11.98
CA PHE A 77 17.72 -2.88 -11.43
C PHE A 77 16.23 -2.49 -11.26
N GLU A 78 15.34 -3.22 -11.92
CA GLU A 78 13.89 -2.94 -11.84
C GLU A 78 13.25 -3.64 -10.63
N LEU A 79 12.97 -2.86 -9.58
CA LEU A 79 12.30 -3.40 -8.40
C LEU A 79 10.78 -3.28 -8.52
N VAL A 80 10.11 -4.39 -8.83
CA VAL A 80 8.66 -4.38 -9.03
C VAL A 80 7.92 -4.94 -7.82
N TYR A 81 6.96 -4.16 -7.30
CA TYR A 81 6.17 -4.57 -6.13
C TYR A 81 4.67 -4.54 -6.44
N ARG A 82 3.95 -5.56 -5.98
CA ARG A 82 2.51 -5.68 -6.24
C ARG A 82 1.73 -5.93 -4.94
N VAL A 83 0.78 -5.05 -4.64
CA VAL A 83 -0.09 -5.22 -3.45
C VAL A 83 -1.53 -5.55 -3.87
N ALA A 84 -1.91 -6.82 -3.77
CA ALA A 84 -3.28 -7.25 -4.07
C ALA A 84 -4.15 -7.23 -2.80
N ALA A 85 -5.24 -6.46 -2.83
CA ALA A 85 -6.13 -6.32 -1.67
C ALA A 85 -7.61 -6.19 -2.08
N ARG A 86 -8.49 -6.37 -1.09
CA ARG A 86 -9.95 -6.25 -1.29
C ARG A 86 -10.59 -5.44 -0.16
N LEU A 87 -11.76 -4.86 -0.43
CA LEU A 87 -12.45 -4.01 0.55
C LEU A 87 -13.85 -4.58 0.86
N LEU A 88 -13.98 -5.24 2.01
CA LEU A 88 -15.24 -5.90 2.42
C LEU A 88 -15.83 -5.21 3.66
N ASP A 89 -17.07 -5.55 3.99
CA ASP A 89 -17.70 -5.03 5.21
C ASP A 89 -17.41 -5.96 6.41
N ALA A 90 -18.01 -5.67 7.55
CA ALA A 90 -17.77 -6.45 8.78
C ALA A 90 -18.24 -7.90 8.68
N HIS A 91 -18.95 -8.25 7.61
CA HIS A 91 -19.48 -9.61 7.42
C HIS A 91 -18.93 -10.28 6.15
N ASN A 92 -17.74 -9.86 5.72
CA ASN A 92 -17.02 -10.51 4.60
C ASN A 92 -17.76 -10.38 3.25
N ALA A 93 -18.56 -9.34 3.08
CA ALA A 93 -19.17 -9.04 1.78
C ALA A 93 -18.45 -7.86 1.11
N GLU A 94 -18.05 -8.03 -0.15
CA GLU A 94 -17.30 -6.98 -0.86
C GLU A 94 -18.09 -5.66 -0.94
N LEU A 95 -17.62 -4.67 -0.17
CA LEU A 95 -18.25 -3.35 -0.13
C LEU A 95 -17.80 -2.50 -1.32
N ALA A 96 -16.50 -2.51 -1.59
CA ALA A 96 -15.92 -1.76 -2.70
C ALA A 96 -14.89 -2.59 -3.46
N SER A 97 -15.05 -2.69 -4.78
CA SER A 97 -14.11 -3.45 -5.62
C SER A 97 -12.71 -2.82 -5.63
N LEU A 98 -11.90 -3.17 -4.64
CA LEU A 98 -10.53 -2.68 -4.53
C LEU A 98 -9.64 -3.35 -5.60
N GLN A 99 -8.49 -2.74 -5.92
CA GLN A 99 -7.64 -3.24 -7.01
C GLN A 99 -6.19 -3.46 -6.57
N GLU A 100 -5.38 -4.00 -7.50
CA GLU A 100 -3.97 -4.28 -7.25
C GLU A 100 -3.10 -3.01 -7.36
N ILE A 101 -2.11 -2.88 -6.49
CA ILE A 101 -1.17 -1.77 -6.53
C ILE A 101 0.14 -2.18 -7.23
N ARG A 102 0.34 -1.68 -8.44
CA ARG A 102 1.54 -1.98 -9.24
C ARG A 102 2.61 -0.91 -9.04
N LEU A 103 3.78 -1.31 -8.56
CA LEU A 103 4.90 -0.39 -8.28
C LEU A 103 6.18 -0.80 -9.00
N THR A 104 6.96 0.19 -9.45
CA THR A 104 8.28 -0.04 -10.08
C THR A 104 9.31 1.00 -9.60
N ARG A 105 10.40 0.53 -9.02
CA ARG A 105 11.45 1.40 -8.46
C ARG A 105 12.82 1.03 -9.07
N ILE A 106 13.58 2.03 -9.49
CA ILE A 106 14.86 1.78 -10.19
C ILE A 106 16.07 1.89 -9.25
N LEU A 107 16.79 0.77 -9.08
CA LEU A 107 18.00 0.71 -8.27
C LEU A 107 19.25 0.80 -9.17
N PRO A 108 20.02 1.91 -9.09
CA PRO A 108 21.23 2.09 -9.90
C PRO A 108 22.46 1.32 -9.36
N PHE A 109 23.00 0.41 -10.15
CA PHE A 109 24.20 -0.34 -9.79
C PHE A 109 25.47 0.35 -10.30
N LEU A 110 26.38 0.69 -9.38
CA LEU A 110 27.67 1.29 -9.76
C LEU A 110 28.79 0.83 -8.80
N ASP A 111 29.92 0.45 -9.37
CA ASP A 111 31.03 -0.18 -8.62
C ASP A 111 31.59 0.73 -7.49
N ALA A 112 32.05 1.93 -7.86
CA ALA A 112 32.70 2.84 -6.90
C ALA A 112 31.71 3.42 -5.88
N GLN A 113 30.41 3.24 -6.13
CA GLN A 113 29.37 3.77 -5.24
C GLN A 113 28.78 2.68 -4.33
N GLU A 114 29.63 1.77 -3.88
CA GLU A 114 29.20 0.67 -3.00
C GLU A 114 28.52 1.17 -1.71
N LEU A 115 29.02 2.26 -1.13
CA LEU A 115 28.39 2.87 0.04
C LEU A 115 27.02 3.46 -0.32
N ALA A 116 26.95 4.10 -1.49
CA ALA A 116 25.68 4.63 -1.99
C ALA A 116 24.66 3.51 -2.25
N LYS A 117 25.14 2.36 -2.69
CA LYS A 117 24.29 1.18 -2.91
C LYS A 117 23.73 0.64 -1.59
N ALA A 118 24.61 0.46 -0.60
CA ALA A 118 24.21 -0.03 0.72
C ALA A 118 23.07 0.81 1.32
N ALA A 119 23.07 2.10 1.01
CA ALA A 119 22.01 3.00 1.45
C ALA A 119 20.79 2.95 0.51
N GLU A 120 21.03 3.17 -0.78
CA GLU A 120 19.96 3.25 -1.79
C GLU A 120 19.08 1.98 -1.82
N GLU A 121 19.71 0.80 -1.83
CA GLU A 121 18.97 -0.47 -1.84
C GLU A 121 17.97 -0.56 -0.68
N GLU A 122 18.33 0.03 0.46
CA GLU A 122 17.45 0.08 1.63
C GLU A 122 16.41 1.21 1.48
N MET A 123 16.88 2.39 1.06
CA MET A 123 16.03 3.58 0.92
C MET A 123 14.89 3.37 -0.08
N LEU A 124 15.19 2.75 -1.21
CA LEU A 124 14.16 2.46 -2.23
C LEU A 124 13.17 1.39 -1.74
N TYR A 125 13.66 0.44 -0.94
CA TYR A 125 12.81 -0.63 -0.40
C TYR A 125 11.79 -0.04 0.59
N LYS A 126 12.27 0.75 1.55
CA LYS A 126 11.38 1.40 2.52
C LYS A 126 10.50 2.47 1.86
N ASP A 127 11.02 3.11 0.82
CA ASP A 127 10.26 4.08 0.02
C ASP A 127 9.11 3.38 -0.73
N MET A 128 9.43 2.26 -1.36
CA MET A 128 8.43 1.47 -2.09
C MET A 128 7.30 1.00 -1.16
N GLN A 129 7.68 0.52 0.03
CA GLN A 129 6.71 0.13 1.06
C GLN A 129 5.88 1.35 1.51
N LYS A 130 6.56 2.49 1.66
CA LYS A 130 5.91 3.74 2.06
C LYS A 130 4.78 4.13 1.08
N ASP A 131 5.07 4.19 -0.20
CA ASP A 131 4.04 4.47 -1.22
C ASP A 131 2.93 3.40 -1.20
N ALA A 132 3.33 2.13 -1.20
CA ALA A 132 2.38 1.01 -1.23
C ALA A 132 1.32 1.10 -0.12
N VAL A 133 1.78 1.16 1.13
CA VAL A 133 0.87 1.19 2.29
C VAL A 133 -0.06 2.42 2.25
N GLN A 134 0.47 3.56 1.82
CA GLN A 134 -0.33 4.80 1.73
C GLN A 134 -1.39 4.70 0.62
N GLN A 135 -1.06 4.04 -0.49
CA GLN A 135 -2.01 3.86 -1.59
C GLN A 135 -3.18 2.97 -1.18
N ILE A 136 -2.93 1.99 -0.31
CA ILE A 136 -4.00 1.14 0.23
C ILE A 136 -5.04 2.00 0.96
N LEU A 137 -4.60 2.68 2.02
CA LEU A 137 -5.45 3.59 2.79
C LEU A 137 -6.09 4.66 1.89
N ARG A 138 -5.29 5.19 0.97
CA ARG A 138 -5.76 6.18 -0.01
C ARG A 138 -7.04 5.71 -0.73
N GLN A 139 -6.96 4.57 -1.43
CA GLN A 139 -8.11 4.05 -2.18
C GLN A 139 -9.29 3.74 -1.25
N VAL A 140 -9.01 3.02 -0.15
CA VAL A 140 -10.05 2.67 0.83
C VAL A 140 -10.82 3.90 1.32
N SER A 141 -10.11 4.97 1.63
CA SER A 141 -10.72 6.21 2.13
C SER A 141 -11.31 7.05 0.99
N ALA A 142 -10.77 6.89 -0.23
CA ALA A 142 -11.22 7.66 -1.39
C ALA A 142 -12.54 7.14 -1.98
N PHE A 143 -12.81 5.85 -1.78
CA PHE A 143 -14.02 5.21 -2.34
C PHE A 143 -15.32 5.98 -2.01
N THR A 144 -15.34 6.70 -0.90
CA THR A 144 -16.53 7.49 -0.52
C THR A 144 -16.79 8.63 -1.53
N SER A 145 -15.72 9.19 -2.08
CA SER A 145 -15.82 10.28 -3.07
C SER A 145 -15.32 9.82 -4.45
N ALA A 146 -15.44 8.52 -4.72
CA ALA A 146 -14.94 7.94 -5.97
C ALA A 146 -15.87 8.20 -7.17
N GLY A 147 -16.57 9.32 -7.16
CA GLY A 147 -17.55 9.63 -8.20
C GLY A 147 -16.95 9.71 -9.61
N LEU A 148 -15.76 10.30 -9.72
CA LEU A 148 -15.12 10.49 -11.04
C LEU A 148 -14.34 9.25 -11.51
N GLU A 149 -14.21 8.26 -10.63
CA GLU A 149 -13.59 6.97 -11.00
C GLU A 149 -14.65 5.87 -11.15
N HIS A 150 -15.80 6.08 -10.51
CA HIS A 150 -16.94 5.17 -10.63
C HIS A 150 -17.58 5.26 -12.02
N HIS A 151 -17.29 4.30 -12.89
CA HIS A 151 -17.89 4.27 -14.24
C HIS A 151 -19.42 4.14 -14.14
N HIS A 152 -20.11 4.64 -15.16
CA HIS A 152 -21.57 4.74 -15.13
C HIS A 152 -22.27 3.37 -15.15
N HIS A 153 -21.70 2.41 -15.87
CA HIS A 153 -22.27 1.06 -15.96
C HIS A 153 -21.23 0.03 -16.42
N HIS A 154 -21.27 -1.16 -15.81
CA HIS A 154 -20.37 -2.26 -16.18
C HIS A 154 -21.02 -3.62 -15.88
N HIS A 155 -20.26 -4.70 -16.02
CA HIS A 155 -20.72 -6.05 -15.65
C HIS A 155 -19.58 -6.93 -15.10
N MET A 1 -12.45 15.59 27.54
CA MET A 1 -11.53 14.81 26.67
C MET A 1 -10.45 15.70 26.06
N GLY A 2 -10.86 16.73 25.31
CA GLY A 2 -9.91 17.64 24.68
C GLY A 2 -10.54 18.45 23.56
N PHE A 3 -9.72 19.26 22.88
CA PHE A 3 -10.20 20.09 21.76
C PHE A 3 -10.37 19.23 20.48
N LYS A 4 -11.58 19.24 19.93
CA LYS A 4 -11.88 18.42 18.74
C LYS A 4 -11.44 19.10 17.44
N LEU A 5 -10.21 18.83 17.02
CA LEU A 5 -9.70 19.27 15.71
C LEU A 5 -9.62 18.09 14.74
N ARG A 6 -9.12 18.33 13.52
CA ARG A 6 -8.94 17.26 12.54
C ARG A 6 -7.88 16.26 13.03
N GLY A 7 -6.66 16.76 13.29
CA GLY A 7 -5.58 15.92 13.80
C GLY A 7 -4.89 15.11 12.71
N GLN A 8 -5.67 14.33 11.97
CA GLN A 8 -5.14 13.45 10.92
C GLN A 8 -5.14 14.14 9.53
N VAL A 9 -4.82 13.37 8.49
CA VAL A 9 -4.79 13.90 7.12
C VAL A 9 -6.08 13.58 6.35
N SER A 10 -6.75 12.49 6.72
CA SER A 10 -8.00 12.07 6.05
C SER A 10 -8.93 11.31 7.00
N GLU A 11 -10.14 11.04 6.55
CA GLU A 11 -11.15 10.34 7.37
C GLU A 11 -12.08 9.49 6.51
N LEU A 12 -12.55 8.38 7.08
CA LEU A 12 -13.42 7.44 6.36
C LEU A 12 -14.67 7.09 7.20
N PRO A 13 -15.81 6.81 6.55
CA PRO A 13 -17.10 6.57 7.23
C PRO A 13 -17.18 5.24 8.00
N PHE A 14 -16.03 4.64 8.31
CA PHE A 14 -15.98 3.40 9.09
C PHE A 14 -14.74 3.37 10.00
N GLU A 15 -14.93 3.78 11.26
CA GLU A 15 -13.83 3.85 12.23
C GLU A 15 -13.29 2.45 12.59
N ARG A 16 -14.18 1.53 12.94
CA ARG A 16 -13.78 0.19 13.36
C ARG A 16 -13.49 -0.72 12.16
N VAL A 17 -12.22 -1.07 11.96
CA VAL A 17 -11.80 -1.97 10.87
C VAL A 17 -11.05 -3.19 11.41
N TYR A 18 -11.03 -4.26 10.61
CA TYR A 18 -10.32 -5.50 10.99
C TYR A 18 -9.61 -6.11 9.77
N ILE A 19 -8.31 -6.37 9.91
CA ILE A 19 -7.52 -6.96 8.83
C ILE A 19 -7.43 -8.50 8.96
N THR A 20 -7.30 -9.18 7.82
CA THR A 20 -7.06 -10.63 7.78
C THR A 20 -6.09 -10.99 6.65
N ALA A 21 -5.00 -11.68 7.01
CA ALA A 21 -3.94 -12.02 6.05
C ALA A 21 -3.69 -13.53 5.99
N PRO A 22 -3.25 -14.06 4.82
CA PRO A 22 -2.94 -15.50 4.66
C PRO A 22 -1.58 -15.89 5.25
N ALA A 23 -0.73 -14.90 5.47
CA ALA A 23 0.63 -15.13 5.97
C ALA A 23 1.15 -13.91 6.76
N GLY A 24 2.27 -14.10 7.47
CA GLY A 24 2.87 -13.00 8.22
C GLY A 24 3.52 -11.96 7.31
N LEU A 25 2.69 -11.12 6.69
CA LEU A 25 3.17 -10.10 5.76
C LEU A 25 3.26 -8.71 6.42
N THR A 26 4.44 -8.11 6.35
CA THR A 26 4.69 -6.78 6.93
C THR A 26 3.68 -5.74 6.43
N ILE A 27 3.26 -5.88 5.17
CA ILE A 27 2.28 -4.99 4.55
C ILE A 27 1.07 -4.74 5.47
N GLY A 28 0.64 -5.77 6.20
CA GLY A 28 -0.50 -5.64 7.09
C GLY A 28 -0.20 -4.80 8.34
N SER A 29 1.01 -4.98 8.89
CA SER A 29 1.41 -4.25 10.10
C SER A 29 1.51 -2.75 9.82
N ASP A 30 2.21 -2.40 8.74
CA ASP A 30 2.30 -1.00 8.29
C ASP A 30 0.91 -0.40 8.06
N LEU A 31 0.10 -1.09 7.26
CA LEU A 31 -1.23 -0.58 6.86
C LEU A 31 -2.11 -0.20 8.06
N GLU A 32 -2.49 -1.18 8.87
CA GLU A 32 -3.41 -0.97 10.00
C GLU A 32 -2.93 0.14 10.94
N ARG A 33 -1.63 0.21 11.18
CA ARG A 33 -1.05 1.26 12.03
C ARG A 33 -1.17 2.64 11.35
N VAL A 34 -0.80 2.72 10.07
CA VAL A 34 -0.94 3.96 9.30
C VAL A 34 -2.41 4.43 9.25
N ILE A 35 -3.34 3.48 9.15
CA ILE A 35 -4.78 3.79 9.17
C ILE A 35 -5.17 4.46 10.49
N SER A 36 -5.08 3.72 11.59
CA SER A 36 -5.56 4.20 12.89
C SER A 36 -4.83 5.48 13.36
N THR A 37 -3.69 5.79 12.76
CA THR A 37 -2.92 6.99 13.14
C THR A 37 -3.10 8.16 12.14
N HIS A 38 -3.37 7.86 10.88
CA HIS A 38 -3.51 8.91 9.85
C HIS A 38 -4.96 9.14 9.40
N THR A 39 -5.90 8.35 9.93
CA THR A 39 -7.34 8.55 9.66
C THR A 39 -8.15 8.43 10.95
N ARG A 40 -9.42 8.81 10.88
CA ARG A 40 -10.32 8.69 12.04
C ARG A 40 -10.78 7.23 12.21
N ALA A 41 -9.85 6.33 12.50
CA ALA A 41 -10.15 4.90 12.59
C ALA A 41 -9.42 4.20 13.74
N LYS A 42 -9.90 3.00 14.08
CA LYS A 42 -9.30 2.18 15.13
C LYS A 42 -9.45 0.69 14.77
N VAL A 43 -8.32 -0.02 14.68
CA VAL A 43 -8.33 -1.45 14.34
C VAL A 43 -8.61 -2.32 15.57
N VAL A 44 -9.37 -3.40 15.37
CA VAL A 44 -9.75 -4.29 16.47
C VAL A 44 -9.11 -5.68 16.37
N ASN A 45 -9.24 -6.46 17.45
CA ASN A 45 -8.70 -7.82 17.51
C ASN A 45 -9.65 -8.86 16.88
N LYS A 46 -10.94 -8.52 16.78
CA LYS A 46 -11.95 -9.45 16.26
C LYS A 46 -12.98 -8.73 15.37
N ALA A 47 -13.41 -9.40 14.31
CA ALA A 47 -14.31 -8.80 13.31
C ALA A 47 -15.73 -8.58 13.86
N GLU A 48 -16.13 -9.36 14.86
CA GLU A 48 -17.48 -9.26 15.43
C GLU A 48 -17.73 -7.90 16.11
N LYS A 49 -16.66 -7.13 16.31
CA LYS A 49 -16.76 -5.80 16.92
C LYS A 49 -16.24 -4.71 15.95
N SER A 50 -16.24 -5.03 14.65
CA SER A 50 -15.75 -4.09 13.63
C SER A 50 -16.86 -3.71 12.64
N GLU A 51 -16.55 -2.75 11.76
CA GLU A 51 -17.48 -2.31 10.72
C GLU A 51 -17.08 -2.88 9.35
N ALA A 52 -15.80 -2.73 9.00
CA ALA A 52 -15.27 -3.21 7.70
C ALA A 52 -14.05 -4.12 7.91
N ILE A 53 -13.81 -5.01 6.94
CA ILE A 53 -12.70 -5.98 7.02
C ILE A 53 -11.74 -5.86 5.83
N ILE A 54 -10.46 -5.67 6.10
CA ILE A 54 -9.44 -5.58 5.05
C ILE A 54 -8.72 -6.93 4.87
N GLN A 55 -9.06 -7.64 3.80
CA GLN A 55 -8.45 -8.95 3.52
C GLN A 55 -7.34 -8.85 2.47
N ILE A 56 -6.10 -8.80 2.90
CA ILE A 56 -4.95 -8.73 1.98
C ILE A 56 -4.69 -10.12 1.36
N VAL A 57 -4.66 -10.17 0.03
CA VAL A 57 -4.55 -11.46 -0.68
C VAL A 57 -3.09 -11.93 -0.81
N HIS A 58 -2.23 -11.06 -1.36
CA HIS A 58 -0.79 -11.40 -1.51
C HIS A 58 0.04 -10.18 -1.94
N ALA A 59 1.28 -10.13 -1.46
CA ALA A 59 2.23 -9.06 -1.83
C ALA A 59 3.45 -9.65 -2.56
N ILE A 60 3.61 -9.30 -3.83
CA ILE A 60 4.68 -9.87 -4.67
C ILE A 60 5.88 -8.90 -4.78
N ARG A 61 7.07 -9.41 -4.51
CA ARG A 61 8.30 -8.61 -4.60
C ARG A 61 9.29 -9.23 -5.61
N GLU A 62 9.40 -8.63 -6.79
CA GLU A 62 10.28 -9.16 -7.84
C GLU A 62 11.35 -8.15 -8.27
N LYS A 63 12.48 -8.67 -8.76
CA LYS A 63 13.58 -7.83 -9.26
C LYS A 63 13.86 -8.12 -10.74
N ARG A 64 14.27 -7.11 -11.50
CA ARG A 64 14.54 -7.29 -12.93
C ARG A 64 15.46 -6.18 -13.50
N ILE A 65 15.93 -6.36 -14.73
CA ILE A 65 16.79 -5.37 -15.39
C ILE A 65 15.97 -4.38 -16.24
N LEU A 66 16.27 -3.09 -16.09
CA LEU A 66 15.66 -2.04 -16.90
C LEU A 66 16.49 -1.79 -18.17
N SER A 67 17.81 -1.64 -17.98
CA SER A 67 18.73 -1.34 -19.09
C SER A 67 20.11 -1.97 -18.85
N LEU A 68 20.78 -2.36 -19.94
CA LEU A 68 22.12 -2.96 -19.84
C LEU A 68 23.22 -2.02 -20.38
N SER A 69 24.41 -2.11 -19.78
CA SER A 69 25.59 -1.34 -20.24
C SER A 69 26.52 -2.24 -21.07
N GLU A 70 27.08 -1.68 -22.14
CA GLU A 70 27.99 -2.44 -23.02
C GLU A 70 27.33 -3.72 -23.57
N SER A 71 25.99 -3.75 -23.53
CA SER A 71 25.20 -4.90 -23.99
C SER A 71 25.42 -6.15 -23.12
N GLY A 72 26.02 -5.98 -21.94
CA GLY A 72 26.29 -7.11 -21.05
C GLY A 72 26.30 -6.73 -19.57
N ARG A 73 26.96 -5.61 -19.25
CA ARG A 73 27.00 -5.10 -17.87
C ARG A 73 25.63 -4.55 -17.44
N VAL A 74 25.42 -4.33 -16.15
CA VAL A 74 24.14 -3.80 -15.64
C VAL A 74 24.15 -2.27 -15.52
N ARG A 75 23.07 -1.63 -15.95
CA ARG A 75 22.86 -0.18 -15.77
C ARG A 75 21.88 0.10 -14.61
N GLU A 76 20.62 -0.24 -14.85
CA GLU A 76 19.54 0.04 -13.90
C GLU A 76 18.79 -1.24 -13.52
N PHE A 77 18.72 -1.52 -12.22
CA PHE A 77 18.03 -2.70 -11.69
C PHE A 77 16.64 -2.31 -11.16
N GLU A 78 15.58 -2.66 -11.89
CA GLU A 78 14.23 -2.23 -11.52
C GLU A 78 13.59 -3.17 -10.48
N LEU A 79 13.15 -2.59 -9.38
CA LEU A 79 12.45 -3.32 -8.32
C LEU A 79 10.93 -3.16 -8.49
N VAL A 80 10.22 -4.27 -8.73
CA VAL A 80 8.76 -4.22 -8.92
C VAL A 80 8.01 -4.88 -7.75
N TYR A 81 7.05 -4.15 -7.19
CA TYR A 81 6.28 -4.61 -6.02
C TYR A 81 4.77 -4.57 -6.31
N ARG A 82 4.06 -5.64 -5.94
CA ARG A 82 2.61 -5.76 -6.21
C ARG A 82 1.81 -5.95 -4.92
N VAL A 83 0.81 -5.11 -4.69
CA VAL A 83 -0.09 -5.26 -3.54
C VAL A 83 -1.51 -5.64 -3.98
N ALA A 84 -1.96 -6.81 -3.57
CA ALA A 84 -3.32 -7.27 -3.87
C ALA A 84 -4.13 -7.50 -2.59
N ALA A 85 -5.28 -6.85 -2.49
CA ALA A 85 -6.12 -6.94 -1.29
C ALA A 85 -7.62 -6.78 -1.61
N ARG A 86 -8.46 -7.03 -0.61
CA ARG A 86 -9.91 -6.87 -0.75
C ARG A 86 -10.50 -6.18 0.49
N LEU A 87 -11.64 -5.50 0.33
CA LEU A 87 -12.24 -4.74 1.43
C LEU A 87 -13.69 -5.21 1.68
N LEU A 88 -13.86 -6.11 2.65
CA LEU A 88 -15.16 -6.72 2.95
C LEU A 88 -15.89 -5.97 4.08
N ASP A 89 -17.10 -6.44 4.38
CA ASP A 89 -17.88 -5.95 5.53
C ASP A 89 -17.59 -6.80 6.78
N ALA A 90 -17.99 -6.32 7.96
CA ALA A 90 -17.79 -7.05 9.22
C ALA A 90 -18.30 -8.50 9.17
N HIS A 91 -19.35 -8.73 8.36
CA HIS A 91 -19.93 -10.08 8.20
C HIS A 91 -19.18 -10.91 7.15
N ASN A 92 -18.03 -10.41 6.69
CA ASN A 92 -17.23 -11.07 5.64
C ASN A 92 -18.04 -11.27 4.33
N ALA A 93 -19.11 -10.49 4.18
CA ALA A 93 -20.05 -10.66 3.06
C ALA A 93 -19.58 -9.93 1.77
N GLU A 94 -18.27 -9.90 1.55
CA GLU A 94 -17.65 -9.25 0.36
C GLU A 94 -18.36 -7.94 -0.08
N LEU A 95 -17.81 -6.81 0.34
CA LEU A 95 -18.44 -5.50 0.11
C LEU A 95 -17.82 -4.78 -1.10
N ALA A 96 -16.49 -4.62 -1.08
CA ALA A 96 -15.78 -3.94 -2.17
C ALA A 96 -14.46 -4.66 -2.51
N SER A 97 -14.13 -4.71 -3.80
CA SER A 97 -12.88 -5.34 -4.24
C SER A 97 -11.78 -4.29 -4.44
N LEU A 98 -10.88 -4.21 -3.48
CA LEU A 98 -9.78 -3.24 -3.50
C LEU A 98 -8.81 -3.51 -4.68
N GLN A 99 -8.70 -2.56 -5.60
CA GLN A 99 -7.89 -2.73 -6.82
C GLN A 99 -6.39 -2.90 -6.51
N GLU A 100 -5.68 -3.62 -7.38
CA GLU A 100 -4.25 -3.91 -7.21
C GLU A 100 -3.39 -2.64 -7.23
N ILE A 101 -2.30 -2.65 -6.47
CA ILE A 101 -1.34 -1.55 -6.47
C ILE A 101 0.03 -2.01 -7.00
N ARG A 102 0.41 -1.50 -8.16
CA ARG A 102 1.66 -1.90 -8.83
C ARG A 102 2.66 -0.72 -8.90
N LEU A 103 3.85 -0.92 -8.33
CA LEU A 103 4.88 0.13 -8.26
C LEU A 103 6.27 -0.42 -8.63
N THR A 104 7.09 0.39 -9.30
CA THR A 104 8.48 0.02 -9.60
C THR A 104 9.45 1.15 -9.25
N ARG A 105 10.57 0.79 -8.63
CA ARG A 105 11.61 1.77 -8.27
C ARG A 105 12.96 1.37 -8.84
N ILE A 106 13.69 2.34 -9.40
CA ILE A 106 14.92 2.05 -10.14
C ILE A 106 16.18 2.10 -9.25
N LEU A 107 16.81 0.94 -9.05
CA LEU A 107 18.05 0.83 -8.29
C LEU A 107 19.26 0.95 -9.22
N PRO A 108 20.09 2.01 -9.08
CA PRO A 108 21.27 2.22 -9.93
C PRO A 108 22.44 1.25 -9.60
N PHE A 109 23.02 0.64 -10.63
CA PHE A 109 24.16 -0.27 -10.44
C PHE A 109 25.49 0.50 -10.38
N LEU A 110 26.21 0.36 -9.26
CA LEU A 110 27.50 1.02 -9.07
C LEU A 110 28.62 0.01 -8.80
N ASP A 111 29.79 0.26 -9.38
CA ASP A 111 30.90 -0.69 -9.34
C ASP A 111 31.66 -0.67 -7.99
N ALA A 112 31.80 -1.84 -7.38
CA ALA A 112 32.58 -2.02 -6.14
C ALA A 112 32.03 -1.18 -4.95
N GLN A 113 30.88 -0.55 -5.14
CA GLN A 113 30.30 0.31 -4.10
C GLN A 113 29.50 -0.50 -3.06
N GLU A 114 29.99 -1.69 -2.71
CA GLU A 114 29.29 -2.57 -1.76
C GLU A 114 29.01 -1.87 -0.41
N LEU A 115 29.82 -0.88 -0.06
CA LEU A 115 29.59 -0.08 1.15
C LEU A 115 28.48 0.96 0.91
N ALA A 116 28.67 1.80 -0.11
CA ALA A 116 27.72 2.85 -0.45
C ALA A 116 26.31 2.31 -0.78
N LYS A 117 26.27 1.17 -1.47
CA LYS A 117 24.99 0.54 -1.85
C LYS A 117 24.08 0.28 -0.65
N ALA A 118 24.66 0.10 0.53
CA ALA A 118 23.87 -0.09 1.76
C ALA A 118 22.91 1.09 2.00
N ALA A 119 23.33 2.28 1.60
CA ALA A 119 22.49 3.48 1.70
C ALA A 119 21.35 3.46 0.66
N GLU A 120 21.58 2.76 -0.46
CA GLU A 120 20.58 2.62 -1.53
C GLU A 120 19.56 1.52 -1.20
N GLU A 121 20.03 0.30 -0.94
CA GLU A 121 19.14 -0.79 -0.55
C GLU A 121 18.29 -0.45 0.68
N GLU A 122 18.89 0.18 1.68
CA GLU A 122 18.14 0.57 2.89
C GLU A 122 17.32 1.87 2.67
N MET A 123 17.21 2.29 1.41
CA MET A 123 16.30 3.39 1.04
C MET A 123 15.24 2.92 0.02
N LEU A 124 15.65 2.77 -1.25
CA LEU A 124 14.70 2.48 -2.34
C LEU A 124 13.86 1.22 -2.08
N TYR A 125 14.47 0.22 -1.45
CA TYR A 125 13.79 -1.06 -1.15
C TYR A 125 12.56 -0.84 -0.25
N LYS A 126 12.75 -0.15 0.87
CA LYS A 126 11.64 0.12 1.80
C LYS A 126 10.77 1.30 1.28
N ASP A 127 11.41 2.21 0.56
CA ASP A 127 10.74 3.38 0.00
C ASP A 127 9.63 2.97 -0.98
N MET A 128 9.92 1.95 -1.79
CA MET A 128 8.92 1.39 -2.70
C MET A 128 7.70 0.82 -1.93
N GLN A 129 7.98 0.25 -0.76
CA GLN A 129 6.93 -0.24 0.13
C GLN A 129 6.15 0.93 0.76
N LYS A 130 6.87 2.02 1.07
CA LYS A 130 6.26 3.23 1.63
C LYS A 130 5.15 3.77 0.72
N ASP A 131 5.47 3.92 -0.57
CA ASP A 131 4.48 4.31 -1.57
C ASP A 131 3.24 3.40 -1.51
N ALA A 132 3.48 2.09 -1.54
CA ALA A 132 2.40 1.09 -1.54
C ALA A 132 1.42 1.28 -0.37
N VAL A 133 1.95 1.29 0.86
CA VAL A 133 1.10 1.39 2.06
C VAL A 133 0.29 2.71 2.08
N GLN A 134 0.88 3.79 1.59
CA GLN A 134 0.17 5.08 1.51
C GLN A 134 -0.94 5.04 0.45
N GLN A 135 -0.64 4.40 -0.69
CA GLN A 135 -1.61 4.22 -1.77
C GLN A 135 -2.85 3.44 -1.30
N ILE A 136 -2.63 2.38 -0.52
CA ILE A 136 -3.75 1.59 0.04
C ILE A 136 -4.70 2.48 0.85
N LEU A 137 -4.14 3.16 1.85
CA LEU A 137 -4.91 4.06 2.72
C LEU A 137 -5.71 5.09 1.90
N ARG A 138 -5.04 5.69 0.91
CA ARG A 138 -5.67 6.67 0.04
C ARG A 138 -6.90 6.07 -0.67
N GLN A 139 -6.74 4.90 -1.28
CA GLN A 139 -7.83 4.24 -2.02
C GLN A 139 -8.97 3.80 -1.09
N VAL A 140 -8.63 3.28 0.10
CA VAL A 140 -9.63 2.87 1.10
C VAL A 140 -10.62 4.01 1.39
N SER A 141 -10.09 5.21 1.66
CA SER A 141 -10.94 6.39 1.87
C SER A 141 -11.55 6.88 0.54
N ALA A 142 -10.80 6.71 -0.55
CA ALA A 142 -11.23 7.16 -1.88
C ALA A 142 -12.49 6.43 -2.38
N PHE A 143 -12.81 5.29 -1.76
CA PHE A 143 -14.04 4.54 -2.10
C PHE A 143 -15.30 5.42 -2.01
N THR A 144 -15.38 6.24 -0.97
CA THR A 144 -16.53 7.14 -0.79
C THR A 144 -16.24 8.54 -1.38
N SER A 145 -15.24 8.60 -2.25
CA SER A 145 -14.83 9.85 -2.90
C SER A 145 -14.59 9.63 -4.41
N ALA A 146 -14.01 10.61 -5.08
CA ALA A 146 -13.74 10.49 -6.52
C ALA A 146 -12.40 11.14 -6.90
N GLY A 147 -12.21 12.40 -6.51
CA GLY A 147 -10.95 13.09 -6.76
C GLY A 147 -10.99 14.06 -7.94
N LEU A 148 -12.18 14.55 -8.29
CA LEU A 148 -12.32 15.55 -9.36
C LEU A 148 -11.82 16.93 -8.90
N GLU A 149 -11.90 17.19 -7.61
CA GLU A 149 -11.41 18.45 -7.03
C GLU A 149 -9.93 18.68 -7.35
N HIS A 150 -9.16 17.59 -7.40
CA HIS A 150 -7.74 17.65 -7.75
C HIS A 150 -7.37 16.52 -8.71
N HIS A 151 -7.55 16.77 -10.01
CA HIS A 151 -7.27 15.77 -11.05
C HIS A 151 -5.77 15.49 -11.18
N HIS A 152 -5.39 14.21 -11.07
CA HIS A 152 -3.98 13.81 -11.15
C HIS A 152 -3.41 14.01 -12.55
N HIS A 153 -2.60 15.05 -12.71
CA HIS A 153 -1.96 15.37 -14.00
C HIS A 153 -0.61 14.66 -14.13
N HIS A 154 -0.23 14.32 -15.36
CA HIS A 154 1.05 13.66 -15.63
C HIS A 154 1.54 13.95 -17.05
N HIS A 155 0.67 13.68 -18.04
CA HIS A 155 1.01 13.84 -19.46
C HIS A 155 2.23 12.98 -19.84
#